data_6U4N
#
_entry.id   6U4N
#
loop_
_entity.id
_entity.type
_entity.pdbx_description
1 polymer 'Fermitin family homolog 2'
2 polymer Paxillin
3 non-polymer 'ZINC ION'
#
loop_
_entity_poly.entity_id
_entity_poly.type
_entity_poly.pdbx_seq_one_letter_code
_entity_poly.pdbx_strand_id
1 'polypeptide(L)'
;GAMDPEFMALDGIRMPDGCYADGTWELSVHVTDLNRDVTLRVTGEVHIGGVMLKLVEKLDVKKDWSDHALWWEKKRTWLL
KTHWTLDKYGIQADAKLQFTPQHKLLRLQLPN
;
A
2 'polypeptide(L)' GAMDPEFYHERRGSLCSGCQKPITGRCITAMAKKFHPEHFVCAFCLKQLNKGTFKEQNDKPYCQNCFLKLFC B
#
# COMPACT_ATOMS: atom_id res chain seq x y z
N MET A 8 -22.71 0.10 21.07
CA MET A 8 -23.78 -0.71 21.72
C MET A 8 -24.58 -1.45 20.66
N ALA A 9 -25.78 -1.01 20.44
CA ALA A 9 -26.67 -1.66 19.43
C ALA A 9 -27.74 -0.66 18.99
N LEU A 10 -28.39 -0.06 19.94
CA LEU A 10 -29.45 0.94 19.62
C LEU A 10 -28.99 1.84 18.50
N ASP A 11 -28.16 2.77 18.84
CA ASP A 11 -27.62 3.75 17.87
C ASP A 11 -28.76 4.56 17.27
N GLY A 12 -29.99 4.21 17.57
CA GLY A 12 -31.16 4.95 17.05
C GLY A 12 -31.97 4.02 16.17
N ILE A 13 -31.37 2.92 15.84
CA ILE A 13 -32.04 1.91 14.96
C ILE A 13 -32.28 0.63 15.77
N ARG A 14 -31.50 -0.41 15.58
CA ARG A 14 -31.73 -1.66 16.34
C ARG A 14 -30.43 -2.47 16.40
N MET A 15 -30.29 -3.47 15.56
CA MET A 15 -29.03 -4.30 15.60
C MET A 15 -28.61 -4.74 14.17
N PRO A 16 -29.40 -5.52 13.44
CA PRO A 16 -29.01 -5.92 12.06
C PRO A 16 -28.44 -4.72 11.31
N ASP A 17 -28.96 -3.58 11.65
CA ASP A 17 -28.51 -2.30 11.04
C ASP A 17 -27.92 -1.43 12.15
N GLY A 18 -28.35 -1.65 13.35
CA GLY A 18 -27.84 -0.87 14.51
C GLY A 18 -26.64 -1.60 15.11
N CYS A 19 -26.10 -2.54 14.39
CA CYS A 19 -24.93 -3.29 14.92
C CYS A 19 -24.27 -4.07 13.77
N TYR A 20 -24.93 -5.06 13.25
CA TYR A 20 -24.36 -5.88 12.14
C TYR A 20 -23.42 -6.90 12.76
N ALA A 21 -22.58 -6.44 13.65
CA ALA A 21 -21.60 -7.34 14.34
C ALA A 21 -20.44 -6.48 14.83
N ASP A 22 -20.09 -5.48 14.09
CA ASP A 22 -18.97 -4.60 14.52
C ASP A 22 -18.94 -3.33 13.66
N GLY A 23 -19.88 -3.16 12.77
CA GLY A 23 -19.89 -1.96 11.90
C GLY A 23 -18.91 -2.15 10.75
N THR A 24 -18.71 -3.36 10.32
CA THR A 24 -17.75 -3.62 9.20
C THR A 24 -18.50 -3.70 7.89
N TRP A 25 -18.10 -2.91 6.94
CA TRP A 25 -18.73 -2.92 5.59
C TRP A 25 -17.60 -3.05 4.56
N GLU A 26 -17.62 -4.08 3.76
CA GLU A 26 -16.53 -4.24 2.75
C GLU A 26 -16.75 -3.24 1.62
N LEU A 27 -15.75 -2.47 1.31
CA LEU A 27 -15.89 -1.48 0.20
C LEU A 27 -15.63 -2.22 -1.11
N SER A 28 -16.43 -2.01 -2.09
CA SER A 28 -16.21 -2.71 -3.38
C SER A 28 -15.09 -2.01 -4.14
N VAL A 29 -14.31 -2.75 -4.85
CA VAL A 29 -13.19 -2.15 -5.63
C VAL A 29 -13.12 -2.76 -7.02
N HIS A 30 -13.58 -2.03 -8.00
CA HIS A 30 -13.54 -2.53 -9.40
C HIS A 30 -12.13 -2.32 -9.93
N VAL A 31 -11.34 -3.35 -10.03
CA VAL A 31 -9.97 -3.13 -10.55
C VAL A 31 -10.03 -2.89 -12.05
N THR A 32 -9.60 -1.75 -12.48
CA THR A 32 -9.64 -1.45 -13.95
C THR A 32 -8.38 -2.01 -14.61
N ASP A 33 -7.31 -2.14 -13.86
CA ASP A 33 -6.06 -2.69 -14.46
C ASP A 33 -6.20 -4.22 -14.56
N LEU A 34 -7.24 -4.75 -13.99
CA LEU A 34 -7.48 -6.23 -14.03
C LEU A 34 -8.92 -6.48 -14.49
N ASN A 35 -9.77 -5.51 -14.32
CA ASN A 35 -11.20 -5.65 -14.72
C ASN A 35 -11.93 -6.52 -13.70
N ARG A 36 -11.32 -6.78 -12.58
CA ARG A 36 -11.98 -7.62 -11.55
C ARG A 36 -12.67 -6.74 -10.54
N ASP A 37 -13.27 -7.35 -9.57
CA ASP A 37 -13.96 -6.60 -8.48
C ASP A 37 -13.60 -7.23 -7.15
N VAL A 38 -12.89 -6.51 -6.34
CA VAL A 38 -12.48 -7.05 -5.01
C VAL A 38 -13.17 -6.26 -3.90
N THR A 39 -13.30 -6.85 -2.75
CA THR A 39 -13.96 -6.15 -1.60
C THR A 39 -13.02 -6.22 -0.38
N LEU A 40 -12.89 -5.14 0.33
CA LEU A 40 -11.99 -5.10 1.52
C LEU A 40 -12.81 -4.86 2.79
N ARG A 41 -12.86 -5.83 3.65
CA ARG A 41 -13.62 -5.68 4.93
C ARG A 41 -13.01 -4.51 5.70
N VAL A 42 -13.70 -3.40 5.73
CA VAL A 42 -13.15 -2.19 6.44
C VAL A 42 -14.24 -1.56 7.30
N THR A 43 -13.96 -0.38 7.80
CA THR A 43 -14.94 0.35 8.63
C THR A 43 -14.87 1.82 8.25
N GLY A 44 -15.75 2.63 8.75
CA GLY A 44 -15.70 4.07 8.40
C GLY A 44 -14.64 4.77 9.23
N GLU A 45 -13.48 4.17 9.31
CA GLU A 45 -12.38 4.78 10.11
C GLU A 45 -11.05 4.36 9.48
N VAL A 46 -11.08 3.67 8.36
CA VAL A 46 -9.80 3.26 7.73
C VAL A 46 -9.30 4.36 6.80
N HIS A 47 -8.04 4.64 6.83
CA HIS A 47 -7.50 5.70 5.92
C HIS A 47 -7.31 5.09 4.52
N ILE A 48 -7.48 5.88 3.49
CA ILE A 48 -7.33 5.35 2.11
C ILE A 48 -6.02 4.56 2.02
N GLY A 49 -4.94 5.17 2.42
CA GLY A 49 -3.63 4.47 2.36
C GLY A 49 -3.78 3.14 3.09
N GLY A 50 -4.83 3.03 3.86
CA GLY A 50 -5.06 1.77 4.61
C GLY A 50 -5.71 0.75 3.68
N VAL A 51 -6.43 1.20 2.68
CA VAL A 51 -7.10 0.26 1.74
C VAL A 51 -6.07 -0.22 0.70
N MET A 52 -5.41 0.66 0.00
CA MET A 52 -4.42 0.20 -1.00
C MET A 52 -3.48 -0.82 -0.34
N LEU A 53 -3.14 -0.61 0.90
CA LEU A 53 -2.26 -1.58 1.59
C LEU A 53 -2.90 -2.98 1.55
N LYS A 54 -4.01 -3.13 2.22
CA LYS A 54 -4.70 -4.47 2.27
C LYS A 54 -4.89 -5.04 0.86
N LEU A 55 -5.60 -4.35 0.02
CA LEU A 55 -5.85 -4.89 -1.36
C LEU A 55 -4.56 -5.44 -1.95
N VAL A 56 -3.47 -4.73 -1.84
CA VAL A 56 -2.19 -5.24 -2.38
C VAL A 56 -1.74 -6.45 -1.56
N GLU A 57 -1.77 -6.34 -0.26
CA GLU A 57 -1.34 -7.48 0.60
C GLU A 57 -1.97 -8.78 0.09
N LYS A 58 -3.19 -8.72 -0.33
CA LYS A 58 -3.86 -9.96 -0.85
C LYS A 58 -3.17 -10.35 -2.16
N LEU A 59 -2.70 -9.38 -2.89
CA LEU A 59 -2.01 -9.68 -4.17
C LEU A 59 -0.70 -10.40 -3.88
N ASP A 60 0.22 -9.71 -3.25
CA ASP A 60 1.53 -10.32 -2.90
C ASP A 60 2.29 -10.68 -4.16
N VAL A 61 2.84 -9.69 -4.80
CA VAL A 61 3.59 -9.95 -6.06
C VAL A 61 4.27 -8.66 -6.52
N LYS A 62 5.36 -8.76 -7.23
CA LYS A 62 6.06 -7.54 -7.71
C LYS A 62 5.21 -6.91 -8.83
N LYS A 63 3.91 -6.95 -8.67
CA LYS A 63 3.03 -6.36 -9.71
C LYS A 63 3.01 -4.83 -9.56
N ASP A 64 2.27 -4.15 -10.39
CA ASP A 64 2.23 -2.66 -10.30
C ASP A 64 1.70 -2.22 -8.92
N TRP A 65 2.58 -2.00 -7.99
CA TRP A 65 2.15 -1.57 -6.62
C TRP A 65 2.12 -0.03 -6.56
N SER A 66 3.04 0.62 -7.22
CA SER A 66 3.04 2.12 -7.20
C SER A 66 1.90 2.64 -8.07
N ASP A 67 1.62 1.93 -9.13
CA ASP A 67 0.50 2.33 -10.05
C ASP A 67 -0.83 2.07 -9.35
N HIS A 68 -0.81 1.96 -8.06
CA HIS A 68 -2.04 1.64 -7.27
C HIS A 68 -2.56 2.87 -6.53
N ALA A 69 -3.83 3.13 -6.67
CA ALA A 69 -4.47 4.27 -5.97
C ALA A 69 -5.98 4.15 -6.15
N LEU A 70 -6.78 4.53 -5.18
CA LEU A 70 -8.26 4.39 -5.32
C LEU A 70 -8.87 5.69 -5.83
N TRP A 71 -9.86 5.57 -6.66
CA TRP A 71 -10.55 6.78 -7.24
C TRP A 71 -12.05 6.62 -7.00
N TRP A 72 -12.78 7.70 -6.84
CA TRP A 72 -14.26 7.60 -6.58
C TRP A 72 -15.00 8.08 -7.83
N GLU A 73 -15.36 7.18 -8.71
CA GLU A 73 -16.09 7.60 -9.96
C GLU A 73 -17.33 8.40 -9.63
N LYS A 74 -17.89 8.25 -8.46
CA LYS A 74 -19.10 9.06 -8.15
C LYS A 74 -18.62 10.50 -8.03
N LYS A 75 -17.32 10.65 -8.03
CA LYS A 75 -16.68 11.99 -7.89
C LYS A 75 -15.59 12.13 -8.95
N ARG A 76 -15.22 11.05 -9.59
CA ARG A 76 -14.13 11.11 -10.60
C ARG A 76 -12.94 11.78 -9.93
N THR A 77 -12.62 11.36 -8.73
CA THR A 77 -11.50 11.97 -7.98
C THR A 77 -10.37 10.97 -7.83
N TRP A 78 -9.37 11.32 -7.07
CA TRP A 78 -8.23 10.40 -6.79
C TRP A 78 -8.07 10.35 -5.29
N LEU A 79 -8.60 9.33 -4.69
CA LEU A 79 -8.54 9.24 -3.22
C LEU A 79 -7.09 9.21 -2.76
N LEU A 80 -6.58 10.37 -2.49
CA LEU A 80 -5.16 10.52 -2.01
C LEU A 80 -5.19 11.29 -0.69
N LYS A 81 -6.34 11.40 -0.07
CA LYS A 81 -6.44 12.13 1.23
C LYS A 81 -6.23 11.13 2.38
N THR A 82 -5.03 10.68 2.59
CA THR A 82 -4.78 9.70 3.69
C THR A 82 -5.12 10.35 5.04
N HIS A 83 -5.28 11.64 5.07
CA HIS A 83 -5.60 12.32 6.36
C HIS A 83 -7.06 12.06 6.74
N TRP A 84 -7.96 12.30 5.83
CA TRP A 84 -9.40 12.07 6.12
C TRP A 84 -9.66 10.56 6.09
N THR A 85 -10.89 10.16 6.17
CA THR A 85 -11.24 8.71 6.13
C THR A 85 -12.46 8.53 5.23
N LEU A 86 -13.08 7.39 5.32
CA LEU A 86 -14.29 7.14 4.50
C LEU A 86 -15.41 8.02 5.04
N ASP A 87 -15.71 7.83 6.29
CA ASP A 87 -16.77 8.63 6.95
C ASP A 87 -16.58 10.10 6.65
N LYS A 88 -15.40 10.59 6.88
CA LYS A 88 -15.12 12.03 6.64
C LYS A 88 -15.72 12.46 5.30
N TYR A 89 -15.36 11.78 4.26
CA TYR A 89 -15.89 12.15 2.92
C TYR A 89 -17.35 11.68 2.80
N GLY A 90 -17.65 10.51 3.31
CA GLY A 90 -19.05 9.98 3.25
C GLY A 90 -19.05 8.66 2.49
N ILE A 91 -17.89 8.17 2.17
CA ILE A 91 -17.80 6.88 1.43
C ILE A 91 -18.42 5.77 2.27
N GLN A 92 -18.78 4.68 1.64
CA GLN A 92 -19.39 3.55 2.40
C GLN A 92 -19.51 2.35 1.45
N ALA A 93 -20.32 1.39 1.81
CA ALA A 93 -20.48 0.18 0.95
C ALA A 93 -21.29 0.56 -0.30
N ASP A 94 -22.10 1.57 -0.21
CA ASP A 94 -22.90 1.97 -1.39
C ASP A 94 -22.00 2.68 -2.38
N ALA A 95 -20.81 2.99 -1.96
CA ALA A 95 -19.83 3.68 -2.86
C ALA A 95 -18.86 2.66 -3.44
N LYS A 96 -18.89 2.43 -4.72
CA LYS A 96 -17.96 1.44 -5.33
C LYS A 96 -16.72 2.16 -5.85
N LEU A 97 -15.60 1.84 -5.28
CA LEU A 97 -14.31 2.46 -5.70
C LEU A 97 -13.63 1.57 -6.72
N GLN A 98 -12.52 2.01 -7.24
CA GLN A 98 -11.76 1.21 -8.25
C GLN A 98 -10.29 1.19 -7.83
N PHE A 99 -9.53 0.24 -8.31
CA PHE A 99 -8.06 0.18 -7.94
C PHE A 99 -7.25 0.38 -9.21
N THR A 100 -6.88 1.62 -9.44
CA THR A 100 -6.09 2.00 -10.65
C THR A 100 -5.15 3.14 -10.26
N PRO A 101 -4.12 3.40 -11.03
CA PRO A 101 -3.15 4.50 -10.73
C PRO A 101 -3.86 5.79 -10.31
N TYR B 8 37.95 -9.55 -18.94
CA TYR B 8 39.03 -9.68 -17.91
C TYR B 8 39.38 -8.29 -17.38
N HIS B 9 38.46 -7.37 -17.44
CA HIS B 9 38.75 -5.99 -16.93
C HIS B 9 39.17 -6.07 -15.46
N GLU B 10 39.11 -4.97 -14.76
CA GLU B 10 39.51 -4.96 -13.32
C GLU B 10 38.54 -4.08 -12.53
N ARG B 11 37.63 -3.42 -13.18
CA ARG B 11 36.66 -2.54 -12.46
C ARG B 11 35.76 -3.40 -11.57
N ARG B 12 36.02 -3.42 -10.28
CA ARG B 12 35.18 -4.22 -9.35
C ARG B 12 34.07 -3.32 -8.77
N GLY B 13 33.58 -3.62 -7.60
CA GLY B 13 32.51 -2.78 -7.01
C GLY B 13 32.29 -3.19 -5.55
N SER B 14 31.29 -3.99 -5.30
CA SER B 14 31.01 -4.42 -3.90
C SER B 14 30.01 -5.58 -3.95
N LEU B 15 30.37 -6.73 -3.48
CA LEU B 15 29.43 -7.88 -3.54
C LEU B 15 28.15 -7.55 -2.76
N CYS B 16 27.03 -7.88 -3.32
CA CYS B 16 25.75 -7.62 -2.60
C CYS B 16 25.55 -8.82 -1.68
N SER B 17 25.81 -8.62 -0.41
CA SER B 17 25.69 -9.75 0.54
C SER B 17 24.33 -10.41 0.39
N GLY B 18 24.36 -11.69 0.21
CA GLY B 18 23.12 -12.48 -0.02
C GLY B 18 23.14 -12.91 -1.47
N CYS B 19 23.69 -12.07 -2.30
CA CYS B 19 23.84 -12.37 -3.74
C CYS B 19 25.31 -12.70 -3.99
N GLN B 20 26.16 -12.00 -3.29
CA GLN B 20 27.62 -12.18 -3.46
C GLN B 20 28.00 -11.99 -4.91
N LYS B 21 27.65 -10.84 -5.40
CA LYS B 21 27.97 -10.43 -6.80
C LYS B 21 28.35 -8.95 -6.76
N PRO B 22 29.52 -8.53 -7.23
CA PRO B 22 29.90 -7.10 -7.17
C PRO B 22 28.80 -6.13 -7.58
N ILE B 23 28.65 -5.10 -6.80
CA ILE B 23 27.64 -4.04 -7.07
C ILE B 23 28.30 -2.94 -7.87
N THR B 24 28.14 -2.94 -9.17
CA THR B 24 28.81 -1.91 -10.03
C THR B 24 27.85 -0.79 -10.40
N GLY B 25 27.83 0.23 -9.60
CA GLY B 25 26.94 1.40 -9.85
C GLY B 25 26.70 2.10 -8.52
N ARG B 26 25.61 1.76 -7.88
CA ARG B 26 25.29 2.34 -6.55
C ARG B 26 25.33 1.19 -5.56
N CYS B 27 25.61 1.46 -4.31
CA CYS B 27 25.66 0.34 -3.32
C CYS B 27 25.15 0.79 -1.96
N ILE B 28 24.20 0.06 -1.46
CA ILE B 28 23.65 0.36 -0.12
C ILE B 28 24.44 -0.43 0.90
N THR B 29 24.61 0.12 2.05
CA THR B 29 25.37 -0.57 3.13
C THR B 29 24.46 -0.80 4.31
N ALA B 30 24.68 -1.88 5.00
CA ALA B 30 23.85 -2.25 6.17
C ALA B 30 24.74 -2.41 7.39
N MET B 31 24.60 -3.51 8.07
CA MET B 31 25.42 -3.78 9.28
C MET B 31 26.88 -3.94 8.88
N ALA B 32 27.22 -3.31 7.78
CA ALA B 32 28.58 -3.36 7.18
C ALA B 32 28.46 -4.18 5.91
N LYS B 33 27.32 -4.80 5.73
CA LYS B 33 27.11 -5.61 4.50
C LYS B 33 26.72 -4.67 3.37
N LYS B 34 26.85 -5.11 2.15
CA LYS B 34 26.47 -4.26 0.98
C LYS B 34 25.15 -4.79 0.45
N PHE B 35 24.55 -4.15 -0.51
CA PHE B 35 23.25 -4.68 -1.01
C PHE B 35 22.96 -4.11 -2.38
N HIS B 36 22.51 -4.94 -3.28
CA HIS B 36 22.15 -4.42 -4.62
C HIS B 36 21.12 -3.30 -4.37
N PRO B 37 21.41 -2.06 -4.67
CA PRO B 37 20.42 -0.99 -4.39
C PRO B 37 19.01 -1.39 -4.84
N GLU B 38 18.92 -2.45 -5.61
CA GLU B 38 17.59 -2.91 -6.09
C GLU B 38 17.05 -4.02 -5.18
N HIS B 39 17.82 -5.03 -4.96
CA HIS B 39 17.35 -6.16 -4.10
C HIS B 39 16.97 -5.63 -2.73
N PHE B 40 17.19 -4.36 -2.48
CA PHE B 40 16.81 -3.76 -1.16
C PHE B 40 15.95 -2.52 -1.45
N VAL B 41 14.89 -2.70 -2.18
CA VAL B 41 13.99 -1.56 -2.54
C VAL B 41 12.82 -1.44 -1.56
N CYS B 42 12.00 -0.44 -1.75
CA CYS B 42 10.81 -0.24 -0.86
C CYS B 42 9.68 -1.11 -1.36
N ALA B 43 8.86 -1.68 -0.50
CA ALA B 43 7.74 -2.50 -1.07
C ALA B 43 6.48 -1.62 -1.23
N PHE B 44 6.50 -0.79 -2.23
CA PHE B 44 5.34 0.06 -2.66
C PHE B 44 5.61 0.27 -4.13
N CYS B 45 6.80 0.78 -4.34
CA CYS B 45 7.37 1.03 -5.67
C CYS B 45 8.72 0.32 -5.65
N LEU B 46 8.68 -0.95 -5.83
CA LEU B 46 9.89 -1.81 -5.76
C LEU B 46 11.03 -1.32 -6.67
N LYS B 47 11.02 -0.11 -7.18
CA LYS B 47 12.16 0.27 -8.09
C LYS B 47 13.35 0.83 -7.31
N GLN B 48 13.17 1.59 -6.25
CA GLN B 48 14.39 2.08 -5.53
C GLN B 48 14.13 2.52 -4.08
N LEU B 49 15.07 2.20 -3.22
CA LEU B 49 14.99 2.63 -1.80
C LEU B 49 16.38 3.12 -1.37
N ASN B 50 16.48 3.71 -0.21
CA ASN B 50 17.80 4.21 0.28
C ASN B 50 17.88 4.04 1.80
N LYS B 51 18.93 3.44 2.28
CA LYS B 51 19.07 3.23 3.74
C LYS B 51 18.89 4.56 4.46
N GLY B 52 18.99 5.64 3.74
CA GLY B 52 18.84 6.97 4.37
C GLY B 52 17.37 7.35 4.42
N THR B 53 16.59 6.73 3.58
CA THR B 53 15.13 7.01 3.54
C THR B 53 14.39 5.68 3.50
N PHE B 54 14.96 4.66 4.07
CA PHE B 54 14.27 3.33 4.07
C PHE B 54 13.38 3.19 5.30
N LYS B 55 12.11 3.22 5.08
CA LYS B 55 11.12 3.09 6.19
C LYS B 55 10.58 1.65 6.15
N GLU B 56 10.03 1.18 7.21
CA GLU B 56 9.53 -0.23 7.22
C GLU B 56 8.41 -0.40 8.24
N GLN B 57 7.62 -1.40 8.02
CA GLN B 57 6.52 -1.75 8.94
C GLN B 57 6.21 -3.23 8.70
N ASN B 58 5.83 -3.94 9.71
CA ASN B 58 5.54 -5.38 9.55
C ASN B 58 6.71 -6.07 8.79
N ASP B 59 7.89 -5.48 8.82
CA ASP B 59 9.10 -6.08 8.15
C ASP B 59 9.14 -5.73 6.66
N LYS B 60 8.13 -5.12 6.15
CA LYS B 60 8.10 -4.78 4.70
C LYS B 60 8.80 -3.42 4.45
N PRO B 61 9.90 -3.38 3.72
CA PRO B 61 10.57 -2.07 3.44
C PRO B 61 9.60 -1.04 2.86
N TYR B 62 9.96 0.21 2.90
CA TYR B 62 9.07 1.28 2.36
C TYR B 62 9.79 2.62 2.32
N CYS B 63 9.54 3.42 1.32
CA CYS B 63 10.13 4.78 1.35
C CYS B 63 9.29 5.52 2.36
N GLN B 64 9.78 6.52 2.99
CA GLN B 64 8.91 7.21 3.97
C GLN B 64 7.67 7.67 3.20
N ASN B 65 7.86 8.44 2.17
CA ASN B 65 6.71 8.92 1.37
C ASN B 65 5.77 7.76 1.07
N CYS B 66 6.28 6.56 1.00
CA CYS B 66 5.42 5.40 0.72
C CYS B 66 4.77 4.94 2.03
N PHE B 67 5.56 4.54 3.00
CA PHE B 67 4.99 4.07 4.29
C PHE B 67 4.09 5.17 4.87
N LEU B 68 4.60 6.35 5.04
CA LEU B 68 3.78 7.45 5.62
C LEU B 68 2.43 7.48 4.91
N LYS B 69 2.43 7.36 3.62
CA LYS B 69 1.15 7.40 2.87
C LYS B 69 0.19 6.32 3.40
N LEU B 70 0.71 5.30 4.01
CA LEU B 70 -0.17 4.20 4.52
C LEU B 70 -0.64 4.48 5.95
N PHE B 71 0.28 4.66 6.87
CA PHE B 71 -0.11 4.91 8.31
C PHE B 71 0.19 6.36 8.71
N CYS B 72 1.13 7.00 8.07
CA CYS B 72 1.46 8.42 8.43
C CYS B 72 1.53 8.56 9.96
N MET A 8 -29.91 -1.05 23.68
CA MET A 8 -29.48 0.38 23.65
C MET A 8 -30.69 1.28 23.94
N ALA A 9 -31.12 2.05 22.99
CA ALA A 9 -32.29 2.95 23.22
C ALA A 9 -33.00 3.19 21.89
N LEU A 10 -32.27 3.65 20.93
CA LEU A 10 -32.86 3.90 19.59
C LEU A 10 -33.70 2.71 19.17
N ASP A 11 -33.06 1.73 18.61
CA ASP A 11 -33.77 0.50 18.17
C ASP A 11 -35.04 0.91 17.41
N GLY A 12 -35.06 2.10 16.91
CA GLY A 12 -36.25 2.58 16.15
C GLY A 12 -36.38 1.73 14.90
N ILE A 13 -35.32 1.02 14.60
CA ILE A 13 -35.29 0.15 13.39
C ILE A 13 -35.35 -1.31 13.84
N ARG A 14 -34.23 -1.99 13.89
CA ARG A 14 -34.23 -3.41 14.31
C ARG A 14 -32.88 -3.78 14.92
N MET A 15 -32.00 -4.39 14.16
CA MET A 15 -30.67 -4.78 14.72
C MET A 15 -29.55 -4.65 13.65
N PRO A 16 -29.58 -5.37 12.54
CA PRO A 16 -28.53 -5.21 11.50
C PRO A 16 -28.26 -3.74 11.24
N ASP A 17 -29.32 -2.97 11.34
CA ASP A 17 -29.23 -1.50 11.15
C ASP A 17 -29.51 -0.82 12.48
N GLY A 18 -30.24 -1.49 13.32
CA GLY A 18 -30.57 -0.92 14.66
C GLY A 18 -29.48 -1.31 15.66
N CYS A 19 -28.40 -1.87 15.19
CA CYS A 19 -27.32 -2.28 16.12
C CYS A 19 -26.02 -2.55 15.35
N TYR A 20 -26.12 -3.09 14.16
CA TYR A 20 -24.89 -3.40 13.38
C TYR A 20 -23.99 -4.27 14.25
N ALA A 21 -23.05 -3.66 14.92
CA ALA A 21 -22.13 -4.42 15.81
C ALA A 21 -20.87 -3.57 16.05
N ASP A 22 -20.44 -2.86 15.04
CA ASP A 22 -19.24 -2.01 15.21
C ASP A 22 -19.20 -0.95 14.11
N GLY A 23 -20.21 -0.87 13.29
CA GLY A 23 -20.21 0.14 12.19
C GLY A 23 -19.23 -0.33 11.11
N THR A 24 -19.16 -1.60 10.88
CA THR A 24 -18.22 -2.13 9.85
C THR A 24 -18.91 -2.21 8.50
N TRP A 25 -18.34 -1.55 7.53
CA TRP A 25 -18.91 -1.55 6.15
C TRP A 25 -17.76 -1.79 5.17
N GLU A 26 -17.88 -2.80 4.35
CA GLU A 26 -16.79 -3.09 3.37
C GLU A 26 -16.89 -2.10 2.21
N LEU A 27 -15.80 -1.47 1.86
CA LEU A 27 -15.83 -0.51 0.72
C LEU A 27 -15.66 -1.32 -0.56
N SER A 28 -16.44 -1.08 -1.55
CA SER A 28 -16.33 -1.86 -2.80
C SER A 28 -15.15 -1.36 -3.62
N VAL A 29 -14.48 -2.24 -4.32
CA VAL A 29 -13.32 -1.82 -5.15
C VAL A 29 -13.37 -2.52 -6.50
N HIS A 30 -13.75 -1.80 -7.52
CA HIS A 30 -13.81 -2.37 -8.88
C HIS A 30 -12.39 -2.42 -9.43
N VAL A 31 -11.80 -3.57 -9.45
CA VAL A 31 -10.41 -3.67 -9.94
C VAL A 31 -10.37 -3.46 -11.46
N THR A 32 -10.01 -2.29 -11.90
CA THR A 32 -9.94 -2.05 -13.37
C THR A 32 -8.66 -2.71 -13.87
N ASP A 33 -8.40 -2.69 -15.16
CA ASP A 33 -7.18 -3.37 -15.66
C ASP A 33 -7.24 -4.84 -15.23
N LEU A 34 -8.35 -5.22 -14.65
CA LEU A 34 -8.55 -6.63 -14.19
C LEU A 34 -10.04 -6.93 -14.31
N ASN A 35 -10.86 -5.94 -14.01
CA ASN A 35 -12.34 -6.10 -14.13
C ASN A 35 -12.91 -6.89 -12.96
N ARG A 36 -12.18 -7.06 -11.89
CA ARG A 36 -12.74 -7.81 -10.74
C ARG A 36 -13.43 -6.85 -9.81
N ASP A 37 -13.95 -7.36 -8.75
CA ASP A 37 -14.62 -6.50 -7.74
C ASP A 37 -14.26 -7.03 -6.37
N VAL A 38 -13.59 -6.24 -5.59
CA VAL A 38 -13.17 -6.69 -4.23
C VAL A 38 -13.78 -5.79 -3.18
N THR A 39 -13.90 -6.28 -1.98
CA THR A 39 -14.48 -5.47 -0.87
C THR A 39 -13.57 -5.64 0.35
N LEU A 40 -13.27 -4.55 1.02
CA LEU A 40 -12.37 -4.61 2.21
C LEU A 40 -13.16 -4.23 3.46
N ARG A 41 -13.34 -5.15 4.36
CA ARG A 41 -14.08 -4.84 5.59
C ARG A 41 -13.37 -3.68 6.31
N VAL A 42 -13.98 -2.53 6.30
CA VAL A 42 -13.34 -1.34 6.95
C VAL A 42 -14.39 -0.56 7.74
N THR A 43 -14.00 0.61 8.18
CA THR A 43 -14.92 1.49 8.94
C THR A 43 -14.65 2.92 8.49
N GLY A 44 -15.41 3.87 8.96
CA GLY A 44 -15.16 5.26 8.53
C GLY A 44 -14.05 5.85 9.38
N GLU A 45 -12.98 5.12 9.52
CA GLU A 45 -11.82 5.61 10.32
C GLU A 45 -10.54 5.00 9.77
N VAL A 46 -10.62 4.25 8.69
CA VAL A 46 -9.38 3.65 8.12
C VAL A 46 -8.70 4.64 7.18
N HIS A 47 -7.41 4.66 7.17
CA HIS A 47 -6.68 5.59 6.28
C HIS A 47 -6.70 5.00 4.86
N ILE A 48 -6.75 5.82 3.85
CA ILE A 48 -6.76 5.29 2.46
C ILE A 48 -5.62 4.28 2.30
N GLY A 49 -4.42 4.72 2.59
CA GLY A 49 -3.27 3.80 2.49
C GLY A 49 -3.54 2.59 3.37
N GLY A 50 -4.56 2.67 4.17
CA GLY A 50 -4.92 1.53 5.04
C GLY A 50 -5.53 0.44 4.16
N VAL A 51 -6.12 0.85 3.08
CA VAL A 51 -6.73 -0.13 2.13
C VAL A 51 -5.61 -0.63 1.21
N MET A 52 -4.74 0.24 0.77
CA MET A 52 -3.62 -0.21 -0.10
C MET A 52 -2.97 -1.43 0.54
N LEU A 53 -2.90 -1.43 1.84
CA LEU A 53 -2.27 -2.57 2.56
C LEU A 53 -3.18 -3.80 2.48
N LYS A 54 -4.34 -3.73 3.10
CA LYS A 54 -5.26 -4.90 3.09
C LYS A 54 -5.53 -5.38 1.66
N LEU A 55 -5.99 -4.50 0.80
CA LEU A 55 -6.29 -4.92 -0.60
C LEU A 55 -5.11 -5.76 -1.13
N VAL A 56 -3.95 -5.19 -1.13
CA VAL A 56 -2.73 -5.91 -1.62
C VAL A 56 -2.54 -7.20 -0.82
N GLU A 57 -2.60 -7.14 0.49
CA GLU A 57 -2.39 -8.37 1.31
C GLU A 57 -3.18 -9.53 0.70
N LYS A 58 -4.37 -9.27 0.24
CA LYS A 58 -5.18 -10.34 -0.37
C LYS A 58 -4.58 -10.75 -1.71
N LEU A 59 -3.88 -9.85 -2.34
CA LEU A 59 -3.26 -10.18 -3.65
C LEU A 59 -1.96 -10.95 -3.40
N ASP A 60 -0.92 -10.28 -2.97
CA ASP A 60 0.36 -10.95 -2.66
C ASP A 60 1.06 -11.39 -3.95
N VAL A 61 1.75 -10.49 -4.56
CA VAL A 61 2.44 -10.85 -5.83
C VAL A 61 3.39 -9.71 -6.25
N LYS A 62 4.44 -10.05 -6.95
CA LYS A 62 5.42 -9.00 -7.39
C LYS A 62 4.72 -8.05 -8.39
N LYS A 63 3.43 -7.85 -8.26
CA LYS A 63 2.73 -6.94 -9.19
C LYS A 63 3.02 -5.50 -8.78
N ASP A 64 2.63 -4.54 -9.56
CA ASP A 64 2.90 -3.12 -9.22
C ASP A 64 1.70 -2.55 -8.45
N TRP A 65 1.72 -2.65 -7.15
CA TRP A 65 0.59 -2.09 -6.37
C TRP A 65 0.74 -0.56 -6.30
N SER A 66 1.91 -0.12 -5.92
CA SER A 66 2.19 1.33 -5.79
C SER A 66 1.58 2.09 -6.97
N ASP A 67 1.94 1.73 -8.16
CA ASP A 67 1.37 2.42 -9.34
C ASP A 67 -0.15 2.41 -9.22
N HIS A 68 -0.70 1.32 -8.78
CA HIS A 68 -2.17 1.22 -8.62
C HIS A 68 -2.60 1.79 -7.27
N ALA A 69 -3.48 2.76 -7.30
CA ALA A 69 -3.98 3.38 -6.05
C ALA A 69 -5.51 3.43 -6.13
N LEU A 70 -6.18 3.95 -5.13
CA LEU A 70 -7.67 4.00 -5.19
C LEU A 70 -8.12 5.36 -5.74
N TRP A 71 -9.17 5.35 -6.53
CA TRP A 71 -9.69 6.61 -7.14
C TRP A 71 -11.21 6.67 -6.88
N TRP A 72 -11.77 7.86 -6.80
CA TRP A 72 -13.25 7.99 -6.54
C TRP A 72 -13.92 8.51 -7.80
N GLU A 73 -14.43 7.65 -8.64
CA GLU A 73 -15.08 8.11 -9.90
C GLU A 73 -16.21 9.09 -9.59
N LYS A 74 -16.77 9.07 -8.43
CA LYS A 74 -17.84 10.06 -8.14
C LYS A 74 -17.15 11.42 -8.08
N LYS A 75 -15.84 11.39 -8.09
CA LYS A 75 -15.03 12.63 -8.01
C LYS A 75 -13.93 12.57 -9.09
N ARG A 76 -13.73 11.41 -9.68
CA ARG A 76 -12.66 11.29 -10.69
C ARG A 76 -11.37 11.80 -10.06
N THR A 77 -11.11 11.38 -8.85
CA THR A 77 -9.90 11.85 -8.12
C THR A 77 -8.93 10.69 -7.91
N TRP A 78 -7.89 10.95 -7.17
CA TRP A 78 -6.90 9.91 -6.84
C TRP A 78 -6.80 9.89 -5.32
N LEU A 79 -7.41 8.96 -4.70
CA LEU A 79 -7.41 8.96 -3.23
C LEU A 79 -6.00 8.84 -2.69
N LEU A 80 -5.36 9.98 -2.56
CA LEU A 80 -3.96 10.04 -2.00
C LEU A 80 -3.99 10.94 -0.76
N LYS A 81 -5.17 11.27 -0.31
CA LYS A 81 -5.30 12.14 0.90
C LYS A 81 -5.27 11.25 2.15
N THR A 82 -4.48 10.21 2.11
CA THR A 82 -4.40 9.29 3.28
C THR A 82 -4.28 10.09 4.58
N HIS A 83 -3.96 11.35 4.49
CA HIS A 83 -3.84 12.19 5.72
C HIS A 83 -5.19 12.25 6.43
N TRP A 84 -6.27 12.14 5.69
CA TRP A 84 -7.63 12.18 6.30
C TRP A 84 -8.21 10.77 6.35
N THR A 85 -9.51 10.65 6.38
CA THR A 85 -10.14 9.30 6.41
C THR A 85 -11.44 9.31 5.59
N LEU A 86 -11.98 8.15 5.39
CA LEU A 86 -13.25 8.01 4.62
C LEU A 86 -14.25 9.02 5.14
N ASP A 87 -14.60 8.89 6.39
CA ASP A 87 -15.57 9.82 7.03
C ASP A 87 -15.24 11.25 6.68
N LYS A 88 -14.01 11.62 6.91
CA LYS A 88 -13.58 13.01 6.63
C LYS A 88 -14.11 13.45 5.27
N TYR A 89 -13.80 12.70 4.25
CA TYR A 89 -14.29 13.07 2.89
C TYR A 89 -15.80 12.80 2.80
N GLY A 90 -16.23 11.67 3.33
CA GLY A 90 -17.69 11.33 3.30
C GLY A 90 -17.86 10.00 2.57
N ILE A 91 -16.77 9.34 2.27
CA ILE A 91 -16.85 8.04 1.57
C ILE A 91 -17.58 7.04 2.45
N GLN A 92 -18.07 5.98 1.88
CA GLN A 92 -18.80 4.96 2.68
C GLN A 92 -19.06 3.73 1.78
N ALA A 93 -19.94 2.87 2.21
CA ALA A 93 -20.25 1.67 1.39
C ALA A 93 -21.02 2.07 0.14
N ASP A 94 -21.69 3.18 0.17
CA ASP A 94 -22.47 3.62 -1.01
C ASP A 94 -21.50 4.18 -2.04
N ALA A 95 -20.28 4.39 -1.64
CA ALA A 95 -19.26 4.93 -2.57
C ALA A 95 -18.40 3.77 -3.09
N LYS A 96 -18.47 3.47 -4.36
CA LYS A 96 -17.66 2.35 -4.92
C LYS A 96 -16.36 2.88 -5.48
N LEU A 97 -15.27 2.46 -4.91
CA LEU A 97 -13.93 2.91 -5.39
C LEU A 97 -13.39 1.90 -6.38
N GLN A 98 -12.24 2.17 -6.95
CA GLN A 98 -11.62 1.25 -7.94
C GLN A 98 -10.15 1.09 -7.57
N PHE A 99 -9.47 0.13 -8.17
CA PHE A 99 -8.01 -0.06 -7.89
C PHE A 99 -7.29 0.01 -9.24
N THR A 100 -6.73 1.14 -9.56
CA THR A 100 -6.07 1.31 -10.89
C THR A 100 -4.86 2.26 -10.81
N PRO A 101 -3.97 2.19 -11.77
CA PRO A 101 -2.76 3.05 -11.84
C PRO A 101 -2.99 4.43 -11.22
N TYR B 8 39.72 4.21 -12.36
CA TYR B 8 40.04 3.99 -13.80
C TYR B 8 38.95 3.10 -14.42
N HIS B 9 39.13 1.81 -14.37
CA HIS B 9 38.12 0.90 -14.95
C HIS B 9 36.73 1.20 -14.35
N GLU B 10 35.73 0.47 -14.75
CA GLU B 10 34.37 0.73 -14.21
C GLU B 10 33.47 -0.50 -14.40
N ARG B 11 34.00 -1.57 -14.92
CA ARG B 11 33.17 -2.79 -15.13
C ARG B 11 33.00 -3.52 -13.80
N ARG B 12 33.71 -3.13 -12.78
CA ARG B 12 33.57 -3.79 -11.45
C ARG B 12 32.61 -2.96 -10.59
N GLY B 13 32.73 -3.04 -9.29
CA GLY B 13 31.81 -2.25 -8.42
C GLY B 13 31.85 -2.78 -7.00
N SER B 14 31.02 -3.73 -6.69
CA SER B 14 30.99 -4.29 -5.31
C SER B 14 30.12 -5.56 -5.33
N LEU B 15 30.66 -6.69 -4.98
CA LEU B 15 29.84 -7.92 -5.02
C LEU B 15 28.65 -7.80 -4.08
N CYS B 16 27.48 -8.20 -4.54
CA CYS B 16 26.28 -8.15 -3.67
C CYS B 16 26.32 -9.42 -2.83
N SER B 17 26.69 -9.28 -1.59
CA SER B 17 26.80 -10.47 -0.71
C SER B 17 25.53 -11.28 -0.78
N GLY B 18 25.67 -12.53 -1.06
CA GLY B 18 24.49 -13.44 -1.20
C GLY B 18 24.41 -13.78 -2.68
N CYS B 19 24.77 -12.82 -3.49
CA CYS B 19 24.78 -13.02 -4.95
C CYS B 19 26.23 -13.14 -5.39
N GLN B 20 27.08 -12.41 -4.74
CA GLN B 20 28.51 -12.41 -5.07
C GLN B 20 28.71 -12.07 -6.54
N LYS B 21 28.18 -10.95 -6.90
CA LYS B 21 28.31 -10.43 -8.30
C LYS B 21 28.52 -8.90 -8.20
N PRO B 22 29.57 -8.34 -8.75
CA PRO B 22 29.80 -6.87 -8.63
C PRO B 22 28.57 -6.00 -8.83
N ILE B 23 28.41 -5.04 -7.96
CA ILE B 23 27.26 -4.10 -8.05
C ILE B 23 27.73 -2.86 -8.82
N THR B 24 27.42 -2.80 -10.10
CA THR B 24 27.89 -1.65 -10.92
C THR B 24 26.79 -0.59 -11.09
N GLY B 25 26.76 0.35 -10.20
CA GLY B 25 25.76 1.45 -10.26
C GLY B 25 25.58 1.99 -8.85
N ARG B 26 24.58 1.52 -8.17
CA ARG B 26 24.33 1.94 -6.76
C ARG B 26 24.62 0.73 -5.88
N CYS B 27 25.01 0.93 -4.66
CA CYS B 27 25.29 -0.24 -3.77
C CYS B 27 24.90 0.03 -2.34
N ILE B 28 24.09 -0.84 -1.80
CA ILE B 28 23.66 -0.70 -0.39
C ILE B 28 24.65 -1.46 0.46
N THR B 29 24.87 -0.96 1.62
CA THR B 29 25.82 -1.61 2.58
C THR B 29 25.08 -2.01 3.83
N ALA B 30 25.48 -3.09 4.40
CA ALA B 30 24.82 -3.61 5.64
C ALA B 30 25.86 -3.75 6.74
N MET B 31 25.90 -4.89 7.36
CA MET B 31 26.88 -5.13 8.45
C MET B 31 28.29 -5.11 7.87
N ALA B 32 28.44 -4.39 6.79
CA ALA B 32 29.73 -4.27 6.04
C ALA B 32 29.54 -5.02 4.74
N LYS B 33 28.46 -5.74 4.63
CA LYS B 33 28.18 -6.50 3.38
C LYS B 33 27.57 -5.54 2.37
N LYS B 34 27.64 -5.87 1.11
CA LYS B 34 27.04 -4.99 0.06
C LYS B 34 25.72 -5.61 -0.38
N PHE B 35 24.96 -4.98 -1.21
CA PHE B 35 23.66 -5.59 -1.59
C PHE B 35 23.16 -4.97 -2.90
N HIS B 36 22.73 -5.80 -3.82
CA HIS B 36 22.17 -5.25 -5.08
C HIS B 36 21.06 -4.27 -4.65
N PRO B 37 21.18 -2.99 -4.87
CA PRO B 37 20.11 -2.08 -4.42
C PRO B 37 18.73 -2.60 -4.84
N GLU B 38 18.72 -3.58 -5.71
CA GLU B 38 17.44 -4.16 -6.19
C GLU B 38 17.04 -5.35 -5.32
N HIS B 39 17.93 -6.27 -5.13
CA HIS B 39 17.61 -7.47 -4.31
C HIS B 39 17.26 -7.04 -2.88
N PHE B 40 17.37 -5.77 -2.60
CA PHE B 40 17.00 -5.26 -1.24
C PHE B 40 16.11 -4.03 -1.42
N VAL B 41 14.99 -4.22 -2.08
CA VAL B 41 14.06 -3.09 -2.36
C VAL B 41 12.96 -2.99 -1.29
N CYS B 42 12.11 -2.00 -1.42
CA CYS B 42 10.99 -1.80 -0.45
C CYS B 42 9.82 -2.67 -0.89
N ALA B 43 9.05 -3.22 0.02
CA ALA B 43 7.90 -4.03 -0.48
C ALA B 43 6.62 -3.17 -0.53
N PHE B 44 6.56 -2.32 -1.52
CA PHE B 44 5.36 -1.48 -1.84
C PHE B 44 5.50 -1.28 -3.34
N CYS B 45 6.68 -0.81 -3.64
CA CYS B 45 7.15 -0.57 -5.03
C CYS B 45 8.51 -1.28 -5.10
N LEU B 46 8.47 -2.56 -5.28
CA LEU B 46 9.72 -3.39 -5.29
C LEU B 46 10.79 -2.87 -6.27
N LYS B 47 10.74 -1.65 -6.76
CA LYS B 47 11.82 -1.24 -7.73
C LYS B 47 13.06 -0.67 -7.01
N GLN B 48 12.93 0.08 -5.94
CA GLN B 48 14.20 0.60 -5.30
C GLN B 48 14.05 1.01 -3.83
N LEU B 49 15.04 0.69 -3.05
CA LEU B 49 15.07 1.10 -1.62
C LEU B 49 16.48 1.58 -1.27
N ASN B 50 16.66 2.19 -0.12
CA ASN B 50 18.01 2.68 0.29
C ASN B 50 18.16 2.56 1.81
N LYS B 51 19.24 2.00 2.27
CA LYS B 51 19.46 1.86 3.73
C LYS B 51 19.29 3.22 4.40
N GLY B 52 19.41 4.27 3.65
CA GLY B 52 19.27 5.62 4.24
C GLY B 52 17.80 5.99 4.27
N THR B 53 17.02 5.29 3.50
CA THR B 53 15.56 5.57 3.45
C THR B 53 14.81 4.24 3.51
N PHE B 54 15.40 3.24 4.10
CA PHE B 54 14.71 1.91 4.18
C PHE B 54 13.86 1.83 5.45
N LYS B 55 12.57 1.88 5.27
CA LYS B 55 11.62 1.82 6.42
C LYS B 55 11.04 0.40 6.45
N GLU B 56 10.36 0.03 7.50
CA GLU B 56 9.79 -1.35 7.56
C GLU B 56 8.57 -1.38 8.45
N GLN B 57 7.74 -2.34 8.21
CA GLN B 57 6.53 -2.54 9.01
C GLN B 57 6.12 -4.00 8.84
N ASN B 58 5.55 -4.57 9.84
CA ASN B 58 5.12 -6.00 9.71
C ASN B 58 6.30 -6.84 9.15
N ASP B 59 7.52 -6.35 9.30
CA ASP B 59 8.72 -7.11 8.81
C ASP B 59 8.93 -6.89 7.31
N LYS B 60 8.02 -6.22 6.68
CA LYS B 60 8.14 -5.98 5.22
C LYS B 60 8.90 -4.66 4.97
N PRO B 61 10.04 -4.67 4.31
CA PRO B 61 10.75 -3.39 4.04
C PRO B 61 9.82 -2.32 3.46
N TYR B 62 10.23 -1.09 3.44
CA TYR B 62 9.33 -0.03 2.91
C TYR B 62 10.07 1.30 2.75
N CYS B 63 9.88 1.99 1.66
CA CYS B 63 10.49 3.34 1.59
C CYS B 63 9.72 4.14 2.61
N GLN B 64 10.26 5.17 3.16
CA GLN B 64 9.45 5.92 4.14
C GLN B 64 8.19 6.40 3.39
N ASN B 65 8.40 7.12 2.32
CA ASN B 65 7.25 7.61 1.52
C ASN B 65 6.23 6.49 1.30
N CYS B 66 6.67 5.26 1.33
CA CYS B 66 5.73 4.14 1.13
C CYS B 66 5.07 3.79 2.47
N PHE B 67 5.84 3.32 3.43
CA PHE B 67 5.26 2.96 4.75
C PHE B 67 4.43 4.13 5.28
N LEU B 68 5.03 5.27 5.40
CA LEU B 68 4.28 6.45 5.92
C LEU B 68 2.94 6.56 5.19
N LYS B 69 2.95 6.37 3.90
CA LYS B 69 1.68 6.49 3.12
C LYS B 69 0.65 5.49 3.65
N LEU B 70 1.08 4.46 4.34
CA LEU B 70 0.09 3.45 4.85
C LEU B 70 -0.42 3.84 6.24
N PHE B 71 0.48 4.02 7.18
CA PHE B 71 0.07 4.37 8.58
C PHE B 71 0.41 5.85 8.86
N CYS B 72 0.36 6.70 7.86
CA CYS B 72 0.68 8.14 8.08
C CYS B 72 0.03 8.63 9.40
N MET A 8 -36.12 4.19 15.63
CA MET A 8 -35.60 4.92 14.44
C MET A 8 -35.63 3.98 13.23
N ALA A 9 -34.52 3.40 12.86
CA ALA A 9 -34.51 2.48 11.68
C ALA A 9 -33.41 1.44 11.89
N LEU A 10 -32.27 1.87 12.35
CA LEU A 10 -31.17 0.92 12.60
C LEU A 10 -31.64 -0.17 13.54
N ASP A 11 -31.92 0.22 14.75
CA ASP A 11 -32.38 -0.77 15.74
C ASP A 11 -33.82 -1.17 15.43
N GLY A 12 -34.27 -0.86 14.25
CA GLY A 12 -35.66 -1.23 13.88
C GLY A 12 -35.74 -2.75 13.93
N ILE A 13 -34.60 -3.36 13.99
CA ILE A 13 -34.50 -4.84 14.03
C ILE A 13 -33.89 -5.25 15.39
N ARG A 14 -32.60 -5.45 15.43
CA ARG A 14 -31.94 -5.85 16.70
C ARG A 14 -30.48 -5.40 16.70
N MET A 15 -29.56 -6.29 16.39
CA MET A 15 -28.12 -5.89 16.39
C MET A 15 -27.34 -6.65 15.28
N PRO A 16 -27.20 -7.97 15.31
CA PRO A 16 -26.48 -8.68 14.21
C PRO A 16 -26.97 -8.17 12.86
N ASP A 17 -28.20 -7.74 12.84
CA ASP A 17 -28.81 -7.18 11.60
C ASP A 17 -29.13 -5.72 11.84
N GLY A 18 -29.33 -5.36 13.07
CA GLY A 18 -29.63 -3.93 13.42
C GLY A 18 -28.34 -3.21 13.78
N CYS A 19 -27.22 -3.85 13.56
CA CYS A 19 -25.92 -3.23 13.89
C CYS A 19 -24.81 -3.89 13.06
N TYR A 20 -24.04 -4.77 13.65
CA TYR A 20 -22.94 -5.45 12.89
C TYR A 20 -22.40 -6.60 13.76
N ALA A 21 -21.24 -6.40 14.33
CA ALA A 21 -20.62 -7.45 15.18
C ALA A 21 -19.30 -6.92 15.73
N ASP A 22 -18.55 -6.25 14.91
CA ASP A 22 -17.25 -5.68 15.37
C ASP A 22 -17.04 -4.32 14.70
N GLY A 23 -18.00 -3.87 13.94
CA GLY A 23 -17.87 -2.56 13.25
C GLY A 23 -16.96 -2.73 12.04
N THR A 24 -16.84 -3.94 11.55
CA THR A 24 -15.97 -4.19 10.37
C THR A 24 -16.81 -4.18 9.10
N TRP A 25 -16.46 -3.32 8.19
CA TRP A 25 -17.19 -3.24 6.89
C TRP A 25 -16.16 -3.26 5.77
N GLU A 26 -16.23 -4.21 4.88
CA GLU A 26 -15.24 -4.27 3.78
C GLU A 26 -15.59 -3.22 2.73
N LEU A 27 -14.64 -2.43 2.33
CA LEU A 27 -14.92 -1.40 1.30
C LEU A 27 -14.78 -2.08 -0.06
N SER A 28 -15.70 -1.85 -0.94
CA SER A 28 -15.62 -2.50 -2.28
C SER A 28 -14.60 -1.77 -3.15
N VAL A 29 -13.92 -2.50 -3.99
CA VAL A 29 -12.90 -1.86 -4.88
C VAL A 29 -12.99 -2.46 -6.29
N HIS A 30 -13.55 -1.72 -7.20
CA HIS A 30 -13.65 -2.20 -8.60
C HIS A 30 -12.29 -1.98 -9.26
N VAL A 31 -11.54 -3.03 -9.44
CA VAL A 31 -10.20 -2.86 -10.06
C VAL A 31 -10.34 -2.51 -11.54
N THR A 32 -10.26 -1.25 -11.87
CA THR A 32 -10.37 -0.83 -13.30
C THR A 32 -9.12 -1.31 -14.03
N ASP A 33 -9.14 -1.33 -15.34
CA ASP A 33 -7.96 -1.82 -16.10
C ASP A 33 -7.89 -3.33 -15.92
N LEU A 34 -8.09 -3.80 -14.70
CA LEU A 34 -8.08 -5.26 -14.44
C LEU A 34 -9.53 -5.75 -14.54
N ASN A 35 -10.46 -4.89 -14.20
CA ASN A 35 -11.91 -5.24 -14.28
C ASN A 35 -12.31 -6.19 -13.16
N ARG A 36 -11.52 -6.30 -12.13
CA ARG A 36 -11.88 -7.22 -11.02
C ARG A 36 -12.61 -6.43 -9.95
N ASP A 37 -12.98 -7.10 -8.91
CA ASP A 37 -13.67 -6.43 -7.78
C ASP A 37 -13.13 -7.02 -6.49
N VAL A 38 -12.51 -6.20 -5.68
CA VAL A 38 -11.91 -6.69 -4.41
C VAL A 38 -12.55 -5.96 -3.23
N THR A 39 -12.46 -6.56 -2.08
CA THR A 39 -13.04 -5.94 -0.84
C THR A 39 -12.01 -6.05 0.28
N LEU A 40 -11.81 -4.99 1.01
CA LEU A 40 -10.81 -5.00 2.12
C LEU A 40 -11.54 -4.87 3.46
N ARG A 41 -11.52 -5.91 4.24
CA ARG A 41 -12.19 -5.85 5.57
C ARG A 41 -11.50 -4.76 6.39
N VAL A 42 -12.13 -3.63 6.49
CA VAL A 42 -11.54 -2.49 7.24
C VAL A 42 -12.55 -1.93 8.22
N THR A 43 -12.24 -0.80 8.79
CA THR A 43 -13.17 -0.15 9.76
C THR A 43 -13.14 1.35 9.46
N GLY A 44 -14.02 2.09 10.05
CA GLY A 44 -14.03 3.55 9.78
C GLY A 44 -12.92 4.23 10.55
N GLU A 45 -11.75 3.63 10.54
CA GLU A 45 -10.59 4.23 11.26
C GLU A 45 -9.31 3.92 10.47
N VAL A 46 -9.44 3.30 9.32
CA VAL A 46 -8.22 2.98 8.53
C VAL A 46 -7.88 4.16 7.62
N HIS A 47 -6.64 4.51 7.53
CA HIS A 47 -6.27 5.64 6.64
C HIS A 47 -6.31 5.16 5.18
N ILE A 48 -6.67 6.01 4.27
CA ILE A 48 -6.72 5.60 2.83
C ILE A 48 -5.46 4.81 2.47
N GLY A 49 -4.33 5.43 2.64
CA GLY A 49 -3.06 4.76 2.32
C GLY A 49 -3.00 3.45 3.08
N GLY A 50 -3.83 3.32 4.08
CA GLY A 50 -3.85 2.07 4.86
C GLY A 50 -4.42 0.97 3.97
N VAL A 51 -5.28 1.35 3.06
CA VAL A 51 -5.90 0.38 2.12
C VAL A 51 -4.94 0.16 0.94
N MET A 52 -4.31 1.21 0.47
CA MET A 52 -3.35 1.07 -0.67
C MET A 52 -2.44 -0.12 -0.39
N LEU A 53 -2.07 -0.29 0.85
CA LEU A 53 -1.14 -1.40 1.21
C LEU A 53 -1.90 -2.74 1.28
N LYS A 54 -2.92 -2.82 2.09
CA LYS A 54 -3.67 -4.11 2.20
C LYS A 54 -4.11 -4.62 0.81
N LEU A 55 -4.90 -3.84 0.11
CA LEU A 55 -5.37 -4.28 -1.23
C LEU A 55 -4.20 -4.85 -2.02
N VAL A 56 -3.08 -4.18 -2.01
CA VAL A 56 -1.90 -4.69 -2.76
C VAL A 56 -1.39 -5.97 -2.10
N GLU A 57 -1.23 -5.97 -0.81
CA GLU A 57 -0.72 -7.19 -0.11
C GLU A 57 -1.45 -8.43 -0.64
N LYS A 58 -2.72 -8.31 -0.88
CA LYS A 58 -3.49 -9.47 -1.37
C LYS A 58 -3.19 -9.72 -2.86
N LEU A 59 -2.85 -8.70 -3.59
CA LEU A 59 -2.55 -8.89 -5.03
C LEU A 59 -1.36 -9.83 -5.17
N ASP A 60 -0.22 -9.41 -4.72
CA ASP A 60 1.01 -10.25 -4.76
C ASP A 60 1.56 -10.29 -6.17
N VAL A 61 2.22 -9.24 -6.55
CA VAL A 61 2.80 -9.17 -7.91
C VAL A 61 3.62 -7.88 -8.02
N LYS A 62 4.87 -7.99 -8.43
CA LYS A 62 5.72 -6.78 -8.55
C LYS A 62 5.17 -5.85 -9.64
N LYS A 63 3.87 -5.73 -9.74
CA LYS A 63 3.28 -4.83 -10.77
C LYS A 63 3.39 -3.38 -10.29
N ASP A 64 3.29 -2.45 -11.18
CA ASP A 64 3.40 -1.02 -10.77
C ASP A 64 2.21 -0.65 -9.90
N TRP A 65 2.38 -0.76 -8.61
CA TRP A 65 1.29 -0.41 -7.68
C TRP A 65 1.29 1.10 -7.43
N SER A 66 2.45 1.64 -7.17
CA SER A 66 2.57 3.11 -6.89
C SER A 66 1.71 3.91 -7.85
N ASP A 67 1.90 3.72 -9.12
CA ASP A 67 1.10 4.48 -10.13
C ASP A 67 -0.39 4.37 -9.81
N HIS A 68 -0.80 3.35 -9.10
CA HIS A 68 -2.25 3.17 -8.78
C HIS A 68 -2.62 3.84 -7.46
N ALA A 69 -3.90 4.09 -7.30
CA ALA A 69 -4.42 4.74 -6.07
C ALA A 69 -5.95 4.58 -6.07
N LEU A 70 -6.62 4.89 -4.98
CA LEU A 70 -8.11 4.73 -4.96
C LEU A 70 -8.79 6.04 -5.35
N TRP A 71 -9.91 5.94 -6.02
CA TRP A 71 -10.66 7.16 -6.46
C TRP A 71 -12.14 6.99 -6.03
N TRP A 72 -12.83 8.07 -5.78
CA TRP A 72 -14.26 7.97 -5.33
C TRP A 72 -15.16 8.50 -6.46
N GLU A 73 -15.64 7.64 -7.31
CA GLU A 73 -16.51 8.11 -8.43
C GLU A 73 -17.70 8.91 -7.90
N LYS A 74 -18.09 8.70 -6.68
CA LYS A 74 -19.23 9.52 -6.17
C LYS A 74 -18.72 10.95 -6.08
N LYS A 75 -17.44 11.09 -6.24
CA LYS A 75 -16.79 12.42 -6.17
C LYS A 75 -15.83 12.59 -7.35
N ARG A 76 -15.57 11.53 -8.07
CA ARG A 76 -14.62 11.61 -9.21
C ARG A 76 -13.33 12.25 -8.68
N THR A 77 -12.88 11.79 -7.55
CA THR A 77 -11.65 12.37 -6.92
C THR A 77 -10.53 11.33 -6.92
N TRP A 78 -9.47 11.66 -6.24
CA TRP A 78 -8.32 10.73 -6.10
C TRP A 78 -8.09 10.62 -4.60
N LEU A 79 -8.50 9.55 -4.02
CA LEU A 79 -8.38 9.44 -2.55
C LEU A 79 -6.92 9.49 -2.12
N LEU A 80 -6.44 10.69 -1.92
CA LEU A 80 -5.04 10.92 -1.45
C LEU A 80 -5.12 11.71 -0.14
N LYS A 81 -6.31 11.85 0.39
CA LYS A 81 -6.51 12.61 1.66
C LYS A 81 -6.10 11.74 2.85
N THR A 82 -4.91 11.22 2.87
CA THR A 82 -4.47 10.38 4.02
C THR A 82 -4.55 11.23 5.29
N HIS A 83 -4.84 12.49 5.14
CA HIS A 83 -4.91 13.40 6.33
C HIS A 83 -5.97 12.93 7.32
N TRP A 84 -7.12 12.47 6.84
CA TRP A 84 -8.20 12.00 7.75
C TRP A 84 -8.53 10.52 7.46
N THR A 85 -9.68 10.02 7.89
CA THR A 85 -10.02 8.59 7.65
C THR A 85 -11.33 8.48 6.84
N LEU A 86 -11.89 7.31 6.84
CA LEU A 86 -13.16 7.07 6.10
C LEU A 86 -14.28 7.76 6.84
N ASP A 87 -14.46 7.38 8.08
CA ASP A 87 -15.52 7.98 8.93
C ASP A 87 -15.48 9.49 8.81
N LYS A 88 -14.33 10.04 9.01
CA LYS A 88 -14.19 11.52 8.94
C LYS A 88 -14.89 12.04 7.70
N TYR A 89 -14.55 11.52 6.56
CA TYR A 89 -15.19 11.98 5.31
C TYR A 89 -16.64 11.48 5.28
N GLY A 90 -16.86 10.25 5.63
CA GLY A 90 -18.25 9.67 5.62
C GLY A 90 -18.27 8.44 4.74
N ILE A 91 -17.12 8.05 4.24
CA ILE A 91 -17.05 6.85 3.36
C ILE A 91 -17.50 5.62 4.15
N GLN A 92 -17.86 4.57 3.47
CA GLN A 92 -18.32 3.34 4.17
C GLN A 92 -18.49 2.22 3.14
N ALA A 93 -19.22 1.20 3.50
CA ALA A 93 -19.43 0.06 2.56
C ALA A 93 -20.39 0.49 1.46
N ASP A 94 -21.20 1.48 1.73
CA ASP A 94 -22.16 1.93 0.69
C ASP A 94 -21.38 2.72 -0.35
N ALA A 95 -20.16 3.05 -0.06
CA ALA A 95 -19.32 3.81 -1.01
C ALA A 95 -18.40 2.83 -1.73
N LYS A 96 -18.58 2.63 -3.02
CA LYS A 96 -17.71 1.67 -3.76
C LYS A 96 -16.55 2.41 -4.41
N LEU A 97 -15.36 2.08 -4.00
CA LEU A 97 -14.15 2.74 -4.57
C LEU A 97 -13.61 1.91 -5.73
N GLN A 98 -12.59 2.39 -6.37
CA GLN A 98 -11.98 1.66 -7.53
C GLN A 98 -10.46 1.70 -7.36
N PHE A 99 -9.76 0.82 -8.03
CA PHE A 99 -8.25 0.83 -7.96
C PHE A 99 -7.74 1.04 -9.38
N THR A 100 -7.53 2.28 -9.75
CA THR A 100 -7.07 2.61 -11.14
C THR A 100 -5.62 3.11 -11.12
N PRO A 101 -4.96 3.09 -12.26
CA PRO A 101 -3.55 3.57 -12.39
C PRO A 101 -3.42 5.07 -12.14
N TYR B 8 31.35 -9.16 -15.83
CA TYR B 8 32.44 -10.01 -15.28
C TYR B 8 33.78 -9.28 -15.44
N HIS B 9 33.79 -7.98 -15.29
CA HIS B 9 35.05 -7.21 -15.43
C HIS B 9 36.05 -7.69 -14.37
N GLU B 10 37.13 -6.96 -14.20
CA GLU B 10 38.16 -7.35 -13.19
C GLU B 10 37.94 -6.52 -11.91
N ARG B 11 37.52 -5.29 -12.08
CA ARG B 11 37.28 -4.42 -10.89
C ARG B 11 36.27 -5.10 -9.95
N ARG B 12 36.60 -5.22 -8.70
CA ARG B 12 35.66 -5.86 -7.74
C ARG B 12 34.50 -4.90 -7.45
N GLY B 13 33.97 -4.98 -6.26
CA GLY B 13 32.84 -4.08 -5.88
C GLY B 13 32.35 -4.44 -4.49
N SER B 14 31.19 -5.02 -4.40
CA SER B 14 30.63 -5.41 -3.07
C SER B 14 29.52 -6.43 -3.33
N LEU B 15 29.68 -7.63 -2.88
CA LEU B 15 28.65 -8.66 -3.14
C LEU B 15 27.29 -8.22 -2.61
N CYS B 16 26.25 -8.37 -3.39
CA CYS B 16 24.90 -7.99 -2.89
C CYS B 16 24.41 -9.16 -2.08
N SER B 17 24.45 -9.03 -0.79
CA SER B 17 24.03 -10.12 0.11
C SER B 17 22.68 -10.65 -0.35
N GLY B 18 22.63 -11.93 -0.60
CA GLY B 18 21.38 -12.57 -1.11
C GLY B 18 21.66 -12.96 -2.55
N CYS B 19 22.39 -12.14 -3.24
CA CYS B 19 22.78 -12.43 -4.63
C CYS B 19 24.22 -12.92 -4.60
N GLN B 20 24.99 -12.35 -3.73
CA GLN B 20 26.42 -12.71 -3.62
C GLN B 20 27.09 -12.52 -4.97
N LYS B 21 26.97 -11.32 -5.46
CA LYS B 21 27.58 -10.91 -6.76
C LYS B 21 28.12 -9.47 -6.57
N PRO B 22 29.39 -9.20 -6.78
CA PRO B 22 29.92 -7.83 -6.57
C PRO B 22 29.04 -6.72 -7.14
N ILE B 23 28.83 -5.71 -6.34
CA ILE B 23 28.01 -4.55 -6.75
C ILE B 23 28.95 -3.50 -7.35
N THR B 24 29.07 -3.46 -8.65
CA THR B 24 30.01 -2.48 -9.29
C THR B 24 29.27 -1.25 -9.79
N GLY B 25 29.18 -0.25 -8.95
CA GLY B 25 28.49 1.02 -9.33
C GLY B 25 28.06 1.70 -8.03
N ARG B 26 26.84 1.49 -7.65
CA ARG B 26 26.31 2.06 -6.38
C ARG B 26 26.06 0.89 -5.44
N CYS B 27 26.19 1.08 -4.16
CA CYS B 27 25.94 -0.06 -3.23
C CYS B 27 25.29 0.41 -1.93
N ILE B 28 24.20 -0.21 -1.60
CA ILE B 28 23.49 0.12 -0.34
C ILE B 28 24.02 -0.79 0.74
N THR B 29 24.07 -0.27 1.92
CA THR B 29 24.56 -1.08 3.09
C THR B 29 23.46 -1.15 4.12
N ALA B 30 23.40 -2.25 4.80
CA ALA B 30 22.35 -2.47 5.83
C ALA B 30 23.04 -2.80 7.15
N MET B 31 22.62 -3.86 7.78
CA MET B 31 23.24 -4.26 9.08
C MET B 31 24.69 -4.66 8.85
N ALA B 32 25.26 -4.10 7.82
CA ALA B 32 26.67 -4.38 7.38
C ALA B 32 26.57 -5.18 6.10
N LYS B 33 25.38 -5.60 5.75
CA LYS B 33 25.18 -6.36 4.50
C LYS B 33 25.13 -5.37 3.35
N LYS B 34 25.54 -5.77 2.18
CA LYS B 34 25.48 -4.84 1.01
C LYS B 34 24.21 -5.13 0.24
N PHE B 35 23.88 -4.37 -0.77
CA PHE B 35 22.61 -4.68 -1.47
C PHE B 35 22.56 -4.03 -2.84
N HIS B 36 22.19 -4.80 -3.81
CA HIS B 36 22.03 -4.26 -5.19
C HIS B 36 21.14 -3.00 -5.05
N PRO B 37 21.63 -1.82 -5.29
CA PRO B 37 20.79 -0.59 -5.13
C PRO B 37 19.39 -0.70 -5.73
N GLU B 38 19.07 -1.79 -6.40
CA GLU B 38 17.69 -1.95 -6.98
C GLU B 38 16.98 -3.08 -6.24
N HIS B 39 17.60 -4.20 -6.18
CA HIS B 39 17.03 -5.38 -5.47
C HIS B 39 16.53 -4.94 -4.10
N PHE B 40 16.93 -3.78 -3.67
CA PHE B 40 16.51 -3.25 -2.34
C PHE B 40 15.73 -1.96 -2.56
N VAL B 41 14.72 -2.03 -3.38
CA VAL B 41 13.90 -0.83 -3.66
C VAL B 41 12.73 -0.76 -2.67
N CYS B 42 11.95 0.28 -2.72
CA CYS B 42 10.78 0.38 -1.79
C CYS B 42 9.73 -0.62 -2.21
N ALA B 43 9.05 -1.28 -1.30
CA ALA B 43 8.01 -2.22 -1.79
C ALA B 43 6.68 -1.46 -1.88
N PHE B 44 6.62 -0.65 -2.90
CA PHE B 44 5.38 0.09 -3.31
C PHE B 44 5.62 0.22 -4.80
N CYS B 45 6.71 0.89 -5.09
CA CYS B 45 7.20 1.09 -6.48
C CYS B 45 8.39 0.14 -6.63
N LEU B 46 8.70 -0.28 -7.82
CA LEU B 46 9.83 -1.24 -8.01
C LEU B 46 11.07 -0.54 -8.61
N LYS B 47 11.15 0.78 -8.61
CA LYS B 47 12.36 1.41 -9.29
C LYS B 47 13.46 1.92 -8.35
N GLN B 48 13.20 2.54 -7.21
CA GLN B 48 14.37 2.98 -6.40
C GLN B 48 14.09 3.30 -4.93
N LEU B 49 15.03 2.94 -4.10
CA LEU B 49 14.98 3.27 -2.65
C LEU B 49 16.40 3.70 -2.24
N ASN B 50 16.57 4.26 -1.08
CA ASN B 50 17.94 4.71 -0.65
C ASN B 50 18.06 4.63 0.87
N LYS B 51 19.14 4.08 1.35
CA LYS B 51 19.36 3.98 2.81
C LYS B 51 19.13 5.34 3.45
N GLY B 52 19.17 6.39 2.67
CA GLY B 52 18.96 7.75 3.24
C GLY B 52 17.47 8.05 3.26
N THR B 53 16.73 7.35 2.45
CA THR B 53 15.25 7.56 2.39
C THR B 53 14.56 6.20 2.40
N PHE B 54 15.20 5.21 2.96
CA PHE B 54 14.57 3.85 2.99
C PHE B 54 13.74 3.67 4.26
N LYS B 55 12.45 3.67 4.09
CA LYS B 55 11.52 3.50 5.23
C LYS B 55 11.02 2.05 5.17
N GLU B 56 10.34 1.58 6.18
CA GLU B 56 9.88 0.16 6.15
C GLU B 56 8.60 -0.01 6.96
N GLN B 57 7.89 -1.04 6.63
CA GLN B 57 6.62 -1.37 7.33
C GLN B 57 6.42 -2.88 7.19
N ASN B 58 5.86 -3.52 8.18
CA ASN B 58 5.65 -4.99 8.11
C ASN B 58 6.92 -5.68 7.57
N ASP B 59 8.07 -5.04 7.73
CA ASP B 59 9.37 -5.65 7.27
C ASP B 59 9.58 -5.39 5.78
N LYS B 60 8.63 -4.82 5.12
CA LYS B 60 8.75 -4.58 3.66
C LYS B 60 9.34 -3.17 3.43
N PRO B 61 10.44 -3.02 2.70
CA PRO B 61 11.01 -1.66 2.46
C PRO B 61 9.94 -0.66 1.99
N TYR B 62 10.24 0.61 2.06
CA TYR B 62 9.25 1.65 1.63
C TYR B 62 9.91 3.03 1.59
N CYS B 63 9.59 3.84 0.63
CA CYS B 63 10.16 5.21 0.64
C CYS B 63 9.41 5.96 1.72
N GLN B 64 9.94 6.99 2.27
CA GLN B 64 9.16 7.69 3.30
C GLN B 64 7.88 8.17 2.62
N ASN B 65 8.01 8.94 1.59
CA ASN B 65 6.81 9.44 0.85
C ASN B 65 5.85 8.28 0.62
N CYS B 66 6.39 7.09 0.50
CA CYS B 66 5.53 5.90 0.28
C CYS B 66 4.95 5.47 1.62
N PHE B 67 5.79 5.08 2.56
CA PHE B 67 5.33 4.63 3.91
C PHE B 67 4.48 5.73 4.58
N LEU B 68 5.03 6.90 4.72
CA LEU B 68 4.27 7.99 5.39
C LEU B 68 2.85 8.05 4.81
N LYS B 69 2.73 7.93 3.52
CA LYS B 69 1.38 7.98 2.90
C LYS B 69 0.49 6.87 3.46
N LEU B 70 1.08 5.84 4.01
CA LEU B 70 0.26 4.70 4.56
C LEU B 70 -0.08 4.92 6.03
N PHE B 71 0.89 5.09 6.88
CA PHE B 71 0.59 5.28 8.33
C PHE B 71 0.38 6.76 8.65
N CYS B 72 -0.12 7.53 7.71
CA CYS B 72 -0.37 8.98 7.99
C CYS B 72 -1.55 9.46 7.14
N MET A 8 -26.28 -4.55 24.70
CA MET A 8 -26.75 -3.16 24.51
C MET A 8 -28.24 -3.06 24.90
N ALA A 9 -29.11 -2.81 23.95
CA ALA A 9 -30.56 -2.71 24.27
C ALA A 9 -31.35 -3.19 23.06
N LEU A 10 -31.12 -2.59 21.93
CA LEU A 10 -31.82 -2.98 20.68
C LEU A 10 -31.85 -4.50 20.57
N ASP A 11 -30.80 -5.04 20.03
CA ASP A 11 -30.70 -6.51 19.87
C ASP A 11 -32.02 -7.04 19.30
N GLY A 12 -32.74 -6.20 18.62
CA GLY A 12 -34.03 -6.63 18.02
C GLY A 12 -33.72 -7.67 16.96
N ILE A 13 -32.48 -7.75 16.59
CA ILE A 13 -32.03 -8.72 15.55
C ILE A 13 -31.19 -9.81 16.22
N ARG A 14 -29.89 -9.71 16.16
CA ARG A 14 -29.03 -10.75 16.78
C ARG A 14 -27.69 -10.13 17.21
N MET A 15 -26.66 -10.29 16.41
CA MET A 15 -25.33 -9.71 16.78
C MET A 15 -24.57 -9.23 15.53
N PRO A 16 -24.21 -10.08 14.58
CA PRO A 16 -23.49 -9.61 13.35
C PRO A 16 -24.14 -8.33 12.83
N ASP A 17 -25.42 -8.26 13.02
CA ASP A 17 -26.20 -7.07 12.58
C ASP A 17 -26.80 -6.41 13.83
N GLY A 18 -26.95 -7.17 14.87
CA GLY A 18 -27.53 -6.62 16.13
C GLY A 18 -26.40 -6.09 17.01
N CYS A 19 -25.18 -6.09 16.54
CA CYS A 19 -24.06 -5.57 17.37
C CYS A 19 -22.79 -5.39 16.54
N TYR A 20 -22.64 -6.12 15.46
CA TYR A 20 -21.40 -6.00 14.65
C TYR A 20 -20.22 -6.20 15.57
N ALA A 21 -19.28 -5.30 15.57
CA ALA A 21 -18.11 -5.48 16.47
C ALA A 21 -17.25 -4.22 16.47
N ASP A 22 -17.10 -3.60 15.33
CA ASP A 22 -16.27 -2.36 15.27
C ASP A 22 -16.67 -1.53 14.05
N GLY A 23 -17.73 -1.91 13.39
CA GLY A 23 -18.14 -1.15 12.18
C GLY A 23 -17.30 -1.62 11.01
N THR A 24 -17.08 -2.90 10.91
CA THR A 24 -16.26 -3.43 9.80
C THR A 24 -17.09 -3.51 8.52
N TRP A 25 -16.57 -2.97 7.47
CA TRP A 25 -17.29 -2.99 6.16
C TRP A 25 -16.24 -2.94 5.04
N GLU A 26 -16.41 -3.72 4.00
CA GLU A 26 -15.42 -3.71 2.88
C GLU A 26 -15.82 -2.67 1.84
N LEU A 27 -14.87 -1.88 1.43
CA LEU A 27 -15.13 -0.84 0.40
C LEU A 27 -14.99 -1.53 -0.96
N SER A 28 -15.91 -1.30 -1.84
CA SER A 28 -15.81 -1.95 -3.18
C SER A 28 -14.79 -1.19 -4.02
N VAL A 29 -14.07 -1.88 -4.84
CA VAL A 29 -13.04 -1.20 -5.70
C VAL A 29 -13.08 -1.78 -7.11
N HIS A 30 -13.60 -1.01 -8.02
CA HIS A 30 -13.65 -1.46 -9.44
C HIS A 30 -12.30 -1.16 -10.08
N VAL A 31 -11.47 -2.16 -10.27
CA VAL A 31 -10.15 -1.90 -10.89
C VAL A 31 -10.38 -1.62 -12.38
N THR A 32 -10.22 -0.40 -12.80
CA THR A 32 -10.44 -0.08 -14.24
C THR A 32 -9.18 -0.46 -15.03
N ASP A 33 -8.06 -0.52 -14.37
CA ASP A 33 -6.80 -0.90 -15.08
C ASP A 33 -6.78 -2.42 -15.25
N LEU A 34 -7.72 -3.09 -14.63
CA LEU A 34 -7.79 -4.59 -14.73
C LEU A 34 -9.23 -4.98 -15.10
N ASN A 35 -10.17 -4.10 -14.83
CA ASN A 35 -11.61 -4.38 -15.14
C ASN A 35 -12.19 -5.32 -14.09
N ARG A 36 -11.50 -5.53 -12.99
CA ARG A 36 -12.03 -6.42 -11.94
C ARG A 36 -12.69 -5.60 -10.85
N ASP A 37 -13.17 -6.29 -9.84
CA ASP A 37 -13.80 -5.61 -8.69
C ASP A 37 -13.28 -6.26 -7.43
N VAL A 38 -12.60 -5.50 -6.61
CA VAL A 38 -12.02 -6.05 -5.36
C VAL A 38 -12.66 -5.37 -4.16
N THR A 39 -12.61 -6.02 -3.03
CA THR A 39 -13.21 -5.45 -1.79
C THR A 39 -12.18 -5.59 -0.65
N LEU A 40 -11.94 -4.53 0.06
CA LEU A 40 -10.96 -4.55 1.18
C LEU A 40 -11.70 -4.29 2.49
N ARG A 41 -11.68 -5.23 3.40
CA ARG A 41 -12.36 -4.99 4.68
C ARG A 41 -11.71 -3.79 5.31
N VAL A 42 -12.50 -2.97 5.89
CA VAL A 42 -11.96 -1.74 6.49
C VAL A 42 -12.96 -1.19 7.50
N THR A 43 -12.66 -0.05 8.04
CA THR A 43 -13.57 0.60 9.02
C THR A 43 -13.56 2.08 8.73
N GLY A 44 -14.39 2.83 9.37
CA GLY A 44 -14.40 4.28 9.10
C GLY A 44 -13.28 4.95 9.89
N GLU A 45 -12.09 4.42 9.76
CA GLU A 45 -10.94 4.99 10.48
C GLU A 45 -9.65 4.65 9.71
N VAL A 46 -9.76 3.97 8.59
CA VAL A 46 -8.52 3.64 7.83
C VAL A 46 -8.19 4.82 6.92
N HIS A 47 -6.94 5.01 6.62
CA HIS A 47 -6.56 6.14 5.73
C HIS A 47 -6.64 5.68 4.27
N ILE A 48 -7.06 6.55 3.39
CA ILE A 48 -7.16 6.17 1.94
C ILE A 48 -5.88 5.49 1.51
N GLY A 49 -4.80 6.18 1.68
CA GLY A 49 -3.49 5.62 1.28
C GLY A 49 -3.32 4.27 1.95
N GLY A 50 -4.14 4.01 2.92
CA GLY A 50 -4.06 2.71 3.64
C GLY A 50 -4.72 1.62 2.79
N VAL A 51 -5.62 1.99 1.93
CA VAL A 51 -6.30 0.99 1.06
C VAL A 51 -5.39 0.62 -0.13
N MET A 52 -4.92 1.58 -0.91
CA MET A 52 -4.04 1.20 -2.05
C MET A 52 -2.90 0.33 -1.52
N LEU A 53 -2.61 0.42 -0.25
CA LEU A 53 -1.54 -0.43 0.33
C LEU A 53 -2.05 -1.88 0.39
N LYS A 54 -3.15 -2.10 1.07
CA LYS A 54 -3.71 -3.48 1.18
C LYS A 54 -4.10 -4.02 -0.21
N LEU A 55 -4.86 -3.26 -0.95
CA LEU A 55 -5.32 -3.72 -2.28
C LEU A 55 -4.14 -4.35 -3.07
N VAL A 56 -3.07 -3.65 -3.22
CA VAL A 56 -1.91 -4.22 -3.99
C VAL A 56 -1.33 -5.42 -3.23
N GLU A 57 -1.15 -5.30 -1.94
CA GLU A 57 -0.58 -6.43 -1.15
C GLU A 57 -1.23 -7.75 -1.57
N LYS A 58 -2.50 -7.72 -1.83
CA LYS A 58 -3.19 -8.97 -2.22
C LYS A 58 -2.72 -9.44 -3.60
N LEU A 59 -2.68 -8.57 -4.56
CA LEU A 59 -2.23 -9.00 -5.90
C LEU A 59 -0.74 -9.40 -5.80
N ASP A 60 0.11 -8.46 -5.56
CA ASP A 60 1.56 -8.73 -5.41
C ASP A 60 2.22 -8.88 -6.77
N VAL A 61 2.65 -7.79 -7.31
CA VAL A 61 3.31 -7.84 -8.63
C VAL A 61 3.94 -6.49 -8.92
N LYS A 62 5.10 -6.50 -9.51
CA LYS A 62 5.81 -5.22 -9.81
C LYS A 62 5.07 -4.44 -10.88
N LYS A 63 3.76 -4.48 -10.88
CA LYS A 63 3.02 -3.69 -11.91
C LYS A 63 2.98 -2.23 -11.47
N ASP A 64 3.05 -1.34 -12.42
CA ASP A 64 3.03 0.11 -12.08
C ASP A 64 1.80 0.44 -11.24
N TRP A 65 1.94 0.47 -9.94
CA TRP A 65 0.78 0.80 -9.06
C TRP A 65 0.94 2.20 -8.48
N SER A 66 2.16 2.62 -8.31
CA SER A 66 2.43 3.97 -7.74
C SER A 66 1.50 5.01 -8.38
N ASP A 67 1.32 4.94 -9.66
CA ASP A 67 0.44 5.92 -10.36
C ASP A 67 -1.02 5.58 -10.09
N HIS A 68 -1.29 4.39 -9.61
CA HIS A 68 -2.70 3.99 -9.33
C HIS A 68 -3.13 4.45 -7.94
N ALA A 69 -4.24 5.13 -7.90
CA ALA A 69 -4.78 5.63 -6.60
C ALA A 69 -6.30 5.42 -6.62
N LEU A 70 -6.99 5.73 -5.54
CA LEU A 70 -8.47 5.52 -5.53
C LEU A 70 -9.21 6.80 -5.93
N TRP A 71 -10.30 6.66 -6.63
CA TRP A 71 -11.11 7.84 -7.07
C TRP A 71 -12.57 7.61 -6.64
N TRP A 72 -13.31 8.67 -6.39
CA TRP A 72 -14.74 8.50 -5.94
C TRP A 72 -15.67 8.99 -7.05
N GLU A 73 -16.14 8.10 -7.90
CA GLU A 73 -17.05 8.53 -9.00
C GLU A 73 -18.25 9.28 -8.45
N LYS A 74 -18.62 9.06 -7.23
CA LYS A 74 -19.80 9.81 -6.70
C LYS A 74 -19.35 11.26 -6.60
N LYS A 75 -18.07 11.47 -6.79
CA LYS A 75 -17.48 12.82 -6.69
C LYS A 75 -16.56 13.05 -7.90
N ARG A 76 -16.26 12.01 -8.63
CA ARG A 76 -15.33 12.16 -9.80
C ARG A 76 -14.07 12.85 -9.28
N THR A 77 -13.56 12.38 -8.17
CA THR A 77 -12.34 13.00 -7.56
C THR A 77 -11.20 12.01 -7.58
N TRP A 78 -10.12 12.34 -6.92
CA TRP A 78 -8.97 11.41 -6.82
C TRP A 78 -8.61 11.31 -5.35
N LEU A 79 -9.08 10.30 -4.71
CA LEU A 79 -8.84 10.17 -3.25
C LEU A 79 -7.34 10.10 -2.97
N LEU A 80 -6.74 11.25 -2.88
CA LEU A 80 -5.28 11.35 -2.59
C LEU A 80 -5.10 12.13 -1.28
N LYS A 81 -6.18 12.37 -0.56
CA LYS A 81 -6.09 13.12 0.73
C LYS A 81 -5.92 12.11 1.88
N THR A 82 -4.79 11.47 1.96
CA THR A 82 -4.57 10.49 3.07
C THR A 82 -4.67 11.23 4.41
N HIS A 83 -4.81 12.53 4.35
CA HIS A 83 -4.88 13.34 5.61
C HIS A 83 -6.06 12.92 6.51
N TRP A 84 -7.27 13.03 6.04
CA TRP A 84 -8.45 12.67 6.89
C TRP A 84 -8.79 11.18 6.76
N THR A 85 -10.00 10.78 7.09
CA THR A 85 -10.37 9.33 7.01
C THR A 85 -11.80 9.19 6.45
N LEU A 86 -12.12 7.99 6.05
CA LEU A 86 -13.48 7.67 5.50
C LEU A 86 -14.54 8.43 6.29
N ASP A 87 -14.67 8.10 7.54
CA ASP A 87 -15.69 8.74 8.41
C ASP A 87 -15.68 10.24 8.20
N LYS A 88 -14.52 10.82 8.30
CA LYS A 88 -14.41 12.29 8.13
C LYS A 88 -15.21 12.74 6.92
N TYR A 89 -14.95 12.16 5.79
CA TYR A 89 -15.71 12.55 4.58
C TYR A 89 -17.13 11.98 4.67
N GLY A 90 -17.25 10.74 5.07
CA GLY A 90 -18.60 10.10 5.19
C GLY A 90 -18.66 8.89 4.26
N ILE A 91 -17.54 8.49 3.73
CA ILE A 91 -17.52 7.32 2.82
C ILE A 91 -18.00 6.09 3.57
N GLN A 92 -18.40 5.08 2.87
CA GLN A 92 -18.89 3.85 3.56
C GLN A 92 -18.87 2.67 2.58
N ALA A 93 -19.47 1.59 2.97
CA ALA A 93 -19.51 0.39 2.09
C ALA A 93 -20.42 0.67 0.89
N ASP A 94 -21.29 1.63 1.01
CA ASP A 94 -22.21 1.95 -0.11
C ASP A 94 -21.47 2.79 -1.15
N ALA A 95 -20.29 3.22 -0.82
CA ALA A 95 -19.50 4.05 -1.77
C ALA A 95 -18.60 3.13 -2.59
N LYS A 96 -18.82 3.00 -3.87
CA LYS A 96 -17.95 2.11 -4.70
C LYS A 96 -16.81 2.93 -5.31
N LEU A 97 -15.62 2.61 -4.92
CA LEU A 97 -14.42 3.33 -5.44
C LEU A 97 -13.80 2.53 -6.58
N GLN A 98 -12.78 3.06 -7.17
CA GLN A 98 -12.07 2.37 -8.30
C GLN A 98 -10.58 2.45 -8.01
N PHE A 99 -9.78 1.72 -8.74
CA PHE A 99 -8.30 1.78 -8.52
C PHE A 99 -7.65 1.90 -9.90
N THR A 100 -7.29 3.10 -10.26
CA THR A 100 -6.72 3.35 -11.63
C THR A 100 -5.60 4.40 -11.61
N PRO A 101 -4.79 4.45 -12.66
CA PRO A 101 -3.68 5.45 -12.78
C PRO A 101 -4.17 6.88 -12.52
N TYR B 8 38.07 -14.12 -16.19
CA TYR B 8 38.05 -13.82 -14.73
C TYR B 8 38.41 -12.34 -14.51
N HIS B 9 37.41 -11.49 -14.41
CA HIS B 9 37.68 -10.05 -14.21
C HIS B 9 38.42 -9.86 -12.87
N GLU B 10 38.51 -8.63 -12.42
CA GLU B 10 39.22 -8.36 -11.13
C GLU B 10 38.49 -7.25 -10.36
N ARG B 11 37.42 -6.74 -10.91
CA ARG B 11 36.66 -5.66 -10.20
C ARG B 11 35.66 -6.29 -9.22
N ARG B 12 35.97 -6.26 -7.96
CA ARG B 12 35.04 -6.85 -6.96
C ARG B 12 33.94 -5.84 -6.66
N GLY B 13 33.24 -6.01 -5.56
CA GLY B 13 32.16 -5.05 -5.22
C GLY B 13 31.72 -5.25 -3.77
N SER B 14 30.62 -5.92 -3.56
CA SER B 14 30.12 -6.15 -2.18
C SER B 14 29.01 -7.19 -2.24
N LEU B 15 29.17 -8.30 -1.60
CA LEU B 15 28.11 -9.33 -1.67
C LEU B 15 26.79 -8.78 -1.15
N CYS B 16 25.71 -9.02 -1.85
CA CYS B 16 24.40 -8.52 -1.37
C CYS B 16 23.90 -9.54 -0.36
N SER B 17 24.00 -9.21 0.89
CA SER B 17 23.58 -10.14 1.96
C SER B 17 22.20 -10.68 1.65
N GLY B 18 22.09 -11.98 1.62
CA GLY B 18 20.80 -12.64 1.28
C GLY B 18 20.98 -13.27 -0.08
N CYS B 19 21.74 -12.60 -0.91
CA CYS B 19 22.04 -13.10 -2.26
C CYS B 19 23.47 -13.61 -2.25
N GLN B 20 24.30 -12.95 -1.50
CA GLN B 20 25.73 -13.33 -1.42
C GLN B 20 26.34 -13.37 -2.81
N LYS B 21 26.21 -12.26 -3.47
CA LYS B 21 26.78 -12.08 -4.84
C LYS B 21 27.35 -10.66 -4.90
N PRO B 22 28.61 -10.45 -5.23
CA PRO B 22 29.17 -9.06 -5.25
C PRO B 22 28.27 -8.03 -5.94
N ILE B 23 28.13 -6.91 -5.29
CA ILE B 23 27.30 -5.82 -5.84
C ILE B 23 28.21 -4.89 -6.65
N THR B 24 28.23 -5.06 -7.95
CA THR B 24 29.14 -4.24 -8.81
C THR B 24 28.38 -3.07 -9.45
N GLY B 25 28.37 -1.96 -8.78
CA GLY B 25 27.68 -0.75 -9.30
C GLY B 25 27.35 0.14 -8.11
N ARG B 26 26.15 0.03 -7.61
CA ARG B 26 25.74 0.81 -6.42
C ARG B 26 25.50 -0.20 -5.30
N CYS B 27 25.69 0.19 -4.07
CA CYS B 27 25.47 -0.79 -2.96
C CYS B 27 24.89 -0.12 -1.73
N ILE B 28 23.79 -0.65 -1.26
CA ILE B 28 23.16 -0.12 -0.05
C ILE B 28 23.69 -0.87 1.14
N THR B 29 23.80 -0.19 2.23
CA THR B 29 24.32 -0.80 3.48
C THR B 29 23.26 -0.70 4.56
N ALA B 30 23.22 -1.68 5.41
CA ALA B 30 22.21 -1.71 6.50
C ALA B 30 22.94 -1.84 7.83
N MET B 31 22.54 -2.78 8.62
CA MET B 31 23.19 -2.99 9.95
C MET B 31 24.63 -3.44 9.73
N ALA B 32 25.17 -3.07 8.61
CA ALA B 32 26.55 -3.43 8.16
C ALA B 32 26.39 -4.42 7.02
N LYS B 33 25.18 -4.85 6.79
CA LYS B 33 24.93 -5.81 5.69
C LYS B 33 24.80 -5.02 4.39
N LYS B 34 25.19 -5.60 3.28
CA LYS B 34 25.08 -4.87 1.98
C LYS B 34 23.78 -5.30 1.32
N PHE B 35 23.41 -4.71 0.22
CA PHE B 35 22.12 -5.13 -0.40
C PHE B 35 22.09 -4.70 -1.87
N HIS B 36 21.61 -5.56 -2.73
CA HIS B 36 21.50 -5.18 -4.14
C HIS B 36 20.61 -3.93 -4.15
N PRO B 37 21.08 -2.78 -4.58
CA PRO B 37 20.23 -1.55 -4.57
C PRO B 37 18.81 -1.81 -5.08
N GLU B 38 18.56 -2.98 -5.62
CA GLU B 38 17.19 -3.32 -6.13
C GLU B 38 16.51 -4.30 -5.16
N HIS B 39 17.15 -5.37 -4.86
CA HIS B 39 16.51 -6.36 -3.93
C HIS B 39 16.13 -5.66 -2.63
N PHE B 40 16.50 -4.40 -2.49
CA PHE B 40 16.15 -3.64 -1.26
C PHE B 40 15.43 -2.36 -1.70
N VAL B 41 14.40 -2.52 -2.48
CA VAL B 41 13.62 -1.33 -2.98
C VAL B 41 12.45 -1.07 -2.02
N CYS B 42 11.70 -0.04 -2.28
CA CYS B 42 10.52 0.30 -1.42
C CYS B 42 9.37 -0.61 -1.83
N ALA B 43 8.57 -1.08 -0.90
CA ALA B 43 7.43 -1.95 -1.37
C ALA B 43 6.16 -1.09 -1.54
N PHE B 44 6.15 -0.34 -2.61
CA PHE B 44 4.98 0.47 -3.06
C PHE B 44 5.19 0.57 -4.56
N CYS B 45 6.38 1.05 -4.84
CA CYS B 45 6.91 1.18 -6.22
C CYS B 45 8.25 0.46 -6.19
N LEU B 46 8.21 -0.83 -6.24
CA LEU B 46 9.43 -1.67 -6.13
C LEU B 46 10.54 -1.30 -7.11
N LYS B 47 10.54 -0.13 -7.73
CA LYS B 47 11.65 0.13 -8.71
C LYS B 47 12.92 0.66 -8.00
N GLN B 48 12.83 1.50 -6.99
CA GLN B 48 14.11 1.94 -6.34
C GLN B 48 13.92 2.52 -4.93
N LEU B 49 14.86 2.26 -4.06
CA LEU B 49 14.84 2.84 -2.68
C LEU B 49 16.24 3.32 -2.33
N ASN B 50 16.40 4.02 -1.25
CA ASN B 50 17.76 4.52 -0.85
C ASN B 50 17.85 4.62 0.67
N LYS B 51 18.90 4.10 1.23
CA LYS B 51 19.07 4.16 2.71
C LYS B 51 18.89 5.58 3.20
N GLY B 52 19.01 6.54 2.31
CA GLY B 52 18.86 7.96 2.70
C GLY B 52 17.39 8.33 2.66
N THR B 53 16.62 7.57 1.94
CA THR B 53 15.16 7.84 1.83
C THR B 53 14.40 6.53 2.00
N PHE B 54 14.98 5.58 2.70
CA PHE B 54 14.29 4.28 2.90
C PHE B 54 13.43 4.31 4.17
N LYS B 55 12.15 4.35 3.99
CA LYS B 55 11.19 4.38 5.12
C LYS B 55 10.60 2.97 5.25
N GLU B 56 9.95 2.67 6.33
CA GLU B 56 9.39 1.30 6.50
C GLU B 56 8.16 1.32 7.41
N GLN B 57 7.36 0.33 7.25
CA GLN B 57 6.15 0.17 8.08
C GLN B 57 5.78 -1.30 8.07
N ASN B 58 5.26 -1.82 9.14
CA ASN B 58 4.90 -3.26 9.17
C ASN B 58 6.06 -4.11 8.61
N ASP B 59 7.28 -3.58 8.65
CA ASP B 59 8.48 -4.33 8.15
C ASP B 59 8.60 -4.21 6.63
N LYS B 60 7.63 -3.62 5.99
CA LYS B 60 7.68 -3.50 4.52
C LYS B 60 8.42 -2.20 4.14
N PRO B 61 9.56 -2.26 3.47
CA PRO B 61 10.27 -1.02 3.08
C PRO B 61 9.34 0.00 2.41
N TYR B 62 9.76 1.23 2.30
CA TYR B 62 8.88 2.27 1.67
C TYR B 62 9.67 3.56 1.46
N CYS B 63 9.48 4.23 0.36
CA CYS B 63 10.14 5.56 0.22
C CYS B 63 9.34 6.46 1.13
N GLN B 64 9.92 7.50 1.66
CA GLN B 64 9.11 8.38 2.53
C GLN B 64 7.89 8.82 1.73
N ASN B 65 8.12 9.43 0.60
CA ASN B 65 6.99 9.89 -0.26
C ASN B 65 5.96 8.78 -0.37
N CYS B 66 6.39 7.56 -0.29
CA CYS B 66 5.42 6.43 -0.36
C CYS B 66 4.84 6.19 1.02
N PHE B 67 5.66 5.76 1.96
CA PHE B 67 5.19 5.50 3.35
C PHE B 67 4.28 6.64 3.81
N LEU B 68 4.78 7.83 3.77
CA LEU B 68 4.00 9.00 4.21
C LEU B 68 2.64 8.99 3.51
N LYS B 69 2.62 8.71 2.24
CA LYS B 69 1.30 8.71 1.53
C LYS B 69 0.38 7.59 2.07
N LEU B 70 0.92 6.58 2.71
CA LEU B 70 0.03 5.47 3.20
C LEU B 70 -0.48 5.73 4.64
N PHE B 71 0.40 5.94 5.57
CA PHE B 71 -0.02 6.12 7.00
C PHE B 71 0.00 7.60 7.44
N CYS B 72 -0.23 8.52 6.55
CA CYS B 72 -0.23 9.97 6.97
C CYS B 72 -1.66 10.36 7.36
N MET A 8 -24.40 3.67 12.74
CA MET A 8 -25.52 3.44 13.69
C MET A 8 -25.56 1.97 14.12
N ALA A 9 -26.73 1.43 14.35
CA ALA A 9 -26.83 0.00 14.77
C ALA A 9 -28.16 -0.56 14.26
N LEU A 10 -29.22 0.17 14.47
CA LEU A 10 -30.56 -0.27 14.00
C LEU A 10 -30.45 -0.78 12.57
N ASP A 11 -30.36 0.15 11.68
CA ASP A 11 -30.26 -0.16 10.23
C ASP A 11 -31.51 -0.90 9.78
N GLY A 12 -32.36 -1.26 10.69
CA GLY A 12 -33.63 -1.98 10.33
C GLY A 12 -33.59 -3.36 10.96
N ILE A 13 -32.44 -3.73 11.44
CA ILE A 13 -32.25 -5.07 12.06
C ILE A 13 -31.90 -4.88 13.55
N ARG A 14 -30.68 -5.14 13.97
CA ARG A 14 -30.34 -4.96 15.41
C ARG A 14 -28.83 -4.82 15.58
N MET A 15 -28.11 -5.90 15.87
CA MET A 15 -26.61 -5.78 16.07
C MET A 15 -25.84 -6.84 15.24
N PRO A 16 -26.13 -8.13 15.35
CA PRO A 16 -25.39 -9.14 14.55
C PRO A 16 -25.49 -8.82 13.06
N ASP A 17 -26.56 -8.19 12.69
CA ASP A 17 -26.79 -7.79 11.27
C ASP A 17 -26.90 -6.27 11.23
N GLY A 18 -27.34 -5.69 12.32
CA GLY A 18 -27.48 -4.21 12.38
C GLY A 18 -26.13 -3.58 12.73
N CYS A 19 -25.12 -4.39 12.88
CA CYS A 19 -23.77 -3.85 13.22
C CYS A 19 -22.70 -4.86 12.80
N TYR A 20 -22.98 -6.13 12.94
CA TYR A 20 -22.00 -7.18 12.57
C TYR A 20 -20.97 -7.27 13.69
N ALA A 21 -20.68 -6.17 14.33
CA ALA A 21 -19.69 -6.17 15.43
C ALA A 21 -19.36 -4.73 15.81
N ASP A 22 -19.19 -3.88 14.84
CA ASP A 22 -18.87 -2.47 15.16
C ASP A 22 -19.21 -1.57 13.98
N GLY A 23 -19.88 -2.10 12.99
CA GLY A 23 -20.24 -1.29 11.79
C GLY A 23 -19.27 -1.61 10.67
N THR A 24 -18.88 -2.85 10.57
CA THR A 24 -17.91 -3.25 9.51
C THR A 24 -18.61 -3.27 8.16
N TRP A 25 -18.11 -2.51 7.23
CA TRP A 25 -18.69 -2.45 5.86
C TRP A 25 -17.54 -2.56 4.86
N GLU A 26 -17.60 -3.52 3.96
CA GLU A 26 -16.48 -3.65 2.97
C GLU A 26 -16.65 -2.60 1.89
N LEU A 27 -15.61 -1.86 1.63
CA LEU A 27 -15.69 -0.80 0.58
C LEU A 27 -15.43 -1.47 -0.76
N SER A 28 -16.22 -1.19 -1.74
CA SER A 28 -16.03 -1.82 -3.07
C SER A 28 -14.91 -1.14 -3.81
N VAL A 29 -14.16 -1.89 -4.57
CA VAL A 29 -13.04 -1.30 -5.37
C VAL A 29 -13.07 -1.87 -6.78
N HIS A 30 -13.61 -1.11 -7.69
CA HIS A 30 -13.67 -1.57 -9.10
C HIS A 30 -12.30 -1.37 -9.72
N VAL A 31 -11.55 -2.43 -9.89
CA VAL A 31 -10.20 -2.23 -10.48
C VAL A 31 -10.35 -1.96 -11.97
N THR A 32 -9.93 -0.81 -12.42
CA THR A 32 -10.05 -0.48 -13.86
C THR A 32 -8.85 -1.03 -14.62
N ASP A 33 -7.75 -1.25 -13.96
CA ASP A 33 -6.56 -1.81 -14.66
C ASP A 33 -6.75 -3.33 -14.79
N LEU A 34 -7.76 -3.85 -14.16
CA LEU A 34 -8.04 -5.32 -14.21
C LEU A 34 -9.51 -5.52 -14.59
N ASN A 35 -10.32 -4.53 -14.32
CA ASN A 35 -11.79 -4.60 -14.62
C ASN A 35 -12.47 -5.48 -13.58
N ARG A 36 -11.79 -5.80 -12.51
CA ARG A 36 -12.41 -6.65 -11.47
C ARG A 36 -13.00 -5.76 -10.39
N ASP A 37 -13.54 -6.38 -9.38
CA ASP A 37 -14.12 -5.63 -8.25
C ASP A 37 -13.71 -6.29 -6.96
N VAL A 38 -12.91 -5.61 -6.19
CA VAL A 38 -12.43 -6.17 -4.89
C VAL A 38 -13.12 -5.44 -3.75
N THR A 39 -13.20 -6.07 -2.60
CA THR A 39 -13.86 -5.43 -1.43
C THR A 39 -12.96 -5.59 -0.20
N LEU A 40 -12.86 -4.57 0.61
CA LEU A 40 -11.99 -4.63 1.83
C LEU A 40 -12.84 -4.42 3.07
N ARG A 41 -12.96 -5.44 3.88
CA ARG A 41 -13.75 -5.31 5.13
C ARG A 41 -13.10 -4.25 6.01
N VAL A 42 -13.72 -3.11 6.11
CA VAL A 42 -13.15 -2.00 6.93
C VAL A 42 -14.22 -1.36 7.79
N THR A 43 -13.90 -0.24 8.38
CA THR A 43 -14.88 0.48 9.22
C THR A 43 -14.69 1.97 8.98
N GLY A 44 -15.53 2.80 9.52
CA GLY A 44 -15.37 4.25 9.31
C GLY A 44 -14.29 4.79 10.22
N GLU A 45 -13.19 4.08 10.31
CA GLU A 45 -12.07 4.51 11.17
C GLU A 45 -10.75 4.14 10.49
N VAL A 46 -10.80 3.59 9.30
CA VAL A 46 -9.55 3.20 8.61
C VAL A 46 -9.03 4.36 7.77
N HIS A 47 -7.76 4.63 7.83
CA HIS A 47 -7.20 5.74 7.01
C HIS A 47 -7.04 5.26 5.57
N ILE A 48 -7.18 6.14 4.61
CA ILE A 48 -7.04 5.73 3.18
C ILE A 48 -5.78 4.90 3.02
N GLY A 49 -4.67 5.45 3.39
CA GLY A 49 -3.39 4.71 3.26
C GLY A 49 -3.54 3.37 3.97
N GLY A 50 -4.57 3.25 4.75
CA GLY A 50 -4.81 1.98 5.47
C GLY A 50 -5.50 0.98 4.55
N VAL A 51 -6.22 1.47 3.58
CA VAL A 51 -6.93 0.57 2.63
C VAL A 51 -5.95 0.07 1.55
N MET A 52 -5.29 0.96 0.86
CA MET A 52 -4.32 0.50 -0.18
C MET A 52 -3.40 -0.54 0.43
N LEU A 53 -2.97 -0.35 1.64
CA LEU A 53 -2.07 -1.35 2.29
C LEU A 53 -2.73 -2.74 2.24
N LYS A 54 -3.90 -2.87 2.80
CA LYS A 54 -4.60 -4.18 2.80
C LYS A 54 -4.86 -4.67 1.37
N LEU A 55 -5.56 -3.88 0.59
CA LEU A 55 -5.89 -4.29 -0.80
C LEU A 55 -4.65 -4.87 -1.49
N VAL A 56 -3.51 -4.29 -1.30
CA VAL A 56 -2.28 -4.85 -1.95
C VAL A 56 -1.85 -6.12 -1.22
N GLU A 57 -1.86 -6.09 0.10
CA GLU A 57 -1.45 -7.31 0.86
C GLU A 57 -2.13 -8.54 0.25
N LYS A 58 -3.35 -8.39 -0.16
CA LYS A 58 -4.06 -9.54 -0.79
C LYS A 58 -3.42 -9.86 -2.13
N LEU A 59 -3.36 -8.91 -3.01
CA LEU A 59 -2.74 -9.14 -4.33
C LEU A 59 -1.24 -9.35 -4.13
N ASP A 60 -0.57 -8.31 -3.69
CA ASP A 60 0.91 -8.38 -3.44
C ASP A 60 1.65 -8.30 -4.75
N VAL A 61 1.05 -8.85 -5.74
CA VAL A 61 1.59 -8.85 -7.14
C VAL A 61 2.63 -7.74 -7.34
N LYS A 62 3.73 -8.05 -7.96
CA LYS A 62 4.77 -7.00 -8.17
C LYS A 62 4.29 -5.96 -9.18
N LYS A 63 3.03 -5.64 -9.16
CA LYS A 63 2.50 -4.61 -10.11
C LYS A 63 2.76 -3.23 -9.51
N ASP A 64 2.58 -2.19 -10.27
CA ASP A 64 2.82 -0.82 -9.73
C ASP A 64 1.61 -0.38 -8.91
N TRP A 65 1.82 -0.03 -7.66
CA TRP A 65 0.69 0.40 -6.78
C TRP A 65 0.92 1.85 -6.32
N SER A 66 2.09 2.15 -5.83
CA SER A 66 2.38 3.52 -5.33
C SER A 66 1.86 4.56 -6.32
N ASP A 67 2.28 4.49 -7.55
CA ASP A 67 1.78 5.47 -8.55
C ASP A 67 0.26 5.41 -8.56
N HIS A 68 -0.29 4.25 -8.29
CA HIS A 68 -1.76 4.11 -8.28
C HIS A 68 -2.32 4.52 -6.93
N ALA A 69 -3.62 4.65 -6.86
CA ALA A 69 -4.29 5.04 -5.59
C ALA A 69 -5.80 4.82 -5.79
N LEU A 70 -6.59 5.08 -4.78
CA LEU A 70 -8.07 4.88 -4.94
C LEU A 70 -8.71 6.20 -5.35
N TRP A 71 -9.77 6.15 -6.12
CA TRP A 71 -10.45 7.41 -6.58
C TRP A 71 -11.94 7.31 -6.23
N TRP A 72 -12.59 8.44 -6.01
CA TRP A 72 -14.05 8.43 -5.66
C TRP A 72 -14.84 9.02 -6.83
N GLU A 73 -15.33 8.21 -7.73
CA GLU A 73 -16.09 8.74 -8.90
C GLU A 73 -17.25 9.62 -8.45
N LYS A 74 -17.75 9.44 -7.26
CA LYS A 74 -18.86 10.32 -6.82
C LYS A 74 -18.26 11.72 -6.66
N LYS A 75 -16.96 11.77 -6.75
CA LYS A 75 -16.21 13.06 -6.60
C LYS A 75 -15.19 13.17 -7.71
N ARG A 76 -14.94 12.09 -8.42
CA ARG A 76 -13.91 12.12 -9.49
C ARG A 76 -12.63 12.67 -8.88
N THR A 77 -12.28 12.18 -7.72
CA THR A 77 -11.06 12.66 -7.02
C THR A 77 -10.01 11.57 -6.99
N TRP A 78 -8.94 11.81 -6.29
CA TRP A 78 -7.86 10.80 -6.15
C TRP A 78 -7.61 10.65 -4.65
N LEU A 79 -8.16 9.64 -4.07
CA LEU A 79 -8.02 9.47 -2.60
C LEU A 79 -6.56 9.36 -2.21
N LEU A 80 -5.93 10.50 -2.08
CA LEU A 80 -4.50 10.58 -1.66
C LEU A 80 -4.43 11.29 -0.32
N LYS A 81 -5.58 11.60 0.24
CA LYS A 81 -5.61 12.29 1.56
C LYS A 81 -5.40 11.25 2.67
N THR A 82 -4.20 10.74 2.80
CA THR A 82 -3.95 9.73 3.87
C THR A 82 -4.59 10.17 5.17
N HIS A 83 -4.31 11.36 5.61
CA HIS A 83 -4.92 11.85 6.89
C HIS A 83 -6.43 11.66 6.81
N TRP A 84 -7.13 12.05 7.85
CA TRP A 84 -8.60 11.90 7.86
C TRP A 84 -8.96 10.44 7.61
N THR A 85 -10.22 10.13 7.71
CA THR A 85 -10.69 8.73 7.51
C THR A 85 -11.88 8.72 6.55
N LEU A 86 -12.60 7.64 6.52
CA LEU A 86 -13.78 7.54 5.63
C LEU A 86 -14.85 8.45 6.23
N ASP A 87 -15.21 8.17 7.44
CA ASP A 87 -16.24 8.98 8.15
C ASP A 87 -15.99 10.46 7.89
N LYS A 88 -14.80 10.89 8.15
CA LYS A 88 -14.47 12.33 7.95
C LYS A 88 -15.00 12.78 6.59
N TYR A 89 -14.64 12.09 5.55
CA TYR A 89 -15.12 12.49 4.21
C TYR A 89 -16.61 12.12 4.07
N GLY A 90 -17.00 10.97 4.56
CA GLY A 90 -18.44 10.54 4.47
C GLY A 90 -18.51 9.28 3.62
N ILE A 91 -17.37 8.76 3.25
CA ILE A 91 -17.35 7.54 2.41
C ILE A 91 -18.00 6.38 3.16
N GLN A 92 -18.39 5.36 2.45
CA GLN A 92 -19.04 4.19 3.10
C GLN A 92 -19.21 3.07 2.07
N ALA A 93 -20.04 2.11 2.36
CA ALA A 93 -20.26 0.99 1.39
C ALA A 93 -21.00 1.50 0.16
N ASP A 94 -21.85 2.46 0.34
CA ASP A 94 -22.62 3.01 -0.81
C ASP A 94 -21.66 3.72 -1.74
N ALA A 95 -20.48 3.97 -1.27
CA ALA A 95 -19.47 4.66 -2.11
C ALA A 95 -18.56 3.61 -2.75
N LYS A 96 -18.62 3.46 -4.05
CA LYS A 96 -17.74 2.44 -4.72
C LYS A 96 -16.49 3.11 -5.24
N LEU A 97 -15.37 2.72 -4.71
CA LEU A 97 -14.07 3.29 -5.15
C LEU A 97 -13.49 2.43 -6.27
N GLN A 98 -12.39 2.84 -6.83
CA GLN A 98 -11.74 2.07 -7.93
C GLN A 98 -10.24 2.02 -7.63
N PHE A 99 -9.54 1.10 -8.21
CA PHE A 99 -8.05 1.01 -7.99
C PHE A 99 -7.39 1.20 -9.35
N THR A 100 -6.99 2.42 -9.64
CA THR A 100 -6.36 2.73 -10.97
C THR A 100 -5.13 3.63 -10.78
N PRO A 101 -4.28 3.73 -11.78
CA PRO A 101 -3.06 4.59 -11.74
C PRO A 101 -3.33 5.94 -11.06
N TYR B 8 42.18 -9.43 -9.07
CA TYR B 8 41.86 -8.37 -10.08
C TYR B 8 42.16 -6.99 -9.47
N HIS B 9 41.61 -5.96 -10.05
CA HIS B 9 41.87 -4.60 -9.51
C HIS B 9 41.03 -4.36 -8.25
N GLU B 10 39.75 -4.14 -8.41
CA GLU B 10 38.88 -3.89 -7.22
C GLU B 10 37.41 -4.06 -7.61
N ARG B 11 37.16 -4.69 -8.72
CA ARG B 11 35.76 -4.87 -9.17
C ARG B 11 35.04 -3.53 -9.15
N ARG B 12 35.02 -2.87 -10.27
CA ARG B 12 34.37 -1.53 -10.35
C ARG B 12 33.01 -1.53 -9.63
N GLY B 13 32.21 -2.54 -9.85
CA GLY B 13 30.89 -2.57 -9.18
C GLY B 13 31.01 -3.00 -7.72
N SER B 14 30.14 -3.87 -7.31
CA SER B 14 30.15 -4.38 -5.92
C SER B 14 29.24 -5.60 -5.89
N LEU B 15 29.75 -6.74 -5.55
CA LEU B 15 28.88 -7.95 -5.58
C LEU B 15 27.67 -7.76 -4.68
N CYS B 16 26.50 -8.10 -5.17
CA CYS B 16 25.29 -7.98 -4.33
C CYS B 16 25.24 -9.26 -3.49
N SER B 17 25.58 -9.14 -2.25
CA SER B 17 25.60 -10.34 -1.37
C SER B 17 24.30 -11.09 -1.48
N GLY B 18 24.39 -12.35 -1.77
CA GLY B 18 23.18 -13.19 -1.97
C GLY B 18 23.13 -13.52 -3.45
N CYS B 19 23.55 -12.58 -4.24
CA CYS B 19 23.59 -12.76 -5.70
C CYS B 19 25.05 -12.96 -6.10
N GLN B 20 25.91 -12.26 -5.42
CA GLN B 20 27.36 -12.33 -5.72
C GLN B 20 27.61 -12.00 -7.18
N LYS B 21 27.15 -10.85 -7.55
CA LYS B 21 27.33 -10.33 -8.94
C LYS B 21 27.61 -8.81 -8.81
N PRO B 22 28.71 -8.29 -9.33
CA PRO B 22 29.00 -6.83 -9.19
C PRO B 22 27.81 -5.92 -9.42
N ILE B 23 27.64 -4.98 -8.55
CA ILE B 23 26.53 -4.00 -8.67
C ILE B 23 27.06 -2.78 -9.44
N THR B 24 26.79 -2.72 -10.72
CA THR B 24 27.31 -1.59 -11.54
C THR B 24 26.24 -0.51 -11.77
N GLY B 25 26.21 0.45 -10.90
CA GLY B 25 25.23 1.56 -11.01
C GLY B 25 25.04 2.14 -9.61
N ARG B 26 24.04 1.70 -8.92
CA ARG B 26 23.78 2.15 -7.52
C ARG B 26 24.00 0.94 -6.62
N CYS B 27 24.40 1.15 -5.39
CA CYS B 27 24.61 -0.03 -4.50
C CYS B 27 24.22 0.29 -3.07
N ILE B 28 23.38 -0.54 -2.53
CA ILE B 28 22.93 -0.38 -1.14
C ILE B 28 23.86 -1.18 -0.26
N THR B 29 24.09 -0.69 0.92
CA THR B 29 24.98 -1.39 1.89
C THR B 29 24.16 -1.78 3.11
N ALA B 30 24.50 -2.88 3.69
CA ALA B 30 23.76 -3.39 4.88
C ALA B 30 24.74 -3.57 6.03
N MET B 31 24.71 -4.73 6.63
CA MET B 31 25.62 -5.02 7.77
C MET B 31 27.06 -5.05 7.26
N ALA B 32 27.28 -4.33 6.21
CA ALA B 32 28.61 -4.24 5.51
C ALA B 32 28.45 -4.99 4.20
N LYS B 33 27.34 -5.67 4.03
CA LYS B 33 27.10 -6.39 2.77
C LYS B 33 26.56 -5.41 1.74
N LYS B 34 26.63 -5.75 0.48
CA LYS B 34 26.11 -4.85 -0.58
C LYS B 34 24.76 -5.43 -1.04
N PHE B 35 24.05 -4.75 -1.89
CA PHE B 35 22.74 -5.32 -2.31
C PHE B 35 22.28 -4.68 -3.61
N HIS B 36 21.81 -5.48 -4.52
CA HIS B 36 21.30 -4.90 -5.78
C HIS B 36 20.23 -3.88 -5.36
N PRO B 37 20.39 -2.60 -5.61
CA PRO B 37 19.36 -1.62 -5.18
C PRO B 37 17.95 -2.09 -5.55
N GLU B 38 17.84 -3.15 -6.32
CA GLU B 38 16.51 -3.69 -6.71
C GLU B 38 16.15 -4.89 -5.83
N HIS B 39 17.02 -5.84 -5.73
CA HIS B 39 16.71 -7.03 -4.90
C HIS B 39 16.45 -6.59 -3.45
N PHE B 40 16.60 -5.32 -3.18
CA PHE B 40 16.33 -4.79 -1.82
C PHE B 40 15.46 -3.54 -1.95
N VAL B 41 14.31 -3.70 -2.54
CA VAL B 41 13.37 -2.54 -2.76
C VAL B 41 12.35 -2.44 -1.61
N CYS B 42 11.50 -1.44 -1.66
CA CYS B 42 10.44 -1.26 -0.61
C CYS B 42 9.36 -2.29 -0.86
N ALA B 43 8.72 -2.81 0.16
CA ALA B 43 7.65 -3.81 -0.16
C ALA B 43 6.28 -3.11 -0.18
N PHE B 44 6.05 -2.39 -1.23
CA PHE B 44 4.74 -1.76 -1.53
C PHE B 44 4.76 -1.66 -3.04
N CYS B 45 5.75 -0.91 -3.47
CA CYS B 45 6.05 -0.69 -4.91
C CYS B 45 7.47 -1.25 -5.09
N LEU B 46 7.55 -2.51 -5.28
CA LEU B 46 8.87 -3.21 -5.41
C LEU B 46 9.78 -2.59 -6.47
N LYS B 47 9.56 -1.38 -6.96
CA LYS B 47 10.49 -0.88 -8.03
C LYS B 47 11.77 -0.24 -7.45
N GLN B 48 11.74 0.48 -6.35
CA GLN B 48 13.06 1.03 -5.85
C GLN B 48 13.05 1.47 -4.38
N LEU B 49 14.15 1.21 -3.70
CA LEU B 49 14.34 1.67 -2.30
C LEU B 49 15.78 2.15 -2.12
N ASN B 50 16.08 2.81 -1.04
CA ASN B 50 17.48 3.30 -0.81
C ASN B 50 17.75 3.36 0.70
N LYS B 51 18.89 2.89 1.13
CA LYS B 51 19.21 2.93 2.58
C LYS B 51 19.05 4.36 3.09
N GLY B 52 19.02 5.31 2.20
CA GLY B 52 18.87 6.73 2.61
C GLY B 52 17.39 7.05 2.70
N THR B 53 16.60 6.23 2.07
CA THR B 53 15.11 6.45 2.09
C THR B 53 14.42 5.12 2.35
N PHE B 54 15.09 4.20 2.99
CA PHE B 54 14.47 2.87 3.27
C PHE B 54 13.78 2.90 4.64
N LYS B 55 12.48 2.89 4.61
CA LYS B 55 11.67 2.91 5.86
C LYS B 55 11.10 1.51 6.07
N GLU B 56 10.52 1.23 7.21
CA GLU B 56 9.97 -0.14 7.45
C GLU B 56 8.82 -0.10 8.44
N GLN B 57 8.00 -1.10 8.37
CA GLN B 57 6.84 -1.23 9.27
C GLN B 57 6.49 -2.72 9.29
N ASN B 58 6.02 -3.21 10.39
CA ASN B 58 5.67 -4.66 10.47
C ASN B 58 6.83 -5.50 9.90
N ASP B 59 8.03 -4.95 9.88
CA ASP B 59 9.24 -5.70 9.37
C ASP B 59 9.32 -5.64 7.84
N LYS B 60 8.33 -5.11 7.20
CA LYS B 60 8.34 -5.05 5.72
C LYS B 60 9.00 -3.73 5.27
N PRO B 61 10.08 -3.76 4.50
CA PRO B 61 10.70 -2.48 4.05
C PRO B 61 9.66 -1.52 3.45
N TYR B 62 10.00 -0.27 3.30
CA TYR B 62 9.01 0.70 2.73
C TYR B 62 9.71 2.03 2.44
N CYS B 63 9.40 2.66 1.35
CA CYS B 63 10.00 4.01 1.11
C CYS B 63 9.35 4.93 2.14
N GLN B 64 9.98 5.99 2.53
CA GLN B 64 9.31 6.87 3.50
C GLN B 64 8.02 7.32 2.82
N ASN B 65 8.14 7.92 1.67
CA ASN B 65 6.94 8.37 0.92
C ASN B 65 5.91 7.25 0.91
N CYS B 66 6.36 6.02 0.96
CA CYS B 66 5.41 4.89 0.99
C CYS B 66 4.93 4.69 2.43
N PHE B 67 5.81 4.28 3.28
CA PHE B 67 5.49 4.04 4.72
C PHE B 67 4.68 5.22 5.27
N LEU B 68 5.24 6.38 5.22
CA LEU B 68 4.54 7.57 5.76
C LEU B 68 3.12 7.63 5.18
N LYS B 69 2.96 7.37 3.92
CA LYS B 69 1.60 7.44 3.31
C LYS B 69 0.67 6.39 3.94
N LEU B 70 1.17 5.34 4.52
CA LEU B 70 0.27 4.30 5.11
C LEU B 70 0.03 4.59 6.60
N PHE B 71 1.06 4.91 7.32
CA PHE B 71 0.93 5.20 8.79
C PHE B 71 1.38 6.63 9.10
N CYS B 72 1.18 7.55 8.18
CA CYS B 72 1.61 8.97 8.40
C CYS B 72 1.39 9.38 9.87
N MET A 8 -27.87 4.49 15.55
CA MET A 8 -28.63 5.10 14.43
C MET A 8 -29.89 5.79 14.99
N ALA A 9 -31.01 5.59 14.36
CA ALA A 9 -32.28 6.22 14.85
C ALA A 9 -33.43 5.25 14.63
N LEU A 10 -33.59 4.81 13.41
CA LEU A 10 -34.67 3.83 13.09
C LEU A 10 -34.72 2.75 14.16
N ASP A 11 -33.84 1.82 14.03
CA ASP A 11 -33.76 0.70 15.01
C ASP A 11 -35.14 0.05 15.15
N GLY A 12 -36.03 0.34 14.25
CA GLY A 12 -37.37 -0.30 14.31
C GLY A 12 -37.16 -1.80 14.18
N ILE A 13 -35.97 -2.14 13.80
CA ILE A 13 -35.57 -3.56 13.60
C ILE A 13 -34.52 -3.88 14.67
N ARG A 14 -33.27 -4.02 14.34
CA ARG A 14 -32.26 -4.33 15.36
C ARG A 14 -30.85 -4.27 14.79
N MET A 15 -30.37 -5.36 14.30
CA MET A 15 -28.96 -5.41 13.79
C MET A 15 -28.88 -5.80 12.30
N PRO A 16 -29.47 -6.88 11.86
CA PRO A 16 -29.39 -7.29 10.42
C PRO A 16 -29.98 -6.22 9.51
N ASP A 17 -31.05 -5.63 9.94
CA ASP A 17 -31.71 -4.55 9.16
C ASP A 17 -31.56 -3.25 9.93
N GLY A 18 -31.36 -3.36 11.21
CA GLY A 18 -31.19 -2.15 12.05
C GLY A 18 -29.75 -1.67 11.91
N CYS A 19 -28.94 -2.42 11.20
CA CYS A 19 -27.52 -2.03 11.00
C CYS A 19 -26.84 -2.98 10.02
N TYR A 20 -26.35 -4.10 10.49
CA TYR A 20 -25.67 -5.08 9.60
C TYR A 20 -25.29 -6.30 10.43
N ALA A 21 -24.39 -6.12 11.35
CA ALA A 21 -23.95 -7.25 12.21
C ALA A 21 -23.04 -6.71 13.31
N ASP A 22 -22.07 -5.91 12.94
CA ASP A 22 -21.15 -5.33 13.95
C ASP A 22 -20.73 -3.93 13.50
N GLY A 23 -21.26 -3.46 12.41
CA GLY A 23 -20.89 -2.11 11.91
C GLY A 23 -19.76 -2.25 10.88
N THR A 24 -19.57 -3.45 10.40
CA THR A 24 -18.51 -3.69 9.40
C THR A 24 -19.08 -3.59 7.99
N TRP A 25 -18.54 -2.70 7.21
CA TRP A 25 -19.01 -2.53 5.80
C TRP A 25 -17.78 -2.67 4.89
N GLU A 26 -17.84 -3.57 3.96
CA GLU A 26 -16.68 -3.75 3.03
C GLU A 26 -16.73 -2.68 1.96
N LEU A 27 -15.65 -1.99 1.74
CA LEU A 27 -15.64 -0.94 0.68
C LEU A 27 -15.37 -1.64 -0.64
N SER A 28 -16.15 -1.35 -1.63
CA SER A 28 -15.96 -2.03 -2.95
C SER A 28 -14.79 -1.39 -3.69
N VAL A 29 -14.07 -2.19 -4.43
CA VAL A 29 -12.92 -1.65 -5.21
C VAL A 29 -12.93 -2.26 -6.61
N HIS A 30 -13.30 -1.49 -7.58
CA HIS A 30 -13.32 -2.01 -8.97
C HIS A 30 -11.89 -2.01 -9.47
N VAL A 31 -11.28 -3.16 -9.51
CA VAL A 31 -9.88 -3.22 -9.99
C VAL A 31 -9.90 -2.91 -11.49
N THR A 32 -9.43 -1.75 -11.86
CA THR A 32 -9.46 -1.35 -13.29
C THR A 32 -8.40 -2.08 -14.10
N ASP A 33 -7.15 -1.84 -13.82
CA ASP A 33 -6.06 -2.54 -14.58
C ASP A 33 -6.36 -4.04 -14.69
N LEU A 34 -7.30 -4.51 -13.92
CA LEU A 34 -7.67 -5.97 -13.96
C LEU A 34 -9.08 -6.11 -14.53
N ASN A 35 -9.98 -5.31 -14.02
CA ASN A 35 -11.43 -5.35 -14.42
C ASN A 35 -12.18 -6.16 -13.37
N ARG A 36 -11.55 -6.44 -12.25
CA ARG A 36 -12.21 -7.23 -11.19
C ARG A 36 -12.85 -6.31 -10.19
N ASP A 37 -13.41 -6.89 -9.17
CA ASP A 37 -14.04 -6.10 -8.08
C ASP A 37 -13.68 -6.74 -6.76
N VAL A 38 -12.95 -6.02 -5.95
CA VAL A 38 -12.52 -6.57 -4.63
C VAL A 38 -13.21 -5.79 -3.52
N THR A 39 -13.34 -6.40 -2.38
CA THR A 39 -14.01 -5.73 -1.22
C THR A 39 -13.17 -5.96 0.04
N LEU A 40 -12.94 -4.93 0.81
CA LEU A 40 -12.12 -5.06 2.05
C LEU A 40 -13.03 -4.79 3.26
N ARG A 41 -13.26 -5.79 4.05
CA ARG A 41 -14.12 -5.62 5.25
C ARG A 41 -13.49 -4.58 6.16
N VAL A 42 -14.08 -3.41 6.22
CA VAL A 42 -13.52 -2.32 7.06
C VAL A 42 -14.64 -1.67 7.86
N THR A 43 -14.33 -0.56 8.49
CA THR A 43 -15.33 0.18 9.29
C THR A 43 -15.08 1.66 9.08
N GLY A 44 -15.92 2.51 9.59
CA GLY A 44 -15.69 3.97 9.40
C GLY A 44 -14.64 4.44 10.38
N GLU A 45 -13.56 3.72 10.49
CA GLU A 45 -12.48 4.11 11.43
C GLU A 45 -11.13 3.65 10.84
N VAL A 46 -11.13 3.11 9.65
CA VAL A 46 -9.84 2.66 9.05
C VAL A 46 -9.21 3.79 8.24
N HIS A 47 -7.91 3.89 8.25
CA HIS A 47 -7.24 4.96 7.47
C HIS A 47 -7.06 4.47 6.02
N ILE A 48 -7.13 5.36 5.05
CA ILE A 48 -6.97 4.92 3.63
C ILE A 48 -5.71 4.06 3.54
N GLY A 49 -4.62 4.59 4.00
CA GLY A 49 -3.34 3.82 3.97
C GLY A 49 -3.57 2.49 4.64
N GLY A 50 -4.65 2.38 5.35
CA GLY A 50 -4.98 1.11 6.03
C GLY A 50 -5.52 0.13 5.00
N VAL A 51 -6.16 0.64 3.99
CA VAL A 51 -6.73 -0.23 2.92
C VAL A 51 -5.61 -0.54 1.90
N MET A 52 -4.83 0.45 1.53
CA MET A 52 -3.72 0.19 0.56
C MET A 52 -2.96 -1.05 1.02
N LEU A 53 -2.79 -1.18 2.30
CA LEU A 53 -2.05 -2.36 2.84
C LEU A 53 -2.86 -3.65 2.62
N LYS A 54 -4.03 -3.73 3.21
CA LYS A 54 -4.85 -4.97 3.09
C LYS A 54 -5.07 -5.36 1.62
N LEU A 55 -5.66 -4.49 0.84
CA LEU A 55 -5.94 -4.85 -0.59
C LEU A 55 -4.71 -5.50 -1.21
N VAL A 56 -3.55 -4.96 -0.98
CA VAL A 56 -2.31 -5.56 -1.56
C VAL A 56 -2.00 -6.89 -0.84
N GLU A 57 -2.06 -6.90 0.46
CA GLU A 57 -1.77 -8.17 1.21
C GLU A 57 -2.48 -9.34 0.54
N LYS A 58 -3.67 -9.12 0.05
CA LYS A 58 -4.41 -10.22 -0.62
C LYS A 58 -3.77 -10.54 -1.96
N LEU A 59 -3.23 -9.54 -2.63
CA LEU A 59 -2.57 -9.78 -3.94
C LEU A 59 -1.35 -10.68 -3.71
N ASP A 60 -0.36 -10.17 -3.04
CA ASP A 60 0.85 -10.95 -2.74
C ASP A 60 1.62 -11.26 -4.01
N VAL A 61 2.34 -10.30 -4.50
CA VAL A 61 3.11 -10.52 -5.73
C VAL A 61 4.03 -9.31 -5.97
N LYS A 62 5.16 -9.53 -6.59
CA LYS A 62 6.11 -8.41 -6.84
C LYS A 62 5.48 -7.47 -7.89
N LYS A 63 4.17 -7.33 -7.87
CA LYS A 63 3.51 -6.44 -8.86
C LYS A 63 3.68 -4.98 -8.42
N ASP A 64 3.44 -4.05 -9.30
CA ASP A 64 3.58 -2.63 -8.93
C ASP A 64 2.37 -2.19 -8.12
N TRP A 65 2.44 -2.30 -6.83
CA TRP A 65 1.30 -1.88 -5.99
C TRP A 65 1.21 -0.35 -5.99
N SER A 66 2.29 0.29 -5.69
CA SER A 66 2.30 1.78 -5.66
C SER A 66 1.65 2.33 -6.92
N ASP A 67 1.93 1.75 -8.05
CA ASP A 67 1.33 2.23 -9.32
C ASP A 67 -0.20 2.26 -9.15
N HIS A 68 -0.69 1.78 -8.03
CA HIS A 68 -2.16 1.76 -7.78
C HIS A 68 -2.50 2.61 -6.54
N ALA A 69 -3.74 2.97 -6.42
CA ALA A 69 -4.21 3.78 -5.27
C ALA A 69 -5.74 3.80 -5.33
N LEU A 70 -6.42 4.20 -4.28
CA LEU A 70 -7.92 4.22 -4.36
C LEU A 70 -8.40 5.60 -4.79
N TRP A 71 -9.29 5.63 -5.73
CA TRP A 71 -9.84 6.93 -6.25
C TRP A 71 -11.35 6.95 -6.00
N TRP A 72 -11.91 8.11 -5.76
CA TRP A 72 -13.39 8.19 -5.49
C TRP A 72 -14.06 8.84 -6.70
N GLU A 73 -14.53 8.06 -7.63
CA GLU A 73 -15.18 8.64 -8.85
C GLU A 73 -16.32 9.58 -8.46
N LYS A 74 -16.89 9.42 -7.31
CA LYS A 74 -17.99 10.36 -6.94
C LYS A 74 -17.31 11.72 -6.72
N LYS A 75 -16.01 11.70 -6.73
CA LYS A 75 -15.20 12.93 -6.51
C LYS A 75 -14.09 12.99 -7.57
N ARG A 76 -13.88 11.90 -8.27
CA ARG A 76 -12.79 11.88 -9.28
C ARG A 76 -11.51 12.33 -8.60
N THR A 77 -11.26 11.81 -7.42
CA THR A 77 -10.05 12.21 -6.65
C THR A 77 -9.09 11.04 -6.55
N TRP A 78 -8.04 11.21 -5.78
CA TRP A 78 -7.06 10.12 -5.55
C TRP A 78 -6.90 10.00 -4.05
N LEU A 79 -7.57 9.06 -3.46
CA LEU A 79 -7.52 8.93 -1.98
C LEU A 79 -6.10 8.66 -1.52
N LEU A 80 -5.34 9.72 -1.40
CA LEU A 80 -3.92 9.63 -0.93
C LEU A 80 -3.82 10.42 0.37
N LYS A 81 -4.93 10.87 0.89
CA LYS A 81 -4.92 11.64 2.16
C LYS A 81 -4.92 10.65 3.33
N THR A 82 -3.85 9.92 3.51
CA THR A 82 -3.78 8.94 4.63
C THR A 82 -4.42 9.51 5.89
N HIS A 83 -4.22 10.77 6.14
CA HIS A 83 -4.83 11.40 7.34
C HIS A 83 -6.35 11.24 7.27
N TRP A 84 -7.04 11.57 8.33
CA TRP A 84 -8.52 11.45 8.34
C TRP A 84 -8.91 10.01 8.03
N THR A 85 -10.16 9.70 8.23
CA THR A 85 -10.66 8.31 7.98
C THR A 85 -11.81 8.35 6.96
N LEU A 86 -12.56 7.29 6.87
CA LEU A 86 -13.69 7.24 5.92
C LEU A 86 -14.78 8.17 6.44
N ASP A 87 -15.23 7.89 7.64
CA ASP A 87 -16.29 8.72 8.27
C ASP A 87 -15.99 10.19 8.04
N LYS A 88 -14.80 10.59 8.37
CA LYS A 88 -14.42 12.01 8.18
C LYS A 88 -14.84 12.48 6.79
N TYR A 89 -14.41 11.76 5.79
CA TYR A 89 -14.78 12.15 4.40
C TYR A 89 -16.27 11.89 4.18
N GLY A 90 -16.77 10.77 4.64
CA GLY A 90 -18.22 10.44 4.47
C GLY A 90 -18.32 9.19 3.60
N ILE A 91 -17.19 8.63 3.28
CA ILE A 91 -17.18 7.39 2.44
C ILE A 91 -17.92 6.27 3.18
N GLN A 92 -18.33 5.27 2.46
CA GLN A 92 -19.05 4.14 3.11
C GLN A 92 -19.26 3.02 2.08
N ALA A 93 -20.11 2.09 2.38
CA ALA A 93 -20.38 0.97 1.44
C ALA A 93 -21.10 1.49 0.21
N ASP A 94 -21.77 2.61 0.32
CA ASP A 94 -22.50 3.15 -0.84
C ASP A 94 -21.49 3.82 -1.78
N ALA A 95 -20.28 3.99 -1.31
CA ALA A 95 -19.23 4.63 -2.15
C ALA A 95 -18.33 3.53 -2.74
N LYS A 96 -18.37 3.35 -4.03
CA LYS A 96 -17.51 2.29 -4.67
C LYS A 96 -16.23 2.92 -5.20
N LEU A 97 -15.12 2.50 -4.68
CA LEU A 97 -13.81 3.04 -5.13
C LEU A 97 -13.23 2.12 -6.20
N GLN A 98 -12.11 2.48 -6.74
CA GLN A 98 -11.45 1.64 -7.78
C GLN A 98 -9.97 1.52 -7.40
N PHE A 99 -9.29 0.52 -7.89
CA PHE A 99 -7.84 0.38 -7.58
C PHE A 99 -7.06 0.89 -8.81
N THR A 100 -6.43 2.02 -8.67
CA THR A 100 -5.69 2.60 -9.84
C THR A 100 -4.69 3.65 -9.34
N PRO A 101 -3.68 3.95 -10.12
CA PRO A 101 -2.64 4.95 -9.75
C PRO A 101 -3.27 6.24 -9.21
N TYR B 8 38.23 -5.73 -8.85
CA TYR B 8 39.04 -6.55 -9.78
C TYR B 8 39.41 -5.69 -11.01
N HIS B 9 39.75 -6.32 -12.10
CA HIS B 9 40.12 -5.55 -13.31
C HIS B 9 38.90 -4.80 -13.85
N GLU B 10 38.39 -5.21 -14.98
CA GLU B 10 37.20 -4.52 -15.58
C GLU B 10 36.15 -4.26 -14.48
N ARG B 11 36.16 -5.05 -13.44
CA ARG B 11 35.18 -4.85 -12.34
C ARG B 11 35.67 -3.72 -11.43
N ARG B 12 34.93 -2.66 -11.32
CA ARG B 12 35.34 -1.50 -10.47
C ARG B 12 34.17 -1.06 -9.57
N GLY B 13 32.98 -1.16 -10.07
CA GLY B 13 31.79 -0.72 -9.28
C GLY B 13 31.79 -1.35 -7.88
N SER B 14 30.86 -2.23 -7.63
CA SER B 14 30.79 -2.88 -6.29
C SER B 14 29.88 -4.10 -6.41
N LEU B 15 30.37 -5.26 -6.17
CA LEU B 15 29.51 -6.46 -6.31
C LEU B 15 28.31 -6.37 -5.38
N CYS B 16 27.14 -6.70 -5.85
CA CYS B 16 25.95 -6.68 -4.98
C CYS B 16 25.94 -8.00 -4.25
N SER B 17 26.33 -7.98 -3.01
CA SER B 17 26.41 -9.25 -2.23
C SER B 17 25.11 -10.00 -2.35
N GLY B 18 25.20 -11.24 -2.73
CA GLY B 18 24.00 -12.09 -2.95
C GLY B 18 23.89 -12.30 -4.45
N CYS B 19 24.27 -11.29 -5.18
CA CYS B 19 24.25 -11.36 -6.66
C CYS B 19 25.70 -11.50 -7.12
N GLN B 20 26.58 -10.84 -6.42
CA GLN B 20 28.02 -10.86 -6.77
C GLN B 20 28.21 -10.41 -8.20
N LYS B 21 27.73 -9.24 -8.46
CA LYS B 21 27.86 -8.59 -9.79
C LYS B 21 28.14 -7.09 -9.56
N PRO B 22 29.21 -6.52 -10.07
CA PRO B 22 29.51 -5.08 -9.81
C PRO B 22 28.31 -4.15 -9.94
N ILE B 23 28.19 -3.26 -9.00
CA ILE B 23 27.08 -2.28 -8.98
C ILE B 23 27.60 -0.99 -9.64
N THR B 24 27.31 -0.79 -10.90
CA THR B 24 27.82 0.42 -11.62
C THR B 24 26.75 1.50 -11.71
N GLY B 25 26.72 2.37 -10.74
CA GLY B 25 25.74 3.48 -10.72
C GLY B 25 25.57 3.91 -9.26
N ARG B 26 24.56 3.40 -8.62
CA ARG B 26 24.31 3.70 -7.19
C ARG B 26 24.56 2.43 -6.41
N CYS B 27 24.96 2.52 -5.17
CA CYS B 27 25.21 1.27 -4.40
C CYS B 27 24.83 1.44 -2.93
N ILE B 28 24.00 0.56 -2.46
CA ILE B 28 23.58 0.60 -1.05
C ILE B 28 24.54 -0.25 -0.26
N THR B 29 24.78 0.13 0.95
CA THR B 29 25.71 -0.63 1.83
C THR B 29 24.95 -1.13 3.04
N ALA B 30 25.33 -2.28 3.51
CA ALA B 30 24.67 -2.89 4.68
C ALA B 30 25.69 -3.16 5.78
N MET B 31 25.71 -4.36 6.27
CA MET B 31 26.67 -4.75 7.33
C MET B 31 28.09 -4.68 6.78
N ALA B 32 28.26 -3.86 5.78
CA ALA B 32 29.55 -3.68 5.04
C ALA B 32 29.37 -4.31 3.68
N LYS B 33 28.27 -5.00 3.50
CA LYS B 33 27.99 -5.62 2.18
C LYS B 33 27.41 -4.56 1.26
N LYS B 34 27.42 -4.80 -0.02
CA LYS B 34 26.85 -3.82 -0.98
C LYS B 34 25.51 -4.37 -1.46
N PHE B 35 24.76 -3.64 -2.23
CA PHE B 35 23.44 -4.19 -2.66
C PHE B 35 22.95 -3.47 -3.91
N HIS B 36 22.48 -4.19 -4.87
CA HIS B 36 21.93 -3.53 -6.07
C HIS B 36 20.85 -2.56 -5.56
N PRO B 37 21.02 -1.26 -5.68
CA PRO B 37 19.99 -0.34 -5.15
C PRO B 37 18.57 -0.79 -5.55
N GLU B 38 18.49 -1.73 -6.47
CA GLU B 38 17.17 -2.23 -6.93
C GLU B 38 16.78 -3.49 -6.14
N HIS B 39 17.64 -4.44 -6.10
CA HIS B 39 17.32 -5.71 -5.38
C HIS B 39 17.04 -5.41 -3.91
N PHE B 40 17.19 -4.18 -3.50
CA PHE B 40 16.90 -3.79 -2.10
C PHE B 40 15.99 -2.55 -2.12
N VAL B 41 14.86 -2.68 -2.75
CA VAL B 41 13.91 -1.54 -2.89
C VAL B 41 12.85 -1.57 -1.77
N CYS B 42 11.98 -0.59 -1.76
CA CYS B 42 10.89 -0.53 -0.74
C CYS B 42 9.76 -1.43 -1.19
N ALA B 43 9.06 -2.08 -0.28
CA ALA B 43 7.94 -2.93 -0.79
C ALA B 43 6.63 -2.11 -0.76
N PHE B 44 6.52 -1.22 -1.71
CA PHE B 44 5.30 -0.41 -1.97
C PHE B 44 5.42 -0.10 -3.45
N CYS B 45 6.47 0.65 -3.71
CA CYS B 45 6.89 1.03 -5.07
C CYS B 45 8.24 0.33 -5.27
N LEU B 46 8.21 -0.92 -5.57
CA LEU B 46 9.45 -1.74 -5.70
C LEU B 46 10.48 -1.12 -6.67
N LYS B 47 10.39 0.15 -7.06
CA LYS B 47 11.42 0.66 -8.02
C LYS B 47 12.67 1.22 -7.31
N GLN B 48 12.56 1.87 -6.17
CA GLN B 48 13.82 2.37 -5.53
C GLN B 48 13.72 2.66 -4.03
N LEU B 49 14.75 2.31 -3.32
CA LEU B 49 14.84 2.61 -1.86
C LEU B 49 16.26 3.08 -1.55
N ASN B 50 16.49 3.58 -0.36
CA ASN B 50 17.84 4.07 0.02
C ASN B 50 18.06 3.84 1.52
N LYS B 51 19.15 3.26 1.89
CA LYS B 51 19.43 3.01 3.33
C LYS B 51 19.27 4.31 4.11
N GLY B 52 19.28 5.42 3.42
CA GLY B 52 19.13 6.72 4.11
C GLY B 52 17.66 7.05 4.25
N THR B 53 16.85 6.43 3.45
CA THR B 53 15.38 6.67 3.49
C THR B 53 14.66 5.32 3.48
N PHE B 54 15.32 4.30 3.97
CA PHE B 54 14.66 2.96 3.97
C PHE B 54 13.88 2.76 5.27
N LYS B 55 12.59 2.78 5.15
CA LYS B 55 11.69 2.58 6.34
C LYS B 55 11.19 1.14 6.30
N GLU B 56 10.58 0.66 7.34
CA GLU B 56 10.11 -0.75 7.34
C GLU B 56 8.91 -0.93 8.27
N GLN B 57 8.17 -1.95 8.00
CA GLN B 57 6.98 -2.29 8.80
C GLN B 57 6.73 -3.79 8.63
N ASN B 58 6.26 -4.45 9.64
CA ASN B 58 6.02 -5.91 9.52
C ASN B 58 7.21 -6.60 8.82
N ASP B 59 8.37 -5.99 8.88
CA ASP B 59 9.61 -6.59 8.25
C ASP B 59 9.68 -6.26 6.76
N LYS B 60 8.66 -5.66 6.23
CA LYS B 60 8.65 -5.33 4.79
C LYS B 60 9.30 -3.95 4.58
N PRO B 61 10.39 -3.83 3.84
CA PRO B 61 11.00 -2.48 3.62
C PRO B 61 9.96 -1.45 3.18
N TYR B 62 10.29 -0.19 3.23
CA TYR B 62 9.31 0.85 2.82
C TYR B 62 9.97 2.22 2.74
N CYS B 63 9.67 3.00 1.75
CA CYS B 63 10.23 4.38 1.74
C CYS B 63 9.47 5.08 2.84
N GLN B 64 10.00 6.11 3.41
CA GLN B 64 9.23 6.77 4.48
C GLN B 64 7.90 7.23 3.85
N ASN B 65 7.98 8.02 2.82
CA ASN B 65 6.74 8.51 2.15
C ASN B 65 5.78 7.34 1.94
N CYS B 66 6.30 6.16 1.78
CA CYS B 66 5.41 5.00 1.60
C CYS B 66 4.89 4.55 2.96
N PHE B 67 5.76 4.08 3.82
CA PHE B 67 5.34 3.62 5.18
C PHE B 67 4.51 4.70 5.86
N LEU B 68 5.04 5.89 5.99
CA LEU B 68 4.28 6.97 6.67
C LEU B 68 2.86 7.01 6.11
N LYS B 69 2.73 6.80 4.83
CA LYS B 69 1.36 6.83 4.22
C LYS B 69 0.52 5.64 4.71
N LEU B 70 1.13 4.59 5.21
CA LEU B 70 0.33 3.40 5.64
C LEU B 70 -0.07 3.49 7.12
N PHE B 71 0.87 3.62 8.02
CA PHE B 71 0.50 3.68 9.47
C PHE B 71 0.30 5.14 9.91
N CYS B 72 0.97 6.07 9.29
CA CYS B 72 0.82 7.51 9.68
C CYS B 72 0.10 8.26 8.55
N MET A 8 -28.88 4.63 16.79
CA MET A 8 -29.07 5.10 15.39
C MET A 8 -30.49 5.68 15.23
N ALA A 9 -31.25 5.17 14.32
CA ALA A 9 -32.64 5.70 14.11
C ALA A 9 -33.52 4.59 13.55
N LEU A 10 -33.09 4.00 12.47
CA LEU A 10 -33.86 2.91 11.85
C LEU A 10 -34.32 1.93 12.91
N ASP A 11 -33.43 1.05 13.31
CA ASP A 11 -33.80 0.03 14.32
C ASP A 11 -35.10 -0.63 13.87
N GLY A 12 -35.42 -0.48 12.62
CA GLY A 12 -36.66 -1.09 12.08
C GLY A 12 -36.47 -2.59 12.01
N ILE A 13 -35.27 -3.01 12.26
CA ILE A 13 -34.92 -4.46 12.21
C ILE A 13 -34.53 -4.93 13.62
N ARG A 14 -33.26 -5.13 13.89
CA ARG A 14 -32.85 -5.60 15.24
C ARG A 14 -31.43 -5.11 15.55
N MET A 15 -30.43 -5.93 15.33
CA MET A 15 -29.03 -5.50 15.63
C MET A 15 -28.05 -6.05 14.56
N PRO A 16 -27.89 -7.35 14.37
CA PRO A 16 -26.97 -7.87 13.31
C PRO A 16 -27.20 -7.09 12.02
N ASP A 17 -28.41 -6.64 11.86
CA ASP A 17 -28.79 -5.85 10.65
C ASP A 17 -29.26 -4.47 11.12
N GLY A 18 -29.70 -4.38 12.35
CA GLY A 18 -30.18 -3.08 12.90
C GLY A 18 -29.00 -2.34 13.54
N CYS A 19 -27.84 -2.92 13.54
CA CYS A 19 -26.67 -2.24 14.16
C CYS A 19 -25.35 -2.97 13.83
N TYR A 20 -25.42 -4.13 13.21
CA TYR A 20 -24.19 -4.89 12.87
C TYR A 20 -23.55 -5.39 14.16
N ALA A 21 -22.83 -4.55 14.86
CA ALA A 21 -22.19 -4.99 16.13
C ALA A 21 -21.15 -3.95 16.54
N ASP A 22 -20.42 -3.42 15.60
CA ASP A 22 -19.38 -2.40 15.94
C ASP A 22 -19.37 -1.31 14.87
N GLY A 23 -20.20 -1.43 13.88
CA GLY A 23 -20.24 -0.40 12.79
C GLY A 23 -19.23 -0.78 11.71
N THR A 24 -19.02 -2.05 11.51
CA THR A 24 -18.06 -2.51 10.47
C THR A 24 -18.76 -2.57 9.12
N TRP A 25 -18.24 -1.85 8.17
CA TRP A 25 -18.83 -1.84 6.80
C TRP A 25 -17.70 -2.06 5.80
N GLU A 26 -17.79 -3.07 4.98
CA GLU A 26 -16.72 -3.30 3.98
C GLU A 26 -16.88 -2.33 2.83
N LEU A 27 -15.83 -1.64 2.46
CA LEU A 27 -15.95 -0.68 1.35
C LEU A 27 -15.78 -1.47 0.06
N SER A 28 -16.65 -1.27 -0.89
CA SER A 28 -16.54 -2.02 -2.16
C SER A 28 -15.44 -1.41 -3.01
N VAL A 29 -14.75 -2.22 -3.75
CA VAL A 29 -13.67 -1.68 -4.64
C VAL A 29 -13.70 -2.39 -5.97
N HIS A 30 -14.01 -1.67 -7.00
CA HIS A 30 -14.05 -2.25 -8.36
C HIS A 30 -12.64 -2.17 -8.94
N VAL A 31 -11.92 -3.26 -8.97
CA VAL A 31 -10.55 -3.21 -9.53
C VAL A 31 -10.69 -3.04 -11.04
N THR A 32 -10.55 -1.85 -11.53
CA THR A 32 -10.69 -1.60 -12.99
C THR A 32 -9.48 -2.13 -13.74
N ASP A 33 -8.30 -1.99 -13.18
CA ASP A 33 -7.08 -2.50 -13.87
C ASP A 33 -7.07 -4.02 -13.75
N LEU A 34 -8.20 -4.60 -13.46
CA LEU A 34 -8.29 -6.08 -13.32
C LEU A 34 -9.71 -6.53 -13.68
N ASN A 35 -10.68 -5.69 -13.42
CA ASN A 35 -12.11 -6.02 -13.72
C ASN A 35 -12.72 -6.81 -12.56
N ARG A 36 -12.08 -6.85 -11.42
CA ARG A 36 -12.65 -7.60 -10.28
C ARG A 36 -13.36 -6.66 -9.33
N ASP A 37 -13.86 -7.20 -8.27
CA ASP A 37 -14.55 -6.39 -7.24
C ASP A 37 -14.12 -6.91 -5.88
N VAL A 38 -13.49 -6.09 -5.10
CA VAL A 38 -13.00 -6.52 -3.76
C VAL A 38 -13.67 -5.71 -2.67
N THR A 39 -13.71 -6.23 -1.48
CA THR A 39 -14.35 -5.52 -0.33
C THR A 39 -13.41 -5.63 0.88
N LEU A 40 -13.20 -4.55 1.57
CA LEU A 40 -12.29 -4.56 2.76
C LEU A 40 -13.09 -4.23 4.02
N ARG A 41 -13.24 -5.19 4.90
CA ARG A 41 -13.99 -4.95 6.15
C ARG A 41 -13.28 -3.85 6.92
N VAL A 42 -13.83 -2.66 6.90
CA VAL A 42 -13.19 -1.51 7.61
C VAL A 42 -14.24 -0.71 8.37
N THR A 43 -13.84 0.42 8.87
CA THR A 43 -14.77 1.30 9.62
C THR A 43 -14.41 2.75 9.27
N GLY A 44 -15.15 3.68 9.77
CA GLY A 44 -14.85 5.10 9.47
C GLY A 44 -13.71 5.57 10.38
N GLU A 45 -12.69 4.77 10.48
CA GLU A 45 -11.52 5.16 11.32
C GLU A 45 -10.25 4.63 10.66
N VAL A 46 -10.37 3.97 9.53
CA VAL A 46 -9.15 3.44 8.85
C VAL A 46 -8.59 4.50 7.92
N HIS A 47 -7.31 4.70 7.96
CA HIS A 47 -6.70 5.72 7.06
C HIS A 47 -6.78 5.22 5.61
N ILE A 48 -7.09 6.08 4.68
CA ILE A 48 -7.19 5.63 3.26
C ILE A 48 -5.95 4.79 2.91
N GLY A 49 -4.80 5.37 3.05
CA GLY A 49 -3.57 4.63 2.74
C GLY A 49 -3.56 3.35 3.55
N GLY A 50 -4.43 3.27 4.51
CA GLY A 50 -4.52 2.04 5.35
C GLY A 50 -5.17 0.94 4.53
N VAL A 51 -5.95 1.34 3.55
CA VAL A 51 -6.63 0.36 2.68
C VAL A 51 -5.65 -0.05 1.57
N MET A 52 -4.87 0.89 1.08
CA MET A 52 -3.87 0.54 0.02
C MET A 52 -3.10 -0.69 0.49
N LEU A 53 -2.83 -0.76 1.76
CA LEU A 53 -2.07 -1.93 2.29
C LEU A 53 -2.94 -3.19 2.33
N LYS A 54 -4.02 -3.17 3.06
CA LYS A 54 -4.90 -4.38 3.17
C LYS A 54 -5.31 -4.88 1.78
N LEU A 55 -6.01 -4.06 1.03
CA LEU A 55 -6.46 -4.48 -0.33
C LEU A 55 -5.27 -5.06 -1.10
N VAL A 56 -4.09 -4.53 -0.89
CA VAL A 56 -2.89 -5.05 -1.60
C VAL A 56 -2.51 -6.40 -1.00
N GLU A 57 -2.44 -6.48 0.31
CA GLU A 57 -2.07 -7.76 0.97
C GLU A 57 -2.83 -8.92 0.32
N LYS A 58 -4.06 -8.68 -0.04
CA LYS A 58 -4.88 -9.74 -0.67
C LYS A 58 -4.38 -10.02 -2.09
N LEU A 59 -3.93 -9.02 -2.79
CA LEU A 59 -3.44 -9.22 -4.17
C LEU A 59 -2.25 -10.19 -4.13
N ASP A 60 -1.18 -9.78 -3.49
CA ASP A 60 0.03 -10.64 -3.40
C ASP A 60 0.70 -10.76 -4.75
N VAL A 61 1.42 -9.75 -5.13
CA VAL A 61 2.09 -9.76 -6.45
C VAL A 61 3.04 -8.57 -6.57
N LYS A 62 4.12 -8.74 -7.28
CA LYS A 62 5.09 -7.63 -7.47
C LYS A 62 4.45 -6.55 -8.35
N LYS A 63 3.17 -6.35 -8.22
CA LYS A 63 2.49 -5.31 -9.05
C LYS A 63 2.79 -3.94 -8.46
N ASP A 64 2.73 -2.92 -9.26
CA ASP A 64 3.01 -1.56 -8.75
C ASP A 64 1.88 -1.15 -7.81
N TRP A 65 2.10 -1.31 -6.54
CA TRP A 65 1.06 -0.95 -5.54
C TRP A 65 1.07 0.55 -5.29
N SER A 66 2.22 1.14 -5.12
CA SER A 66 2.28 2.61 -4.85
C SER A 66 1.57 3.39 -5.96
N ASP A 67 1.99 3.21 -7.19
CA ASP A 67 1.33 3.94 -8.30
C ASP A 67 -0.18 3.78 -8.20
N HIS A 68 -0.61 2.72 -7.56
CA HIS A 68 -2.07 2.48 -7.41
C HIS A 68 -2.64 3.45 -6.38
N ALA A 69 -3.87 3.81 -6.57
CA ALA A 69 -4.55 4.74 -5.64
C ALA A 69 -6.06 4.60 -5.84
N LEU A 70 -6.84 4.86 -4.84
CA LEU A 70 -8.32 4.71 -4.99
C LEU A 70 -8.94 6.06 -5.36
N TRP A 71 -9.93 6.05 -6.21
CA TRP A 71 -10.62 7.32 -6.63
C TRP A 71 -12.13 7.16 -6.40
N TRP A 72 -12.77 8.17 -5.87
CA TRP A 72 -14.24 8.09 -5.59
C TRP A 72 -15.02 8.71 -6.76
N GLU A 73 -15.36 7.94 -7.75
CA GLU A 73 -16.09 8.51 -8.92
C GLU A 73 -17.34 9.26 -8.46
N LYS A 74 -17.87 8.95 -7.31
CA LYS A 74 -19.06 9.72 -6.87
C LYS A 74 -18.59 11.15 -6.68
N LYS A 75 -17.29 11.31 -6.72
CA LYS A 75 -16.65 12.64 -6.54
C LYS A 75 -15.57 12.84 -7.61
N ARG A 76 -15.21 11.79 -8.31
CA ARG A 76 -14.13 11.90 -9.32
C ARG A 76 -12.92 12.50 -8.64
N THR A 77 -12.62 12.01 -7.46
CA THR A 77 -11.46 12.55 -6.68
C THR A 77 -10.35 11.52 -6.64
N TRP A 78 -9.32 11.80 -5.89
CA TRP A 78 -8.20 10.84 -5.74
C TRP A 78 -7.97 10.66 -4.24
N LEU A 79 -8.49 9.60 -3.72
CA LEU A 79 -8.40 9.38 -2.26
C LEU A 79 -6.93 9.31 -1.82
N LEU A 80 -6.37 10.48 -1.60
CA LEU A 80 -4.96 10.59 -1.13
C LEU A 80 -4.91 11.34 0.20
N LYS A 81 -6.06 11.63 0.76
CA LYS A 81 -6.08 12.38 2.05
C LYS A 81 -5.77 11.42 3.21
N THR A 82 -4.53 11.02 3.35
CA THR A 82 -4.16 10.08 4.45
C THR A 82 -4.11 10.84 5.78
N HIS A 83 -4.01 12.14 5.74
CA HIS A 83 -3.95 12.93 7.00
C HIS A 83 -5.33 13.03 7.64
N TRP A 84 -6.12 12.00 7.54
CA TRP A 84 -7.48 12.02 8.16
C TRP A 84 -8.13 10.63 7.97
N THR A 85 -9.42 10.51 7.74
CA THR A 85 -10.00 9.15 7.60
C THR A 85 -11.25 9.22 6.71
N LEU A 86 -11.52 8.17 5.99
CA LEU A 86 -12.72 8.17 5.10
C LEU A 86 -13.91 8.84 5.80
N ASP A 87 -14.19 8.48 7.00
CA ASP A 87 -15.30 9.13 7.75
C ASP A 87 -15.21 10.64 7.61
N LYS A 88 -14.00 11.15 7.52
CA LYS A 88 -13.84 12.61 7.39
C LYS A 88 -14.38 12.99 6.02
N TYR A 89 -14.26 12.10 5.09
CA TYR A 89 -14.78 12.38 3.73
C TYR A 89 -16.29 12.14 3.77
N GLY A 90 -16.71 11.01 4.27
CA GLY A 90 -18.20 10.73 4.36
C GLY A 90 -18.50 9.43 3.62
N ILE A 91 -17.46 8.75 3.24
CA ILE A 91 -17.61 7.46 2.52
C ILE A 91 -18.37 6.47 3.40
N GLN A 92 -18.91 5.43 2.82
CA GLN A 92 -19.65 4.42 3.63
C GLN A 92 -19.83 3.15 2.79
N ALA A 93 -20.65 2.25 3.26
CA ALA A 93 -20.87 1.00 2.51
C ALA A 93 -21.61 1.29 1.19
N ASP A 94 -22.30 2.39 1.12
CA ASP A 94 -23.04 2.72 -0.11
C ASP A 94 -22.08 3.42 -1.10
N ALA A 95 -20.87 3.63 -0.67
CA ALA A 95 -19.88 4.30 -1.55
C ALA A 95 -18.97 3.26 -2.20
N LYS A 96 -19.05 3.10 -3.49
CA LYS A 96 -18.19 2.09 -4.19
C LYS A 96 -16.97 2.79 -4.79
N LEU A 97 -15.82 2.45 -4.29
CA LEU A 97 -14.55 3.06 -4.81
C LEU A 97 -13.95 2.12 -5.86
N GLN A 98 -12.88 2.52 -6.48
CA GLN A 98 -12.23 1.67 -7.51
C GLN A 98 -10.72 1.64 -7.25
N PHE A 99 -10.05 0.62 -7.73
CA PHE A 99 -8.57 0.52 -7.54
C PHE A 99 -7.91 0.60 -8.91
N THR A 100 -6.97 1.50 -9.09
CA THR A 100 -6.33 1.61 -10.44
C THR A 100 -4.98 2.33 -10.31
N PRO A 101 -4.11 2.16 -11.29
CA PRO A 101 -2.76 2.80 -11.30
C PRO A 101 -2.85 4.32 -11.07
N TYR B 8 46.33 -5.74 -14.92
CA TYR B 8 45.65 -6.84 -14.18
C TYR B 8 44.88 -6.25 -13.00
N HIS B 9 44.59 -4.98 -13.05
CA HIS B 9 43.85 -4.34 -11.93
C HIS B 9 42.44 -4.96 -11.82
N GLU B 10 41.49 -4.22 -11.32
CA GLU B 10 40.11 -4.76 -11.19
C GLU B 10 39.13 -3.61 -10.96
N ARG B 11 39.03 -3.14 -9.74
CA ARG B 11 38.12 -2.01 -9.41
C ARG B 11 36.80 -2.14 -10.20
N ARG B 12 36.38 -3.35 -10.46
CA ARG B 12 35.11 -3.54 -11.23
C ARG B 12 33.99 -2.75 -10.53
N GLY B 13 33.49 -3.24 -9.43
CA GLY B 13 32.41 -2.51 -8.71
C GLY B 13 32.23 -3.12 -7.32
N SER B 14 31.24 -3.96 -7.17
CA SER B 14 31.00 -4.59 -5.83
C SER B 14 29.97 -5.71 -6.02
N LEU B 15 30.34 -6.92 -5.74
CA LEU B 15 29.38 -8.04 -5.93
C LEU B 15 28.11 -7.80 -5.11
N CYS B 16 26.97 -8.02 -5.70
CA CYS B 16 25.71 -7.84 -4.94
C CYS B 16 25.48 -9.12 -4.18
N SER B 17 25.74 -9.09 -2.91
CA SER B 17 25.59 -10.30 -2.07
C SER B 17 24.22 -10.93 -2.33
N GLY B 18 24.24 -12.19 -2.68
CA GLY B 18 22.98 -12.91 -3.00
C GLY B 18 22.99 -13.15 -4.50
N CYS B 19 23.56 -12.22 -5.21
CA CYS B 19 23.68 -12.34 -6.68
C CYS B 19 25.14 -12.64 -6.99
N GLN B 20 26.00 -12.07 -6.21
CA GLN B 20 27.46 -12.26 -6.42
C GLN B 20 27.83 -11.88 -7.84
N LYS B 21 27.50 -10.67 -8.17
CA LYS B 21 27.83 -10.09 -9.51
C LYS B 21 28.24 -8.62 -9.26
N PRO B 22 29.41 -8.18 -9.68
CA PRO B 22 29.83 -6.77 -9.42
C PRO B 22 28.74 -5.72 -9.67
N ILE B 23 28.60 -4.82 -8.74
CA ILE B 23 27.61 -3.73 -8.85
C ILE B 23 28.31 -2.53 -9.49
N THR B 24 28.15 -2.34 -10.78
CA THR B 24 28.85 -1.20 -11.46
C THR B 24 27.90 -0.01 -11.67
N GLY B 25 27.90 0.87 -10.72
CA GLY B 25 27.03 2.09 -10.80
C GLY B 25 26.80 2.57 -9.37
N ARG B 26 25.70 2.18 -8.80
CA ARG B 26 25.37 2.55 -7.40
C ARG B 26 25.41 1.27 -6.58
N CYS B 27 25.73 1.35 -5.32
CA CYS B 27 25.75 0.10 -4.51
C CYS B 27 25.29 0.36 -3.09
N ILE B 28 24.33 -0.41 -2.66
CA ILE B 28 23.82 -0.28 -1.28
C ILE B 28 24.62 -1.21 -0.40
N THR B 29 24.83 -0.80 0.80
CA THR B 29 25.60 -1.64 1.77
C THR B 29 24.73 -1.94 2.97
N ALA B 30 24.92 -3.09 3.51
CA ALA B 30 24.11 -3.53 4.69
C ALA B 30 25.06 -3.90 5.81
N MET B 31 24.88 -5.07 6.33
CA MET B 31 25.71 -5.59 7.44
C MET B 31 27.15 -5.78 6.93
N ALA B 32 27.49 -4.99 5.96
CA ALA B 32 28.82 -5.03 5.27
C ALA B 32 28.60 -5.70 3.93
N LYS B 33 27.41 -6.23 3.74
CA LYS B 33 27.09 -6.89 2.46
C LYS B 33 26.68 -5.84 1.45
N LYS B 34 26.92 -6.06 0.19
CA LYS B 34 26.53 -5.06 -0.85
C LYS B 34 25.18 -5.47 -1.41
N PHE B 35 24.60 -4.68 -2.26
CA PHE B 35 23.26 -5.07 -2.79
C PHE B 35 22.96 -4.33 -4.08
N HIS B 36 22.49 -5.03 -5.07
CA HIS B 36 22.12 -4.34 -6.33
C HIS B 36 21.12 -3.25 -5.93
N PRO B 37 21.42 -1.98 -6.09
CA PRO B 37 20.47 -0.93 -5.66
C PRO B 37 19.02 -1.24 -6.11
N GLU B 38 18.85 -2.24 -6.94
CA GLU B 38 17.49 -2.61 -7.41
C GLU B 38 16.99 -3.84 -6.65
N HIS B 39 17.76 -4.89 -6.64
CA HIS B 39 17.32 -6.12 -5.92
C HIS B 39 17.00 -5.80 -4.46
N PHE B 40 17.23 -4.58 -4.05
CA PHE B 40 16.91 -4.17 -2.65
C PHE B 40 16.02 -2.93 -2.71
N VAL B 41 14.93 -3.04 -3.41
CA VAL B 41 14.00 -1.88 -3.57
C VAL B 41 12.88 -1.92 -2.51
N CYS B 42 12.03 -0.93 -2.52
CA CYS B 42 10.88 -0.88 -1.56
C CYS B 42 9.80 -1.80 -2.07
N ALA B 43 9.07 -2.47 -1.20
CA ALA B 43 7.99 -3.34 -1.77
C ALA B 43 6.67 -2.57 -1.77
N PHE B 44 6.56 -1.64 -2.67
CA PHE B 44 5.32 -0.86 -2.93
C PHE B 44 5.46 -0.46 -4.39
N CYS B 45 6.65 0.04 -4.64
CA CYS B 45 7.09 0.45 -6.00
C CYS B 45 8.48 -0.17 -6.17
N LEU B 46 8.52 -1.41 -6.51
CA LEU B 46 9.81 -2.14 -6.64
C LEU B 46 10.86 -1.41 -7.53
N LYS B 47 10.71 -0.14 -7.85
CA LYS B 47 11.75 0.46 -8.75
C LYS B 47 12.96 1.01 -7.97
N GLN B 48 12.80 1.61 -6.80
CA GLN B 48 14.04 2.09 -6.10
C GLN B 48 13.89 2.33 -4.60
N LEU B 49 14.90 1.95 -3.86
CA LEU B 49 14.94 2.20 -2.38
C LEU B 49 16.36 2.63 -2.01
N ASN B 50 16.55 3.10 -0.80
CA ASN B 50 17.91 3.52 -0.36
C ASN B 50 18.07 3.20 1.13
N LYS B 51 19.15 2.56 1.50
CA LYS B 51 19.37 2.22 2.92
C LYS B 51 19.23 3.48 3.78
N GLY B 52 19.38 4.62 3.18
CA GLY B 52 19.26 5.89 3.94
C GLY B 52 17.81 6.31 3.99
N THR B 53 17.01 5.75 3.14
CA THR B 53 15.56 6.08 3.10
C THR B 53 14.75 4.80 3.00
N PHE B 54 15.30 3.71 3.48
CA PHE B 54 14.55 2.43 3.42
C PHE B 54 13.69 2.28 4.67
N LYS B 55 12.40 2.37 4.49
CA LYS B 55 11.45 2.24 5.63
C LYS B 55 10.90 0.82 5.60
N GLU B 56 10.32 0.35 6.67
CA GLU B 56 9.81 -1.04 6.68
C GLU B 56 8.67 -1.20 7.66
N GLN B 57 7.87 -2.20 7.43
CA GLN B 57 6.74 -2.51 8.31
C GLN B 57 6.43 -3.99 8.08
N ASN B 58 6.09 -4.71 9.10
CA ASN B 58 5.77 -6.15 8.90
C ASN B 58 6.91 -6.83 8.12
N ASP B 59 8.11 -6.30 8.22
CA ASP B 59 9.30 -6.91 7.51
C ASP B 59 9.32 -6.52 6.03
N LYS B 60 8.31 -5.89 5.54
CA LYS B 60 8.26 -5.51 4.11
C LYS B 60 8.94 -4.15 3.89
N PRO B 61 10.05 -4.07 3.15
CA PRO B 61 10.70 -2.75 2.92
C PRO B 61 9.72 -1.72 2.36
N TYR B 62 10.05 -0.46 2.47
CA TYR B 62 9.13 0.60 1.95
C TYR B 62 9.84 1.96 1.93
N CYS B 63 9.72 2.71 0.87
CA CYS B 63 10.34 4.08 0.91
C CYS B 63 9.56 4.83 1.97
N GLN B 64 10.12 5.82 2.58
CA GLN B 64 9.33 6.54 3.59
C GLN B 64 8.11 7.12 2.84
N ASN B 65 8.37 7.89 1.84
CA ASN B 65 7.27 8.48 1.03
C ASN B 65 6.24 7.40 0.72
N CYS B 66 6.68 6.17 0.61
CA CYS B 66 5.74 5.07 0.31
C CYS B 66 5.05 4.64 1.61
N PHE B 67 5.82 4.19 2.57
CA PHE B 67 5.25 3.74 3.87
C PHE B 67 4.43 4.88 4.51
N LEU B 68 5.01 6.03 4.64
CA LEU B 68 4.27 7.15 5.28
C LEU B 68 2.91 7.30 4.60
N LYS B 69 2.86 7.22 3.30
CA LYS B 69 1.57 7.35 2.59
C LYS B 69 0.56 6.33 3.14
N LEU B 70 1.04 5.27 3.76
CA LEU B 70 0.12 4.22 4.28
C LEU B 70 -0.23 4.46 5.75
N PHE B 71 0.76 4.55 6.61
CA PHE B 71 0.48 4.77 8.07
C PHE B 71 0.54 6.27 8.40
N CYS B 72 0.71 7.11 7.41
CA CYS B 72 0.76 8.57 7.69
C CYS B 72 0.46 9.35 6.40
N MET A 8 -22.40 4.93 18.36
CA MET A 8 -23.46 5.26 19.35
C MET A 8 -23.86 3.99 20.11
N ALA A 9 -25.11 3.60 20.04
CA ALA A 9 -25.53 2.37 20.77
C ALA A 9 -26.85 1.86 20.18
N LEU A 10 -27.80 2.76 20.02
CA LEU A 10 -29.13 2.42 19.43
C LEU A 10 -29.46 0.94 19.58
N ASP A 11 -29.00 0.15 18.66
CA ASP A 11 -29.28 -1.30 18.71
C ASP A 11 -30.79 -1.49 18.89
N GLY A 12 -31.53 -0.47 18.57
CA GLY A 12 -33.01 -0.55 18.69
C GLY A 12 -33.52 -1.48 17.62
N ILE A 13 -32.65 -1.87 16.75
CA ILE A 13 -33.00 -2.77 15.62
C ILE A 13 -32.29 -4.12 15.83
N ARG A 14 -31.32 -4.47 15.03
CA ARG A 14 -30.63 -5.77 15.23
C ARG A 14 -29.26 -5.76 14.56
N MET A 15 -29.15 -6.24 13.33
CA MET A 15 -27.79 -6.26 12.65
C MET A 15 -27.85 -5.66 11.23
N PRO A 16 -28.69 -6.12 10.34
CA PRO A 16 -28.74 -5.55 8.97
C PRO A 16 -28.82 -4.03 9.06
N ASP A 17 -29.22 -3.57 10.21
CA ASP A 17 -29.35 -2.10 10.44
C ASP A 17 -28.91 -1.77 11.87
N GLY A 18 -28.85 -2.75 12.74
CA GLY A 18 -28.46 -2.47 14.16
C GLY A 18 -26.97 -2.72 14.37
N CYS A 19 -26.30 -3.38 13.47
CA CYS A 19 -24.85 -3.64 13.69
C CYS A 19 -24.20 -4.29 12.47
N TYR A 20 -24.92 -5.12 11.76
CA TYR A 20 -24.37 -5.83 10.57
C TYR A 20 -23.69 -7.10 11.05
N ALA A 21 -22.94 -6.99 12.11
CA ALA A 21 -22.23 -8.16 12.70
C ALA A 21 -21.11 -7.63 13.57
N ASP A 22 -20.36 -6.71 13.07
CA ASP A 22 -19.25 -6.11 13.86
C ASP A 22 -18.98 -4.70 13.35
N GLY A 23 -19.80 -4.21 12.47
CA GLY A 23 -19.60 -2.84 11.91
C GLY A 23 -18.58 -2.93 10.78
N THR A 24 -18.32 -4.12 10.33
CA THR A 24 -17.34 -4.32 9.23
C THR A 24 -18.04 -4.27 7.89
N TRP A 25 -17.61 -3.39 7.04
CA TRP A 25 -18.21 -3.26 5.68
C TRP A 25 -17.06 -3.26 4.68
N GLU A 26 -17.06 -4.18 3.75
CA GLU A 26 -15.96 -4.24 2.75
C GLU A 26 -16.20 -3.15 1.71
N LEU A 27 -15.21 -2.34 1.45
CA LEU A 27 -15.39 -1.27 0.43
C LEU A 27 -15.12 -1.90 -0.93
N SER A 28 -15.98 -1.65 -1.88
CA SER A 28 -15.79 -2.26 -3.22
C SER A 28 -14.74 -1.47 -3.99
N VAL A 29 -13.98 -2.17 -4.81
CA VAL A 29 -12.94 -1.48 -5.64
C VAL A 29 -12.99 -2.02 -7.06
N HIS A 30 -13.54 -1.26 -7.95
CA HIS A 30 -13.61 -1.70 -9.38
C HIS A 30 -12.23 -1.47 -9.98
N VAL A 31 -11.47 -2.50 -10.18
CA VAL A 31 -10.12 -2.32 -10.74
C VAL A 31 -10.22 -1.91 -12.21
N THR A 32 -9.89 -0.68 -12.49
CA THR A 32 -9.96 -0.20 -13.89
C THR A 32 -8.72 -0.72 -14.62
N ASP A 33 -8.73 -0.72 -15.92
CA ASP A 33 -7.56 -1.25 -16.68
C ASP A 33 -7.60 -2.78 -16.56
N LEU A 34 -7.85 -3.27 -15.37
CA LEU A 34 -7.94 -4.74 -15.15
C LEU A 34 -9.41 -5.13 -15.31
N ASN A 35 -10.30 -4.26 -14.86
CA ASN A 35 -11.77 -4.52 -14.96
C ASN A 35 -12.22 -5.49 -13.87
N ARG A 36 -11.45 -5.68 -12.84
CA ARG A 36 -11.88 -6.61 -11.77
C ARG A 36 -12.62 -5.85 -10.69
N ASP A 37 -13.03 -6.55 -9.69
CA ASP A 37 -13.72 -5.91 -8.54
C ASP A 37 -13.19 -6.52 -7.26
N VAL A 38 -12.53 -5.73 -6.47
CA VAL A 38 -11.96 -6.23 -5.19
C VAL A 38 -12.71 -5.61 -4.03
N THR A 39 -12.76 -6.31 -2.93
CA THR A 39 -13.46 -5.79 -1.71
C THR A 39 -12.54 -6.02 -0.51
N LEU A 40 -12.35 -5.00 0.28
CA LEU A 40 -11.45 -5.12 1.47
C LEU A 40 -12.28 -4.97 2.74
N ARG A 41 -12.40 -6.01 3.51
CA ARG A 41 -13.17 -5.95 4.77
C ARG A 41 -12.54 -4.88 5.66
N VAL A 42 -13.18 -3.75 5.78
CA VAL A 42 -12.63 -2.64 6.59
C VAL A 42 -13.73 -2.03 7.45
N THR A 43 -13.43 -0.93 8.08
CA THR A 43 -14.42 -0.24 8.94
C THR A 43 -14.25 1.26 8.75
N GLY A 44 -15.09 2.05 9.33
CA GLY A 44 -14.97 3.52 9.19
C GLY A 44 -13.86 4.02 10.11
N GLU A 45 -12.74 3.36 10.09
CA GLU A 45 -11.60 3.77 10.95
C GLU A 45 -10.29 3.47 10.22
N VAL A 46 -10.36 2.86 9.06
CA VAL A 46 -9.10 2.53 8.33
C VAL A 46 -8.67 3.72 7.48
N HIS A 47 -7.46 4.14 7.59
CA HIS A 47 -7.01 5.28 6.76
C HIS A 47 -7.07 4.84 5.30
N ILE A 48 -7.31 5.75 4.39
CA ILE A 48 -7.38 5.37 2.96
C ILE A 48 -6.16 4.55 2.62
N GLY A 49 -5.00 5.07 2.88
CA GLY A 49 -3.76 4.32 2.60
C GLY A 49 -3.85 2.98 3.31
N GLY A 50 -4.78 2.85 4.19
CA GLY A 50 -4.96 1.58 4.91
C GLY A 50 -5.37 0.53 3.90
N VAL A 51 -6.02 0.97 2.84
CA VAL A 51 -6.46 0.05 1.77
C VAL A 51 -5.28 -0.17 0.81
N MET A 52 -4.58 0.88 0.44
CA MET A 52 -3.41 0.73 -0.47
C MET A 52 -2.55 -0.43 0.05
N LEU A 53 -2.45 -0.55 1.34
CA LEU A 53 -1.63 -1.64 1.94
C LEU A 53 -2.27 -3.00 1.67
N LYS A 54 -3.44 -3.24 2.22
CA LYS A 54 -4.12 -4.55 2.03
C LYS A 54 -4.23 -4.90 0.54
N LEU A 55 -4.79 -4.03 -0.26
CA LEU A 55 -4.93 -4.34 -1.72
C LEU A 55 -3.62 -4.93 -2.25
N VAL A 56 -2.53 -4.21 -2.17
CA VAL A 56 -1.23 -4.75 -2.67
C VAL A 56 -0.95 -6.11 -2.03
N GLU A 57 -1.02 -6.18 -0.73
CA GLU A 57 -0.75 -7.48 -0.04
C GLU A 57 -1.45 -8.63 -0.75
N LYS A 58 -2.66 -8.42 -1.20
CA LYS A 58 -3.41 -9.50 -1.88
C LYS A 58 -2.78 -9.84 -3.24
N LEU A 59 -2.66 -8.89 -4.12
CA LEU A 59 -2.07 -9.18 -5.45
C LEU A 59 -0.63 -9.66 -5.27
N ASP A 60 0.22 -8.78 -4.81
CA ASP A 60 1.64 -9.15 -4.58
C ASP A 60 2.37 -9.30 -5.90
N VAL A 61 2.79 -8.21 -6.45
CA VAL A 61 3.49 -8.28 -7.75
C VAL A 61 4.17 -6.94 -8.03
N LYS A 62 5.26 -6.97 -8.76
CA LYS A 62 5.98 -5.70 -9.07
C LYS A 62 5.16 -4.84 -10.01
N LYS A 63 3.85 -4.86 -9.87
CA LYS A 63 3.01 -4.02 -10.76
C LYS A 63 2.97 -2.59 -10.23
N ASP A 64 2.72 -1.64 -11.09
CA ASP A 64 2.68 -0.21 -10.63
C ASP A 64 1.79 -0.08 -9.40
N TRP A 65 2.37 0.23 -8.27
CA TRP A 65 1.60 0.36 -7.01
C TRP A 65 1.84 1.73 -6.38
N SER A 66 2.99 2.30 -6.57
CA SER A 66 3.29 3.64 -5.95
C SER A 66 2.36 4.72 -6.51
N ASP A 67 2.35 4.90 -7.80
CA ASP A 67 1.48 5.97 -8.39
C ASP A 67 0.00 5.59 -8.26
N HIS A 68 -0.28 4.43 -7.75
CA HIS A 68 -1.70 4.00 -7.61
C HIS A 68 -2.38 4.76 -6.48
N ALA A 69 -3.68 4.89 -6.59
CA ALA A 69 -4.47 5.60 -5.56
C ALA A 69 -5.95 5.32 -5.83
N LEU A 70 -6.79 5.40 -4.83
CA LEU A 70 -8.24 5.11 -5.06
C LEU A 70 -8.99 6.40 -5.37
N TRP A 71 -10.02 6.32 -6.18
CA TRP A 71 -10.82 7.53 -6.56
C TRP A 71 -12.31 7.25 -6.28
N TRP A 72 -13.06 8.27 -5.94
CA TRP A 72 -14.51 8.08 -5.63
C TRP A 72 -15.33 8.66 -6.77
N GLU A 73 -15.68 7.88 -7.76
CA GLU A 73 -16.45 8.43 -8.91
C GLU A 73 -17.74 9.10 -8.44
N LYS A 74 -18.25 8.78 -7.29
CA LYS A 74 -19.47 9.49 -6.84
C LYS A 74 -19.06 10.94 -6.64
N LYS A 75 -17.77 11.13 -6.52
CA LYS A 75 -17.19 12.48 -6.29
C LYS A 75 -16.16 12.80 -7.38
N ARG A 76 -15.77 11.80 -8.15
CA ARG A 76 -14.73 12.03 -9.19
C ARG A 76 -13.54 12.68 -8.51
N THR A 77 -13.15 12.13 -7.38
CA THR A 77 -12.00 12.71 -6.61
C THR A 77 -10.84 11.73 -6.61
N TRP A 78 -9.83 12.04 -5.85
CA TRP A 78 -8.65 11.14 -5.72
C TRP A 78 -8.49 10.90 -4.22
N LEU A 79 -8.86 9.76 -3.77
CA LEU A 79 -8.81 9.51 -2.32
C LEU A 79 -7.37 9.58 -1.81
N LEU A 80 -6.93 10.78 -1.53
CA LEU A 80 -5.56 11.01 -0.98
C LEU A 80 -5.71 11.67 0.39
N LYS A 81 -6.94 11.77 0.86
CA LYS A 81 -7.20 12.40 2.18
C LYS A 81 -6.82 11.42 3.29
N THR A 82 -5.81 10.61 3.07
CA THR A 82 -5.40 9.62 4.11
C THR A 82 -5.23 10.35 5.45
N HIS A 83 -5.25 11.65 5.45
CA HIS A 83 -5.09 12.41 6.73
C HIS A 83 -6.13 11.90 7.73
N TRP A 84 -7.38 12.13 7.46
CA TRP A 84 -8.46 11.66 8.40
C TRP A 84 -8.80 10.21 8.05
N THR A 85 -10.04 9.80 8.13
CA THR A 85 -10.42 8.40 7.78
C THR A 85 -11.61 8.46 6.83
N LEU A 86 -11.95 7.36 6.26
CA LEU A 86 -13.08 7.35 5.30
C LEU A 86 -14.36 7.80 6.01
N ASP A 87 -14.66 7.21 7.13
CA ASP A 87 -15.86 7.63 7.90
C ASP A 87 -15.94 9.15 7.93
N LYS A 88 -14.80 9.76 8.01
CA LYS A 88 -14.76 11.25 8.05
C LYS A 88 -15.29 11.75 6.73
N TYR A 89 -14.75 11.26 5.66
CA TYR A 89 -15.23 11.69 4.33
C TYR A 89 -16.72 11.33 4.24
N GLY A 90 -17.08 10.13 4.64
CA GLY A 90 -18.55 9.74 4.60
C GLY A 90 -18.72 8.60 3.61
N ILE A 91 -17.77 7.72 3.58
CA ILE A 91 -17.79 6.56 2.66
C ILE A 91 -18.42 5.36 3.38
N GLN A 92 -18.86 4.37 2.65
CA GLN A 92 -19.47 3.19 3.29
C GLN A 92 -19.55 2.04 2.29
N ALA A 93 -20.30 1.02 2.60
CA ALA A 93 -20.43 -0.13 1.67
C ALA A 93 -21.21 0.29 0.43
N ASP A 94 -21.98 1.35 0.54
CA ASP A 94 -22.77 1.80 -0.63
C ASP A 94 -21.87 2.64 -1.53
N ALA A 95 -20.66 2.89 -1.09
CA ALA A 95 -19.72 3.70 -1.91
C ALA A 95 -18.76 2.76 -2.65
N LYS A 96 -18.84 2.69 -3.95
CA LYS A 96 -17.93 1.79 -4.71
C LYS A 96 -16.75 2.60 -5.25
N LEU A 97 -15.58 2.29 -4.77
CA LEU A 97 -14.36 3.00 -5.22
C LEU A 97 -13.73 2.22 -6.37
N GLN A 98 -12.67 2.75 -6.93
CA GLN A 98 -11.98 2.06 -8.06
C GLN A 98 -10.47 2.12 -7.80
N PHE A 99 -9.72 1.22 -8.40
CA PHE A 99 -8.24 1.26 -8.24
C PHE A 99 -7.66 1.78 -9.57
N THR A 100 -6.77 2.73 -9.52
CA THR A 100 -6.17 3.27 -10.79
C THR A 100 -4.70 3.63 -10.56
N PRO A 101 -3.88 3.57 -11.57
CA PRO A 101 -2.43 3.90 -11.45
C PRO A 101 -2.21 5.41 -11.27
N TYR B 8 38.22 -8.51 -17.62
CA TYR B 8 38.46 -8.99 -16.22
C TYR B 8 39.62 -8.20 -15.60
N HIS B 9 39.71 -6.93 -15.88
CA HIS B 9 40.81 -6.11 -15.31
C HIS B 9 40.61 -5.97 -13.80
N GLU B 10 40.12 -4.84 -13.36
CA GLU B 10 39.90 -4.63 -11.89
C GLU B 10 38.59 -3.87 -11.67
N ARG B 11 37.89 -3.53 -12.73
CA ARG B 11 36.61 -2.79 -12.58
C ARG B 11 35.58 -3.68 -11.89
N ARG B 12 35.79 -3.99 -10.63
CA ARG B 12 34.83 -4.86 -9.90
C ARG B 12 33.65 -4.00 -9.40
N GLY B 13 33.09 -4.36 -8.27
CA GLY B 13 31.95 -3.56 -7.74
C GLY B 13 31.79 -3.84 -6.25
N SER B 14 30.88 -4.71 -5.89
CA SER B 14 30.66 -5.03 -4.46
C SER B 14 29.68 -6.19 -4.37
N LEU B 15 30.06 -7.29 -3.79
CA LEU B 15 29.14 -8.45 -3.72
C LEU B 15 27.87 -8.07 -2.95
N CYS B 16 26.73 -8.43 -3.46
CA CYS B 16 25.47 -8.11 -2.74
C CYS B 16 25.29 -9.22 -1.71
N SER B 17 25.57 -8.91 -0.48
CA SER B 17 25.48 -9.95 0.58
C SER B 17 24.12 -10.63 0.51
N GLY B 18 24.15 -11.92 0.45
CA GLY B 18 22.90 -12.72 0.31
C GLY B 18 22.91 -13.29 -1.10
N CYS B 19 23.44 -12.51 -2.00
CA CYS B 19 23.56 -12.94 -3.42
C CYS B 19 25.02 -13.29 -3.66
N GLN B 20 25.89 -12.53 -3.04
CA GLN B 20 27.35 -12.72 -3.22
C GLN B 20 27.70 -12.66 -4.69
N LYS B 21 27.33 -11.57 -5.28
CA LYS B 21 27.63 -11.29 -6.72
C LYS B 21 28.01 -9.80 -6.83
N PRO B 22 29.17 -9.45 -7.36
CA PRO B 22 29.54 -8.01 -7.44
C PRO B 22 28.43 -7.08 -7.92
N ILE B 23 28.29 -5.98 -7.24
CA ILE B 23 27.28 -4.96 -7.58
C ILE B 23 27.94 -3.92 -8.49
N THR B 24 27.77 -4.03 -9.78
CA THR B 24 28.43 -3.08 -10.72
C THR B 24 27.46 -1.99 -11.17
N GLY B 25 27.44 -0.90 -10.46
CA GLY B 25 26.54 0.24 -10.80
C GLY B 25 26.31 1.03 -9.52
N ARG B 26 25.22 0.76 -8.86
CA ARG B 26 24.92 1.44 -7.57
C ARG B 26 24.98 0.39 -6.49
N CYS B 27 25.31 0.75 -5.28
CA CYS B 27 25.39 -0.27 -4.20
C CYS B 27 24.93 0.28 -2.87
N ILE B 28 24.00 -0.39 -2.26
CA ILE B 28 23.49 0.03 -0.95
C ILE B 28 24.31 -0.66 0.11
N THR B 29 24.51 0.00 1.21
CA THR B 29 25.29 -0.58 2.33
C THR B 29 24.39 -0.70 3.54
N ALA B 30 24.63 -1.71 4.32
CA ALA B 30 23.81 -1.96 5.53
C ALA B 30 24.73 -2.01 6.75
N MET B 31 24.59 -3.04 7.53
CA MET B 31 25.44 -3.20 8.74
C MET B 31 26.89 -3.40 8.33
N ALA B 32 27.21 -2.88 7.18
CA ALA B 32 28.56 -2.99 6.55
C ALA B 32 28.42 -3.93 5.37
N LYS B 33 27.28 -4.55 5.26
CA LYS B 33 27.06 -5.47 4.11
C LYS B 33 26.64 -4.63 2.91
N LYS B 34 26.73 -5.18 1.73
CA LYS B 34 26.32 -4.44 0.50
C LYS B 34 24.98 -5.00 0.06
N PHE B 35 24.36 -4.44 -0.94
CA PHE B 35 23.04 -4.98 -1.34
C PHE B 35 22.69 -4.55 -2.75
N HIS B 36 22.23 -5.47 -3.56
CA HIS B 36 21.82 -5.09 -4.93
C HIS B 36 20.80 -3.95 -4.76
N PRO B 37 21.08 -2.74 -5.19
CA PRO B 37 20.10 -1.64 -5.00
C PRO B 37 18.66 -2.06 -5.34
N GLU B 38 18.49 -3.23 -5.91
CA GLU B 38 17.12 -3.70 -6.27
C GLU B 38 16.66 -4.76 -5.25
N HIS B 39 17.45 -5.77 -5.04
CA HIS B 39 17.04 -6.83 -4.07
C HIS B 39 16.72 -6.19 -2.72
N PHE B 40 16.95 -4.91 -2.59
CA PHE B 40 16.64 -4.20 -1.32
C PHE B 40 15.72 -3.01 -1.64
N VAL B 41 14.64 -3.27 -2.32
CA VAL B 41 13.70 -2.18 -2.70
C VAL B 41 12.59 -2.05 -1.64
N CYS B 42 11.73 -1.07 -1.80
CA CYS B 42 10.60 -0.89 -0.84
C CYS B 42 9.52 -1.89 -1.16
N ALA B 43 8.84 -2.45 -0.18
CA ALA B 43 7.78 -3.43 -0.57
C ALA B 43 6.43 -2.71 -0.62
N PHE B 44 6.25 -1.95 -1.67
CA PHE B 44 4.97 -1.29 -2.01
C PHE B 44 5.07 -1.17 -3.52
N CYS B 45 6.14 -0.50 -3.89
CA CYS B 45 6.53 -0.30 -5.30
C CYS B 45 7.95 -0.87 -5.40
N LEU B 46 8.02 -2.16 -5.47
CA LEU B 46 9.32 -2.88 -5.49
C LEU B 46 10.31 -2.35 -6.55
N LYS B 47 10.14 -1.18 -7.12
CA LYS B 47 11.13 -0.77 -8.17
C LYS B 47 12.39 -0.12 -7.57
N GLN B 48 12.31 0.67 -6.52
CA GLN B 48 13.59 1.22 -5.96
C GLN B 48 13.48 1.75 -4.52
N LEU B 49 14.51 1.55 -3.75
CA LEU B 49 14.58 2.08 -2.35
C LEU B 49 15.99 2.63 -2.09
N ASN B 50 16.17 3.30 -0.98
CA ASN B 50 17.52 3.86 -0.65
C ASN B 50 17.74 3.83 0.86
N LYS B 51 18.91 3.46 1.30
CA LYS B 51 19.20 3.40 2.75
C LYS B 51 18.91 4.76 3.40
N GLY B 52 18.92 5.79 2.62
CA GLY B 52 18.66 7.15 3.17
C GLY B 52 17.17 7.41 3.18
N THR B 53 16.44 6.63 2.44
CA THR B 53 14.96 6.80 2.38
C THR B 53 14.28 5.45 2.59
N PHE B 54 14.96 4.52 3.23
CA PHE B 54 14.34 3.18 3.46
C PHE B 54 13.60 3.19 4.80
N LYS B 55 12.32 3.09 4.74
CA LYS B 55 11.48 3.07 5.95
C LYS B 55 10.97 1.64 6.12
N GLU B 56 10.45 1.29 7.26
CA GLU B 56 9.98 -0.11 7.45
C GLU B 56 8.86 -0.15 8.48
N GLN B 57 8.08 -1.18 8.38
CA GLN B 57 6.96 -1.40 9.32
C GLN B 57 6.61 -2.89 9.20
N ASN B 58 6.19 -3.51 10.25
CA ASN B 58 5.88 -4.97 10.18
C ASN B 58 7.04 -5.71 9.49
N ASP B 59 8.23 -5.14 9.50
CA ASP B 59 9.44 -5.79 8.88
C ASP B 59 9.46 -5.62 7.37
N LYS B 60 8.43 -5.06 6.81
CA LYS B 60 8.39 -4.88 5.34
C LYS B 60 9.02 -3.53 4.94
N PRO B 61 10.12 -3.51 4.21
CA PRO B 61 10.73 -2.21 3.81
C PRO B 61 9.72 -1.26 3.15
N TYR B 62 10.03 0.00 3.07
CA TYR B 62 9.08 0.96 2.43
C TYR B 62 9.76 2.30 2.22
N CYS B 63 9.49 2.97 1.14
CA CYS B 63 10.06 4.33 1.00
C CYS B 63 9.33 5.15 2.06
N GLN B 64 9.89 6.20 2.54
CA GLN B 64 9.14 6.97 3.56
C GLN B 64 7.83 7.38 2.91
N ASN B 65 7.92 8.09 1.82
CA ASN B 65 6.69 8.54 1.10
C ASN B 65 5.73 7.36 0.92
N CYS B 66 6.25 6.17 0.91
CA CYS B 66 5.37 4.99 0.71
C CYS B 66 4.60 4.67 2.01
N PHE B 67 5.27 4.26 3.06
CA PHE B 67 4.52 3.92 4.30
C PHE B 67 3.94 5.17 4.96
N LEU B 68 4.66 6.26 5.01
CA LEU B 68 4.08 7.47 5.66
C LEU B 68 2.71 7.72 5.03
N LYS B 69 2.63 7.60 3.74
CA LYS B 69 1.34 7.79 3.05
C LYS B 69 0.31 6.85 3.69
N LEU B 70 0.76 5.77 4.28
CA LEU B 70 -0.18 4.80 4.90
C LEU B 70 -0.34 5.05 6.41
N PHE B 71 0.74 5.02 7.17
CA PHE B 71 0.62 5.25 8.65
C PHE B 71 1.03 6.69 9.01
N CYS B 72 0.77 7.63 8.13
CA CYS B 72 1.13 9.06 8.43
C CYS B 72 0.75 9.40 9.88
N MET A 8 -28.92 3.54 12.57
CA MET A 8 -28.67 3.59 14.03
C MET A 8 -28.31 2.19 14.54
N ALA A 9 -29.17 1.58 15.33
CA ALA A 9 -28.88 0.22 15.86
C ALA A 9 -30.19 -0.54 16.01
N LEU A 10 -31.09 0.03 16.75
CA LEU A 10 -32.42 -0.61 16.96
C LEU A 10 -32.95 -1.16 15.65
N ASP A 11 -33.50 -0.27 14.86
CA ASP A 11 -34.07 -0.64 13.56
C ASP A 11 -35.22 -1.63 13.76
N GLY A 12 -35.41 -2.10 14.97
CA GLY A 12 -36.52 -3.06 15.26
C GLY A 12 -35.90 -4.37 15.70
N ILE A 13 -34.62 -4.48 15.51
CA ILE A 13 -33.88 -5.72 15.87
C ILE A 13 -32.85 -5.40 16.97
N ARG A 14 -31.58 -5.34 16.65
CA ARG A 14 -30.56 -5.03 17.70
C ARG A 14 -29.32 -4.41 17.05
N MET A 15 -28.29 -5.18 16.78
CA MET A 15 -27.06 -4.61 16.15
C MET A 15 -26.48 -5.59 15.10
N PRO A 16 -26.08 -6.80 15.43
CA PRO A 16 -25.56 -7.74 14.42
C PRO A 16 -26.48 -7.73 13.20
N ASP A 17 -27.73 -7.58 13.46
CA ASP A 17 -28.76 -7.51 12.37
C ASP A 17 -29.29 -6.09 12.33
N GLY A 18 -29.22 -5.42 13.44
CA GLY A 18 -29.71 -4.01 13.51
C GLY A 18 -28.59 -3.06 13.10
N CYS A 19 -27.50 -3.59 12.59
CA CYS A 19 -26.37 -2.71 12.19
C CYS A 19 -25.49 -3.40 11.14
N TYR A 20 -24.76 -4.42 11.52
CA TYR A 20 -23.87 -5.11 10.53
C TYR A 20 -23.47 -6.49 11.07
N ALA A 21 -22.44 -6.52 11.85
CA ALA A 21 -21.95 -7.81 12.41
C ALA A 21 -20.82 -7.49 13.38
N ASP A 22 -20.04 -6.52 13.02
CA ASP A 22 -18.91 -6.10 13.89
C ASP A 22 -18.63 -4.62 13.63
N GLY A 23 -19.48 -3.98 12.87
CA GLY A 23 -19.28 -2.54 12.55
C GLY A 23 -18.24 -2.44 11.44
N THR A 24 -17.90 -3.56 10.84
CA THR A 24 -16.88 -3.54 9.76
C THR A 24 -17.56 -3.66 8.41
N TRP A 25 -17.32 -2.70 7.55
CA TRP A 25 -17.92 -2.73 6.18
C TRP A 25 -16.79 -2.75 5.16
N GLU A 26 -16.83 -3.68 4.25
CA GLU A 26 -15.75 -3.77 3.22
C GLU A 26 -15.98 -2.74 2.11
N LEU A 27 -14.95 -2.05 1.70
CA LEU A 27 -15.11 -1.06 0.61
C LEU A 27 -14.98 -1.81 -0.71
N SER A 28 -15.85 -1.59 -1.64
CA SER A 28 -15.73 -2.31 -2.93
C SER A 28 -14.64 -1.62 -3.75
N VAL A 29 -13.90 -2.38 -4.52
CA VAL A 29 -12.81 -1.77 -5.33
C VAL A 29 -12.76 -2.42 -6.71
N HIS A 30 -13.02 -1.66 -7.73
CA HIS A 30 -12.95 -2.19 -9.11
C HIS A 30 -11.52 -2.00 -9.61
N VAL A 31 -10.75 -3.04 -9.64
CA VAL A 31 -9.35 -2.88 -10.13
C VAL A 31 -9.41 -2.58 -11.63
N THR A 32 -9.12 -1.36 -12.01
CA THR A 32 -9.21 -0.99 -13.45
C THR A 32 -8.02 -1.58 -14.22
N ASP A 33 -6.82 -1.26 -13.82
CA ASP A 33 -5.62 -1.79 -14.54
C ASP A 33 -5.66 -3.33 -14.55
N LEU A 34 -6.69 -3.91 -13.98
CA LEU A 34 -6.79 -5.41 -13.93
C LEU A 34 -8.22 -5.83 -14.33
N ASN A 35 -9.17 -4.96 -14.12
CA ASN A 35 -10.60 -5.28 -14.46
C ASN A 35 -11.20 -6.20 -13.40
N ARG A 36 -10.55 -6.35 -12.27
CA ARG A 36 -11.10 -7.24 -11.22
C ARG A 36 -11.93 -6.43 -10.24
N ASP A 37 -12.42 -7.09 -9.25
CA ASP A 37 -13.24 -6.41 -8.20
C ASP A 37 -12.79 -6.96 -6.86
N VAL A 38 -12.29 -6.11 -6.00
CA VAL A 38 -11.81 -6.56 -4.67
C VAL A 38 -12.55 -5.81 -3.56
N THR A 39 -12.58 -6.39 -2.39
CA THR A 39 -13.28 -5.75 -1.23
C THR A 39 -12.34 -5.82 -0.02
N LEU A 40 -12.18 -4.73 0.69
CA LEU A 40 -11.28 -4.70 1.87
C LEU A 40 -12.09 -4.47 3.16
N ARG A 41 -12.15 -5.44 4.01
CA ARG A 41 -12.89 -5.29 5.28
C ARG A 41 -12.30 -4.11 6.05
N VAL A 42 -13.06 -3.07 6.23
CA VAL A 42 -12.54 -1.88 6.96
C VAL A 42 -13.62 -1.29 7.86
N THR A 43 -13.34 -0.13 8.39
CA THR A 43 -14.31 0.56 9.27
C THR A 43 -14.17 2.05 8.99
N GLY A 44 -14.98 2.87 9.58
CA GLY A 44 -14.87 4.32 9.33
C GLY A 44 -13.78 4.91 10.21
N GLU A 45 -12.68 4.23 10.27
CA GLU A 45 -11.53 4.72 11.09
C GLU A 45 -10.23 4.32 10.38
N VAL A 46 -10.31 3.75 9.20
CA VAL A 46 -9.07 3.35 8.49
C VAL A 46 -8.58 4.49 7.60
N HIS A 47 -7.32 4.75 7.60
CA HIS A 47 -6.80 5.85 6.74
C HIS A 47 -6.79 5.34 5.28
N ILE A 48 -7.12 6.19 4.34
CA ILE A 48 -7.14 5.74 2.92
C ILE A 48 -5.86 4.97 2.60
N GLY A 49 -4.74 5.59 2.79
CA GLY A 49 -3.45 4.91 2.51
C GLY A 49 -3.42 3.61 3.29
N GLY A 50 -4.33 3.47 4.20
CA GLY A 50 -4.41 2.22 5.01
C GLY A 50 -4.98 1.12 4.12
N VAL A 51 -5.79 1.49 3.18
CA VAL A 51 -6.39 0.50 2.24
C VAL A 51 -5.38 0.23 1.13
N MET A 52 -4.71 1.26 0.68
CA MET A 52 -3.68 1.08 -0.39
C MET A 52 -2.81 -0.12 -0.04
N LEU A 53 -2.48 -0.27 1.21
CA LEU A 53 -1.60 -1.40 1.62
C LEU A 53 -2.41 -2.71 1.69
N LYS A 54 -3.44 -2.76 2.49
CA LYS A 54 -4.23 -4.03 2.59
C LYS A 54 -4.55 -4.56 1.18
N LEU A 55 -5.23 -3.78 0.39
CA LEU A 55 -5.59 -4.23 -0.99
C LEU A 55 -4.36 -4.85 -1.65
N VAL A 56 -3.20 -4.30 -1.43
CA VAL A 56 -1.97 -4.87 -2.05
C VAL A 56 -1.54 -6.10 -1.26
N GLU A 57 -1.58 -6.04 0.04
CA GLU A 57 -1.17 -7.21 0.87
C GLU A 57 -1.81 -8.48 0.31
N LYS A 58 -3.03 -8.38 -0.10
CA LYS A 58 -3.74 -9.57 -0.66
C LYS A 58 -3.20 -9.84 -2.06
N LEU A 59 -2.86 -8.80 -2.79
CA LEU A 59 -2.34 -9.00 -4.16
C LEU A 59 -0.88 -9.49 -4.06
N ASP A 60 -0.01 -8.63 -3.61
CA ASP A 60 1.41 -8.99 -3.46
C ASP A 60 1.95 -9.56 -4.75
N VAL A 61 2.04 -8.74 -5.76
CA VAL A 61 2.53 -9.22 -7.07
C VAL A 61 3.53 -8.22 -7.67
N LYS A 62 4.27 -7.56 -6.81
CA LYS A 62 5.29 -6.59 -7.27
C LYS A 62 4.75 -5.75 -8.44
N LYS A 63 3.46 -5.69 -8.61
CA LYS A 63 2.92 -4.86 -9.73
C LYS A 63 3.01 -3.40 -9.32
N ASP A 64 3.15 -2.51 -10.27
CA ASP A 64 3.24 -1.08 -9.93
C ASP A 64 2.06 -0.69 -9.06
N TRP A 65 2.20 -0.81 -7.77
CA TRP A 65 1.10 -0.44 -6.87
C TRP A 65 1.08 1.09 -6.75
N SER A 66 2.24 1.66 -6.60
CA SER A 66 2.35 3.14 -6.49
C SER A 66 1.64 3.79 -7.68
N ASP A 67 1.95 3.33 -8.86
CA ASP A 67 1.30 3.91 -10.08
C ASP A 67 -0.22 3.73 -9.97
N HIS A 68 -0.67 3.10 -8.91
CA HIS A 68 -2.13 2.87 -8.71
C HIS A 68 -2.57 3.48 -7.38
N ALA A 69 -3.79 3.95 -7.32
CA ALA A 69 -4.30 4.55 -6.05
C ALA A 69 -5.82 4.47 -6.04
N LEU A 70 -6.47 4.94 -5.00
CA LEU A 70 -7.96 4.86 -4.95
C LEU A 70 -8.58 6.17 -5.45
N TRP A 71 -9.65 6.06 -6.19
CA TRP A 71 -10.36 7.26 -6.74
C TRP A 71 -11.86 7.07 -6.51
N TRP A 72 -12.59 8.13 -6.26
CA TRP A 72 -14.06 8.01 -5.99
C TRP A 72 -14.83 8.49 -7.21
N GLU A 73 -15.15 7.62 -8.13
CA GLU A 73 -15.87 8.07 -9.36
C GLU A 73 -17.17 8.79 -8.99
N LYS A 74 -17.72 8.57 -7.83
CA LYS A 74 -18.95 9.32 -7.48
C LYS A 74 -18.53 10.78 -7.40
N LYS A 75 -17.24 10.98 -7.28
CA LYS A 75 -16.67 12.36 -7.16
C LYS A 75 -15.59 12.55 -8.23
N ARG A 76 -15.21 11.50 -8.89
CA ARG A 76 -14.14 11.63 -9.93
C ARG A 76 -12.94 12.31 -9.27
N THR A 77 -12.57 11.84 -8.10
CA THR A 77 -11.44 12.46 -7.34
C THR A 77 -10.29 11.46 -7.22
N TRP A 78 -9.32 11.81 -6.43
CA TRP A 78 -8.18 10.90 -6.17
C TRP A 78 -8.11 10.72 -4.66
N LEU A 79 -8.62 9.65 -4.18
CA LEU A 79 -8.66 9.47 -2.72
C LEU A 79 -7.25 9.50 -2.13
N LEU A 80 -6.79 10.68 -1.85
CA LEU A 80 -5.45 10.87 -1.23
C LEU A 80 -5.62 11.60 0.11
N LYS A 81 -6.85 11.84 0.52
CA LYS A 81 -7.07 12.54 1.82
C LYS A 81 -6.68 11.61 2.97
N THR A 82 -5.67 10.81 2.80
CA THR A 82 -5.28 9.88 3.90
C THR A 82 -5.09 10.67 5.20
N HIS A 83 -5.16 11.97 5.13
CA HIS A 83 -4.98 12.79 6.36
C HIS A 83 -5.90 12.28 7.47
N TRP A 84 -7.18 12.52 7.36
CA TRP A 84 -8.13 12.06 8.44
C TRP A 84 -8.65 10.64 8.10
N THR A 85 -9.93 10.44 7.79
CA THR A 85 -10.37 9.03 7.51
C THR A 85 -11.58 9.01 6.56
N LEU A 86 -12.24 7.89 6.51
CA LEU A 86 -13.45 7.75 5.64
C LEU A 86 -14.56 8.59 6.26
N ASP A 87 -14.85 8.29 7.49
CA ASP A 87 -15.91 9.01 8.24
C ASP A 87 -15.83 10.51 7.99
N LYS A 88 -14.65 11.06 8.06
CA LYS A 88 -14.52 12.52 7.86
C LYS A 88 -15.03 12.85 6.46
N TYR A 89 -14.87 11.95 5.54
CA TYR A 89 -15.34 12.21 4.15
C TYR A 89 -16.83 11.89 4.07
N GLY A 90 -17.23 10.75 4.59
CA GLY A 90 -18.69 10.36 4.55
C GLY A 90 -18.83 9.09 3.72
N ILE A 91 -17.73 8.52 3.34
CA ILE A 91 -17.75 7.28 2.53
C ILE A 91 -18.44 6.19 3.35
N GLN A 92 -18.92 5.15 2.70
CA GLN A 92 -19.60 4.05 3.45
C GLN A 92 -19.48 2.75 2.66
N ALA A 93 -20.26 1.77 2.99
CA ALA A 93 -20.21 0.48 2.26
C ALA A 93 -20.89 0.63 0.89
N ASP A 94 -21.68 1.65 0.72
CA ASP A 94 -22.39 1.85 -0.57
C ASP A 94 -21.50 2.67 -1.51
N ALA A 95 -20.30 2.98 -1.10
CA ALA A 95 -19.40 3.78 -1.97
C ALA A 95 -18.42 2.84 -2.68
N LYS A 96 -18.52 2.72 -3.98
CA LYS A 96 -17.59 1.81 -4.72
C LYS A 96 -16.41 2.59 -5.28
N LEU A 97 -15.22 2.19 -4.93
CA LEU A 97 -13.97 2.87 -5.40
C LEU A 97 -13.29 2.00 -6.45
N GLN A 98 -12.21 2.48 -6.98
CA GLN A 98 -11.44 1.72 -8.00
C GLN A 98 -9.98 1.76 -7.58
N PHE A 99 -9.14 0.94 -8.14
CA PHE A 99 -7.68 0.97 -7.78
C PHE A 99 -6.89 1.34 -9.03
N THR A 100 -6.66 2.62 -9.21
CA THR A 100 -5.92 3.12 -10.40
C THR A 100 -5.09 4.35 -10.00
N PRO A 101 -4.10 4.72 -10.79
CA PRO A 101 -3.24 5.90 -10.50
C PRO A 101 -4.06 7.07 -9.93
N TYR B 8 35.84 -12.47 -16.20
CA TYR B 8 36.37 -12.38 -14.81
C TYR B 8 37.39 -11.23 -14.73
N HIS B 9 36.92 -10.00 -14.79
CA HIS B 9 37.85 -8.85 -14.73
C HIS B 9 38.61 -8.88 -13.40
N GLU B 10 39.34 -7.82 -13.11
CA GLU B 10 40.14 -7.77 -11.84
C GLU B 10 39.47 -6.75 -10.90
N ARG B 11 38.89 -5.72 -11.44
CA ARG B 11 38.22 -4.70 -10.57
C ARG B 11 36.82 -5.19 -10.18
N ARG B 12 36.71 -5.85 -9.06
CA ARG B 12 35.38 -6.37 -8.62
C ARG B 12 34.52 -5.18 -8.15
N GLY B 13 33.53 -5.44 -7.34
CA GLY B 13 32.64 -4.34 -6.84
C GLY B 13 32.16 -4.69 -5.43
N SER B 14 30.96 -5.19 -5.31
CA SER B 14 30.44 -5.56 -3.96
C SER B 14 29.30 -6.56 -4.16
N LEU B 15 29.46 -7.75 -3.68
CA LEU B 15 28.39 -8.77 -3.87
C LEU B 15 27.09 -8.30 -3.21
N CYS B 16 25.98 -8.44 -3.88
CA CYS B 16 24.70 -8.04 -3.26
C CYS B 16 24.25 -9.22 -2.41
N SER B 17 24.42 -9.08 -1.12
CA SER B 17 24.06 -10.19 -0.21
C SER B 17 22.66 -10.68 -0.52
N GLY B 18 22.53 -11.94 -0.75
CA GLY B 18 21.21 -12.54 -1.12
C GLY B 18 21.33 -12.94 -2.58
N CYS B 19 22.06 -12.17 -3.32
CA CYS B 19 22.30 -12.45 -4.75
C CYS B 19 23.73 -12.96 -4.89
N GLN B 20 24.60 -12.41 -4.08
CA GLN B 20 26.02 -12.78 -4.12
C GLN B 20 26.57 -12.61 -5.52
N LYS B 21 26.42 -11.42 -6.01
CA LYS B 21 26.94 -11.05 -7.36
C LYS B 21 27.50 -9.61 -7.24
N PRO B 22 28.74 -9.36 -7.58
CA PRO B 22 29.31 -7.98 -7.44
C PRO B 22 28.38 -6.86 -7.91
N ILE B 23 28.31 -5.82 -7.12
CA ILE B 23 27.47 -4.65 -7.46
C ILE B 23 28.37 -3.61 -8.13
N THR B 24 28.36 -3.56 -9.44
CA THR B 24 29.25 -2.60 -10.16
C THR B 24 28.48 -1.35 -10.60
N GLY B 25 28.47 -0.36 -9.75
CA GLY B 25 27.77 0.92 -10.07
C GLY B 25 27.45 1.60 -8.74
N ARG B 26 26.27 1.39 -8.25
CA ARG B 26 25.86 1.97 -6.94
C ARG B 26 25.66 0.80 -5.98
N CYS B 27 25.89 0.99 -4.72
CA CYS B 27 25.72 -0.14 -3.76
C CYS B 27 25.18 0.34 -2.43
N ILE B 28 24.11 -0.26 -2.02
CA ILE B 28 23.50 0.09 -0.71
C ILE B 28 24.10 -0.82 0.34
N THR B 29 24.25 -0.31 1.52
CA THR B 29 24.82 -1.10 2.64
C THR B 29 23.77 -1.25 3.73
N ALA B 30 23.80 -2.36 4.40
CA ALA B 30 22.81 -2.64 5.47
C ALA B 30 23.56 -2.95 6.77
N MET B 31 23.22 -4.03 7.39
CA MET B 31 23.88 -4.43 8.67
C MET B 31 25.34 -4.75 8.39
N ALA B 32 25.86 -4.16 7.36
CA ALA B 32 27.26 -4.36 6.88
C ALA B 32 27.17 -5.14 5.57
N LYS B 33 25.98 -5.60 5.26
CA LYS B 33 25.79 -6.35 3.99
C LYS B 33 25.64 -5.35 2.86
N LYS B 34 25.77 -5.78 1.65
CA LYS B 34 25.61 -4.87 0.48
C LYS B 34 24.27 -5.21 -0.17
N PHE B 35 23.85 -4.47 -1.16
CA PHE B 35 22.54 -4.81 -1.77
C PHE B 35 22.43 -4.19 -3.14
N HIS B 36 21.92 -4.92 -4.10
CA HIS B 36 21.74 -4.32 -5.44
C HIS B 36 20.83 -3.09 -5.22
N PRO B 37 21.30 -1.90 -5.48
CA PRO B 37 20.45 -0.70 -5.23
C PRO B 37 19.00 -0.89 -5.72
N GLU B 38 18.73 -1.94 -6.44
CA GLU B 38 17.34 -2.20 -6.94
C GLU B 38 16.69 -3.32 -6.12
N HIS B 39 17.34 -4.44 -6.01
CA HIS B 39 16.74 -5.57 -5.23
C HIS B 39 16.41 -5.10 -3.81
N PHE B 40 16.78 -3.89 -3.48
CA PHE B 40 16.49 -3.35 -2.12
C PHE B 40 15.67 -2.08 -2.29
N VAL B 41 14.61 -2.16 -3.05
CA VAL B 41 13.76 -0.98 -3.28
C VAL B 41 12.63 -0.93 -2.25
N CYS B 42 11.83 0.08 -2.29
CA CYS B 42 10.69 0.20 -1.31
C CYS B 42 9.56 -0.68 -1.76
N ALA B 43 8.80 -1.28 -0.86
CA ALA B 43 7.67 -2.10 -1.36
C ALA B 43 6.40 -1.23 -1.39
N PHE B 44 6.34 -0.40 -2.39
CA PHE B 44 5.15 0.46 -2.71
C PHE B 44 5.27 0.61 -4.22
N CYS B 45 6.50 0.89 -4.59
CA CYS B 45 6.94 1.03 -5.99
C CYS B 45 8.14 0.08 -6.14
N LEU B 46 8.43 -0.38 -7.33
CA LEU B 46 9.57 -1.35 -7.51
C LEU B 46 10.79 -0.65 -8.14
N LYS B 47 10.87 0.68 -8.20
CA LYS B 47 12.06 1.28 -8.92
C LYS B 47 13.19 1.77 -8.00
N GLN B 48 12.95 2.40 -6.86
CA GLN B 48 14.16 2.83 -6.07
C GLN B 48 13.91 3.16 -4.60
N LEU B 49 14.86 2.80 -3.78
CA LEU B 49 14.84 3.13 -2.34
C LEU B 49 16.26 3.58 -1.96
N ASN B 50 16.44 4.13 -0.79
CA ASN B 50 17.81 4.58 -0.37
C ASN B 50 17.96 4.40 1.14
N LYS B 51 19.03 3.77 1.55
CA LYS B 51 19.25 3.56 3.00
C LYS B 51 19.12 4.88 3.74
N GLY B 52 19.19 5.97 3.04
CA GLY B 52 19.08 7.31 3.69
C GLY B 52 17.61 7.69 3.77
N THR B 53 16.81 7.08 2.96
CA THR B 53 15.35 7.37 2.95
C THR B 53 14.60 6.05 2.92
N PHE B 54 15.19 5.01 3.45
CA PHE B 54 14.49 3.69 3.44
C PHE B 54 13.65 3.54 4.70
N LYS B 55 12.37 3.63 4.53
CA LYS B 55 11.41 3.49 5.67
C LYS B 55 10.88 2.06 5.63
N GLU B 56 10.22 1.62 6.66
CA GLU B 56 9.72 0.21 6.66
C GLU B 56 8.47 0.08 7.53
N GLN B 57 7.72 -0.93 7.24
CA GLN B 57 6.48 -1.22 7.98
C GLN B 57 6.22 -2.71 7.83
N ASN B 58 5.67 -3.35 8.84
CA ASN B 58 5.41 -4.82 8.74
C ASN B 58 6.64 -5.53 8.16
N ASP B 59 7.82 -4.95 8.28
CA ASP B 59 9.08 -5.59 7.76
C ASP B 59 9.24 -5.35 6.26
N LYS B 60 8.27 -4.74 5.65
CA LYS B 60 8.34 -4.48 4.19
C LYS B 60 9.02 -3.13 3.94
N PRO B 61 10.11 -3.06 3.21
CA PRO B 61 10.76 -1.75 2.96
C PRO B 61 9.76 -0.69 2.50
N TYR B 62 10.13 0.57 2.53
CA TYR B 62 9.16 1.63 2.11
C TYR B 62 9.87 2.98 2.01
N CYS B 63 9.52 3.78 1.03
CA CYS B 63 10.11 5.14 0.98
C CYS B 63 9.35 5.92 2.04
N GLN B 64 9.90 6.96 2.58
CA GLN B 64 9.11 7.68 3.59
C GLN B 64 7.84 8.17 2.89
N ASN B 65 8.00 8.93 1.84
CA ASN B 65 6.82 9.43 1.09
C ASN B 65 5.84 8.28 0.85
N CYS B 66 6.33 7.09 0.76
CA CYS B 66 5.43 5.94 0.55
C CYS B 66 4.83 5.53 1.90
N PHE B 67 5.64 5.08 2.82
CA PHE B 67 5.11 4.66 4.16
C PHE B 67 4.28 5.79 4.77
N LEU B 68 4.83 6.97 4.87
CA LEU B 68 4.07 8.10 5.48
C LEU B 68 2.68 8.15 4.85
N LYS B 69 2.61 7.97 3.56
CA LYS B 69 1.27 8.01 2.89
C LYS B 69 0.38 6.90 3.43
N LEU B 70 0.93 5.88 4.04
CA LEU B 70 0.08 4.77 4.56
C LEU B 70 -0.29 5.03 6.02
N PHE B 71 0.68 5.21 6.89
CA PHE B 71 0.38 5.48 8.33
C PHE B 71 0.30 6.99 8.59
N CYS B 72 0.32 7.77 7.55
CA CYS B 72 0.24 9.25 7.74
C CYS B 72 -0.20 9.91 6.42
N MET A 8 -35.10 -3.06 24.62
CA MET A 8 -34.52 -1.69 24.67
C MET A 8 -34.62 -1.05 23.28
N ALA A 9 -33.51 -0.72 22.66
CA ALA A 9 -33.56 -0.10 21.31
C ALA A 9 -32.38 -0.61 20.50
N LEU A 10 -31.23 -0.63 21.10
CA LEU A 10 -30.02 -1.12 20.41
C LEU A 10 -30.20 -2.58 20.08
N ASP A 11 -30.21 -3.39 21.09
CA ASP A 11 -30.38 -4.84 20.88
C ASP A 11 -31.84 -5.12 20.54
N GLY A 12 -32.56 -4.11 20.17
CA GLY A 12 -34.00 -4.30 19.82
C GLY A 12 -34.06 -5.24 18.64
N ILE A 13 -32.93 -5.44 18.03
CA ILE A 13 -32.81 -6.32 16.84
C ILE A 13 -32.02 -7.57 17.23
N ARG A 14 -30.73 -7.57 16.99
CA ARG A 14 -29.89 -8.75 17.34
C ARG A 14 -28.46 -8.31 17.63
N MET A 15 -27.58 -8.43 16.67
CA MET A 15 -26.15 -8.04 16.90
C MET A 15 -25.51 -7.45 15.61
N PRO A 16 -25.37 -8.21 14.53
CA PRO A 16 -24.78 -7.64 13.28
C PRO A 16 -25.38 -6.28 12.98
N ASP A 17 -26.64 -6.16 13.30
CA ASP A 17 -27.37 -4.87 13.08
C ASP A 17 -27.71 -4.28 14.45
N GLY A 18 -27.81 -5.12 15.44
CA GLY A 18 -28.14 -4.63 16.81
C GLY A 18 -26.85 -4.30 17.55
N CYS A 19 -25.74 -4.33 16.88
CA CYS A 19 -24.45 -4.03 17.56
C CYS A 19 -23.34 -3.79 16.52
N TYR A 20 -23.44 -4.40 15.37
CA TYR A 20 -22.38 -4.22 14.34
C TYR A 20 -21.04 -4.54 14.99
N ALA A 21 -20.27 -3.52 15.29
CA ALA A 21 -18.94 -3.73 15.92
C ALA A 21 -18.09 -2.48 15.66
N ASP A 22 -18.17 -1.96 14.49
CA ASP A 22 -17.38 -0.75 14.16
C ASP A 22 -17.90 -0.10 12.88
N GLY A 23 -19.02 -0.55 12.40
CA GLY A 23 -19.57 0.02 11.14
C GLY A 23 -18.76 -0.56 9.99
N THR A 24 -18.53 -1.85 10.03
CA THR A 24 -17.73 -2.50 8.97
C THR A 24 -18.54 -2.64 7.67
N TRP A 25 -18.05 -2.08 6.61
CA TRP A 25 -18.71 -2.17 5.29
C TRP A 25 -17.62 -2.32 4.23
N GLU A 26 -17.68 -3.36 3.43
CA GLU A 26 -16.61 -3.54 2.40
C GLU A 26 -16.80 -2.53 1.27
N LEU A 27 -15.74 -1.85 0.92
CA LEU A 27 -15.82 -0.86 -0.19
C LEU A 27 -15.64 -1.62 -1.49
N SER A 28 -16.50 -1.39 -2.44
CA SER A 28 -16.39 -2.10 -3.73
C SER A 28 -15.32 -1.46 -4.58
N VAL A 29 -14.61 -2.25 -5.35
CA VAL A 29 -13.57 -1.68 -6.24
C VAL A 29 -13.71 -2.24 -7.64
N HIS A 30 -13.20 -1.52 -8.57
CA HIS A 30 -13.18 -1.94 -9.99
C HIS A 30 -11.74 -1.78 -10.41
N VAL A 31 -10.99 -2.84 -10.40
CA VAL A 31 -9.57 -2.73 -10.77
C VAL A 31 -9.45 -2.50 -12.27
N THR A 32 -9.37 -1.26 -12.69
CA THR A 32 -9.26 -0.99 -14.15
C THR A 32 -7.92 -1.57 -14.62
N ASP A 33 -7.71 -1.64 -15.91
CA ASP A 33 -6.44 -2.24 -16.42
C ASP A 33 -6.55 -3.75 -16.20
N LEU A 34 -6.99 -4.15 -15.03
CA LEU A 34 -7.20 -5.59 -14.72
C LEU A 34 -8.64 -5.91 -15.08
N ASN A 35 -9.49 -4.94 -14.90
CA ASN A 35 -10.94 -5.11 -15.18
C ASN A 35 -11.57 -5.98 -14.11
N ARG A 36 -10.86 -6.27 -13.04
CA ARG A 36 -11.48 -7.10 -12.00
C ARG A 36 -12.24 -6.22 -11.04
N ASP A 37 -12.83 -6.81 -10.06
CA ASP A 37 -13.59 -6.04 -9.05
C ASP A 37 -13.38 -6.70 -7.70
N VAL A 38 -12.88 -5.96 -6.76
CA VAL A 38 -12.59 -6.55 -5.40
C VAL A 38 -13.26 -5.72 -4.30
N THR A 39 -13.47 -6.33 -3.15
CA THR A 39 -14.11 -5.60 -2.00
C THR A 39 -13.16 -5.67 -0.78
N LEU A 40 -13.05 -4.58 -0.05
CA LEU A 40 -12.14 -4.54 1.14
C LEU A 40 -12.95 -4.26 2.41
N ARG A 41 -13.02 -5.21 3.30
CA ARG A 41 -13.76 -5.01 4.56
C ARG A 41 -13.11 -3.85 5.30
N VAL A 42 -13.75 -2.69 5.29
CA VAL A 42 -13.17 -1.49 5.96
C VAL A 42 -14.19 -0.85 6.87
N THR A 43 -13.88 0.33 7.33
CA THR A 43 -14.81 1.07 8.23
C THR A 43 -14.70 2.55 7.86
N GLY A 44 -15.60 3.37 8.32
CA GLY A 44 -15.51 4.80 7.96
C GLY A 44 -14.42 5.47 8.81
N GLU A 45 -13.28 4.86 8.87
CA GLU A 45 -12.16 5.43 9.66
C GLU A 45 -10.84 4.95 9.07
N VAL A 46 -10.87 4.19 8.00
CA VAL A 46 -9.59 3.73 7.41
C VAL A 46 -9.00 4.83 6.54
N HIS A 47 -7.72 5.00 6.59
CA HIS A 47 -7.10 6.07 5.76
C HIS A 47 -6.96 5.54 4.32
N ILE A 48 -7.20 6.37 3.34
CA ILE A 48 -7.09 5.91 1.93
C ILE A 48 -5.78 5.13 1.75
N GLY A 49 -4.68 5.74 2.04
CA GLY A 49 -3.38 5.04 1.89
C GLY A 49 -3.39 3.78 2.74
N GLY A 50 -4.36 3.64 3.59
CA GLY A 50 -4.43 2.42 4.43
C GLY A 50 -5.04 1.34 3.58
N VAL A 51 -5.76 1.77 2.59
CA VAL A 51 -6.42 0.84 1.65
C VAL A 51 -5.36 0.24 0.72
N MET A 52 -4.61 1.07 0.03
CA MET A 52 -3.56 0.53 -0.90
C MET A 52 -2.77 -0.57 -0.18
N LEU A 53 -2.63 -0.43 1.10
CA LEU A 53 -1.88 -1.45 1.87
C LEU A 53 -2.66 -2.76 1.98
N LYS A 54 -3.96 -2.73 1.97
CA LYS A 54 -4.72 -4.03 2.09
C LYS A 54 -4.97 -4.69 0.73
N LEU A 55 -5.64 -4.02 -0.17
CA LEU A 55 -5.92 -4.65 -1.50
C LEU A 55 -4.64 -5.31 -2.02
N VAL A 56 -3.60 -4.55 -2.12
CA VAL A 56 -2.31 -5.12 -2.62
C VAL A 56 -1.95 -6.37 -1.81
N GLU A 57 -1.97 -6.30 -0.50
CA GLU A 57 -1.61 -7.50 0.32
C GLU A 57 -2.38 -8.72 -0.22
N LYS A 58 -3.63 -8.55 -0.56
CA LYS A 58 -4.41 -9.69 -1.08
C LYS A 58 -3.88 -10.11 -2.45
N LEU A 59 -3.49 -9.18 -3.27
CA LEU A 59 -2.97 -9.52 -4.61
C LEU A 59 -1.64 -10.28 -4.43
N ASP A 60 -0.62 -9.58 -3.99
CA ASP A 60 0.71 -10.21 -3.78
C ASP A 60 1.40 -10.45 -5.11
N VAL A 61 2.03 -9.46 -5.62
CA VAL A 61 2.71 -9.61 -6.92
C VAL A 61 3.61 -8.41 -7.18
N LYS A 62 4.68 -8.62 -7.92
CA LYS A 62 5.63 -7.51 -8.21
C LYS A 62 4.94 -6.49 -9.14
N LYS A 63 3.64 -6.39 -9.10
CA LYS A 63 2.95 -5.41 -10.00
C LYS A 63 3.07 -4.00 -9.42
N ASP A 64 3.14 -3.02 -10.26
CA ASP A 64 3.27 -1.62 -9.78
C ASP A 64 1.96 -1.19 -9.12
N TRP A 65 1.96 -0.97 -7.83
CA TRP A 65 0.72 -0.58 -7.12
C TRP A 65 0.79 0.89 -6.69
N SER A 66 1.91 1.32 -6.18
CA SER A 66 2.04 2.74 -5.73
C SER A 66 1.46 3.67 -6.79
N ASP A 67 1.91 3.57 -8.01
CA ASP A 67 1.36 4.44 -9.08
C ASP A 67 -0.16 4.31 -9.04
N HIS A 68 -0.65 3.14 -8.71
CA HIS A 68 -2.12 2.93 -8.65
C HIS A 68 -2.68 3.66 -7.44
N ALA A 69 -3.51 4.64 -7.69
CA ALA A 69 -4.16 5.42 -6.60
C ALA A 69 -5.65 5.26 -6.77
N LEU A 70 -6.44 5.58 -5.78
CA LEU A 70 -7.92 5.40 -5.92
C LEU A 70 -8.59 6.66 -6.40
N TRP A 71 -9.55 6.50 -7.26
CA TRP A 71 -10.29 7.66 -7.83
C TRP A 71 -11.81 7.41 -7.63
N TRP A 72 -12.54 8.45 -7.30
CA TRP A 72 -14.02 8.29 -7.08
C TRP A 72 -14.74 8.81 -8.32
N GLU A 73 -15.02 7.95 -9.27
CA GLU A 73 -15.70 8.42 -10.52
C GLU A 73 -17.01 9.16 -10.19
N LYS A 74 -17.59 8.94 -9.05
CA LYS A 74 -18.83 9.70 -8.75
C LYS A 74 -18.40 11.15 -8.64
N LYS A 75 -17.12 11.34 -8.43
CA LYS A 75 -16.53 12.69 -8.25
C LYS A 75 -15.42 12.91 -9.29
N ARG A 76 -15.00 11.86 -9.94
CA ARG A 76 -13.90 12.00 -10.93
C ARG A 76 -12.73 12.66 -10.22
N THR A 77 -12.43 12.20 -9.03
CA THR A 77 -11.33 12.80 -8.23
C THR A 77 -10.18 11.80 -8.09
N TRP A 78 -9.20 12.15 -7.31
CA TRP A 78 -8.06 11.25 -7.04
C TRP A 78 -7.94 11.16 -5.51
N LEU A 79 -8.46 10.14 -4.94
CA LEU A 79 -8.43 10.06 -3.46
C LEU A 79 -6.99 10.05 -2.95
N LEU A 80 -6.43 11.22 -2.82
CA LEU A 80 -5.03 11.38 -2.31
C LEU A 80 -5.09 12.09 -0.96
N LYS A 81 -6.26 12.17 -0.38
CA LYS A 81 -6.40 12.85 0.95
C LYS A 81 -6.08 11.85 2.06
N THR A 82 -4.86 11.41 2.15
CA THR A 82 -4.49 10.44 3.22
C THR A 82 -4.64 11.08 4.59
N HIS A 83 -4.92 12.36 4.63
CA HIS A 83 -5.07 13.05 5.96
C HIS A 83 -6.49 12.88 6.48
N TRP A 84 -7.48 12.87 5.62
CA TRP A 84 -8.88 12.70 6.07
C TRP A 84 -9.25 11.21 6.06
N THR A 85 -10.52 10.91 6.03
CA THR A 85 -10.94 9.48 6.01
C THR A 85 -12.28 9.36 5.27
N LEU A 86 -12.65 8.16 4.98
CA LEU A 86 -13.94 7.89 4.27
C LEU A 86 -15.04 8.76 4.87
N ASP A 87 -15.34 8.53 6.12
CA ASP A 87 -16.39 9.30 6.83
C ASP A 87 -16.28 10.77 6.47
N LYS A 88 -15.11 11.31 6.63
CA LYS A 88 -14.90 12.74 6.34
C LYS A 88 -15.56 13.11 5.01
N TYR A 89 -15.24 12.40 3.98
CA TYR A 89 -15.85 12.70 2.65
C TYR A 89 -17.29 12.16 2.62
N GLY A 90 -17.52 10.98 3.15
CA GLY A 90 -18.90 10.40 3.15
C GLY A 90 -18.88 9.11 2.33
N ILE A 91 -17.72 8.66 1.97
CA ILE A 91 -17.63 7.42 1.16
C ILE A 91 -18.24 6.26 1.95
N GLN A 92 -18.61 5.21 1.29
CA GLN A 92 -19.23 4.04 2.00
C GLN A 92 -19.36 2.87 1.02
N ALA A 93 -20.12 1.87 1.39
CA ALA A 93 -20.31 0.70 0.51
C ALA A 93 -21.10 1.10 -0.73
N ASP A 94 -21.85 2.15 -0.65
CA ASP A 94 -22.64 2.59 -1.84
C ASP A 94 -21.72 3.31 -2.80
N ALA A 95 -20.52 3.56 -2.37
CA ALA A 95 -19.53 4.28 -3.24
C ALA A 95 -18.59 3.24 -3.88
N LYS A 96 -18.65 3.08 -5.17
CA LYS A 96 -17.74 2.10 -5.84
C LYS A 96 -16.49 2.82 -6.31
N LEU A 97 -15.37 2.39 -5.82
CA LEU A 97 -14.06 3.03 -6.19
C LEU A 97 -13.35 2.21 -7.26
N GLN A 98 -12.24 2.70 -7.73
CA GLN A 98 -11.46 1.97 -8.76
C GLN A 98 -10.00 2.01 -8.32
N PHE A 99 -9.27 0.98 -8.62
CA PHE A 99 -7.83 0.92 -8.23
C PHE A 99 -6.99 0.98 -9.51
N THR A 100 -6.51 2.14 -9.87
CA THR A 100 -5.72 2.26 -11.13
C THR A 100 -4.87 3.55 -11.14
N PRO A 101 -3.75 3.55 -11.86
CA PRO A 101 -2.85 4.73 -11.97
C PRO A 101 -3.63 6.05 -11.97
N TYR B 8 37.92 -11.34 -11.27
CA TYR B 8 39.32 -11.07 -10.83
C TYR B 8 39.52 -9.56 -10.70
N HIS B 9 39.88 -8.91 -11.77
CA HIS B 9 40.11 -7.44 -11.72
C HIS B 9 38.76 -6.72 -11.73
N GLU B 10 37.93 -7.00 -12.71
CA GLU B 10 36.59 -6.33 -12.79
C GLU B 10 35.94 -6.28 -11.40
N ARG B 11 36.39 -7.08 -10.48
CA ARG B 11 35.78 -7.05 -9.12
C ARG B 11 36.31 -5.85 -8.33
N ARG B 12 35.69 -4.71 -8.47
CA ARG B 12 36.15 -3.49 -7.76
C ARG B 12 34.97 -2.83 -7.03
N GLY B 13 33.83 -2.75 -7.67
CA GLY B 13 32.65 -2.10 -7.05
C GLY B 13 32.39 -2.67 -5.65
N SER B 14 31.37 -3.47 -5.50
CA SER B 14 31.07 -4.05 -4.16
C SER B 14 30.09 -5.20 -4.35
N LEU B 15 30.47 -6.39 -3.99
CA LEU B 15 29.55 -7.54 -4.19
C LEU B 15 28.26 -7.32 -3.40
N CYS B 16 27.13 -7.60 -4.01
CA CYS B 16 25.85 -7.44 -3.28
C CYS B 16 25.67 -8.74 -2.50
N SER B 17 25.90 -8.67 -1.22
CA SER B 17 25.80 -9.89 -0.38
C SER B 17 24.47 -10.57 -0.63
N GLY B 18 24.53 -11.83 -0.96
CA GLY B 18 23.30 -12.61 -1.28
C GLY B 18 23.37 -12.89 -2.77
N CYS B 19 23.90 -11.94 -3.49
CA CYS B 19 24.06 -12.09 -4.95
C CYS B 19 25.54 -12.35 -5.23
N GLN B 20 26.36 -11.71 -4.45
CA GLN B 20 27.83 -11.85 -4.62
C GLN B 20 28.22 -11.49 -6.04
N LYS B 21 27.86 -10.30 -6.41
CA LYS B 21 28.20 -9.75 -7.76
C LYS B 21 28.55 -8.26 -7.55
N PRO B 22 29.72 -7.78 -7.94
CA PRO B 22 30.08 -6.35 -7.72
C PRO B 22 28.96 -5.37 -8.05
N ILE B 23 28.78 -4.43 -7.17
CA ILE B 23 27.75 -3.38 -7.34
C ILE B 23 28.43 -2.17 -8.00
N THR B 24 28.30 -2.03 -9.29
CA THR B 24 28.99 -0.90 -9.99
C THR B 24 28.01 0.25 -10.28
N GLY B 25 27.92 1.17 -9.36
CA GLY B 25 27.02 2.34 -9.52
C GLY B 25 26.71 2.85 -8.12
N ARG B 26 25.59 2.46 -7.59
CA ARG B 26 25.21 2.85 -6.22
C ARG B 26 25.25 1.61 -5.35
N CYS B 27 25.53 1.74 -4.09
CA CYS B 27 25.59 0.52 -3.23
C CYS B 27 25.07 0.81 -1.84
N ILE B 28 24.12 0.02 -1.42
CA ILE B 28 23.55 0.17 -0.07
C ILE B 28 24.33 -0.71 0.86
N THR B 29 24.45 -0.28 2.08
CA THR B 29 25.21 -1.06 3.10
C THR B 29 24.26 -1.43 4.21
N ALA B 30 24.49 -2.57 4.80
CA ALA B 30 23.62 -3.07 5.89
C ALA B 30 24.48 -3.34 7.13
N MET B 31 24.35 -4.50 7.68
CA MET B 31 25.13 -4.88 8.89
C MET B 31 26.61 -4.95 8.52
N ALA B 32 26.97 -4.21 7.52
CA ALA B 32 28.35 -4.15 6.96
C ALA B 32 28.31 -4.84 5.61
N LYS B 33 27.20 -5.47 5.32
CA LYS B 33 27.06 -6.14 4.01
C LYS B 33 26.67 -5.11 2.97
N LYS B 34 26.84 -5.41 1.71
CA LYS B 34 26.46 -4.45 0.63
C LYS B 34 25.15 -4.97 0.03
N PHE B 35 24.55 -4.23 -0.87
CA PHE B 35 23.27 -4.74 -1.44
C PHE B 35 22.99 -4.05 -2.75
N HIS B 36 22.53 -4.79 -3.72
CA HIS B 36 22.18 -4.14 -5.01
C HIS B 36 21.13 -3.08 -4.66
N PRO B 37 21.39 -1.80 -4.86
CA PRO B 37 20.37 -0.77 -4.50
C PRO B 37 18.97 -1.18 -4.98
N GLU B 38 18.87 -2.22 -5.77
CA GLU B 38 17.54 -2.68 -6.27
C GLU B 38 17.06 -3.88 -5.44
N HIS B 39 17.87 -4.87 -5.32
CA HIS B 39 17.45 -6.08 -4.54
C HIS B 39 17.10 -5.67 -3.10
N PHE B 40 17.26 -4.41 -2.78
CA PHE B 40 16.90 -3.91 -1.42
C PHE B 40 15.99 -2.69 -1.60
N VAL B 41 14.89 -2.89 -2.28
CA VAL B 41 13.94 -1.77 -2.56
C VAL B 41 12.81 -1.72 -1.52
N CYS B 42 11.94 -0.75 -1.64
CA CYS B 42 10.77 -0.61 -0.70
C CYS B 42 9.72 -1.62 -1.10
N ALA B 43 8.98 -2.19 -0.16
CA ALA B 43 7.95 -3.16 -0.63
C ALA B 43 6.59 -2.47 -0.78
N PHE B 44 6.49 -1.70 -1.84
CA PHE B 44 5.23 -1.05 -2.28
C PHE B 44 5.47 -0.89 -3.77
N CYS B 45 6.48 -0.09 -4.03
CA CYS B 45 6.97 0.19 -5.40
C CYS B 45 8.38 -0.40 -5.44
N LEU B 46 8.45 -1.67 -5.63
CA LEU B 46 9.75 -2.41 -5.62
C LEU B 46 10.80 -1.80 -6.58
N LYS B 47 10.67 -0.58 -7.06
CA LYS B 47 11.73 -0.10 -8.01
C LYS B 47 12.92 0.58 -7.29
N GLN B 48 12.74 1.30 -6.21
CA GLN B 48 13.96 1.90 -5.55
C GLN B 48 13.78 2.30 -4.08
N LEU B 49 14.80 2.02 -3.30
CA LEU B 49 14.82 2.42 -1.85
C LEU B 49 16.25 2.87 -1.49
N ASN B 50 16.43 3.47 -0.35
CA ASN B 50 17.79 3.92 0.07
C ASN B 50 17.89 3.84 1.60
N LYS B 51 19.02 3.41 2.10
CA LYS B 51 19.20 3.30 3.58
C LYS B 51 18.97 4.66 4.22
N GLY B 52 19.06 5.70 3.44
CA GLY B 52 18.86 7.07 3.98
C GLY B 52 17.38 7.42 3.92
N THR B 53 16.65 6.69 3.15
CA THR B 53 15.19 6.96 3.02
C THR B 53 14.42 5.64 3.14
N PHE B 54 14.98 4.67 3.79
CA PHE B 54 14.26 3.36 3.94
C PHE B 54 13.41 3.38 5.19
N LYS B 55 12.13 3.33 5.01
CA LYS B 55 11.17 3.33 6.13
C LYS B 55 10.62 1.91 6.24
N GLU B 56 9.94 1.58 7.31
CA GLU B 56 9.44 0.17 7.43
C GLU B 56 8.20 0.11 8.31
N GLN B 57 7.45 -0.93 8.12
CA GLN B 57 6.23 -1.18 8.92
C GLN B 57 5.96 -2.68 8.84
N ASN B 58 5.44 -3.26 9.88
CA ASN B 58 5.17 -4.73 9.85
C ASN B 58 6.41 -5.47 9.31
N ASP B 59 7.58 -4.87 9.41
CA ASP B 59 8.84 -5.52 8.94
C ASP B 59 9.02 -5.35 7.43
N LYS B 60 8.05 -4.81 6.77
CA LYS B 60 8.14 -4.64 5.30
C LYS B 60 8.82 -3.29 4.96
N PRO B 61 9.96 -3.28 4.29
CA PRO B 61 10.60 -1.98 3.95
C PRO B 61 9.61 -1.01 3.29
N TYR B 62 9.95 0.25 3.22
CA TYR B 62 9.01 1.23 2.59
C TYR B 62 9.71 2.58 2.42
N CYS B 63 9.54 3.23 1.31
CA CYS B 63 10.13 4.59 1.18
C CYS B 63 9.36 5.45 2.18
N GLN B 64 9.90 6.53 2.64
CA GLN B 64 9.09 7.33 3.58
C GLN B 64 7.86 7.77 2.79
N ASN B 65 8.07 8.43 1.69
CA ASN B 65 6.93 8.87 0.85
C ASN B 65 5.92 7.72 0.71
N CYS B 66 6.40 6.51 0.79
CA CYS B 66 5.50 5.35 0.69
C CYS B 66 4.92 5.08 2.09
N PHE B 67 5.75 4.69 3.02
CA PHE B 67 5.28 4.42 4.41
C PHE B 67 4.36 5.54 4.86
N LEU B 68 4.81 6.76 4.75
CA LEU B 68 3.98 7.89 5.20
C LEU B 68 2.66 7.91 4.43
N LYS B 69 2.71 7.64 3.16
CA LYS B 69 1.45 7.66 2.36
C LYS B 69 0.44 6.68 2.94
N LEU B 70 0.88 5.65 3.63
CA LEU B 70 -0.09 4.65 4.18
C LEU B 70 -0.47 5.00 5.63
N PHE B 71 0.50 5.11 6.50
CA PHE B 71 0.17 5.39 7.95
C PHE B 71 0.40 6.88 8.27
N CYS B 72 1.31 7.53 7.59
CA CYS B 72 1.57 8.98 7.86
C CYS B 72 1.61 9.22 9.38
N MET A 8 -25.43 -5.02 21.20
CA MET A 8 -25.06 -3.59 21.09
C MET A 8 -25.88 -2.77 22.10
N ALA A 9 -26.51 -1.73 21.65
CA ALA A 9 -27.34 -0.89 22.57
C ALA A 9 -28.43 -0.22 21.75
N LEU A 10 -28.03 0.45 20.70
CA LEU A 10 -29.02 1.13 19.83
C LEU A 10 -30.15 0.18 19.51
N ASP A 11 -29.92 -0.66 18.55
CA ASP A 11 -30.94 -1.64 18.14
C ASP A 11 -32.27 -0.93 17.91
N GLY A 12 -32.21 0.36 17.72
CA GLY A 12 -33.45 1.13 17.45
C GLY A 12 -34.06 0.58 16.17
N ILE A 13 -33.26 -0.13 15.45
CA ILE A 13 -33.69 -0.73 14.16
C ILE A 13 -33.84 -2.25 14.36
N ARG A 14 -32.83 -3.01 14.05
CA ARG A 14 -32.92 -4.47 14.22
C ARG A 14 -31.53 -5.06 14.41
N MET A 15 -30.97 -5.66 13.39
CA MET A 15 -29.62 -6.29 13.54
C MET A 15 -28.82 -6.25 12.22
N PRO A 16 -29.25 -6.89 11.14
CA PRO A 16 -28.49 -6.87 9.85
C PRO A 16 -27.99 -5.46 9.56
N ASP A 17 -28.80 -4.51 9.92
CA ASP A 17 -28.45 -3.07 9.71
C ASP A 17 -28.33 -2.40 11.07
N GLY A 18 -29.00 -2.95 12.05
CA GLY A 18 -28.93 -2.38 13.42
C GLY A 18 -27.80 -3.05 14.19
N CYS A 19 -26.97 -3.79 13.50
CA CYS A 19 -25.84 -4.48 14.18
C CYS A 19 -24.82 -4.95 13.15
N TYR A 20 -25.08 -6.08 12.52
CA TYR A 20 -24.13 -6.62 11.51
C TYR A 20 -22.99 -7.30 12.28
N ALA A 21 -22.53 -6.66 13.32
CA ALA A 21 -21.42 -7.24 14.14
C ALA A 21 -20.84 -6.13 15.01
N ASP A 22 -20.46 -5.04 14.40
CA ASP A 22 -19.89 -3.93 15.20
C ASP A 22 -19.89 -2.63 14.37
N GLY A 23 -20.44 -2.65 13.19
CA GLY A 23 -20.45 -1.44 12.32
C GLY A 23 -19.41 -1.60 11.23
N THR A 24 -19.09 -2.82 10.89
CA THR A 24 -18.08 -3.08 9.83
C THR A 24 -18.76 -3.16 8.47
N TRP A 25 -18.36 -2.33 7.56
CA TRP A 25 -18.94 -2.33 6.18
C TRP A 25 -17.77 -2.44 5.20
N GLU A 26 -17.77 -3.45 4.38
CA GLU A 26 -16.65 -3.61 3.41
C GLU A 26 -16.85 -2.62 2.27
N LEU A 27 -15.83 -1.86 1.97
CA LEU A 27 -15.94 -0.89 0.86
C LEU A 27 -15.66 -1.64 -0.44
N SER A 28 -16.45 -1.41 -1.44
CA SER A 28 -16.23 -2.14 -2.72
C SER A 28 -15.08 -1.49 -3.47
N VAL A 29 -14.32 -2.28 -4.17
CA VAL A 29 -13.18 -1.71 -4.95
C VAL A 29 -13.11 -2.38 -6.32
N HIS A 30 -13.41 -1.61 -7.34
CA HIS A 30 -13.35 -2.14 -8.72
C HIS A 30 -11.91 -2.00 -9.21
N VAL A 31 -11.17 -3.07 -9.25
CA VAL A 31 -9.77 -2.97 -9.71
C VAL A 31 -9.74 -2.76 -11.23
N THR A 32 -9.91 -1.55 -11.68
CA THR A 32 -9.89 -1.31 -13.15
C THR A 32 -8.57 -1.84 -13.69
N ASP A 33 -8.43 -1.98 -14.98
CA ASP A 33 -7.17 -2.55 -15.53
C ASP A 33 -7.18 -4.04 -15.22
N LEU A 34 -7.52 -4.38 -13.99
CA LEU A 34 -7.62 -5.81 -13.59
C LEU A 34 -9.03 -6.25 -13.96
N ASN A 35 -9.98 -5.35 -13.80
CA ASN A 35 -11.41 -5.67 -14.08
C ASN A 35 -11.95 -6.52 -12.95
N ARG A 36 -11.24 -6.60 -11.85
CA ARG A 36 -11.73 -7.42 -10.72
C ARG A 36 -12.56 -6.54 -9.82
N ASP A 37 -13.03 -7.11 -8.76
CA ASP A 37 -13.83 -6.35 -7.76
C ASP A 37 -13.46 -6.90 -6.39
N VAL A 38 -12.90 -6.08 -5.56
CA VAL A 38 -12.49 -6.54 -4.20
C VAL A 38 -13.22 -5.75 -3.14
N THR A 39 -13.32 -6.32 -1.96
CA THR A 39 -14.02 -5.63 -0.83
C THR A 39 -13.13 -5.74 0.41
N LEU A 40 -12.95 -4.65 1.11
CA LEU A 40 -12.09 -4.66 2.33
C LEU A 40 -12.96 -4.38 3.55
N ARG A 41 -13.10 -5.34 4.42
CA ARG A 41 -13.91 -5.15 5.65
C ARG A 41 -13.30 -4.00 6.44
N VAL A 42 -13.94 -2.87 6.42
CA VAL A 42 -13.40 -1.69 7.15
C VAL A 42 -14.50 -1.00 7.94
N THR A 43 -14.20 0.16 8.45
CA THR A 43 -15.19 0.93 9.23
C THR A 43 -15.00 2.41 8.88
N GLY A 44 -15.85 3.27 9.37
CA GLY A 44 -15.69 4.71 9.04
C GLY A 44 -14.59 5.31 9.91
N GLU A 45 -13.49 4.62 10.03
CA GLU A 45 -12.36 5.14 10.85
C GLU A 45 -11.04 4.71 10.20
N VAL A 46 -11.11 4.07 9.06
CA VAL A 46 -9.85 3.61 8.40
C VAL A 46 -9.32 4.71 7.48
N HIS A 47 -8.05 4.94 7.49
CA HIS A 47 -7.47 5.98 6.61
C HIS A 47 -7.35 5.42 5.19
N ILE A 48 -7.56 6.24 4.20
CA ILE A 48 -7.46 5.76 2.79
C ILE A 48 -6.21 4.92 2.60
N GLY A 49 -5.08 5.50 2.87
CA GLY A 49 -3.82 4.76 2.70
C GLY A 49 -3.89 3.47 3.50
N GLY A 50 -4.86 3.38 4.36
CA GLY A 50 -5.02 2.16 5.17
C GLY A 50 -5.71 1.09 4.30
N VAL A 51 -6.47 1.52 3.35
CA VAL A 51 -7.18 0.55 2.45
C VAL A 51 -6.26 0.06 1.33
N MET A 52 -5.65 0.93 0.57
CA MET A 52 -4.78 0.42 -0.53
C MET A 52 -3.74 -0.53 0.07
N LEU A 53 -3.39 -0.34 1.32
CA LEU A 53 -2.41 -1.26 1.97
C LEU A 53 -3.05 -2.65 2.03
N LYS A 54 -4.12 -2.79 2.77
CA LYS A 54 -4.80 -4.12 2.89
C LYS A 54 -5.08 -4.69 1.49
N LEU A 55 -5.75 -3.92 0.68
CA LEU A 55 -6.10 -4.40 -0.70
C LEU A 55 -4.88 -5.08 -1.35
N VAL A 56 -3.74 -4.43 -1.36
CA VAL A 56 -2.54 -5.07 -1.98
C VAL A 56 -2.16 -6.30 -1.15
N GLU A 57 -2.09 -6.16 0.14
CA GLU A 57 -1.71 -7.31 1.01
C GLU A 57 -2.52 -8.54 0.60
N LYS A 58 -3.78 -8.35 0.32
CA LYS A 58 -4.63 -9.50 -0.08
C LYS A 58 -4.21 -10.02 -1.46
N LEU A 59 -3.96 -9.13 -2.39
CA LEU A 59 -3.54 -9.55 -3.74
C LEU A 59 -2.40 -10.56 -3.58
N ASP A 60 -1.34 -10.14 -2.94
CA ASP A 60 -0.18 -11.03 -2.69
C ASP A 60 0.61 -11.23 -3.96
N VAL A 61 1.35 -10.23 -4.33
CA VAL A 61 2.16 -10.31 -5.57
C VAL A 61 3.00 -9.05 -5.69
N LYS A 62 4.27 -9.20 -5.98
CA LYS A 62 5.16 -8.03 -6.10
C LYS A 62 4.78 -7.23 -7.36
N LYS A 63 3.52 -7.16 -7.69
CA LYS A 63 3.12 -6.38 -8.90
C LYS A 63 3.11 -4.89 -8.54
N ASP A 64 3.66 -4.07 -9.40
CA ASP A 64 3.68 -2.61 -9.10
C ASP A 64 2.28 -2.16 -8.70
N TRP A 65 2.12 -1.64 -7.51
CA TRP A 65 0.77 -1.18 -7.06
C TRP A 65 0.79 0.30 -6.73
N SER A 66 1.86 0.80 -6.18
CA SER A 66 1.93 2.25 -5.83
C SER A 66 1.34 3.08 -6.97
N ASP A 67 1.79 2.83 -8.18
CA ASP A 67 1.21 3.57 -9.33
C ASP A 67 -0.30 3.36 -9.30
N HIS A 68 -0.71 2.14 -9.04
CA HIS A 68 -2.16 1.83 -8.96
C HIS A 68 -2.70 2.44 -7.68
N ALA A 69 -3.58 3.39 -7.82
CA ALA A 69 -4.17 4.07 -6.64
C ALA A 69 -5.70 4.06 -6.78
N LEU A 70 -6.40 4.41 -5.74
CA LEU A 70 -7.89 4.41 -5.79
C LEU A 70 -8.43 5.81 -6.12
N TRP A 71 -9.55 5.85 -6.78
CA TRP A 71 -10.16 7.15 -7.19
C TRP A 71 -11.69 7.03 -7.02
N TRP A 72 -12.36 8.07 -6.60
CA TRP A 72 -13.84 7.98 -6.40
C TRP A 72 -14.55 8.49 -7.66
N GLU A 73 -14.83 7.63 -8.60
CA GLU A 73 -15.50 8.09 -9.85
C GLU A 73 -16.80 8.83 -9.53
N LYS A 74 -17.39 8.59 -8.40
CA LYS A 74 -18.64 9.34 -8.09
C LYS A 74 -18.22 10.80 -7.93
N LYS A 75 -16.93 10.99 -7.88
CA LYS A 75 -16.35 12.35 -7.69
C LYS A 75 -15.22 12.54 -8.71
N ARG A 76 -14.82 11.48 -9.36
CA ARG A 76 -13.70 11.58 -10.33
C ARG A 76 -12.54 12.25 -9.61
N THR A 77 -12.25 11.78 -8.41
CA THR A 77 -11.15 12.37 -7.60
C THR A 77 -10.04 11.35 -7.40
N TRP A 78 -9.10 11.69 -6.58
CA TRP A 78 -7.99 10.75 -6.24
C TRP A 78 -7.92 10.72 -4.72
N LEU A 79 -8.47 9.74 -4.13
CA LEU A 79 -8.49 9.71 -2.65
C LEU A 79 -7.04 9.65 -2.15
N LEU A 80 -6.46 10.80 -1.99
CA LEU A 80 -5.05 10.90 -1.50
C LEU A 80 -5.04 11.68 -0.19
N LYS A 81 -6.20 11.88 0.39
CA LYS A 81 -6.29 12.65 1.67
C LYS A 81 -6.07 11.66 2.84
N THR A 82 -4.85 11.24 3.05
CA THR A 82 -4.59 10.29 4.17
C THR A 82 -4.91 10.99 5.49
N HIS A 83 -4.85 12.30 5.50
CA HIS A 83 -5.17 13.06 6.75
C HIS A 83 -6.69 13.24 6.84
N TRP A 84 -7.38 12.17 7.15
CA TRP A 84 -8.88 12.19 7.26
C TRP A 84 -9.33 10.73 7.17
N THR A 85 -10.60 10.48 6.99
CA THR A 85 -11.07 9.08 6.91
C THR A 85 -12.30 9.01 6.00
N LEU A 86 -12.93 7.87 5.96
CA LEU A 86 -14.15 7.69 5.12
C LEU A 86 -15.21 8.64 5.65
N ASP A 87 -15.55 8.48 6.90
CA ASP A 87 -16.56 9.35 7.54
C ASP A 87 -16.34 10.79 7.13
N LYS A 88 -15.14 11.26 7.29
CA LYS A 88 -14.82 12.66 6.93
C LYS A 88 -15.42 12.98 5.55
N TYR A 89 -15.09 12.20 4.58
CA TYR A 89 -15.64 12.46 3.22
C TYR A 89 -17.12 12.06 3.18
N GLY A 90 -17.45 10.96 3.80
CA GLY A 90 -18.89 10.49 3.81
C GLY A 90 -18.96 9.19 3.02
N ILE A 91 -17.83 8.65 2.68
CA ILE A 91 -17.80 7.38 1.91
C ILE A 91 -18.45 6.29 2.73
N GLN A 92 -18.91 5.26 2.09
CA GLN A 92 -19.57 4.15 2.82
C GLN A 92 -19.65 2.92 1.90
N ALA A 93 -20.44 1.95 2.27
CA ALA A 93 -20.57 0.73 1.44
C ALA A 93 -21.30 1.05 0.14
N ASP A 94 -22.10 2.08 0.15
CA ASP A 94 -22.85 2.45 -1.09
C ASP A 94 -21.91 3.18 -2.04
N ALA A 95 -20.73 3.49 -1.56
CA ALA A 95 -19.74 4.21 -2.40
C ALA A 95 -18.73 3.20 -2.95
N LYS A 96 -18.71 2.99 -4.24
CA LYS A 96 -17.74 2.00 -4.82
C LYS A 96 -16.47 2.72 -5.26
N LEU A 97 -15.38 2.38 -4.63
CA LEU A 97 -14.08 2.99 -5.00
C LEU A 97 -13.42 2.10 -6.04
N GLN A 98 -12.29 2.48 -6.56
CA GLN A 98 -11.61 1.64 -7.60
C GLN A 98 -10.14 1.57 -7.25
N PHE A 99 -9.37 0.76 -7.92
CA PHE A 99 -7.91 0.67 -7.63
C PHE A 99 -7.18 0.51 -8.95
N THR A 100 -6.67 1.60 -9.48
CA THR A 100 -6.00 1.53 -10.80
C THR A 100 -5.09 2.76 -11.01
N PRO A 101 -4.03 2.62 -11.79
CA PRO A 101 -3.09 3.75 -12.09
C PRO A 101 -3.83 5.09 -12.21
N TYR B 8 41.73 -6.73 -14.07
CA TYR B 8 42.68 -7.23 -13.04
C TYR B 8 43.35 -6.04 -12.35
N HIS B 9 43.09 -4.85 -12.82
CA HIS B 9 43.69 -3.62 -12.22
C HIS B 9 42.56 -2.68 -11.79
N GLU B 10 41.67 -2.39 -12.68
CA GLU B 10 40.52 -1.50 -12.33
C GLU B 10 39.51 -2.29 -11.49
N ARG B 11 39.89 -3.47 -11.07
CA ARG B 11 39.00 -4.32 -10.24
C ARG B 11 37.54 -4.21 -10.67
N ARG B 12 36.62 -4.64 -9.84
CA ARG B 12 35.18 -4.59 -10.19
C ARG B 12 34.46 -3.55 -9.32
N GLY B 13 33.15 -3.59 -9.29
CA GLY B 13 32.37 -2.61 -8.47
C GLY B 13 32.16 -3.16 -7.06
N SER B 14 31.03 -3.78 -6.83
CA SER B 14 30.74 -4.35 -5.48
C SER B 14 29.71 -5.45 -5.65
N LEU B 15 30.06 -6.66 -5.33
CA LEU B 15 29.08 -7.77 -5.50
C LEU B 15 27.86 -7.55 -4.62
N CYS B 16 26.69 -7.78 -5.15
CA CYS B 16 25.46 -7.62 -4.33
C CYS B 16 25.31 -8.92 -3.57
N SER B 17 25.63 -8.90 -2.31
CA SER B 17 25.55 -10.13 -1.50
C SER B 17 24.18 -10.77 -1.66
N GLY B 18 24.18 -12.01 -2.01
CA GLY B 18 22.91 -12.75 -2.27
C GLY B 18 22.85 -12.99 -3.76
N CYS B 19 23.36 -12.05 -4.50
CA CYS B 19 23.42 -12.16 -5.98
C CYS B 19 24.87 -12.45 -6.35
N GLN B 20 25.77 -11.88 -5.62
CA GLN B 20 27.22 -12.04 -5.90
C GLN B 20 27.52 -11.65 -7.33
N LYS B 21 27.15 -10.46 -7.65
CA LYS B 21 27.41 -9.88 -8.99
C LYS B 21 27.80 -8.39 -8.78
N PRO B 22 28.93 -7.93 -9.27
CA PRO B 22 29.33 -6.51 -9.04
C PRO B 22 28.22 -5.49 -9.23
N ILE B 23 28.18 -4.54 -8.33
CA ILE B 23 27.16 -3.46 -8.40
C ILE B 23 27.82 -2.25 -9.07
N THR B 24 27.57 -2.06 -10.35
CA THR B 24 28.21 -0.93 -11.08
C THR B 24 27.25 0.25 -11.23
N GLY B 25 27.31 1.17 -10.31
CA GLY B 25 26.44 2.37 -10.35
C GLY B 25 26.26 2.86 -8.92
N ARG B 26 25.20 2.44 -8.29
CA ARG B 26 24.94 2.81 -6.88
C ARG B 26 25.01 1.53 -6.06
N CYS B 27 25.36 1.61 -4.81
CA CYS B 27 25.43 0.37 -4.00
C CYS B 27 24.99 0.62 -2.57
N ILE B 28 24.05 -0.16 -2.13
CA ILE B 28 23.56 -0.04 -0.74
C ILE B 28 24.38 -0.96 0.11
N THR B 29 24.60 -0.56 1.32
CA THR B 29 25.40 -1.39 2.27
C THR B 29 24.54 -1.76 3.45
N ALA B 30 24.78 -2.93 3.98
CA ALA B 30 23.99 -3.43 5.12
C ALA B 30 24.92 -3.77 6.27
N MET B 31 24.78 -4.95 6.81
CA MET B 31 25.66 -5.39 7.93
C MET B 31 27.10 -5.49 7.45
N ALA B 32 27.40 -4.73 6.44
CA ALA B 32 28.74 -4.70 5.78
C ALA B 32 28.57 -5.34 4.42
N LYS B 33 27.41 -5.92 4.20
CA LYS B 33 27.14 -6.56 2.89
C LYS B 33 26.72 -5.48 1.90
N LYS B 34 26.83 -5.74 0.63
CA LYS B 34 26.40 -4.76 -0.39
C LYS B 34 25.05 -5.20 -0.93
N PHE B 35 24.42 -4.43 -1.77
CA PHE B 35 23.09 -4.88 -2.27
C PHE B 35 22.74 -4.14 -3.54
N HIS B 36 22.24 -4.84 -4.52
CA HIS B 36 21.82 -4.14 -5.75
C HIS B 36 20.82 -3.07 -5.32
N PRO B 37 21.09 -1.79 -5.48
CA PRO B 37 20.13 -0.77 -5.04
C PRO B 37 18.69 -1.10 -5.47
N GLU B 38 18.52 -2.11 -6.30
CA GLU B 38 17.16 -2.50 -6.77
C GLU B 38 16.67 -3.72 -5.98
N HIS B 39 17.45 -4.75 -5.95
CA HIS B 39 17.03 -5.98 -5.21
C HIS B 39 16.72 -5.63 -3.76
N PHE B 40 16.96 -4.41 -3.37
CA PHE B 40 16.66 -3.96 -1.98
C PHE B 40 15.74 -2.74 -2.07
N VAL B 41 14.64 -2.89 -2.77
CA VAL B 41 13.69 -1.76 -2.97
C VAL B 41 12.58 -1.79 -1.90
N CYS B 42 11.71 -0.82 -1.94
CA CYS B 42 10.58 -0.74 -0.97
C CYS B 42 9.52 -1.75 -1.38
N ALA B 43 8.76 -2.31 -0.47
CA ALA B 43 7.73 -3.28 -0.96
C ALA B 43 6.36 -2.59 -1.10
N PHE B 44 6.26 -1.83 -2.15
CA PHE B 44 4.98 -1.19 -2.58
C PHE B 44 5.20 -1.05 -4.08
N CYS B 45 6.29 -0.35 -4.36
CA CYS B 45 6.77 -0.12 -5.75
C CYS B 45 8.14 -0.78 -5.86
N LEU B 46 8.30 -1.69 -6.78
CA LEU B 46 9.60 -2.40 -6.90
C LEU B 46 10.69 -1.51 -7.55
N LYS B 47 10.53 -0.21 -7.68
CA LYS B 47 11.62 0.54 -8.42
C LYS B 47 12.74 1.12 -7.53
N GLN B 48 12.51 1.66 -6.35
CA GLN B 48 13.71 2.16 -5.60
C GLN B 48 13.52 2.41 -4.11
N LEU B 49 14.54 2.08 -3.36
CA LEU B 49 14.59 2.35 -1.90
C LEU B 49 16.03 2.75 -1.57
N ASN B 50 16.27 3.25 -0.39
CA ASN B 50 17.67 3.66 -0.02
C ASN B 50 17.85 3.49 1.49
N LYS B 51 18.96 2.93 1.90
CA LYS B 51 19.20 2.74 3.36
C LYS B 51 19.05 4.08 4.07
N GLY B 52 19.05 5.15 3.31
CA GLY B 52 18.92 6.50 3.91
C GLY B 52 17.46 6.90 3.87
N THR B 53 16.68 6.21 3.10
CA THR B 53 15.23 6.51 3.00
C THR B 53 14.45 5.20 3.01
N PHE B 54 15.00 4.18 3.63
CA PHE B 54 14.26 2.89 3.67
C PHE B 54 13.38 2.85 4.92
N LYS B 55 12.10 2.96 4.71
CA LYS B 55 11.14 2.93 5.84
C LYS B 55 10.56 1.52 5.92
N GLU B 56 9.91 1.17 6.99
CA GLU B 56 9.37 -0.21 7.10
C GLU B 56 8.16 -0.25 8.02
N GLN B 57 7.37 -1.25 7.83
CA GLN B 57 6.16 -1.45 8.66
C GLN B 57 5.83 -2.93 8.57
N ASN B 58 5.31 -3.50 9.62
CA ASN B 58 4.97 -4.96 9.59
C ASN B 58 6.15 -5.74 8.99
N ASP B 59 7.35 -5.19 9.05
CA ASP B 59 8.57 -5.89 8.52
C ASP B 59 8.71 -5.68 7.02
N LYS B 60 7.73 -5.10 6.40
CA LYS B 60 7.78 -4.88 4.93
C LYS B 60 8.49 -3.55 4.62
N PRO B 61 9.64 -3.54 3.95
CA PRO B 61 10.31 -2.26 3.63
C PRO B 61 9.34 -1.27 2.98
N TYR B 62 9.70 -0.01 2.93
CA TYR B 62 8.78 1.00 2.32
C TYR B 62 9.52 2.34 2.17
N CYS B 63 9.31 3.04 1.09
CA CYS B 63 9.94 4.39 0.99
C CYS B 63 9.20 5.24 2.00
N GLN B 64 9.77 6.27 2.52
CA GLN B 64 8.99 7.09 3.47
C GLN B 64 7.75 7.55 2.70
N ASN B 65 7.96 8.22 1.61
CA ASN B 65 6.81 8.69 0.78
C ASN B 65 5.81 7.56 0.62
N CYS B 66 6.29 6.33 0.62
CA CYS B 66 5.36 5.18 0.49
C CYS B 66 4.76 4.89 1.86
N PHE B 67 5.58 4.53 2.81
CA PHE B 67 5.10 4.21 4.20
C PHE B 67 4.23 5.36 4.72
N LEU B 68 4.75 6.55 4.71
CA LEU B 68 3.98 7.70 5.25
C LEU B 68 2.59 7.75 4.59
N LYS B 69 2.51 7.52 3.32
CA LYS B 69 1.18 7.59 2.65
C LYS B 69 0.23 6.52 3.23
N LEU B 70 0.74 5.47 3.81
CA LEU B 70 -0.17 4.39 4.33
C LEU B 70 -0.55 4.61 5.79
N PHE B 71 0.41 4.73 6.67
CA PHE B 71 0.10 4.90 8.13
C PHE B 71 0.29 6.35 8.57
N CYS B 72 0.59 7.25 7.68
CA CYS B 72 0.78 8.68 8.08
C CYS B 72 0.36 9.59 6.93
N MET A 8 -31.93 3.64 24.83
CA MET A 8 -30.46 3.61 24.62
C MET A 8 -30.09 4.55 23.47
N ALA A 9 -29.28 4.09 22.55
CA ALA A 9 -28.89 4.96 21.40
C ALA A 9 -28.34 4.08 20.28
N LEU A 10 -27.51 3.14 20.63
CA LEU A 10 -26.94 2.22 19.62
C LEU A 10 -28.07 1.51 18.91
N ASP A 11 -28.75 0.69 19.64
CA ASP A 11 -29.87 -0.08 19.06
C ASP A 11 -31.06 0.87 18.84
N GLY A 12 -30.80 2.15 18.85
CA GLY A 12 -31.90 3.12 18.64
C GLY A 12 -32.53 2.84 17.30
N ILE A 13 -31.84 2.09 16.50
CA ILE A 13 -32.32 1.75 15.13
C ILE A 13 -32.77 0.27 15.13
N ARG A 14 -31.93 -0.62 14.66
CA ARG A 14 -32.32 -2.06 14.63
C ARG A 14 -31.08 -2.94 14.72
N MET A 15 -30.60 -3.45 13.61
CA MET A 15 -29.39 -4.33 13.65
C MET A 15 -28.51 -4.13 12.39
N PRO A 16 -28.98 -4.41 11.18
CA PRO A 16 -28.15 -4.18 9.95
C PRO A 16 -27.42 -2.85 10.05
N ASP A 17 -28.07 -1.91 10.67
CA ASP A 17 -27.48 -0.55 10.86
C ASP A 17 -27.32 -0.30 12.35
N GLY A 18 -28.12 -0.93 13.14
CA GLY A 18 -28.03 -0.75 14.62
C GLY A 18 -26.90 -1.64 15.16
N CYS A 19 -26.19 -2.28 14.29
CA CYS A 19 -25.08 -3.17 14.76
C CYS A 19 -24.26 -3.66 13.56
N TYR A 20 -24.91 -4.27 12.60
CA TYR A 20 -24.18 -4.81 11.41
C TYR A 20 -23.52 -6.12 11.85
N ALA A 21 -22.90 -6.10 13.00
CA ALA A 21 -22.21 -7.30 13.57
C ALA A 21 -21.09 -6.79 14.45
N ASP A 22 -20.59 -5.63 14.12
CA ASP A 22 -19.50 -5.03 14.92
C ASP A 22 -19.21 -3.62 14.39
N GLY A 23 -19.58 -3.35 13.16
CA GLY A 23 -19.35 -2.00 12.55
C GLY A 23 -18.32 -2.11 11.43
N THR A 24 -18.05 -3.31 10.98
CA THR A 24 -17.06 -3.49 9.88
C THR A 24 -17.79 -3.64 8.55
N TRP A 25 -17.41 -2.85 7.60
CA TRP A 25 -18.03 -2.92 6.25
C TRP A 25 -16.90 -3.00 5.22
N GLU A 26 -16.91 -4.02 4.40
CA GLU A 26 -15.82 -4.15 3.37
C GLU A 26 -16.07 -3.19 2.22
N LEU A 27 -15.05 -2.53 1.76
CA LEU A 27 -15.22 -1.58 0.63
C LEU A 27 -15.15 -2.38 -0.68
N SER A 28 -16.09 -2.22 -1.55
CA SER A 28 -16.03 -2.97 -2.83
C SER A 28 -15.03 -2.29 -3.73
N VAL A 29 -14.29 -3.04 -4.49
CA VAL A 29 -13.30 -2.44 -5.42
C VAL A 29 -13.37 -3.14 -6.76
N HIS A 30 -13.01 -2.45 -7.80
CA HIS A 30 -13.01 -3.03 -9.17
C HIS A 30 -11.59 -2.87 -9.71
N VAL A 31 -10.82 -3.91 -9.71
CA VAL A 31 -9.44 -3.77 -10.24
C VAL A 31 -9.56 -3.58 -11.74
N THR A 32 -9.42 -2.36 -12.21
CA THR A 32 -9.55 -2.11 -13.67
C THR A 32 -8.29 -2.58 -14.39
N ASP A 33 -7.15 -2.44 -13.77
CA ASP A 33 -5.89 -2.89 -14.42
C ASP A 33 -5.83 -4.42 -14.32
N LEU A 34 -6.95 -5.04 -14.08
CA LEU A 34 -6.98 -6.53 -13.97
C LEU A 34 -8.39 -7.04 -14.32
N ASN A 35 -9.39 -6.23 -14.10
CA ASN A 35 -10.80 -6.62 -14.40
C ASN A 35 -11.38 -7.44 -13.25
N ARG A 36 -10.72 -7.48 -12.12
CA ARG A 36 -11.25 -8.26 -10.99
C ARG A 36 -12.05 -7.37 -10.05
N ASP A 37 -12.54 -7.93 -9.00
CA ASP A 37 -13.31 -7.16 -8.00
C ASP A 37 -12.87 -7.63 -6.62
N VAL A 38 -12.37 -6.73 -5.81
CA VAL A 38 -11.89 -7.12 -4.45
C VAL A 38 -12.67 -6.38 -3.37
N THR A 39 -12.73 -6.95 -2.21
CA THR A 39 -13.45 -6.32 -1.06
C THR A 39 -12.50 -6.37 0.15
N LEU A 40 -12.30 -5.25 0.79
CA LEU A 40 -11.37 -5.19 1.96
C LEU A 40 -12.16 -4.85 3.23
N ARG A 41 -12.18 -5.77 4.16
CA ARG A 41 -12.90 -5.55 5.44
C ARG A 41 -12.30 -4.35 6.14
N VAL A 42 -13.06 -3.29 6.25
CA VAL A 42 -12.54 -2.05 6.90
C VAL A 42 -13.62 -1.40 7.75
N THR A 43 -13.34 -0.22 8.23
CA THR A 43 -14.31 0.53 9.06
C THR A 43 -14.15 2.00 8.71
N GLY A 44 -14.95 2.86 9.27
CA GLY A 44 -14.82 4.30 8.96
C GLY A 44 -13.72 4.88 9.82
N GLU A 45 -12.62 4.19 9.90
CA GLU A 45 -11.46 4.70 10.70
C GLU A 45 -10.17 4.26 10.02
N VAL A 46 -10.25 3.59 8.89
CA VAL A 46 -9.02 3.16 8.19
C VAL A 46 -8.56 4.26 7.23
N HIS A 47 -7.32 4.59 7.23
CA HIS A 47 -6.85 5.64 6.29
C HIS A 47 -6.81 5.03 4.89
N ILE A 48 -7.07 5.82 3.87
CA ILE A 48 -7.05 5.26 2.49
C ILE A 48 -5.77 4.46 2.29
N GLY A 49 -4.66 5.05 2.60
CA GLY A 49 -3.37 4.35 2.44
C GLY A 49 -3.42 3.07 3.27
N GLY A 50 -4.41 2.95 4.09
CA GLY A 50 -4.55 1.73 4.91
C GLY A 50 -5.03 0.60 4.01
N VAL A 51 -5.72 0.96 2.96
CA VAL A 51 -6.22 -0.06 2.00
C VAL A 51 -5.09 -0.37 1.02
N MET A 52 -4.40 0.64 0.55
CA MET A 52 -3.27 0.41 -0.40
C MET A 52 -2.43 -0.75 0.14
N LEU A 53 -2.30 -0.81 1.42
CA LEU A 53 -1.50 -1.90 2.06
C LEU A 53 -2.25 -3.24 1.95
N LYS A 54 -3.37 -3.35 2.61
CA LYS A 54 -4.14 -4.62 2.59
C LYS A 54 -4.40 -5.08 1.15
N LEU A 55 -5.01 -4.26 0.33
CA LEU A 55 -5.32 -4.68 -1.07
C LEU A 55 -4.09 -5.39 -1.68
N VAL A 56 -2.96 -4.73 -1.70
CA VAL A 56 -1.75 -5.38 -2.29
C VAL A 56 -1.39 -6.64 -1.51
N GLU A 57 -1.36 -6.57 -0.20
CA GLU A 57 -1.01 -7.77 0.61
C GLU A 57 -1.75 -9.00 0.08
N LYS A 58 -2.98 -8.84 -0.31
CA LYS A 58 -3.77 -9.99 -0.82
C LYS A 58 -3.16 -10.49 -2.13
N LEU A 59 -3.05 -9.66 -3.12
CA LEU A 59 -2.47 -10.11 -4.40
C LEU A 59 -1.01 -10.50 -4.15
N ASP A 60 -0.19 -9.55 -3.83
CA ASP A 60 1.24 -9.84 -3.54
C ASP A 60 1.89 -10.42 -4.77
N VAL A 61 2.40 -9.58 -5.59
CA VAL A 61 3.03 -10.08 -6.84
C VAL A 61 4.07 -9.09 -7.34
N LYS A 62 4.71 -8.41 -6.43
CA LYS A 62 5.79 -7.44 -6.79
C LYS A 62 5.39 -6.62 -8.02
N LYS A 63 4.14 -6.61 -8.35
CA LYS A 63 3.70 -5.81 -9.55
C LYS A 63 3.64 -4.33 -9.17
N ASP A 64 3.93 -3.48 -10.09
CA ASP A 64 3.88 -2.01 -9.79
C ASP A 64 2.49 -1.66 -9.27
N TRP A 65 2.40 -1.25 -8.03
CA TRP A 65 1.07 -0.89 -7.43
C TRP A 65 1.05 0.59 -7.05
N SER A 66 2.17 1.12 -6.63
CA SER A 66 2.24 2.56 -6.23
C SER A 66 1.47 3.43 -7.22
N ASP A 67 1.81 3.34 -8.48
CA ASP A 67 1.08 4.16 -9.49
C ASP A 67 -0.43 3.94 -9.29
N HIS A 68 -0.82 2.70 -9.11
CA HIS A 68 -2.25 2.38 -8.90
C HIS A 68 -2.71 2.85 -7.53
N ALA A 69 -3.85 3.49 -7.47
CA ALA A 69 -4.39 3.98 -6.19
C ALA A 69 -5.92 3.86 -6.24
N LEU A 70 -6.62 4.26 -5.21
CA LEU A 70 -8.11 4.12 -5.24
C LEU A 70 -8.77 5.43 -5.70
N TRP A 71 -9.75 5.32 -6.55
CA TRP A 71 -10.48 6.53 -7.07
C TRP A 71 -11.98 6.33 -6.79
N TRP A 72 -12.72 7.39 -6.57
CA TRP A 72 -14.18 7.23 -6.27
C TRP A 72 -14.98 7.63 -7.51
N GLU A 73 -15.31 6.71 -8.37
CA GLU A 73 -16.06 7.07 -9.61
C GLU A 73 -17.35 7.81 -9.25
N LYS A 74 -17.86 7.64 -8.07
CA LYS A 74 -19.10 8.40 -7.72
C LYS A 74 -18.69 9.87 -7.67
N LYS A 75 -17.41 10.09 -7.69
CA LYS A 75 -16.84 11.46 -7.60
C LYS A 75 -15.76 11.63 -8.67
N ARG A 76 -15.35 10.55 -9.29
CA ARG A 76 -14.26 10.65 -10.32
C ARG A 76 -13.10 11.39 -9.67
N THR A 77 -12.76 10.99 -8.46
CA THR A 77 -11.65 11.67 -7.72
C THR A 77 -10.48 10.72 -7.57
N TRP A 78 -9.51 11.11 -6.79
CA TRP A 78 -8.33 10.24 -6.52
C TRP A 78 -8.18 10.17 -5.01
N LEU A 79 -8.64 9.11 -4.43
CA LEU A 79 -8.60 9.01 -2.96
C LEU A 79 -7.16 9.08 -2.46
N LEU A 80 -6.72 10.29 -2.22
CA LEU A 80 -5.35 10.53 -1.70
C LEU A 80 -5.50 11.33 -0.40
N LYS A 81 -6.71 11.39 0.11
CA LYS A 81 -6.98 12.14 1.38
C LYS A 81 -6.46 11.34 2.57
N THR A 82 -5.30 10.76 2.47
CA THR A 82 -4.76 9.97 3.62
C THR A 82 -4.75 10.83 4.89
N HIS A 83 -5.07 12.10 4.75
CA HIS A 83 -5.06 13.00 5.94
C HIS A 83 -5.98 12.46 7.05
N TRP A 84 -7.27 12.46 6.82
CA TRP A 84 -8.22 11.97 7.87
C TRP A 84 -8.65 10.53 7.58
N THR A 85 -9.92 10.30 7.32
CA THR A 85 -10.36 8.90 7.05
C THR A 85 -11.60 8.89 6.16
N LEU A 86 -11.82 7.82 5.46
CA LEU A 86 -13.00 7.73 4.58
C LEU A 86 -14.24 8.26 5.28
N ASP A 87 -14.51 7.79 6.46
CA ASP A 87 -15.69 8.30 7.22
C ASP A 87 -15.74 9.82 7.14
N LYS A 88 -14.60 10.45 7.07
CA LYS A 88 -14.58 11.93 7.00
C LYS A 88 -15.06 12.31 5.61
N TYR A 89 -14.77 11.50 4.66
CA TYR A 89 -15.22 11.78 3.27
C TYR A 89 -16.71 11.52 3.22
N GLY A 90 -17.15 10.39 3.70
CA GLY A 90 -18.64 10.08 3.69
C GLY A 90 -18.85 8.76 2.95
N ILE A 91 -17.77 8.15 2.60
CA ILE A 91 -17.81 6.85 1.89
C ILE A 91 -18.52 5.82 2.78
N GLN A 92 -18.97 4.72 2.23
CA GLN A 92 -19.64 3.69 3.07
C GLN A 92 -19.52 2.33 2.36
N ALA A 93 -20.29 1.37 2.77
CA ALA A 93 -20.25 0.03 2.11
C ALA A 93 -20.91 0.10 0.74
N ASP A 94 -21.75 1.07 0.53
CA ASP A 94 -22.45 1.20 -0.78
C ASP A 94 -21.56 1.97 -1.76
N ALA A 95 -20.38 2.33 -1.34
CA ALA A 95 -19.47 3.10 -2.23
C ALA A 95 -18.52 2.13 -2.93
N LYS A 96 -18.63 2.00 -4.24
CA LYS A 96 -17.72 1.08 -4.99
C LYS A 96 -16.57 1.87 -5.59
N LEU A 97 -15.37 1.46 -5.30
CA LEU A 97 -14.15 2.17 -5.81
C LEU A 97 -13.42 1.27 -6.80
N GLN A 98 -12.35 1.75 -7.35
CA GLN A 98 -11.56 0.95 -8.32
C GLN A 98 -10.10 1.00 -7.87
N PHE A 99 -9.25 0.19 -8.43
CA PHE A 99 -7.80 0.20 -8.06
C PHE A 99 -7.02 0.43 -9.35
N THR A 100 -6.76 1.67 -9.66
CA THR A 100 -6.06 2.00 -10.95
C THR A 100 -5.17 3.26 -10.77
N PRO A 101 -4.32 3.53 -11.74
CA PRO A 101 -3.42 4.72 -11.71
C PRO A 101 -4.06 5.95 -11.07
N TYR B 8 31.23 -0.39 -13.26
CA TYR B 8 32.14 -0.16 -14.42
C TYR B 8 33.44 0.45 -13.92
N HIS B 9 33.63 0.49 -12.63
CA HIS B 9 34.89 1.06 -12.07
C HIS B 9 36.09 0.38 -12.74
N GLU B 10 36.45 -0.81 -12.28
CA GLU B 10 37.60 -1.53 -12.89
C GLU B 10 37.21 -3.00 -13.13
N ARG B 11 37.59 -3.87 -12.25
CA ARG B 11 37.26 -5.31 -12.42
C ARG B 11 35.84 -5.62 -11.92
N ARG B 12 35.71 -6.03 -10.68
CA ARG B 12 34.35 -6.38 -10.14
C ARG B 12 33.65 -5.14 -9.57
N GLY B 13 33.57 -5.02 -8.27
CA GLY B 13 32.89 -3.84 -7.66
C GLY B 13 32.54 -4.16 -6.20
N SER B 14 31.34 -4.61 -5.95
CA SER B 14 30.93 -4.95 -4.57
C SER B 14 29.86 -6.03 -4.65
N LEU B 15 30.15 -7.21 -4.19
CA LEU B 15 29.16 -8.31 -4.27
C LEU B 15 27.90 -7.96 -3.50
N CYS B 16 26.76 -8.24 -4.05
CA CYS B 16 25.50 -7.96 -3.33
C CYS B 16 25.26 -9.14 -2.41
N SER B 17 25.52 -8.96 -1.17
CA SER B 17 25.36 -10.07 -0.19
C SER B 17 24.00 -10.71 -0.37
N GLY B 18 23.99 -11.99 -0.55
CA GLY B 18 22.72 -12.74 -0.79
C GLY B 18 22.73 -13.17 -2.24
N CYS B 19 23.29 -12.33 -3.07
CA CYS B 19 23.41 -12.63 -4.51
C CYS B 19 24.87 -12.99 -4.78
N GLN B 20 25.75 -12.34 -4.06
CA GLN B 20 27.20 -12.56 -4.24
C GLN B 20 27.57 -12.36 -5.70
N LYS B 21 27.25 -11.19 -6.17
CA LYS B 21 27.59 -10.78 -7.57
C LYS B 21 28.00 -9.29 -7.51
N PRO B 22 29.17 -8.91 -7.99
CA PRO B 22 29.60 -7.48 -7.91
C PRO B 22 28.52 -6.46 -8.27
N ILE B 23 28.46 -5.41 -7.50
CA ILE B 23 27.48 -4.33 -7.72
C ILE B 23 28.18 -3.21 -8.50
N THR B 24 27.98 -3.17 -9.79
CA THR B 24 28.67 -2.13 -10.63
C THR B 24 27.73 -0.96 -10.95
N GLY B 25 27.75 0.03 -10.11
CA GLY B 25 26.88 1.23 -10.31
C GLY B 25 26.66 1.87 -8.94
N ARG B 26 25.56 1.55 -8.32
CA ARG B 26 25.26 2.09 -6.97
C ARG B 26 25.29 0.91 -6.02
N CYS B 27 25.58 1.13 -4.76
CA CYS B 27 25.61 -0.01 -3.80
C CYS B 27 25.12 0.40 -2.43
N ILE B 28 24.16 -0.32 -1.93
CA ILE B 28 23.63 -0.03 -0.58
C ILE B 28 24.43 -0.86 0.40
N THR B 29 24.62 -0.32 1.56
CA THR B 29 25.40 -1.04 2.60
C THR B 29 24.53 -1.21 3.83
N ALA B 30 24.72 -2.30 4.51
CA ALA B 30 23.93 -2.61 5.72
C ALA B 30 24.89 -2.82 6.89
N MET B 31 24.73 -3.90 7.59
CA MET B 31 25.62 -4.21 8.74
C MET B 31 27.05 -4.43 8.24
N ALA B 32 27.34 -3.83 7.11
CA ALA B 32 28.66 -3.95 6.42
C ALA B 32 28.42 -4.78 5.18
N LYS B 33 27.24 -5.34 5.07
CA LYS B 33 26.91 -6.16 3.89
C LYS B 33 26.49 -5.23 2.76
N LYS B 34 26.75 -5.60 1.53
CA LYS B 34 26.35 -4.73 0.39
C LYS B 34 25.01 -5.21 -0.13
N PHE B 35 24.42 -4.52 -1.07
CA PHE B 35 23.09 -4.98 -1.57
C PHE B 35 22.81 -4.37 -2.93
N HIS B 36 22.33 -5.17 -3.85
CA HIS B 36 21.98 -4.62 -5.17
C HIS B 36 20.98 -3.48 -4.89
N PRO B 37 21.30 -2.25 -5.18
CA PRO B 37 20.35 -1.15 -4.87
C PRO B 37 18.91 -1.49 -5.31
N GLU B 38 18.76 -2.55 -6.06
CA GLU B 38 17.40 -2.96 -6.53
C GLU B 38 16.86 -4.10 -5.66
N HIS B 39 17.61 -5.14 -5.54
CA HIS B 39 17.13 -6.30 -4.72
C HIS B 39 16.76 -5.82 -3.32
N PHE B 40 17.03 -4.57 -3.01
CA PHE B 40 16.67 -4.02 -1.67
C PHE B 40 15.80 -2.78 -1.90
N VAL B 41 14.75 -2.94 -2.67
CA VAL B 41 13.85 -1.78 -2.97
C VAL B 41 12.67 -1.76 -1.97
N CYS B 42 11.84 -0.76 -2.07
CA CYS B 42 10.65 -0.66 -1.16
C CYS B 42 9.61 -1.63 -1.65
N ALA B 43 8.85 -2.27 -0.79
CA ALA B 43 7.83 -3.21 -1.36
C ALA B 43 6.51 -2.45 -1.58
N PHE B 44 6.52 -1.64 -2.60
CA PHE B 44 5.29 -0.92 -3.09
C PHE B 44 5.61 -0.67 -4.55
N CYS B 45 6.62 0.16 -4.72
CA CYS B 45 7.16 0.53 -6.05
C CYS B 45 8.55 -0.12 -6.13
N LEU B 46 8.57 -1.36 -6.50
CA LEU B 46 9.83 -2.13 -6.55
C LEU B 46 10.94 -1.44 -7.38
N LYS B 47 10.84 -0.17 -7.72
CA LYS B 47 11.96 0.40 -8.56
C LYS B 47 13.13 0.92 -7.71
N GLN B 48 12.92 1.57 -6.59
CA GLN B 48 14.12 2.02 -5.81
C GLN B 48 13.86 2.37 -4.35
N LEU B 49 14.80 2.02 -3.51
CA LEU B 49 14.75 2.38 -2.06
C LEU B 49 16.15 2.85 -1.64
N ASN B 50 16.29 3.40 -0.47
CA ASN B 50 17.63 3.87 -0.01
C ASN B 50 17.75 3.65 1.49
N LYS B 51 18.81 3.03 1.92
CA LYS B 51 19.02 2.78 3.36
C LYS B 51 18.82 4.08 4.15
N GLY B 52 18.98 5.18 3.49
CA GLY B 52 18.81 6.49 4.19
C GLY B 52 17.35 6.89 4.17
N THR B 53 16.61 6.28 3.30
CA THR B 53 15.14 6.57 3.21
C THR B 53 14.38 5.26 3.15
N PHE B 54 14.93 4.22 3.70
CA PHE B 54 14.22 2.91 3.67
C PHE B 54 13.32 2.77 4.90
N LYS B 55 12.05 2.84 4.68
CA LYS B 55 11.06 2.72 5.80
C LYS B 55 10.53 1.29 5.77
N GLU B 56 9.83 0.87 6.78
CA GLU B 56 9.34 -0.55 6.80
C GLU B 56 8.05 -0.66 7.62
N GLN B 57 7.31 -1.68 7.34
CA GLN B 57 6.04 -1.95 8.05
C GLN B 57 5.85 -3.47 8.02
N ASN B 58 5.31 -4.04 9.05
CA ASN B 58 5.09 -5.52 9.08
C ASN B 58 6.32 -6.25 8.49
N ASP B 59 7.49 -5.66 8.58
CA ASP B 59 8.75 -6.30 8.05
C ASP B 59 8.92 -6.03 6.55
N LYS B 60 7.93 -5.48 5.92
CA LYS B 60 8.01 -5.21 4.46
C LYS B 60 8.64 -3.82 4.22
N PRO B 61 9.79 -3.73 3.57
CA PRO B 61 10.42 -2.39 3.32
C PRO B 61 9.43 -1.40 2.70
N TYR B 62 9.75 -0.14 2.73
CA TYR B 62 8.83 0.89 2.14
C TYR B 62 9.54 2.25 2.11
N CYS B 63 9.37 3.00 1.05
CA CYS B 63 9.98 4.36 1.05
C CYS B 63 9.19 5.14 2.08
N GLN B 64 9.73 6.19 2.62
CA GLN B 64 8.92 6.93 3.61
C GLN B 64 7.66 7.40 2.87
N ASN B 65 7.83 8.12 1.80
CA ASN B 65 6.64 8.60 1.03
C ASN B 65 5.66 7.44 0.83
N CYS B 66 6.16 6.23 0.75
CA CYS B 66 5.27 5.06 0.59
C CYS B 66 4.70 4.69 1.95
N PHE B 67 5.56 4.44 2.91
CA PHE B 67 5.12 4.06 4.30
C PHE B 67 4.28 5.18 4.92
N LEU B 68 4.80 6.38 4.93
CA LEU B 68 4.04 7.49 5.55
C LEU B 68 2.62 7.53 4.97
N LYS B 69 2.48 7.38 3.69
CA LYS B 69 1.12 7.43 3.09
C LYS B 69 0.22 6.35 3.71
N LEU B 70 0.79 5.33 4.31
CA LEU B 70 -0.07 4.26 4.90
C LEU B 70 -0.36 4.56 6.38
N PHE B 71 0.66 4.71 7.18
CA PHE B 71 0.46 4.99 8.64
C PHE B 71 0.79 6.46 8.94
N CYS B 72 0.53 7.36 8.00
CA CYS B 72 0.83 8.81 8.24
C CYS B 72 0.41 9.20 9.66
N MET A 8 -26.94 3.36 21.95
CA MET A 8 -27.95 3.16 23.03
C MET A 8 -28.58 1.79 22.89
N ALA A 9 -29.85 1.78 22.68
CA ALA A 9 -30.60 0.51 22.54
C ALA A 9 -31.90 0.78 21.79
N LEU A 10 -32.60 1.81 22.17
CA LEU A 10 -33.88 2.16 21.50
C LEU A 10 -33.67 2.22 20.01
N ASP A 11 -32.95 3.24 19.61
CA ASP A 11 -32.65 3.54 18.18
C ASP A 11 -33.96 3.85 17.45
N GLY A 12 -34.95 3.07 17.69
CA GLY A 12 -36.29 3.31 17.06
C GLY A 12 -36.54 2.23 16.04
N ILE A 13 -35.51 1.53 15.69
CA ILE A 13 -35.60 0.42 14.69
C ILE A 13 -35.29 -0.91 15.40
N ARG A 14 -34.13 -1.51 15.19
CA ARG A 14 -33.84 -2.79 15.86
C ARG A 14 -32.32 -3.00 15.96
N MET A 15 -31.71 -3.74 15.06
CA MET A 15 -30.23 -3.97 15.15
C MET A 15 -29.52 -3.72 13.79
N PRO A 16 -29.92 -4.32 12.69
CA PRO A 16 -29.26 -4.07 11.39
C PRO A 16 -29.32 -2.59 11.04
N ASP A 17 -30.42 -1.97 11.39
CA ASP A 17 -30.61 -0.51 11.14
C ASP A 17 -30.51 0.19 12.49
N GLY A 18 -30.81 -0.52 13.54
CA GLY A 18 -30.72 0.07 14.90
C GLY A 18 -29.28 -0.06 15.41
N CYS A 19 -28.46 -0.76 14.68
CA CYS A 19 -27.05 -0.94 15.09
C CYS A 19 -26.21 -1.32 13.86
N TYR A 20 -25.86 -2.58 13.73
CA TYR A 20 -25.04 -3.02 12.55
C TYR A 20 -25.10 -4.55 12.44
N ALA A 21 -24.00 -5.21 12.66
CA ALA A 21 -24.00 -6.69 12.57
C ALA A 21 -22.61 -7.21 12.95
N ASP A 22 -21.58 -6.53 12.54
CA ASP A 22 -20.20 -6.98 12.87
C ASP A 22 -19.30 -5.77 13.11
N GLY A 23 -19.84 -4.58 13.02
CA GLY A 23 -19.00 -3.37 13.23
C GLY A 23 -18.14 -3.13 12.02
N THR A 24 -18.63 -3.40 10.87
CA THR A 24 -17.76 -3.18 9.70
C THR A 24 -18.54 -3.25 8.41
N TRP A 25 -17.82 -3.04 7.38
CA TRP A 25 -18.40 -3.02 6.01
C TRP A 25 -17.24 -3.09 5.00
N GLU A 26 -17.30 -4.02 4.08
CA GLU A 26 -16.20 -4.13 3.07
C GLU A 26 -16.45 -3.15 1.94
N LEU A 27 -15.44 -2.41 1.58
CA LEU A 27 -15.58 -1.44 0.46
C LEU A 27 -15.37 -2.19 -0.84
N SER A 28 -16.22 -1.99 -1.79
CA SER A 28 -16.05 -2.72 -3.07
C SER A 28 -14.96 -2.05 -3.89
N VAL A 29 -14.22 -2.83 -4.63
CA VAL A 29 -13.13 -2.25 -5.46
C VAL A 29 -13.12 -2.89 -6.84
N HIS A 30 -13.43 -2.12 -7.85
CA HIS A 30 -13.42 -2.64 -9.23
C HIS A 30 -12.00 -2.55 -9.78
N VAL A 31 -11.29 -3.65 -9.85
CA VAL A 31 -9.91 -3.55 -10.40
C VAL A 31 -10.03 -3.26 -11.89
N THR A 32 -9.72 -2.05 -12.28
CA THR A 32 -9.86 -1.69 -13.72
C THR A 32 -8.67 -2.24 -14.51
N ASP A 33 -7.48 -2.16 -13.97
CA ASP A 33 -6.31 -2.70 -14.70
C ASP A 33 -6.36 -4.23 -14.66
N LEU A 34 -7.53 -4.77 -14.43
CA LEU A 34 -7.67 -6.25 -14.36
C LEU A 34 -9.13 -6.62 -14.70
N ASN A 35 -10.05 -5.77 -14.34
CA ASN A 35 -11.51 -6.02 -14.63
C ASN A 35 -12.13 -6.87 -13.52
N ARG A 36 -11.46 -7.02 -12.41
CA ARG A 36 -12.03 -7.85 -11.31
C ARG A 36 -12.74 -6.96 -10.31
N ASP A 37 -13.25 -7.57 -9.29
CA ASP A 37 -13.96 -6.83 -8.21
C ASP A 37 -13.49 -7.37 -6.88
N VAL A 38 -12.85 -6.54 -6.08
CA VAL A 38 -12.34 -7.00 -4.76
C VAL A 38 -13.05 -6.26 -3.64
N THR A 39 -13.10 -6.86 -2.48
CA THR A 39 -13.77 -6.22 -1.31
C THR A 39 -12.84 -6.37 -0.09
N LEU A 40 -12.61 -5.32 0.63
CA LEU A 40 -11.73 -5.36 1.82
C LEU A 40 -12.53 -4.99 3.06
N ARG A 41 -12.69 -5.90 3.98
CA ARG A 41 -13.44 -5.57 5.21
C ARG A 41 -12.72 -4.46 5.93
N VAL A 42 -13.47 -3.49 6.34
CA VAL A 42 -12.87 -2.32 7.04
C VAL A 42 -13.95 -1.59 7.83
N THR A 43 -13.61 -0.44 8.33
CA THR A 43 -14.58 0.38 9.10
C THR A 43 -14.33 1.84 8.74
N GLY A 44 -15.18 2.72 9.16
CA GLY A 44 -14.96 4.15 8.82
C GLY A 44 -13.88 4.71 9.72
N GLU A 45 -12.81 3.97 9.88
CA GLU A 45 -11.70 4.42 10.75
C GLU A 45 -10.38 3.95 10.14
N VAL A 46 -10.42 3.33 8.99
CA VAL A 46 -9.16 2.84 8.35
C VAL A 46 -8.59 3.93 7.44
N HIS A 47 -7.31 4.15 7.51
CA HIS A 47 -6.71 5.18 6.63
C HIS A 47 -6.69 4.63 5.19
N ILE A 48 -6.94 5.45 4.21
CA ILE A 48 -6.93 4.96 2.79
C ILE A 48 -5.68 4.12 2.56
N GLY A 49 -4.53 4.69 2.82
CA GLY A 49 -3.26 3.94 2.63
C GLY A 49 -3.33 2.65 3.43
N GLY A 50 -4.33 2.53 4.26
CA GLY A 50 -4.48 1.29 5.06
C GLY A 50 -4.99 0.20 4.13
N VAL A 51 -5.69 0.59 3.11
CA VAL A 51 -6.22 -0.39 2.12
C VAL A 51 -5.11 -0.68 1.11
N MET A 52 -4.37 0.32 0.70
CA MET A 52 -3.25 0.10 -0.28
C MET A 52 -2.44 -1.10 0.22
N LEU A 53 -2.32 -1.23 1.51
CA LEU A 53 -1.53 -2.35 2.09
C LEU A 53 -2.32 -3.66 1.95
N LYS A 54 -3.43 -3.77 2.62
CA LYS A 54 -4.24 -5.03 2.55
C LYS A 54 -4.46 -5.46 1.10
N LEU A 55 -5.09 -4.63 0.30
CA LEU A 55 -5.34 -5.01 -1.12
C LEU A 55 -4.07 -5.61 -1.72
N VAL A 56 -2.98 -4.89 -1.67
CA VAL A 56 -1.70 -5.42 -2.24
C VAL A 56 -1.36 -6.77 -1.58
N GLU A 57 -1.41 -6.85 -0.28
CA GLU A 57 -1.07 -8.13 0.40
C GLU A 57 -1.80 -9.29 -0.29
N LYS A 58 -3.04 -9.08 -0.66
CA LYS A 58 -3.81 -10.15 -1.32
C LYS A 58 -3.38 -10.31 -2.78
N LEU A 59 -3.08 -9.24 -3.47
CA LEU A 59 -2.67 -9.35 -4.87
C LEU A 59 -1.42 -10.24 -4.96
N ASP A 60 -0.33 -9.79 -4.40
CA ASP A 60 0.92 -10.58 -4.41
C ASP A 60 1.45 -10.67 -5.83
N VAL A 61 2.08 -9.64 -6.28
CA VAL A 61 2.61 -9.64 -7.66
C VAL A 61 3.50 -8.42 -7.89
N LYS A 62 4.53 -8.56 -8.68
CA LYS A 62 5.43 -7.41 -8.94
C LYS A 62 4.67 -6.36 -9.76
N LYS A 63 3.39 -6.21 -9.53
CA LYS A 63 2.60 -5.20 -10.29
C LYS A 63 2.89 -3.82 -9.72
N ASP A 64 2.61 -2.79 -10.46
CA ASP A 64 2.87 -1.42 -9.97
C ASP A 64 1.78 -1.03 -8.97
N TRP A 65 2.00 -1.31 -7.72
CA TRP A 65 0.99 -0.97 -6.70
C TRP A 65 0.99 0.55 -6.48
N SER A 66 2.12 1.09 -6.12
CA SER A 66 2.23 2.55 -5.86
C SER A 66 1.48 3.34 -6.93
N ASP A 67 1.82 3.15 -8.16
CA ASP A 67 1.11 3.87 -9.25
C ASP A 67 -0.38 3.62 -9.07
N HIS A 68 -0.74 2.38 -8.85
CA HIS A 68 -2.16 2.02 -8.67
C HIS A 68 -2.65 2.49 -7.30
N ALA A 69 -3.66 3.32 -7.30
CA ALA A 69 -4.22 3.84 -6.02
C ALA A 69 -5.74 3.75 -6.08
N LEU A 70 -6.44 4.12 -5.04
CA LEU A 70 -7.93 4.02 -5.09
C LEU A 70 -8.52 5.37 -5.53
N TRP A 71 -9.54 5.33 -6.35
CA TRP A 71 -10.19 6.58 -6.85
C TRP A 71 -11.70 6.48 -6.58
N TRP A 72 -12.37 7.60 -6.39
CA TRP A 72 -13.84 7.56 -6.11
C TRP A 72 -14.59 8.08 -7.33
N GLU A 73 -15.02 7.22 -8.21
CA GLU A 73 -15.74 7.69 -9.43
C GLU A 73 -16.94 8.54 -9.06
N LYS A 74 -17.48 8.40 -7.88
CA LYS A 74 -18.63 9.27 -7.52
C LYS A 74 -18.07 10.68 -7.39
N LYS A 75 -16.77 10.77 -7.42
CA LYS A 75 -16.08 12.08 -7.27
C LYS A 75 -14.99 12.19 -8.34
N ARG A 76 -14.68 11.11 -9.02
CA ARG A 76 -13.60 11.15 -10.04
C ARG A 76 -12.37 11.75 -9.37
N THR A 77 -12.06 11.28 -8.18
CA THR A 77 -10.90 11.82 -7.43
C THR A 77 -9.82 10.75 -7.31
N TRP A 78 -8.81 11.03 -6.55
CA TRP A 78 -7.72 10.05 -6.31
C TRP A 78 -7.56 9.94 -4.80
N LEU A 79 -8.12 8.93 -4.23
CA LEU A 79 -8.08 8.79 -2.76
C LEU A 79 -6.64 8.72 -2.27
N LEU A 80 -6.07 9.88 -2.09
CA LEU A 80 -4.68 10.02 -1.57
C LEU A 80 -4.74 10.86 -0.30
N LYS A 81 -5.94 11.09 0.19
CA LYS A 81 -6.11 11.91 1.42
C LYS A 81 -5.95 11.01 2.66
N THR A 82 -5.10 10.03 2.58
CA THR A 82 -4.89 9.13 3.74
C THR A 82 -4.64 9.97 5.00
N HIS A 83 -4.45 11.25 4.84
CA HIS A 83 -4.21 12.12 6.02
C HIS A 83 -5.35 11.97 7.03
N TRP A 84 -6.46 11.39 6.61
CA TRP A 84 -7.62 11.21 7.56
C TRP A 84 -8.23 9.81 7.36
N THR A 85 -9.50 9.70 7.03
CA THR A 85 -10.08 8.32 6.87
C THR A 85 -11.25 8.32 5.88
N LEU A 86 -12.02 7.26 5.90
CA LEU A 86 -13.20 7.16 5.00
C LEU A 86 -14.24 8.13 5.53
N ASP A 87 -14.57 7.96 6.78
CA ASP A 87 -15.57 8.84 7.44
C ASP A 87 -15.34 10.30 7.07
N LYS A 88 -14.13 10.74 7.17
CA LYS A 88 -13.85 12.16 6.86
C LYS A 88 -14.31 12.45 5.43
N TYR A 89 -14.26 11.47 4.56
CA TYR A 89 -14.71 11.70 3.16
C TYR A 89 -16.22 11.41 3.07
N GLY A 90 -16.66 10.33 3.67
CA GLY A 90 -18.13 9.98 3.63
C GLY A 90 -18.30 8.74 2.78
N ILE A 91 -17.28 7.93 2.72
CA ILE A 91 -17.35 6.69 1.91
C ILE A 91 -18.04 5.58 2.71
N GLN A 92 -18.52 4.57 2.04
CA GLN A 92 -19.22 3.46 2.76
C GLN A 92 -19.36 2.28 1.79
N ALA A 93 -20.07 1.27 2.20
CA ALA A 93 -20.26 0.08 1.33
C ALA A 93 -21.05 0.46 0.09
N ASP A 94 -21.80 1.52 0.15
CA ASP A 94 -22.60 1.93 -1.02
C ASP A 94 -21.69 2.65 -2.02
N ALA A 95 -20.49 2.94 -1.62
CA ALA A 95 -19.53 3.63 -2.51
C ALA A 95 -18.57 2.60 -3.13
N LYS A 96 -18.63 2.39 -4.42
CA LYS A 96 -17.73 1.41 -5.07
C LYS A 96 -16.49 2.13 -5.60
N LEU A 97 -15.35 1.78 -5.08
CA LEU A 97 -14.07 2.40 -5.51
C LEU A 97 -13.42 1.52 -6.57
N GLN A 98 -12.32 1.95 -7.10
CA GLN A 98 -11.59 1.15 -8.14
C GLN A 98 -10.12 1.09 -7.75
N PHE A 99 -9.36 0.25 -8.40
CA PHE A 99 -7.89 0.15 -8.11
C PHE A 99 -7.15 0.42 -9.42
N THR A 100 -6.81 1.66 -9.66
CA THR A 100 -6.14 2.05 -10.94
C THR A 100 -5.06 3.10 -10.67
N PRO A 101 -4.26 3.43 -11.67
CA PRO A 101 -3.17 4.44 -11.54
C PRO A 101 -3.61 5.66 -10.74
N TYR B 8 37.88 6.11 -6.73
CA TYR B 8 39.24 5.96 -6.15
C TYR B 8 39.73 4.53 -6.40
N HIS B 9 39.21 3.58 -5.67
CA HIS B 9 39.62 2.15 -5.84
C HIS B 9 38.38 1.28 -5.99
N GLU B 10 38.31 0.22 -5.24
CA GLU B 10 37.18 -0.69 -5.29
C GLU B 10 37.10 -1.34 -6.65
N ARG B 11 37.48 -2.57 -6.68
CA ARG B 11 37.46 -3.35 -7.96
C ARG B 11 36.15 -3.08 -8.71
N ARG B 12 36.09 -3.48 -9.96
CA ARG B 12 34.89 -3.28 -10.84
C ARG B 12 33.68 -2.70 -10.08
N GLY B 13 32.65 -3.48 -9.95
CA GLY B 13 31.42 -3.00 -9.23
C GLY B 13 31.41 -3.54 -7.80
N SER B 14 30.54 -4.46 -7.52
CA SER B 14 30.45 -5.03 -6.15
C SER B 14 29.43 -6.16 -6.18
N LEU B 15 29.81 -7.35 -5.83
CA LEU B 15 28.83 -8.48 -5.88
C LEU B 15 27.62 -8.16 -5.02
N CYS B 16 26.44 -8.42 -5.52
CA CYS B 16 25.22 -8.17 -4.71
C CYS B 16 25.03 -9.41 -3.85
N SER B 17 25.36 -9.28 -2.60
CA SER B 17 25.26 -10.44 -1.67
C SER B 17 23.88 -11.08 -1.81
N GLY B 18 23.87 -12.35 -2.06
CA GLY B 18 22.60 -13.10 -2.26
C GLY B 18 22.54 -13.44 -3.73
N CYS B 19 23.05 -12.57 -4.54
CA CYS B 19 23.09 -12.78 -6.00
C CYS B 19 24.53 -13.12 -6.37
N GLN B 20 25.44 -12.50 -5.68
CA GLN B 20 26.88 -12.70 -5.95
C GLN B 20 27.17 -12.43 -7.41
N LYS B 21 26.82 -11.24 -7.81
CA LYS B 21 27.07 -10.76 -9.20
C LYS B 21 27.49 -9.28 -9.08
N PRO B 22 28.64 -8.87 -9.60
CA PRO B 22 29.07 -7.46 -9.47
C PRO B 22 27.98 -6.41 -9.72
N ILE B 23 27.91 -5.45 -8.85
CA ILE B 23 26.91 -4.36 -8.97
C ILE B 23 27.59 -3.21 -9.74
N THR B 24 27.32 -3.09 -11.01
CA THR B 24 27.96 -2.02 -11.83
C THR B 24 27.01 -0.85 -12.05
N GLY B 25 27.09 0.14 -11.19
CA GLY B 25 26.22 1.34 -11.31
C GLY B 25 26.08 1.93 -9.91
N ARG B 26 25.04 1.57 -9.22
CA ARG B 26 24.82 2.04 -7.83
C ARG B 26 24.88 0.82 -6.94
N CYS B 27 25.26 0.98 -5.70
CA CYS B 27 25.32 -0.21 -4.81
C CYS B 27 24.93 0.13 -3.39
N ILE B 28 23.99 -0.61 -2.87
CA ILE B 28 23.54 -0.39 -1.48
C ILE B 28 24.37 -1.27 -0.58
N THR B 29 24.63 -0.80 0.59
CA THR B 29 25.44 -1.58 1.57
C THR B 29 24.62 -1.80 2.82
N ALA B 30 24.82 -2.92 3.44
CA ALA B 30 24.08 -3.28 4.66
C ALA B 30 25.06 -3.55 5.79
N MET B 31 24.93 -4.67 6.43
CA MET B 31 25.86 -5.03 7.54
C MET B 31 27.26 -5.25 6.98
N ALA B 32 27.52 -4.61 5.87
CA ALA B 32 28.80 -4.69 5.12
C ALA B 32 28.51 -5.46 3.84
N LYS B 33 27.33 -6.01 3.76
CA LYS B 33 26.95 -6.76 2.54
C LYS B 33 26.47 -5.78 1.48
N LYS B 34 26.67 -6.08 0.23
CA LYS B 34 26.23 -5.16 -0.86
C LYS B 34 24.85 -5.61 -1.33
N PHE B 35 24.23 -4.87 -2.21
CA PHE B 35 22.88 -5.30 -2.65
C PHE B 35 22.53 -4.63 -3.98
N HIS B 36 22.00 -5.38 -4.90
CA HIS B 36 21.58 -4.76 -6.18
C HIS B 36 20.61 -3.63 -5.79
N PRO B 37 20.92 -2.38 -6.03
CA PRO B 37 19.98 -1.31 -5.62
C PRO B 37 18.54 -1.64 -6.01
N GLU B 38 18.34 -2.64 -6.83
CA GLU B 38 16.97 -3.03 -7.24
C GLU B 38 16.46 -4.20 -6.39
N HIS B 39 17.22 -5.25 -6.32
CA HIS B 39 16.76 -6.42 -5.52
C HIS B 39 16.49 -5.99 -4.07
N PHE B 40 16.77 -4.75 -3.76
CA PHE B 40 16.50 -4.23 -2.39
C PHE B 40 15.67 -2.95 -2.51
N VAL B 41 14.57 -3.03 -3.21
CA VAL B 41 13.70 -1.82 -3.41
C VAL B 41 12.61 -1.78 -2.33
N CYS B 42 11.82 -0.75 -2.37
CA CYS B 42 10.70 -0.60 -1.36
C CYS B 42 9.52 -1.40 -1.84
N ALA B 43 8.80 -2.06 -0.98
CA ALA B 43 7.62 -2.82 -1.50
C ALA B 43 6.38 -1.89 -1.48
N PHE B 44 6.35 -0.99 -2.43
CA PHE B 44 5.20 -0.07 -2.69
C PHE B 44 5.34 0.23 -4.17
N CYS B 45 6.48 0.82 -4.45
CA CYS B 45 6.92 1.16 -5.81
C CYS B 45 8.23 0.38 -6.01
N LEU B 46 8.13 -0.86 -6.33
CA LEU B 46 9.33 -1.73 -6.47
C LEU B 46 10.40 -1.15 -7.41
N LYS B 47 10.38 0.12 -7.78
CA LYS B 47 11.46 0.58 -8.73
C LYS B 47 12.73 1.01 -7.98
N GLN B 48 12.67 1.67 -6.84
CA GLN B 48 13.96 2.03 -6.17
C GLN B 48 13.82 2.36 -4.68
N LEU B 49 14.80 1.94 -3.92
CA LEU B 49 14.85 2.27 -2.46
C LEU B 49 16.26 2.74 -2.11
N ASN B 50 16.47 3.25 -0.92
CA ASN B 50 17.83 3.73 -0.53
C ASN B 50 18.04 3.49 0.97
N LYS B 51 19.12 2.87 1.32
CA LYS B 51 19.43 2.59 2.75
C LYS B 51 19.29 3.88 3.56
N GLY B 52 19.34 5.00 2.92
CA GLY B 52 19.23 6.29 3.63
C GLY B 52 17.76 6.63 3.82
N THR B 53 16.93 6.05 3.00
CA THR B 53 15.47 6.31 3.08
C THR B 53 14.74 4.98 3.01
N PHE B 54 15.37 3.93 3.47
CA PHE B 54 14.70 2.58 3.41
C PHE B 54 13.90 2.34 4.70
N LYS B 55 12.62 2.42 4.57
CA LYS B 55 11.69 2.18 5.72
C LYS B 55 11.16 0.76 5.59
N GLU B 56 10.50 0.24 6.59
CA GLU B 56 10.00 -1.16 6.48
C GLU B 56 8.77 -1.35 7.37
N GLN B 57 7.99 -2.32 7.02
CA GLN B 57 6.77 -2.66 7.78
C GLN B 57 6.50 -4.15 7.54
N ASN B 58 5.98 -4.84 8.51
CA ASN B 58 5.70 -6.29 8.32
C ASN B 58 6.91 -6.98 7.65
N ASP B 59 8.09 -6.42 7.79
CA ASP B 59 9.33 -7.02 7.19
C ASP B 59 9.45 -6.66 5.71
N LYS B 60 8.46 -6.00 5.19
CA LYS B 60 8.49 -5.63 3.75
C LYS B 60 9.18 -4.27 3.58
N PRO B 61 10.26 -4.16 2.83
CA PRO B 61 10.92 -2.84 2.66
C PRO B 61 9.91 -1.73 2.30
N TYR B 62 10.29 -0.50 2.42
CA TYR B 62 9.32 0.61 2.11
C TYR B 62 10.04 1.96 2.10
N CYS B 63 9.68 2.84 1.20
CA CYS B 63 10.29 4.19 1.26
C CYS B 63 9.54 4.89 2.38
N GLN B 64 10.11 5.87 3.00
CA GLN B 64 9.34 6.52 4.07
C GLN B 64 8.10 7.10 3.40
N ASN B 65 8.29 7.95 2.43
CA ASN B 65 7.13 8.55 1.71
C ASN B 65 6.13 7.46 1.37
N CYS B 66 6.58 6.25 1.23
CA CYS B 66 5.66 5.13 0.90
C CYS B 66 5.04 4.59 2.20
N PHE B 67 5.85 4.05 3.07
CA PHE B 67 5.32 3.50 4.34
C PHE B 67 4.48 4.57 5.05
N LEU B 68 5.03 5.73 5.26
CA LEU B 68 4.26 6.80 5.94
C LEU B 68 2.90 6.93 5.26
N LYS B 69 2.88 6.88 3.95
CA LYS B 69 1.57 6.98 3.23
C LYS B 69 0.59 5.93 3.78
N LEU B 70 1.10 4.87 4.35
CA LEU B 70 0.21 3.78 4.86
C LEU B 70 -0.12 3.96 6.34
N PHE B 71 0.89 4.03 7.18
CA PHE B 71 0.63 4.16 8.65
C PHE B 71 0.49 5.66 9.03
N CYS B 72 -0.01 6.46 8.14
CA CYS B 72 -0.19 7.92 8.45
C CYS B 72 -1.48 8.43 7.81
N MET A 8 -27.99 2.06 18.08
CA MET A 8 -28.61 3.40 18.22
C MET A 8 -30.12 3.24 18.45
N ALA A 9 -30.94 3.62 17.50
CA ALA A 9 -32.41 3.49 17.68
C ALA A 9 -33.06 3.30 16.32
N LEU A 10 -32.38 3.70 15.27
CA LEU A 10 -32.92 3.55 13.89
C LEU A 10 -33.67 2.24 13.77
N ASP A 11 -32.92 1.19 13.74
CA ASP A 11 -33.53 -0.17 13.63
C ASP A 11 -34.61 -0.16 12.54
N GLY A 12 -34.56 0.81 11.68
CA GLY A 12 -35.55 0.89 10.58
C GLY A 12 -35.32 -0.28 9.64
N ILE A 13 -34.23 -0.96 9.86
CA ILE A 13 -33.85 -2.12 9.01
C ILE A 13 -34.03 -3.41 9.84
N ARG A 14 -32.96 -4.03 10.30
CA ARG A 14 -33.13 -5.27 11.08
C ARG A 14 -31.92 -5.51 11.99
N MET A 15 -30.95 -6.32 11.58
CA MET A 15 -29.76 -6.58 12.46
C MET A 15 -28.42 -6.47 11.70
N PRO A 16 -28.22 -7.17 10.59
CA PRO A 16 -26.93 -7.06 9.84
C PRO A 16 -26.67 -5.61 9.46
N ASP A 17 -27.72 -4.90 9.17
CA ASP A 17 -27.61 -3.46 8.80
C ASP A 17 -28.23 -2.64 9.93
N GLY A 18 -29.15 -3.23 10.65
CA GLY A 18 -29.81 -2.51 11.76
C GLY A 18 -28.97 -2.62 13.04
N CYS A 19 -27.88 -3.34 12.99
CA CYS A 19 -27.05 -3.49 14.22
C CYS A 19 -25.60 -3.84 13.84
N TYR A 20 -25.43 -4.51 12.73
CA TYR A 20 -24.06 -4.92 12.29
C TYR A 20 -23.46 -5.79 13.38
N ALA A 21 -22.70 -5.22 14.27
CA ALA A 21 -22.07 -6.02 15.36
C ALA A 21 -20.95 -5.20 16.01
N ASP A 22 -20.22 -4.46 15.22
CA ASP A 22 -19.12 -3.65 15.79
C ASP A 22 -18.93 -2.37 14.97
N GLY A 23 -19.74 -2.19 13.95
CA GLY A 23 -19.62 -0.97 13.10
C GLY A 23 -18.67 -1.26 11.94
N THR A 24 -18.37 -2.50 11.69
CA THR A 24 -17.46 -2.83 10.56
C THR A 24 -18.26 -2.90 9.27
N TRP A 25 -17.84 -2.16 8.30
CA TRP A 25 -18.51 -2.16 6.97
C TRP A 25 -17.42 -2.37 5.92
N GLU A 26 -17.50 -3.42 5.16
CA GLU A 26 -16.47 -3.67 4.13
C GLU A 26 -16.69 -2.69 2.99
N LEU A 27 -15.68 -1.97 2.61
CA LEU A 27 -15.84 -1.01 1.49
C LEU A 27 -15.68 -1.80 0.19
N SER A 28 -16.54 -1.59 -0.74
CA SER A 28 -16.42 -2.34 -2.02
C SER A 28 -15.30 -1.72 -2.83
N VAL A 29 -14.59 -2.53 -3.57
CA VAL A 29 -13.47 -2.01 -4.38
C VAL A 29 -13.48 -2.66 -5.76
N HIS A 30 -13.89 -1.92 -6.75
CA HIS A 30 -13.90 -2.45 -8.13
C HIS A 30 -12.50 -2.30 -8.70
N VAL A 31 -11.76 -3.36 -8.77
CA VAL A 31 -10.39 -3.22 -9.34
C VAL A 31 -10.54 -3.05 -10.84
N THR A 32 -10.07 -1.95 -11.38
CA THR A 32 -10.24 -1.71 -12.83
C THR A 32 -9.19 -2.48 -13.64
N ASP A 33 -7.93 -2.22 -13.44
CA ASP A 33 -6.89 -2.93 -14.22
C ASP A 33 -7.15 -4.45 -14.16
N LEU A 34 -8.04 -4.88 -13.31
CA LEU A 34 -8.35 -6.34 -13.18
C LEU A 34 -9.83 -6.56 -13.51
N ASN A 35 -10.67 -5.63 -13.11
CA ASN A 35 -12.14 -5.71 -13.40
C ASN A 35 -12.87 -6.53 -12.33
N ARG A 36 -12.22 -6.91 -11.26
CA ARG A 36 -12.92 -7.70 -10.23
C ARG A 36 -13.46 -6.75 -9.16
N ASP A 37 -14.03 -7.31 -8.13
CA ASP A 37 -14.58 -6.49 -7.02
C ASP A 37 -14.11 -7.05 -5.70
N VAL A 38 -13.33 -6.27 -4.98
CA VAL A 38 -12.80 -6.72 -3.68
C VAL A 38 -13.48 -5.95 -2.56
N THR A 39 -13.50 -6.50 -1.38
CA THR A 39 -14.13 -5.82 -0.22
C THR A 39 -13.16 -5.90 0.97
N LEU A 40 -12.93 -4.81 1.63
CA LEU A 40 -11.98 -4.78 2.78
C LEU A 40 -12.76 -4.49 4.07
N ARG A 41 -12.83 -5.44 4.95
CA ARG A 41 -13.55 -5.22 6.23
C ARG A 41 -12.87 -4.06 6.96
N VAL A 42 -13.49 -2.90 6.95
CA VAL A 42 -12.87 -1.72 7.61
C VAL A 42 -13.90 -0.98 8.47
N THR A 43 -13.52 0.18 8.91
CA THR A 43 -14.43 1.01 9.75
C THR A 43 -14.18 2.47 9.38
N GLY A 44 -14.96 3.37 9.87
CA GLY A 44 -14.73 4.80 9.53
C GLY A 44 -13.57 5.32 10.37
N GLU A 45 -12.53 4.54 10.49
CA GLU A 45 -11.35 4.97 11.28
C GLU A 45 -10.08 4.49 10.57
N VAL A 46 -10.23 3.89 9.42
CA VAL A 46 -9.03 3.40 8.69
C VAL A 46 -8.50 4.48 7.75
N HIS A 47 -7.23 4.72 7.76
CA HIS A 47 -6.67 5.76 6.84
C HIS A 47 -6.63 5.18 5.42
N ILE A 48 -6.88 5.98 4.42
CA ILE A 48 -6.85 5.46 3.02
C ILE A 48 -5.56 4.68 2.81
N GLY A 49 -4.46 5.27 3.14
CA GLY A 49 -3.15 4.57 2.98
C GLY A 49 -3.24 3.24 3.69
N GLY A 50 -4.20 3.11 4.54
CA GLY A 50 -4.39 1.84 5.29
C GLY A 50 -5.19 0.86 4.43
N VAL A 51 -5.99 1.38 3.55
CA VAL A 51 -6.83 0.51 2.67
C VAL A 51 -5.97 0.01 1.50
N MET A 52 -5.28 0.88 0.81
CA MET A 52 -4.44 0.39 -0.32
C MET A 52 -3.48 -0.66 0.22
N LEU A 53 -2.93 -0.44 1.37
CA LEU A 53 -1.99 -1.45 1.95
C LEU A 53 -2.64 -2.83 1.89
N LYS A 54 -3.77 -2.97 2.53
CA LYS A 54 -4.46 -4.29 2.54
C LYS A 54 -4.61 -4.83 1.11
N LEU A 55 -5.20 -4.08 0.20
CA LEU A 55 -5.36 -4.60 -1.21
C LEU A 55 -4.02 -5.21 -1.65
N VAL A 56 -3.01 -4.41 -1.71
CA VAL A 56 -1.68 -4.92 -2.13
C VAL A 56 -1.31 -6.14 -1.29
N GLU A 57 -1.41 -6.07 0.01
CA GLU A 57 -1.06 -7.26 0.85
C GLU A 57 -1.71 -8.52 0.25
N LYS A 58 -2.92 -8.41 -0.20
CA LYS A 58 -3.61 -9.59 -0.79
C LYS A 58 -2.96 -9.97 -2.13
N LEU A 59 -2.92 -9.05 -3.07
CA LEU A 59 -2.34 -9.34 -4.41
C LEU A 59 -1.04 -8.55 -4.58
N ASP A 60 -0.28 -8.54 -3.56
CA ASP A 60 1.00 -7.81 -3.56
C ASP A 60 1.80 -8.20 -4.76
N VAL A 61 2.51 -9.27 -4.60
CA VAL A 61 3.35 -9.82 -5.68
C VAL A 61 4.11 -8.70 -6.41
N LYS A 62 4.91 -9.04 -7.37
CA LYS A 62 5.68 -7.99 -8.09
C LYS A 62 4.74 -7.27 -9.06
N LYS A 63 3.47 -7.19 -8.73
CA LYS A 63 2.52 -6.50 -9.64
C LYS A 63 2.65 -4.99 -9.45
N ASP A 64 2.66 -4.25 -10.53
CA ASP A 64 2.81 -2.78 -10.42
C ASP A 64 1.80 -2.22 -9.43
N TRP A 65 2.27 -1.71 -8.31
CA TRP A 65 1.37 -1.14 -7.28
C TRP A 65 1.82 0.28 -6.92
N SER A 66 3.05 0.59 -7.18
CA SER A 66 3.60 1.94 -6.83
C SER A 66 2.58 3.05 -7.13
N ASP A 67 2.07 3.07 -8.32
CA ASP A 67 1.10 4.14 -8.71
C ASP A 67 -0.32 3.77 -8.27
N HIS A 68 -0.46 2.80 -7.42
CA HIS A 68 -1.83 2.40 -6.99
C HIS A 68 -2.47 3.43 -6.07
N ALA A 69 -3.77 3.53 -6.15
CA ALA A 69 -4.52 4.49 -5.29
C ALA A 69 -6.02 4.19 -5.43
N LEU A 70 -6.81 4.54 -4.44
CA LEU A 70 -8.28 4.28 -4.54
C LEU A 70 -8.93 5.56 -5.09
N TRP A 71 -9.99 5.43 -5.83
CA TRP A 71 -10.67 6.63 -6.42
C TRP A 71 -12.16 6.60 -6.05
N TRP A 72 -12.79 7.75 -5.95
CA TRP A 72 -14.24 7.80 -5.58
C TRP A 72 -15.04 8.31 -6.79
N GLU A 73 -15.56 7.42 -7.59
CA GLU A 73 -16.33 7.86 -8.79
C GLU A 73 -17.47 8.79 -8.40
N LYS A 74 -17.95 8.74 -7.19
CA LYS A 74 -19.02 9.67 -6.82
C LYS A 74 -18.40 11.07 -6.79
N LYS A 75 -17.09 11.08 -6.90
CA LYS A 75 -16.34 12.36 -6.87
C LYS A 75 -15.32 12.36 -8.02
N ARG A 76 -15.11 11.22 -8.64
CA ARG A 76 -14.10 11.16 -9.74
C ARG A 76 -12.80 11.72 -9.19
N THR A 77 -12.43 11.31 -8.00
CA THR A 77 -11.19 11.84 -7.36
C THR A 77 -10.16 10.73 -7.23
N TRP A 78 -9.08 11.03 -6.57
CA TRP A 78 -8.01 10.04 -6.32
C TRP A 78 -7.82 10.03 -4.82
N LEU A 79 -8.35 9.06 -4.16
CA LEU A 79 -8.26 9.06 -2.68
C LEU A 79 -6.81 9.00 -2.23
N LEU A 80 -6.21 10.16 -2.14
CA LEU A 80 -4.81 10.28 -1.66
C LEU A 80 -4.84 11.16 -0.41
N LYS A 81 -6.03 11.44 0.06
CA LYS A 81 -6.21 12.30 1.26
C LYS A 81 -5.85 11.51 2.53
N THR A 82 -4.65 11.01 2.61
CA THR A 82 -4.26 10.26 3.84
C THR A 82 -4.42 11.20 5.04
N HIS A 83 -4.72 12.44 4.76
CA HIS A 83 -4.90 13.47 5.83
C HIS A 83 -5.54 12.89 7.08
N TRP A 84 -6.77 12.42 7.00
CA TRP A 84 -7.45 11.86 8.21
C TRP A 84 -8.08 10.48 7.94
N THR A 85 -9.37 10.35 7.68
CA THR A 85 -9.94 8.99 7.46
C THR A 85 -11.16 9.04 6.54
N LEU A 86 -11.91 7.96 6.54
CA LEU A 86 -13.14 7.89 5.69
C LEU A 86 -14.15 8.86 6.29
N ASP A 87 -14.46 8.64 7.54
CA ASP A 87 -15.43 9.52 8.26
C ASP A 87 -15.20 10.98 7.92
N LYS A 88 -13.98 11.41 7.97
CA LYS A 88 -13.70 12.83 7.67
C LYS A 88 -14.13 13.12 6.24
N TYR A 89 -14.08 12.13 5.39
CA TYR A 89 -14.49 12.34 3.98
C TYR A 89 -16.02 12.15 3.89
N GLY A 90 -16.52 11.08 4.48
CA GLY A 90 -17.98 10.79 4.43
C GLY A 90 -18.19 9.53 3.62
N ILE A 91 -17.17 8.73 3.50
CA ILE A 91 -17.26 7.48 2.72
C ILE A 91 -17.89 6.37 3.57
N GLN A 92 -18.38 5.34 2.94
CA GLN A 92 -19.00 4.23 3.70
C GLN A 92 -19.20 3.04 2.76
N ALA A 93 -20.02 2.10 3.14
CA ALA A 93 -20.28 0.91 2.28
C ALA A 93 -21.12 1.33 1.07
N ASP A 94 -21.90 2.35 1.24
CA ASP A 94 -22.76 2.81 0.13
C ASP A 94 -21.88 3.44 -0.93
N ALA A 95 -20.65 3.71 -0.58
CA ALA A 95 -19.70 4.33 -1.53
C ALA A 95 -18.79 3.23 -2.09
N LYS A 96 -18.90 2.96 -3.38
CA LYS A 96 -18.04 1.88 -3.98
C LYS A 96 -16.78 2.51 -4.57
N LEU A 97 -15.65 2.12 -4.07
CA LEU A 97 -14.35 2.66 -4.57
C LEU A 97 -13.77 1.71 -5.61
N GLN A 98 -12.66 2.07 -6.18
CA GLN A 98 -11.99 1.22 -7.19
C GLN A 98 -10.52 1.14 -6.79
N PHE A 99 -9.78 0.22 -7.36
CA PHE A 99 -8.32 0.09 -7.02
C PHE A 99 -7.53 -0.04 -8.30
N THR A 100 -7.10 1.07 -8.83
CA THR A 100 -6.34 1.07 -10.12
C THR A 100 -4.86 1.34 -9.84
N PRO A 101 -3.98 0.87 -10.70
CA PRO A 101 -2.51 1.07 -10.54
C PRO A 101 -2.12 2.54 -10.78
N TYR B 8 40.33 -2.69 -14.70
CA TYR B 8 41.32 -1.77 -15.32
C TYR B 8 40.95 -0.31 -14.99
N HIS B 9 39.85 0.16 -15.54
CA HIS B 9 39.43 1.57 -15.27
C HIS B 9 38.34 1.57 -14.20
N GLU B 10 37.21 0.97 -14.47
CA GLU B 10 36.09 0.96 -13.47
C GLU B 10 36.22 -0.27 -12.57
N ARG B 11 37.22 -1.10 -12.80
CA ARG B 11 37.39 -2.31 -11.96
C ARG B 11 36.05 -3.01 -11.74
N ARG B 12 36.02 -3.97 -10.85
CA ARG B 12 34.76 -4.69 -10.58
C ARG B 12 33.78 -3.75 -9.88
N GLY B 13 33.29 -4.14 -8.74
CA GLY B 13 32.32 -3.26 -8.01
C GLY B 13 32.12 -3.79 -6.58
N SER B 14 31.13 -4.62 -6.37
CA SER B 14 30.88 -5.15 -5.00
C SER B 14 29.86 -6.28 -5.12
N LEU B 15 30.21 -7.46 -4.71
CA LEU B 15 29.24 -8.59 -4.83
C LEU B 15 27.98 -8.30 -4.01
N CYS B 16 26.83 -8.54 -4.57
CA CYS B 16 25.58 -8.31 -3.80
C CYS B 16 25.36 -9.55 -2.97
N SER B 17 25.65 -9.47 -1.71
CA SER B 17 25.51 -10.65 -0.83
C SER B 17 24.13 -11.27 -1.01
N GLY B 18 24.12 -12.54 -1.29
CA GLY B 18 22.85 -13.26 -1.55
C GLY B 18 22.86 -13.59 -3.02
N CYS B 19 23.41 -12.71 -3.80
CA CYS B 19 23.53 -12.91 -5.25
C CYS B 19 24.99 -13.24 -5.56
N GLN B 20 25.86 -12.63 -4.82
CA GLN B 20 27.32 -12.84 -5.02
C GLN B 20 27.68 -12.55 -6.47
N LYS B 21 27.35 -11.37 -6.87
CA LYS B 21 27.67 -10.88 -8.25
C LYS B 21 28.09 -9.40 -8.12
N PRO B 22 29.25 -8.99 -8.58
CA PRO B 22 29.67 -7.57 -8.43
C PRO B 22 28.59 -6.54 -8.76
N ILE B 23 28.48 -5.56 -7.90
CA ILE B 23 27.49 -4.48 -8.08
C ILE B 23 28.18 -3.33 -8.81
N THR B 24 27.99 -3.24 -10.11
CA THR B 24 28.68 -2.17 -10.91
C THR B 24 27.74 -0.99 -11.18
N GLY B 25 27.76 -0.03 -10.30
CA GLY B 25 26.90 1.18 -10.46
C GLY B 25 26.69 1.77 -9.08
N ARG B 26 25.60 1.42 -8.45
CA ARG B 26 25.30 1.90 -7.08
C ARG B 26 25.32 0.68 -6.17
N CYS B 27 25.65 0.85 -4.91
CA CYS B 27 25.68 -0.33 -4.01
C CYS B 27 25.22 0.02 -2.61
N ILE B 28 24.26 -0.71 -2.13
CA ILE B 28 23.74 -0.48 -0.77
C ILE B 28 24.52 -1.37 0.18
N THR B 29 24.72 -0.89 1.36
CA THR B 29 25.47 -1.68 2.39
C THR B 29 24.56 -1.99 3.55
N ALA B 30 24.77 -3.11 4.16
CA ALA B 30 23.94 -3.56 5.30
C ALA B 30 24.83 -3.81 6.50
N MET B 31 24.68 -4.96 7.10
CA MET B 31 25.50 -5.32 8.29
C MET B 31 26.96 -5.46 7.86
N ALA B 32 27.31 -4.77 6.82
CA ALA B 32 28.66 -4.78 6.20
C ALA B 32 28.53 -5.51 4.88
N LYS B 33 27.38 -6.10 4.65
CA LYS B 33 27.15 -6.82 3.38
C LYS B 33 26.76 -5.79 2.32
N LYS B 34 26.84 -6.16 1.08
CA LYS B 34 26.46 -5.23 -0.02
C LYS B 34 25.12 -5.69 -0.57
N PHE B 35 24.51 -4.97 -1.46
CA PHE B 35 23.20 -5.44 -1.98
C PHE B 35 22.90 -4.76 -3.31
N HIS B 36 22.38 -5.50 -4.24
CA HIS B 36 22.01 -4.88 -5.53
C HIS B 36 21.02 -3.76 -5.18
N PRO B 37 21.33 -2.51 -5.42
CA PRO B 37 20.39 -1.42 -5.07
C PRO B 37 18.94 -1.76 -5.48
N GLU B 38 18.77 -2.80 -6.26
CA GLU B 38 17.41 -3.20 -6.70
C GLU B 38 16.89 -4.37 -5.85
N HIS B 39 17.66 -5.40 -5.74
CA HIS B 39 17.21 -6.59 -4.93
C HIS B 39 16.92 -6.14 -3.50
N PHE B 40 17.18 -4.91 -3.19
CA PHE B 40 16.89 -4.38 -1.82
C PHE B 40 16.02 -3.14 -1.96
N VAL B 41 14.92 -3.28 -2.65
CA VAL B 41 14.00 -2.12 -2.88
C VAL B 41 12.90 -2.08 -1.81
N CYS B 42 12.07 -1.09 -1.88
CA CYS B 42 10.94 -0.94 -0.90
C CYS B 42 9.79 -1.83 -1.35
N ALA B 43 9.06 -2.44 -0.45
CA ALA B 43 7.93 -3.29 -0.96
C ALA B 43 6.63 -2.48 -0.95
N PHE B 44 6.52 -1.59 -1.89
CA PHE B 44 5.29 -0.80 -2.15
C PHE B 44 5.43 -0.47 -3.63
N CYS B 45 6.62 0.00 -3.92
CA CYS B 45 7.06 0.33 -5.30
C CYS B 45 8.44 -0.33 -5.45
N LEU B 46 8.44 -1.59 -5.72
CA LEU B 46 9.70 -2.38 -5.81
C LEU B 46 10.74 -1.76 -6.76
N LYS B 47 10.64 -0.52 -7.19
CA LYS B 47 11.68 -0.02 -8.14
C LYS B 47 12.93 0.53 -7.43
N GLN B 48 12.83 1.21 -6.30
CA GLN B 48 14.09 1.69 -5.66
C GLN B 48 13.95 2.03 -4.18
N LEU B 49 14.96 1.69 -3.41
CA LEU B 49 15.00 2.03 -1.97
C LEU B 49 16.42 2.49 -1.61
N ASN B 50 16.60 3.03 -0.44
CA ASN B 50 17.97 3.50 -0.04
C ASN B 50 18.16 3.29 1.47
N LYS B 51 19.28 2.75 1.85
CA LYS B 51 19.55 2.51 3.29
C LYS B 51 19.41 3.82 4.06
N GLY B 52 19.37 4.91 3.35
CA GLY B 52 19.26 6.23 4.01
C GLY B 52 17.80 6.61 4.09
N THR B 53 16.97 5.94 3.33
CA THR B 53 15.52 6.23 3.33
C THR B 53 14.75 4.92 3.32
N PHE B 54 15.32 3.87 3.87
CA PHE B 54 14.60 2.57 3.88
C PHE B 54 13.74 2.45 5.14
N LYS B 55 12.45 2.49 4.95
CA LYS B 55 11.49 2.39 6.09
C LYS B 55 10.92 0.96 6.09
N GLU B 56 10.26 0.55 7.13
CA GLU B 56 9.73 -0.84 7.17
C GLU B 56 8.49 -0.94 8.05
N GLN B 57 7.71 -1.93 7.80
CA GLN B 57 6.49 -2.19 8.59
C GLN B 57 6.15 -3.66 8.36
N ASN B 58 5.60 -4.33 9.34
CA ASN B 58 5.27 -5.77 9.17
C ASN B 58 6.47 -6.51 8.56
N ASP B 59 7.67 -5.97 8.71
CA ASP B 59 8.91 -6.63 8.18
C ASP B 59 9.08 -6.36 6.69
N LYS B 60 8.13 -5.72 6.08
CA LYS B 60 8.23 -5.44 4.62
C LYS B 60 8.89 -4.07 4.42
N PRO B 61 10.05 -3.99 3.79
CA PRO B 61 10.70 -2.67 3.57
C PRO B 61 9.73 -1.64 2.97
N TYR B 62 10.07 -0.38 3.00
CA TYR B 62 9.17 0.67 2.45
C TYR B 62 9.90 2.01 2.37
N CYS B 63 9.72 2.75 1.32
CA CYS B 63 10.35 4.10 1.31
C CYS B 63 9.56 4.88 2.33
N GLN B 64 10.13 5.87 2.95
CA GLN B 64 9.34 6.62 3.94
C GLN B 64 8.09 7.14 3.22
N ASN B 65 8.28 7.89 2.17
CA ASN B 65 7.13 8.43 1.39
C ASN B 65 6.10 7.33 1.17
N CYS B 66 6.54 6.10 1.07
CA CYS B 66 5.58 4.99 0.86
C CYS B 66 4.97 4.60 2.21
N PHE B 67 5.80 4.18 3.13
CA PHE B 67 5.31 3.77 4.48
C PHE B 67 4.54 4.92 5.14
N LEU B 68 5.15 6.07 5.23
CA LEU B 68 4.46 7.22 5.89
C LEU B 68 3.05 7.35 5.29
N LYS B 69 2.93 7.25 4.01
CA LYS B 69 1.58 7.40 3.40
C LYS B 69 0.62 6.38 4.04
N LEU B 70 1.15 5.34 4.63
CA LEU B 70 0.27 4.31 5.25
C LEU B 70 0.03 4.63 6.72
N PHE B 71 1.07 4.76 7.50
CA PHE B 71 0.91 5.08 8.96
C PHE B 71 1.11 6.59 9.18
N CYS B 72 0.79 7.40 8.21
CA CYS B 72 0.97 8.87 8.39
C CYS B 72 0.35 9.29 9.73
N MET A 8 -28.20 8.67 17.15
CA MET A 8 -29.07 8.86 18.34
C MET A 8 -29.26 7.52 19.06
N ALA A 9 -30.41 6.92 18.96
CA ALA A 9 -30.65 5.62 19.65
C ALA A 9 -31.54 4.75 18.77
N LEU A 10 -32.45 5.36 18.08
CA LEU A 10 -33.36 4.61 17.18
C LEU A 10 -32.54 3.90 16.14
N ASP A 11 -31.88 4.67 15.34
CA ASP A 11 -31.03 4.11 14.27
C ASP A 11 -29.62 3.94 14.83
N GLY A 12 -29.55 3.75 16.11
CA GLY A 12 -28.23 3.61 16.79
C GLY A 12 -28.15 2.27 17.44
N ILE A 13 -29.27 1.62 17.44
CA ILE A 13 -29.44 0.25 17.97
C ILE A 13 -28.13 -0.37 18.43
N ARG A 14 -27.44 -0.96 17.51
CA ARG A 14 -26.16 -1.61 17.86
C ARG A 14 -25.35 -1.95 16.61
N MET A 15 -25.25 -3.22 16.29
CA MET A 15 -24.42 -3.63 15.13
C MET A 15 -24.91 -4.98 14.51
N PRO A 16 -24.89 -6.10 15.22
CA PRO A 16 -25.37 -7.39 14.64
C PRO A 16 -26.65 -7.19 13.86
N ASP A 17 -27.54 -6.45 14.43
CA ASP A 17 -28.85 -6.16 13.78
C ASP A 17 -28.80 -4.75 13.23
N GLY A 18 -27.92 -3.95 13.76
CA GLY A 18 -27.80 -2.55 13.29
C GLY A 18 -26.90 -2.49 12.05
N CYS A 19 -26.32 -3.60 11.71
CA CYS A 19 -25.43 -3.62 10.51
C CYS A 19 -25.08 -5.06 10.14
N TYR A 20 -24.24 -5.70 10.92
CA TYR A 20 -23.85 -7.10 10.60
C TYR A 20 -23.20 -7.74 11.82
N ALA A 21 -22.25 -7.06 12.41
CA ALA A 21 -21.57 -7.62 13.61
C ALA A 21 -20.87 -6.50 14.38
N ASP A 22 -20.17 -5.66 13.68
CA ASP A 22 -19.47 -4.53 14.37
C ASP A 22 -19.37 -3.33 13.45
N GLY A 23 -19.99 -3.38 12.30
CA GLY A 23 -19.94 -2.25 11.33
C GLY A 23 -19.01 -2.63 10.18
N THR A 24 -18.84 -3.90 9.95
CA THR A 24 -17.96 -4.34 8.85
C THR A 24 -18.71 -4.26 7.53
N TRP A 25 -18.11 -3.64 6.56
CA TRP A 25 -18.74 -3.49 5.22
C TRP A 25 -17.63 -3.47 4.15
N GLU A 26 -17.73 -4.33 3.16
CA GLU A 26 -16.68 -4.35 2.11
C GLU A 26 -16.93 -3.25 1.09
N LEU A 27 -15.91 -2.49 0.82
CA LEU A 27 -16.04 -1.40 -0.17
C LEU A 27 -15.83 -2.01 -1.56
N SER A 28 -16.68 -1.70 -2.49
CA SER A 28 -16.49 -2.28 -3.85
C SER A 28 -15.37 -1.52 -4.55
N VAL A 29 -14.57 -2.22 -5.31
CA VAL A 29 -13.45 -1.54 -6.04
C VAL A 29 -13.37 -2.04 -7.46
N HIS A 30 -13.71 -1.20 -8.39
CA HIS A 30 -13.66 -1.57 -9.82
C HIS A 30 -12.24 -1.31 -10.33
N VAL A 31 -11.46 -2.33 -10.51
CA VAL A 31 -10.08 -2.10 -11.02
C VAL A 31 -10.19 -1.71 -12.50
N THR A 32 -9.92 -0.48 -12.82
CA THR A 32 -10.03 -0.05 -14.25
C THR A 32 -8.79 -0.49 -15.02
N ASP A 33 -7.63 -0.38 -14.41
CA ASP A 33 -6.39 -0.79 -15.12
C ASP A 33 -6.41 -2.32 -15.30
N LEU A 34 -7.48 -2.95 -14.91
CA LEU A 34 -7.59 -4.44 -15.05
C LEU A 34 -9.01 -4.79 -15.50
N ASN A 35 -9.97 -3.99 -15.13
CA ASN A 35 -11.41 -4.22 -15.50
C ASN A 35 -12.04 -5.21 -14.53
N ARG A 36 -11.41 -5.50 -13.42
CA ARG A 36 -12.01 -6.45 -12.45
C ARG A 36 -12.78 -5.69 -11.40
N ASP A 37 -13.32 -6.40 -10.46
CA ASP A 37 -14.08 -5.79 -9.35
C ASP A 37 -13.72 -6.50 -8.07
N VAL A 38 -13.10 -5.81 -7.16
CA VAL A 38 -12.68 -6.43 -5.87
C VAL A 38 -13.40 -5.79 -4.71
N THR A 39 -13.50 -6.50 -3.61
CA THR A 39 -14.18 -5.96 -2.40
C THR A 39 -13.27 -6.23 -1.19
N LEU A 40 -13.03 -5.23 -0.40
CA LEU A 40 -12.15 -5.38 0.80
C LEU A 40 -12.97 -5.12 2.06
N ARG A 41 -13.13 -6.11 2.89
CA ARG A 41 -13.88 -5.89 4.13
C ARG A 41 -13.15 -4.83 4.92
N VAL A 42 -13.90 -3.96 5.48
CA VAL A 42 -13.29 -2.85 6.26
C VAL A 42 -14.33 -2.27 7.19
N THR A 43 -14.01 -1.16 7.79
CA THR A 43 -14.97 -0.50 8.70
C THR A 43 -14.76 1.00 8.54
N GLY A 44 -15.65 1.81 8.99
CA GLY A 44 -15.46 3.28 8.83
C GLY A 44 -14.39 3.74 9.80
N GLU A 45 -13.32 3.00 9.90
CA GLU A 45 -12.21 3.37 10.82
C GLU A 45 -10.88 2.98 10.17
N VAL A 46 -10.92 2.49 8.95
CA VAL A 46 -9.64 2.09 8.28
C VAL A 46 -9.06 3.29 7.50
N HIS A 47 -7.78 3.34 7.39
CA HIS A 47 -7.16 4.47 6.62
C HIS A 47 -7.14 4.08 5.13
N ILE A 48 -7.38 5.02 4.24
CA ILE A 48 -7.38 4.68 2.79
C ILE A 48 -6.13 3.86 2.47
N GLY A 49 -4.99 4.39 2.80
CA GLY A 49 -3.73 3.65 2.53
C GLY A 49 -3.83 2.27 3.18
N GLY A 50 -4.76 2.12 4.08
CA GLY A 50 -4.95 0.81 4.75
C GLY A 50 -5.55 -0.16 3.73
N VAL A 51 -6.29 0.36 2.80
CA VAL A 51 -6.91 -0.48 1.74
C VAL A 51 -5.85 -0.71 0.65
N MET A 52 -5.05 0.30 0.37
CA MET A 52 -3.98 0.12 -0.66
C MET A 52 -3.20 -1.14 -0.32
N LEU A 53 -3.00 -1.38 0.95
CA LEU A 53 -2.25 -2.58 1.38
C LEU A 53 -3.04 -3.86 1.12
N LYS A 54 -4.14 -4.03 1.79
CA LYS A 54 -4.96 -5.27 1.61
C LYS A 54 -5.30 -5.51 0.13
N LEU A 55 -5.91 -4.56 -0.52
CA LEU A 55 -6.28 -4.77 -1.96
C LEU A 55 -5.10 -5.37 -2.73
N VAL A 56 -3.92 -4.82 -2.58
CA VAL A 56 -2.74 -5.37 -3.30
C VAL A 56 -2.40 -6.75 -2.74
N GLU A 57 -2.36 -6.89 -1.44
CA GLU A 57 -2.02 -8.21 -0.84
C GLU A 57 -2.79 -9.32 -1.56
N LYS A 58 -4.02 -9.05 -1.91
CA LYS A 58 -4.84 -10.08 -2.61
C LYS A 58 -4.26 -10.35 -4.00
N LEU A 59 -3.89 -9.33 -4.72
CA LEU A 59 -3.32 -9.55 -6.07
C LEU A 59 -2.04 -10.38 -5.92
N ASP A 60 -1.04 -9.83 -5.28
CA ASP A 60 0.22 -10.56 -5.04
C ASP A 60 1.07 -10.59 -6.30
N VAL A 61 1.75 -9.53 -6.57
CA VAL A 61 2.60 -9.47 -7.77
C VAL A 61 3.43 -8.20 -7.74
N LYS A 62 4.67 -8.28 -8.15
CA LYS A 62 5.54 -7.08 -8.12
C LYS A 62 5.07 -6.06 -9.16
N LYS A 63 3.78 -5.95 -9.38
CA LYS A 63 3.30 -4.95 -10.38
C LYS A 63 3.32 -3.56 -9.76
N ASP A 64 3.58 -2.56 -10.54
CA ASP A 64 3.62 -1.17 -10.03
C ASP A 64 2.25 -0.80 -9.46
N TRP A 65 2.12 -0.73 -8.15
CA TRP A 65 0.81 -0.40 -7.53
C TRP A 65 0.84 1.03 -6.98
N SER A 66 1.96 1.46 -6.48
CA SER A 66 2.07 2.85 -5.91
C SER A 66 1.34 3.84 -6.82
N ASP A 67 1.63 3.81 -8.08
CA ASP A 67 0.92 4.74 -9.01
C ASP A 67 -0.58 4.50 -8.89
N HIS A 68 -0.98 3.27 -8.71
CA HIS A 68 -2.42 2.96 -8.58
C HIS A 68 -2.93 3.42 -7.22
N ALA A 69 -4.06 4.06 -7.20
CA ALA A 69 -4.65 4.55 -5.92
C ALA A 69 -6.18 4.46 -6.03
N LEU A 70 -6.90 4.73 -4.98
CA LEU A 70 -8.39 4.63 -5.06
C LEU A 70 -8.99 6.00 -5.39
N TRP A 71 -10.01 6.01 -6.22
CA TRP A 71 -10.67 7.30 -6.63
C TRP A 71 -12.18 7.19 -6.32
N TRP A 72 -12.83 8.29 -6.04
CA TRP A 72 -14.30 8.26 -5.72
C TRP A 72 -15.07 8.92 -6.87
N GLU A 73 -15.53 8.16 -7.82
CA GLU A 73 -16.27 8.76 -8.96
C GLU A 73 -17.44 9.61 -8.48
N LYS A 74 -17.96 9.37 -7.32
CA LYS A 74 -19.08 10.23 -6.85
C LYS A 74 -18.48 11.61 -6.62
N LYS A 75 -17.18 11.67 -6.67
CA LYS A 75 -16.44 12.94 -6.44
C LYS A 75 -15.38 13.10 -7.53
N ARG A 76 -15.12 12.07 -8.28
CA ARG A 76 -14.07 12.15 -9.32
C ARG A 76 -12.80 12.67 -8.65
N THR A 77 -12.48 12.11 -7.51
CA THR A 77 -11.28 12.56 -6.76
C THR A 77 -10.23 11.47 -6.76
N TRP A 78 -9.20 11.65 -5.99
CA TRP A 78 -8.13 10.62 -5.87
C TRP A 78 -7.95 10.38 -4.37
N LEU A 79 -8.54 9.34 -3.87
CA LEU A 79 -8.48 9.09 -2.41
C LEU A 79 -7.04 8.92 -1.97
N LEU A 80 -6.40 10.03 -1.73
CA LEU A 80 -5.00 10.05 -1.23
C LEU A 80 -5.00 10.73 0.12
N LYS A 81 -6.18 11.01 0.62
CA LYS A 81 -6.30 11.69 1.95
C LYS A 81 -6.22 10.63 3.04
N THR A 82 -5.15 9.87 3.08
CA THR A 82 -5.01 8.82 4.13
C THR A 82 -5.29 9.45 5.49
N HIS A 83 -5.36 10.75 5.55
CA HIS A 83 -5.65 11.43 6.84
C HIS A 83 -7.05 11.04 7.34
N TRP A 84 -7.23 11.03 8.63
CA TRP A 84 -8.54 10.68 9.22
C TRP A 84 -9.02 9.33 8.70
N THR A 85 -10.23 9.24 8.20
CA THR A 85 -10.71 7.91 7.73
C THR A 85 -11.85 8.01 6.69
N LEU A 86 -12.53 6.91 6.49
CA LEU A 86 -13.67 6.87 5.53
C LEU A 86 -14.78 7.71 6.14
N ASP A 87 -15.15 7.36 7.33
CA ASP A 87 -16.22 8.07 8.07
C ASP A 87 -16.03 9.58 7.95
N LYS A 88 -14.83 10.05 8.16
CA LYS A 88 -14.59 11.50 8.08
C LYS A 88 -15.03 12.00 6.70
N TYR A 89 -14.89 11.17 5.70
CA TYR A 89 -15.28 11.58 4.34
C TYR A 89 -16.79 11.34 4.17
N GLY A 90 -17.25 10.18 4.57
CA GLY A 90 -18.72 9.85 4.46
C GLY A 90 -18.87 8.66 3.52
N ILE A 91 -17.79 7.99 3.25
CA ILE A 91 -17.84 6.81 2.35
C ILE A 91 -18.51 5.64 3.04
N GLN A 92 -18.95 4.67 2.30
CA GLN A 92 -19.63 3.49 2.90
C GLN A 92 -19.82 2.43 1.81
N ALA A 93 -20.53 1.38 2.12
CA ALA A 93 -20.75 0.33 1.10
C ALA A 93 -21.63 0.86 -0.02
N ASP A 94 -22.35 1.91 0.21
CA ASP A 94 -23.21 2.45 -0.86
C ASP A 94 -22.32 3.28 -1.79
N ALA A 95 -21.20 3.69 -1.29
CA ALA A 95 -20.24 4.49 -2.12
C ALA A 95 -19.12 3.56 -2.54
N LYS A 96 -18.99 3.24 -3.81
CA LYS A 96 -17.88 2.35 -4.22
C LYS A 96 -16.72 3.15 -4.77
N LEU A 97 -15.64 2.49 -5.07
CA LEU A 97 -14.42 3.16 -5.59
C LEU A 97 -13.82 2.34 -6.72
N GLN A 98 -12.74 2.82 -7.27
CA GLN A 98 -12.05 2.11 -8.37
C GLN A 98 -10.58 2.05 -7.96
N PHE A 99 -9.76 1.28 -8.62
CA PHE A 99 -8.31 1.23 -8.25
C PHE A 99 -7.49 1.40 -9.53
N THR A 100 -7.03 2.60 -9.77
CA THR A 100 -6.28 2.88 -11.03
C THR A 100 -5.31 4.06 -10.84
N PRO A 101 -4.27 4.13 -11.64
CA PRO A 101 -3.28 5.24 -11.59
C PRO A 101 -3.90 6.57 -11.16
N TYR B 8 39.24 -7.47 -6.28
CA TYR B 8 40.28 -8.50 -6.56
C TYR B 8 41.10 -8.08 -7.79
N HIS B 9 40.56 -8.23 -8.96
CA HIS B 9 41.31 -7.85 -10.18
C HIS B 9 41.32 -6.32 -10.32
N GLU B 10 40.28 -5.76 -10.88
CA GLU B 10 40.22 -4.28 -11.06
C GLU B 10 38.84 -3.76 -10.63
N ARG B 11 38.00 -4.64 -10.15
CA ARG B 11 36.63 -4.22 -9.70
C ARG B 11 36.68 -2.87 -8.98
N ARG B 12 35.75 -1.99 -9.28
CA ARG B 12 35.75 -0.63 -8.66
C ARG B 12 34.50 -0.46 -7.77
N GLY B 13 33.35 -0.73 -8.31
CA GLY B 13 32.08 -0.54 -7.53
C GLY B 13 32.11 -1.33 -6.22
N SER B 14 31.23 -2.28 -6.09
CA SER B 14 31.14 -3.09 -4.85
C SER B 14 30.20 -4.25 -5.15
N LEU B 15 30.66 -5.46 -5.03
CA LEU B 15 29.78 -6.61 -5.37
C LEU B 15 28.50 -6.56 -4.55
N CYS B 16 27.37 -6.79 -5.18
CA CYS B 16 26.09 -6.80 -4.44
C CYS B 16 25.95 -8.21 -3.88
N SER B 17 26.18 -8.34 -2.62
CA SER B 17 26.10 -9.67 -1.98
C SER B 17 24.81 -10.36 -2.36
N GLY B 18 24.94 -11.55 -2.87
CA GLY B 18 23.75 -12.33 -3.33
C GLY B 18 23.82 -12.36 -4.85
N CYS B 19 24.29 -11.27 -5.40
CA CYS B 19 24.45 -11.16 -6.86
C CYS B 19 25.94 -11.32 -7.17
N GLN B 20 26.74 -10.80 -6.29
CA GLN B 20 28.21 -10.86 -6.48
C GLN B 20 28.58 -10.24 -7.81
N LYS B 21 28.16 -9.03 -7.98
CA LYS B 21 28.46 -8.25 -9.23
C LYS B 21 28.73 -6.80 -8.78
N PRO B 22 29.87 -6.21 -9.09
CA PRO B 22 30.16 -4.81 -8.63
C PRO B 22 28.99 -3.84 -8.74
N ILE B 23 28.78 -3.09 -7.71
CA ILE B 23 27.70 -2.07 -7.69
C ILE B 23 28.30 -0.73 -8.15
N THR B 24 28.12 -0.40 -9.40
CA THR B 24 28.72 0.87 -9.93
C THR B 24 27.70 2.01 -9.96
N GLY B 25 27.65 2.77 -8.91
CA GLY B 25 26.71 3.92 -8.83
C GLY B 25 26.45 4.19 -7.34
N ARG B 26 25.39 3.64 -6.84
CA ARG B 26 25.06 3.79 -5.40
C ARG B 26 25.13 2.40 -4.78
N CYS B 27 25.40 2.31 -3.51
CA CYS B 27 25.49 0.96 -2.89
C CYS B 27 24.97 0.97 -1.47
N ILE B 28 24.05 0.09 -1.20
CA ILE B 28 23.48 -0.04 0.15
C ILE B 28 24.32 -1.02 0.91
N THR B 29 24.46 -0.80 2.17
CA THR B 29 25.26 -1.72 3.04
C THR B 29 24.38 -2.25 4.14
N ALA B 30 24.63 -3.46 4.53
CA ALA B 30 23.84 -4.12 5.59
C ALA B 30 24.77 -4.55 6.71
N MET B 31 24.70 -5.78 7.10
CA MET B 31 25.58 -6.30 8.18
C MET B 31 27.02 -6.29 7.69
N ALA B 32 27.30 -5.40 6.77
CA ALA B 32 28.63 -5.24 6.13
C ALA B 32 28.49 -5.75 4.70
N LYS B 33 27.37 -6.35 4.41
CA LYS B 33 27.13 -6.88 3.04
C LYS B 33 26.64 -5.73 2.16
N LYS B 34 26.97 -5.74 0.90
CA LYS B 34 26.51 -4.64 -0.01
C LYS B 34 25.22 -5.07 -0.69
N PHE B 35 24.60 -4.22 -1.45
CA PHE B 35 23.33 -4.63 -2.10
C PHE B 35 23.03 -3.71 -3.27
N HIS B 36 22.62 -4.26 -4.37
CA HIS B 36 22.25 -3.39 -5.52
C HIS B 36 21.16 -2.44 -4.99
N PRO B 37 21.37 -1.15 -4.95
CA PRO B 37 20.32 -0.25 -4.43
C PRO B 37 18.95 -0.58 -5.03
N GLU B 38 18.93 -1.43 -6.04
CA GLU B 38 17.64 -1.82 -6.69
C GLU B 38 17.15 -3.16 -6.12
N HIS B 39 17.98 -4.14 -6.14
CA HIS B 39 17.56 -5.48 -5.62
C HIS B 39 17.12 -5.35 -4.17
N PHE B 40 17.25 -4.18 -3.59
CA PHE B 40 16.80 -3.95 -2.18
C PHE B 40 15.88 -2.72 -2.17
N VAL B 41 14.83 -2.78 -2.93
CA VAL B 41 13.88 -1.62 -3.04
C VAL B 41 12.71 -1.77 -2.05
N CYS B 42 11.84 -0.79 -2.02
CA CYS B 42 10.64 -0.83 -1.12
C CYS B 42 9.61 -1.74 -1.75
N ALA B 43 8.81 -2.45 -0.98
CA ALA B 43 7.81 -3.32 -1.66
C ALA B 43 6.46 -2.58 -1.79
N PHE B 44 6.44 -1.65 -2.69
CA PHE B 44 5.20 -0.91 -3.09
C PHE B 44 5.54 -0.46 -4.51
N CYS B 45 6.53 0.40 -4.54
CA CYS B 45 7.10 0.95 -5.80
C CYS B 45 8.50 0.35 -5.89
N LEU B 46 8.57 -0.84 -6.37
CA LEU B 46 9.84 -1.59 -6.48
C LEU B 46 10.95 -0.81 -7.19
N LYS B 47 10.86 0.49 -7.41
CA LYS B 47 11.97 1.16 -8.16
C LYS B 47 13.11 1.65 -7.25
N GLN B 48 12.87 2.14 -6.05
CA GLN B 48 14.04 2.57 -5.22
C GLN B 48 13.79 2.67 -3.71
N LEU B 49 14.75 2.23 -2.95
CA LEU B 49 14.71 2.35 -1.47
C LEU B 49 16.11 2.73 -0.98
N ASN B 50 16.24 3.11 0.27
CA ASN B 50 17.57 3.49 0.81
C ASN B 50 17.64 3.16 2.30
N LYS B 51 18.71 2.55 2.72
CA LYS B 51 18.84 2.21 4.17
C LYS B 51 18.59 3.45 5.01
N GLY B 52 18.65 4.60 4.40
CA GLY B 52 18.44 5.87 5.16
C GLY B 52 16.95 6.19 5.15
N THR B 53 16.24 5.61 4.23
CA THR B 53 14.77 5.86 4.13
C THR B 53 14.06 4.54 3.93
N PHE B 54 14.65 3.47 4.39
CA PHE B 54 13.99 2.12 4.22
C PHE B 54 13.12 1.83 5.45
N LYS B 55 11.84 1.85 5.25
CA LYS B 55 10.88 1.57 6.36
C LYS B 55 10.36 0.14 6.16
N GLU B 56 9.85 -0.47 7.17
CA GLU B 56 9.37 -1.87 7.03
C GLU B 56 8.28 -2.20 8.05
N GLN B 57 7.51 -3.17 7.72
CA GLN B 57 6.43 -3.65 8.62
C GLN B 57 6.13 -5.09 8.20
N ASN B 58 5.78 -5.91 9.12
CA ASN B 58 5.51 -7.34 8.80
C ASN B 58 6.64 -7.89 7.92
N ASP B 59 7.82 -7.29 7.99
CA ASP B 59 9.02 -7.78 7.22
C ASP B 59 9.03 -7.23 5.78
N LYS B 60 7.97 -6.58 5.37
CA LYS B 60 7.93 -6.07 3.98
C LYS B 60 8.60 -4.68 3.88
N PRO B 61 9.70 -4.52 3.15
CA PRO B 61 10.32 -3.18 3.03
C PRO B 61 9.34 -2.11 2.55
N TYR B 62 9.67 -0.86 2.75
CA TYR B 62 8.76 0.24 2.32
C TYR B 62 9.46 1.58 2.48
N CYS B 63 9.27 2.49 1.57
CA CYS B 63 9.86 3.83 1.78
C CYS B 63 9.04 4.44 2.90
N GLN B 64 9.56 5.36 3.65
CA GLN B 64 8.70 5.92 4.72
C GLN B 64 7.47 6.50 4.01
N ASN B 65 7.69 7.36 3.06
CA ASN B 65 6.56 7.96 2.30
C ASN B 65 5.60 6.85 1.87
N CYS B 66 6.09 5.66 1.69
CA CYS B 66 5.21 4.53 1.29
C CYS B 66 4.57 3.93 2.54
N PHE B 67 5.38 3.49 3.48
CA PHE B 67 4.84 2.89 4.74
C PHE B 67 3.93 3.91 5.44
N LEU B 68 4.43 5.09 5.68
CA LEU B 68 3.60 6.11 6.38
C LEU B 68 2.26 6.22 5.64
N LYS B 69 2.30 6.17 4.35
CA LYS B 69 1.04 6.28 3.55
C LYS B 69 0.03 5.22 4.02
N LEU B 70 0.50 4.10 4.48
CA LEU B 70 -0.43 3.00 4.91
C LEU B 70 -0.73 3.05 6.41
N PHE B 71 0.28 2.98 7.24
CA PHE B 71 0.03 2.99 8.72
C PHE B 71 0.00 4.42 9.26
N CYS B 72 -0.32 5.39 8.42
CA CYS B 72 -0.39 6.80 8.90
C CYS B 72 -1.09 7.65 7.84
N MET A 8 -24.30 3.91 22.50
CA MET A 8 -24.10 4.94 21.44
C MET A 8 -25.30 5.89 21.43
N ALA A 9 -26.07 5.90 20.38
CA ALA A 9 -27.25 6.82 20.31
C ALA A 9 -28.35 6.12 19.54
N LEU A 10 -28.06 5.76 18.32
CA LEU A 10 -29.06 5.06 17.48
C LEU A 10 -29.69 3.92 18.27
N ASP A 11 -29.05 2.78 18.21
CA ASP A 11 -29.55 1.60 18.94
C ASP A 11 -31.06 1.48 18.75
N GLY A 12 -31.55 2.03 17.68
CA GLY A 12 -33.00 1.99 17.41
C GLY A 12 -33.40 0.54 17.19
N ILE A 13 -32.40 -0.28 16.98
CA ILE A 13 -32.63 -1.73 16.72
C ILE A 13 -32.10 -2.53 17.94
N ARG A 14 -30.96 -3.18 17.82
CA ARG A 14 -30.44 -3.95 18.97
C ARG A 14 -28.92 -4.10 18.84
N MET A 15 -28.44 -5.22 18.36
CA MET A 15 -26.95 -5.40 18.23
C MET A 15 -26.61 -6.19 16.94
N PRO A 16 -27.06 -7.42 16.76
CA PRO A 16 -26.77 -8.18 15.50
C PRO A 16 -26.95 -7.26 14.30
N ASP A 17 -27.87 -6.35 14.44
CA ASP A 17 -28.17 -5.35 13.38
C ASP A 17 -27.86 -3.96 13.92
N GLY A 18 -27.93 -3.82 15.21
CA GLY A 18 -27.65 -2.50 15.83
C GLY A 18 -26.13 -2.33 15.96
N CYS A 19 -25.38 -3.27 15.44
CA CYS A 19 -23.90 -3.17 15.54
C CYS A 19 -23.26 -4.25 14.66
N TYR A 20 -23.73 -5.46 14.77
CA TYR A 20 -23.16 -6.60 13.99
C TYR A 20 -21.91 -7.10 14.72
N ALA A 21 -21.14 -6.19 15.23
CA ALA A 21 -19.91 -6.56 15.98
C ALA A 21 -19.01 -5.33 16.06
N ASP A 22 -18.94 -4.58 15.00
CA ASP A 22 -18.08 -3.36 15.01
C ASP A 22 -18.49 -2.42 13.88
N GLY A 23 -19.50 -2.75 13.13
CA GLY A 23 -19.93 -1.87 12.01
C GLY A 23 -19.01 -2.13 10.82
N THR A 24 -18.64 -3.37 10.61
CA THR A 24 -17.74 -3.69 9.49
C THR A 24 -18.51 -3.74 8.17
N TRP A 25 -18.10 -2.94 7.23
CA TRP A 25 -18.75 -2.91 5.89
C TRP A 25 -17.64 -2.96 4.85
N GLU A 26 -17.67 -3.93 3.97
CA GLU A 26 -16.60 -4.02 2.95
C GLU A 26 -16.83 -2.97 1.87
N LEU A 27 -15.80 -2.26 1.49
CA LEU A 27 -15.95 -1.24 0.43
C LEU A 27 -15.86 -1.95 -0.91
N SER A 28 -16.76 -1.69 -1.80
CA SER A 28 -16.71 -2.37 -3.12
C SER A 28 -15.64 -1.69 -3.96
N VAL A 29 -14.97 -2.45 -4.76
CA VAL A 29 -13.91 -1.86 -5.62
C VAL A 29 -13.97 -2.49 -7.00
N HIS A 30 -13.96 -1.68 -8.02
CA HIS A 30 -13.99 -2.17 -9.42
C HIS A 30 -12.60 -1.98 -10.00
N VAL A 31 -11.82 -3.02 -10.11
CA VAL A 31 -10.47 -2.83 -10.67
C VAL A 31 -10.58 -2.63 -12.18
N THR A 32 -10.22 -1.47 -12.67
CA THR A 32 -10.34 -1.21 -14.12
C THR A 32 -9.15 -1.83 -14.86
N ASP A 33 -7.96 -1.70 -14.35
CA ASP A 33 -6.79 -2.29 -15.05
C ASP A 33 -6.92 -3.81 -15.08
N LEU A 34 -7.86 -4.35 -14.34
CA LEU A 34 -8.06 -5.83 -14.30
C LEU A 34 -9.51 -6.13 -14.71
N ASN A 35 -10.38 -5.17 -14.52
CA ASN A 35 -11.82 -5.37 -14.83
C ASN A 35 -12.43 -6.28 -13.76
N ARG A 36 -11.71 -6.48 -12.68
CA ARG A 36 -12.22 -7.34 -11.60
C ARG A 36 -13.03 -6.51 -10.64
N ASP A 37 -13.49 -7.14 -9.60
CA ASP A 37 -14.27 -6.44 -8.55
C ASP A 37 -13.80 -6.97 -7.20
N VAL A 38 -13.25 -6.12 -6.38
CA VAL A 38 -12.75 -6.57 -5.04
C VAL A 38 -13.50 -5.87 -3.91
N THR A 39 -13.52 -6.49 -2.76
CA THR A 39 -14.21 -5.90 -1.58
C THR A 39 -13.26 -6.03 -0.37
N LEU A 40 -13.07 -4.97 0.36
CA LEU A 40 -12.14 -5.00 1.53
C LEU A 40 -12.93 -4.76 2.83
N ARG A 41 -13.01 -5.76 3.65
CA ARG A 41 -13.74 -5.64 4.95
C ARG A 41 -13.06 -4.54 5.77
N VAL A 42 -13.68 -3.40 5.85
CA VAL A 42 -13.10 -2.26 6.62
C VAL A 42 -14.16 -1.59 7.46
N THR A 43 -13.84 -0.46 8.01
CA THR A 43 -14.81 0.31 8.85
C THR A 43 -14.59 1.78 8.56
N GLY A 44 -15.45 2.63 9.05
CA GLY A 44 -15.26 4.08 8.79
C GLY A 44 -14.18 4.60 9.72
N GLU A 45 -13.08 3.89 9.81
CA GLU A 45 -11.97 4.31 10.70
C GLU A 45 -10.64 3.92 10.05
N VAL A 46 -10.69 3.31 8.89
CA VAL A 46 -9.43 2.90 8.21
C VAL A 46 -8.95 4.04 7.30
N HIS A 47 -7.67 4.22 7.18
CA HIS A 47 -7.19 5.29 6.27
C HIS A 47 -7.28 4.72 4.85
N ILE A 48 -7.81 5.47 3.92
CA ILE A 48 -7.92 4.92 2.55
C ILE A 48 -6.53 4.43 2.11
N GLY A 49 -5.49 5.13 2.50
CA GLY A 49 -4.12 4.67 2.15
C GLY A 49 -3.95 3.27 2.72
N GLY A 50 -4.74 2.97 3.70
CA GLY A 50 -4.68 1.62 4.32
C GLY A 50 -5.29 0.63 3.35
N VAL A 51 -6.12 1.10 2.45
CA VAL A 51 -6.73 0.17 1.45
C VAL A 51 -5.73 -0.01 0.31
N MET A 52 -4.99 1.01 0.00
CA MET A 52 -3.98 0.88 -1.09
C MET A 52 -3.12 -0.35 -0.77
N LEU A 53 -2.81 -0.54 0.48
CA LEU A 53 -1.95 -1.70 0.88
C LEU A 53 -2.75 -3.02 0.88
N LYS A 54 -3.79 -3.13 1.66
CA LYS A 54 -4.56 -4.41 1.71
C LYS A 54 -4.84 -4.92 0.30
N LEU A 55 -5.45 -4.11 -0.52
CA LEU A 55 -5.74 -4.56 -1.90
C LEU A 55 -4.50 -5.22 -2.52
N VAL A 56 -3.42 -4.49 -2.65
CA VAL A 56 -2.20 -5.10 -3.24
C VAL A 56 -1.82 -6.39 -2.50
N GLU A 57 -1.81 -6.37 -1.20
CA GLU A 57 -1.45 -7.61 -0.43
C GLU A 57 -2.19 -8.81 -1.02
N LYS A 58 -3.44 -8.65 -1.33
CA LYS A 58 -4.22 -9.78 -1.90
C LYS A 58 -3.63 -10.20 -3.24
N LEU A 59 -3.28 -9.26 -4.08
CA LEU A 59 -2.69 -9.61 -5.38
C LEU A 59 -1.39 -10.36 -5.13
N ASP A 60 -0.41 -9.68 -4.59
CA ASP A 60 0.90 -10.33 -4.28
C ASP A 60 1.70 -10.51 -5.55
N VAL A 61 2.37 -9.49 -5.97
CA VAL A 61 3.18 -9.58 -7.20
C VAL A 61 4.02 -8.31 -7.35
N LYS A 62 5.24 -8.46 -7.81
CA LYS A 62 6.12 -7.28 -7.99
C LYS A 62 5.58 -6.38 -9.10
N LYS A 63 4.27 -6.33 -9.27
CA LYS A 63 3.70 -5.46 -10.35
C LYS A 63 3.70 -4.00 -9.88
N ASP A 64 4.03 -3.09 -10.76
CA ASP A 64 4.06 -1.65 -10.39
C ASP A 64 2.75 -1.28 -9.69
N TRP A 65 2.81 -0.86 -8.45
CA TRP A 65 1.58 -0.50 -7.70
C TRP A 65 1.62 0.97 -7.28
N SER A 66 2.77 1.55 -7.19
CA SER A 66 2.85 2.98 -6.76
C SER A 66 1.81 3.81 -7.51
N ASP A 67 1.82 3.75 -8.81
CA ASP A 67 0.84 4.53 -9.61
C ASP A 67 -0.60 4.12 -9.24
N HIS A 68 -0.75 3.16 -8.37
CA HIS A 68 -2.11 2.71 -7.97
C HIS A 68 -2.77 3.72 -7.04
N ALA A 69 -4.06 3.82 -7.10
CA ALA A 69 -4.79 4.76 -6.22
C ALA A 69 -6.28 4.49 -6.36
N LEU A 70 -7.06 4.75 -5.36
CA LEU A 70 -8.52 4.50 -5.46
C LEU A 70 -9.20 5.80 -5.88
N TRP A 71 -10.23 5.71 -6.67
CA TRP A 71 -10.95 6.94 -7.13
C TRP A 71 -12.45 6.74 -6.86
N TRP A 72 -13.14 7.78 -6.48
CA TRP A 72 -14.60 7.66 -6.16
C TRP A 72 -15.40 8.25 -7.33
N GLU A 73 -15.76 7.45 -8.30
CA GLU A 73 -16.52 7.99 -9.47
C GLU A 73 -17.77 8.73 -9.03
N LYS A 74 -18.29 8.46 -7.87
CA LYS A 74 -19.50 9.21 -7.45
C LYS A 74 -19.04 10.66 -7.31
N LYS A 75 -17.74 10.81 -7.14
CA LYS A 75 -17.11 12.14 -6.95
C LYS A 75 -16.08 12.37 -8.06
N ARG A 76 -15.74 11.35 -8.80
CA ARG A 76 -14.71 11.49 -9.86
C ARG A 76 -13.47 12.12 -9.21
N THR A 77 -13.08 11.59 -8.08
CA THR A 77 -11.91 12.14 -7.34
C THR A 77 -10.77 11.12 -7.33
N TRP A 78 -9.73 11.43 -6.62
CA TRP A 78 -8.59 10.49 -6.47
C TRP A 78 -8.32 10.37 -4.98
N LEU A 79 -8.80 9.33 -4.38
CA LEU A 79 -8.63 9.18 -2.92
C LEU A 79 -7.16 9.11 -2.58
N LEU A 80 -6.62 10.25 -2.30
CA LEU A 80 -5.18 10.39 -1.92
C LEU A 80 -5.12 11.13 -0.57
N LYS A 81 -6.26 11.37 0.01
CA LYS A 81 -6.28 12.08 1.33
C LYS A 81 -6.02 11.06 2.45
N THR A 82 -5.12 10.15 2.21
CA THR A 82 -4.83 9.11 3.25
C THR A 82 -4.68 9.77 4.62
N HIS A 83 -4.51 11.06 4.66
CA HIS A 83 -4.34 11.76 5.97
C HIS A 83 -5.69 11.94 6.65
N TRP A 84 -6.53 10.94 6.65
CA TRP A 84 -7.85 11.08 7.31
C TRP A 84 -8.59 9.72 7.21
N THR A 85 -9.90 9.67 7.01
CA THR A 85 -10.57 8.34 6.95
C THR A 85 -11.82 8.37 6.07
N LEU A 86 -12.31 7.22 5.73
CA LEU A 86 -13.55 7.10 4.92
C LEU A 86 -14.58 8.08 5.48
N ASP A 87 -14.89 7.90 6.73
CA ASP A 87 -15.87 8.76 7.42
C ASP A 87 -15.60 10.24 7.13
N LYS A 88 -14.36 10.62 7.03
CA LYS A 88 -14.07 12.04 6.78
C LYS A 88 -14.66 12.43 5.42
N TYR A 89 -14.64 11.55 4.45
CA TYR A 89 -15.23 11.91 3.12
C TYR A 89 -16.70 11.44 3.11
N GLY A 90 -16.99 10.30 3.68
CA GLY A 90 -18.40 9.80 3.71
C GLY A 90 -18.48 8.49 2.92
N ILE A 91 -17.35 7.92 2.61
CA ILE A 91 -17.36 6.65 1.84
C ILE A 91 -18.08 5.60 2.68
N GLN A 92 -18.59 4.58 2.04
CA GLN A 92 -19.32 3.51 2.78
C GLN A 92 -19.60 2.35 1.82
N ALA A 93 -20.32 1.37 2.28
CA ALA A 93 -20.65 0.21 1.41
C ALA A 93 -21.45 0.68 0.19
N ASP A 94 -22.13 1.77 0.32
CA ASP A 94 -22.92 2.28 -0.83
C ASP A 94 -21.99 3.03 -1.78
N ALA A 95 -20.76 3.18 -1.39
CA ALA A 95 -19.77 3.90 -2.24
C ALA A 95 -18.92 2.88 -2.99
N LYS A 96 -19.04 2.80 -4.29
CA LYS A 96 -18.22 1.82 -5.06
C LYS A 96 -17.01 2.55 -5.65
N LEU A 97 -15.85 2.15 -5.22
CA LEU A 97 -14.58 2.77 -5.70
C LEU A 97 -13.95 1.90 -6.78
N GLN A 98 -12.86 2.34 -7.33
CA GLN A 98 -12.15 1.55 -8.37
C GLN A 98 -10.68 1.47 -7.97
N PHE A 99 -9.92 0.62 -8.61
CA PHE A 99 -8.47 0.48 -8.27
C PHE A 99 -7.70 0.47 -9.58
N THR A 100 -7.20 1.61 -9.97
CA THR A 100 -6.48 1.73 -11.28
C THR A 100 -5.16 2.50 -11.13
N PRO A 101 -4.23 2.28 -12.04
CA PRO A 101 -2.90 2.98 -12.03
C PRO A 101 -3.04 4.49 -12.33
N TYR B 8 46.10 -1.76 -6.70
CA TYR B 8 45.31 -0.49 -6.72
C TYR B 8 44.78 -0.25 -8.13
N HIS B 9 44.21 -1.26 -8.74
CA HIS B 9 43.68 -1.09 -10.12
C HIS B 9 42.42 -0.22 -10.08
N GLU B 10 41.26 -0.82 -10.14
CA GLU B 10 40.00 -0.03 -10.11
C GLU B 10 38.91 -0.79 -9.33
N ARG B 11 39.20 -2.00 -8.89
CA ARG B 11 38.21 -2.79 -8.11
C ARG B 11 36.87 -2.88 -8.86
N ARG B 12 36.42 -4.07 -9.16
CA ARG B 12 35.13 -4.25 -9.87
C ARG B 12 34.05 -3.35 -9.23
N GLY B 13 33.30 -3.87 -8.31
CA GLY B 13 32.25 -3.05 -7.66
C GLY B 13 31.90 -3.64 -6.29
N SER B 14 30.77 -4.28 -6.19
CA SER B 14 30.37 -4.89 -4.89
C SER B 14 29.31 -5.96 -5.17
N LEU B 15 29.61 -7.19 -4.89
CA LEU B 15 28.63 -8.26 -5.18
C LEU B 15 27.34 -8.04 -4.39
N CYS B 16 26.22 -8.20 -5.02
CA CYS B 16 24.94 -8.03 -4.29
C CYS B 16 24.67 -9.35 -3.60
N SER B 17 24.91 -9.39 -2.32
CA SER B 17 24.72 -10.65 -1.56
C SER B 17 23.36 -11.23 -1.86
N GLY B 18 23.34 -12.46 -2.27
CA GLY B 18 22.06 -13.14 -2.65
C GLY B 18 22.12 -13.31 -4.15
N CYS B 19 22.72 -12.37 -4.81
CA CYS B 19 22.89 -12.43 -6.29
C CYS B 19 24.35 -12.75 -6.56
N GLN B 20 25.20 -12.23 -5.73
CA GLN B 20 26.66 -12.44 -5.91
C GLN B 20 27.09 -12.00 -7.30
N LYS B 21 26.79 -10.77 -7.58
CA LYS B 21 27.17 -10.14 -8.89
C LYS B 21 27.61 -8.70 -8.58
N PRO B 22 28.81 -8.27 -8.94
CA PRO B 22 29.25 -6.88 -8.62
C PRO B 22 28.20 -5.80 -8.88
N ILE B 23 28.07 -4.91 -7.94
CA ILE B 23 27.11 -3.79 -8.05
C ILE B 23 27.86 -2.58 -8.62
N THR B 24 27.75 -2.33 -9.89
CA THR B 24 28.50 -1.18 -10.51
C THR B 24 27.58 0.02 -10.73
N GLY B 25 27.52 0.88 -9.76
CA GLY B 25 26.67 2.10 -9.85
C GLY B 25 26.37 2.55 -8.42
N ARG B 26 25.24 2.14 -7.91
CA ARG B 26 24.87 2.48 -6.52
C ARG B 26 24.86 1.18 -5.73
N CYS B 27 25.14 1.22 -4.45
CA CYS B 27 25.15 -0.04 -3.67
C CYS B 27 24.64 0.18 -2.25
N ILE B 28 23.67 -0.60 -1.88
CA ILE B 28 23.10 -0.52 -0.52
C ILE B 28 23.85 -1.48 0.36
N THR B 29 24.01 -1.13 1.59
CA THR B 29 24.73 -2.02 2.55
C THR B 29 23.78 -2.41 3.66
N ALA B 30 23.94 -3.60 4.16
CA ALA B 30 23.07 -4.11 5.24
C ALA B 30 23.91 -4.51 6.43
N MET B 31 23.71 -5.70 6.92
CA MET B 31 24.49 -6.19 8.09
C MET B 31 25.96 -6.34 7.69
N ALA B 32 26.34 -5.57 6.72
CA ALA B 32 27.72 -5.57 6.13
C ALA B 32 27.60 -6.17 4.75
N LYS B 33 26.45 -6.70 4.43
CA LYS B 33 26.25 -7.28 3.08
C LYS B 33 25.92 -6.15 2.12
N LYS B 34 26.05 -6.39 0.84
CA LYS B 34 25.73 -5.34 -0.17
C LYS B 34 24.40 -5.73 -0.81
N PHE B 35 23.84 -4.92 -1.66
CA PHE B 35 22.53 -5.31 -2.26
C PHE B 35 22.28 -4.50 -3.51
N HIS B 36 21.83 -5.14 -4.55
CA HIS B 36 21.50 -4.40 -5.78
C HIS B 36 20.51 -3.30 -5.35
N PRO B 37 20.84 -2.04 -5.42
CA PRO B 37 19.89 -1.00 -4.97
C PRO B 37 18.47 -1.27 -5.50
N GLU B 38 18.35 -2.17 -6.45
CA GLU B 38 17.01 -2.49 -7.01
C GLU B 38 16.42 -3.72 -6.31
N HIS B 39 17.15 -4.79 -6.26
CA HIS B 39 16.62 -6.02 -5.61
C HIS B 39 16.26 -5.73 -4.16
N PHE B 40 16.52 -4.53 -3.70
CA PHE B 40 16.16 -4.15 -2.30
C PHE B 40 15.38 -2.84 -2.36
N VAL B 41 14.31 -2.82 -3.11
CA VAL B 41 13.50 -1.58 -3.26
C VAL B 41 12.35 -1.56 -2.24
N CYS B 42 11.58 -0.50 -2.25
CA CYS B 42 10.42 -0.38 -1.33
C CYS B 42 9.23 -1.10 -1.96
N ALA B 43 8.39 -1.75 -1.18
CA ALA B 43 7.24 -2.41 -1.88
C ALA B 43 6.04 -1.43 -1.89
N PHE B 44 6.16 -0.44 -2.74
CA PHE B 44 5.08 0.57 -3.03
C PHE B 44 5.42 1.04 -4.43
N CYS B 45 6.62 1.60 -4.49
CA CYS B 45 7.23 2.07 -5.76
C CYS B 45 8.44 1.16 -5.99
N LEU B 46 8.16 0.00 -6.49
CA LEU B 46 9.19 -1.04 -6.73
C LEU B 46 10.41 -0.54 -7.53
N LYS B 47 10.62 0.76 -7.69
CA LYS B 47 11.81 1.19 -8.51
C LYS B 47 13.03 1.55 -7.63
N GLN B 48 12.88 2.16 -6.48
CA GLN B 48 14.11 2.45 -5.69
C GLN B 48 13.87 2.68 -4.19
N LEU B 49 14.77 2.18 -3.39
CA LEU B 49 14.72 2.40 -1.91
C LEU B 49 16.12 2.77 -1.43
N ASN B 50 16.24 3.21 -0.19
CA ASN B 50 17.57 3.59 0.35
C ASN B 50 17.63 3.22 1.84
N LYS B 51 18.65 2.51 2.22
CA LYS B 51 18.79 2.12 3.64
C LYS B 51 18.65 3.34 4.54
N GLY B 52 18.87 4.50 3.99
CA GLY B 52 18.76 5.75 4.81
C GLY B 52 17.31 6.19 4.87
N THR B 53 16.53 5.70 3.94
CA THR B 53 15.08 6.07 3.90
C THR B 53 14.28 4.79 3.70
N PHE B 54 14.79 3.68 4.14
CA PHE B 54 14.04 2.39 3.95
C PHE B 54 13.10 2.16 5.14
N LYS B 55 11.84 2.36 4.90
CA LYS B 55 10.80 2.16 5.94
C LYS B 55 10.21 0.76 5.73
N GLU B 56 9.44 0.27 6.65
CA GLU B 56 8.87 -1.11 6.48
C GLU B 56 7.56 -1.25 7.24
N GLN B 57 6.78 -2.19 6.81
CA GLN B 57 5.48 -2.48 7.44
C GLN B 57 5.15 -3.93 7.11
N ASN B 58 4.52 -4.62 8.01
CA ASN B 58 4.18 -6.05 7.74
C ASN B 58 5.40 -6.79 7.16
N ASP B 59 6.60 -6.29 7.42
CA ASP B 59 7.86 -6.95 6.91
C ASP B 59 8.14 -6.58 5.46
N LYS B 60 7.25 -5.86 4.84
CA LYS B 60 7.46 -5.47 3.43
C LYS B 60 8.21 -4.13 3.37
N PRO B 61 9.36 -4.05 2.71
CA PRO B 61 10.09 -2.75 2.64
C PRO B 61 9.17 -1.59 2.25
N TYR B 62 9.59 -0.37 2.46
CA TYR B 62 8.70 0.78 2.12
C TYR B 62 9.47 2.10 2.23
N CYS B 63 9.27 3.01 1.32
CA CYS B 63 9.93 4.34 1.47
C CYS B 63 9.10 5.03 2.53
N GLN B 64 9.64 5.99 3.21
CA GLN B 64 8.81 6.66 4.21
C GLN B 64 7.63 7.28 3.46
N ASN B 65 7.91 8.11 2.50
CA ASN B 65 6.83 8.75 1.70
C ASN B 65 5.79 7.70 1.31
N CYS B 66 6.20 6.47 1.19
CA CYS B 66 5.26 5.39 0.82
C CYS B 66 4.56 4.89 2.07
N PHE B 67 5.31 4.39 3.03
CA PHE B 67 4.69 3.88 4.29
C PHE B 67 3.81 4.99 4.88
N LEU B 68 4.36 6.17 5.01
CA LEU B 68 3.56 7.29 5.57
C LEU B 68 2.28 7.44 4.74
N LYS B 69 2.40 7.30 3.46
CA LYS B 69 1.19 7.42 2.58
C LYS B 69 0.07 6.50 3.11
N LEU B 70 0.44 5.43 3.77
CA LEU B 70 -0.60 4.46 4.25
C LEU B 70 -1.01 4.75 5.71
N PHE B 71 -0.09 4.75 6.62
CA PHE B 71 -0.46 4.99 8.06
C PHE B 71 -0.37 6.48 8.41
N CYS B 72 -0.44 7.34 7.44
CA CYS B 72 -0.38 8.80 7.73
C CYS B 72 -0.84 9.57 6.49
N MET A 8 -26.44 3.62 17.86
CA MET A 8 -26.65 2.76 19.05
C MET A 8 -26.42 1.28 18.65
N ALA A 9 -27.32 0.41 19.03
CA ALA A 9 -27.16 -1.03 18.68
C ALA A 9 -28.55 -1.65 18.58
N LEU A 10 -29.34 -1.48 19.60
CA LEU A 10 -30.72 -2.03 19.59
C LEU A 10 -31.39 -1.68 18.27
N ASP A 11 -31.88 -0.50 18.19
CA ASP A 11 -32.58 -0.01 16.98
C ASP A 11 -33.80 -0.88 16.69
N GLY A 12 -33.96 -1.94 17.44
CA GLY A 12 -35.14 -2.84 17.25
C GLY A 12 -34.61 -4.21 16.86
N ILE A 13 -33.35 -4.24 16.53
CA ILE A 13 -32.69 -5.51 16.10
C ILE A 13 -31.53 -5.78 17.07
N ARG A 14 -30.31 -5.61 16.63
CA ARG A 14 -29.15 -5.86 17.52
C ARG A 14 -27.88 -5.31 16.87
N MET A 15 -27.06 -6.17 16.31
CA MET A 15 -25.80 -5.68 15.68
C MET A 15 -25.37 -6.60 14.50
N PRO A 16 -25.05 -7.87 14.70
CA PRO A 16 -24.65 -8.76 13.57
C PRO A 16 -25.60 -8.59 12.40
N ASP A 17 -26.85 -8.49 12.70
CA ASP A 17 -27.90 -8.32 11.65
C ASP A 17 -28.40 -6.88 11.67
N GLY A 18 -28.44 -6.29 12.82
CA GLY A 18 -28.92 -4.88 12.91
C GLY A 18 -27.81 -3.95 12.46
N CYS A 19 -26.71 -4.50 12.02
CA CYS A 19 -25.58 -3.65 11.55
C CYS A 19 -24.64 -4.51 10.69
N TYR A 20 -23.84 -5.33 11.31
CA TYR A 20 -22.90 -6.18 10.53
C TYR A 20 -22.20 -7.16 11.48
N ALA A 21 -21.49 -6.63 12.44
CA ALA A 21 -20.78 -7.49 13.42
C ALA A 21 -19.96 -6.59 14.35
N ASP A 22 -19.25 -5.66 13.79
CA ASP A 22 -18.44 -4.74 14.62
C ASP A 22 -18.38 -3.37 13.94
N GLY A 23 -19.07 -3.21 12.83
CA GLY A 23 -19.04 -1.92 12.10
C GLY A 23 -18.04 -2.03 10.96
N THR A 24 -17.80 -3.22 10.48
CA THR A 24 -16.82 -3.42 9.38
C THR A 24 -17.56 -3.51 8.05
N TRP A 25 -17.23 -2.65 7.14
CA TRP A 25 -17.87 -2.67 5.78
C TRP A 25 -16.76 -2.69 4.73
N GLU A 26 -16.83 -3.59 3.79
CA GLU A 26 -15.77 -3.65 2.74
C GLU A 26 -16.05 -2.64 1.64
N LEU A 27 -15.04 -1.92 1.22
CA LEU A 27 -15.23 -0.92 0.14
C LEU A 27 -15.11 -1.65 -1.19
N SER A 28 -16.02 -1.44 -2.09
CA SER A 28 -15.90 -2.13 -3.41
C SER A 28 -14.87 -1.40 -4.25
N VAL A 29 -14.11 -2.12 -5.03
CA VAL A 29 -13.07 -1.46 -5.88
C VAL A 29 -13.04 -2.09 -7.27
N HIS A 30 -13.52 -1.37 -8.25
CA HIS A 30 -13.51 -1.87 -9.64
C HIS A 30 -12.13 -1.63 -10.23
N VAL A 31 -11.33 -2.64 -10.39
CA VAL A 31 -9.98 -2.41 -10.96
C VAL A 31 -10.11 -2.14 -12.46
N THR A 32 -9.83 -0.93 -12.86
CA THR A 32 -9.91 -0.58 -14.30
C THR A 32 -8.67 -1.15 -15.00
N ASP A 33 -8.69 -1.22 -16.31
CA ASP A 33 -7.52 -1.79 -17.03
C ASP A 33 -7.55 -3.31 -16.81
N LEU A 34 -7.79 -3.72 -15.59
CA LEU A 34 -7.88 -5.17 -15.26
C LEU A 34 -9.35 -5.55 -15.33
N ASN A 35 -10.21 -4.62 -15.01
CA ASN A 35 -11.69 -4.86 -15.05
C ASN A 35 -12.11 -5.80 -13.94
N ARG A 36 -11.30 -5.98 -12.94
CA ARG A 36 -11.71 -6.88 -11.83
C ARG A 36 -12.46 -6.08 -10.79
N ASP A 37 -12.87 -6.73 -9.76
CA ASP A 37 -13.60 -6.04 -8.67
C ASP A 37 -13.12 -6.60 -7.34
N VAL A 38 -12.49 -5.78 -6.55
CA VAL A 38 -11.96 -6.24 -5.23
C VAL A 38 -12.69 -5.54 -4.11
N THR A 39 -12.69 -6.13 -2.93
CA THR A 39 -13.37 -5.52 -1.75
C THR A 39 -12.42 -5.59 -0.55
N LEU A 40 -12.27 -4.51 0.16
CA LEU A 40 -11.34 -4.48 1.34
C LEU A 40 -12.13 -4.26 2.63
N ARG A 41 -12.15 -5.24 3.48
CA ARG A 41 -12.88 -5.11 4.77
C ARG A 41 -12.24 -3.97 5.57
N VAL A 42 -12.95 -2.88 5.71
CA VAL A 42 -12.41 -1.71 6.46
C VAL A 42 -13.47 -1.14 7.38
N THR A 43 -13.21 0.01 7.93
CA THR A 43 -14.17 0.67 8.84
C THR A 43 -14.07 2.17 8.58
N GLY A 44 -14.91 2.95 9.20
CA GLY A 44 -14.84 4.41 8.97
C GLY A 44 -13.75 5.01 9.84
N GLU A 45 -12.63 4.36 9.88
CA GLU A 45 -11.49 4.88 10.68
C GLU A 45 -10.19 4.53 9.96
N VAL A 46 -10.26 3.95 8.79
CA VAL A 46 -9.01 3.59 8.05
C VAL A 46 -8.57 4.76 7.17
N HIS A 47 -7.30 4.98 7.06
CA HIS A 47 -6.82 6.10 6.19
C HIS A 47 -6.86 5.61 4.73
N ILE A 48 -7.23 6.45 3.81
CA ILE A 48 -7.29 6.03 2.38
C ILE A 48 -6.00 5.29 2.02
N GLY A 49 -4.88 5.95 2.17
CA GLY A 49 -3.59 5.29 1.85
C GLY A 49 -3.51 3.98 2.63
N GLY A 50 -4.39 3.83 3.58
CA GLY A 50 -4.40 2.58 4.38
C GLY A 50 -4.96 1.45 3.52
N VAL A 51 -5.80 1.79 2.58
CA VAL A 51 -6.39 0.76 1.68
C VAL A 51 -5.37 0.45 0.57
N MET A 52 -4.61 1.43 0.14
CA MET A 52 -3.58 1.17 -0.91
C MET A 52 -2.74 -0.02 -0.44
N LEU A 53 -2.47 -0.08 0.83
CA LEU A 53 -1.64 -1.18 1.38
C LEU A 53 -2.42 -2.50 1.33
N LYS A 54 -3.51 -2.60 2.04
CA LYS A 54 -4.28 -3.87 2.04
C LYS A 54 -4.63 -4.31 0.62
N LEU A 55 -5.28 -3.48 -0.16
CA LEU A 55 -5.69 -3.90 -1.54
C LEU A 55 -4.50 -4.58 -2.25
N VAL A 56 -3.30 -4.15 -1.98
CA VAL A 56 -2.13 -4.80 -2.63
C VAL A 56 -1.79 -6.10 -1.88
N GLU A 57 -1.80 -6.05 -0.58
CA GLU A 57 -1.45 -7.26 0.23
C GLU A 57 -2.13 -8.49 -0.36
N LYS A 58 -3.30 -8.31 -0.91
CA LYS A 58 -4.02 -9.47 -1.51
C LYS A 58 -3.54 -9.72 -2.94
N LEU A 59 -3.30 -8.68 -3.69
CA LEU A 59 -2.83 -8.87 -5.09
C LEU A 59 -1.63 -9.81 -5.10
N ASP A 60 -0.58 -9.42 -4.43
CA ASP A 60 0.63 -10.27 -4.33
C ASP A 60 1.32 -10.35 -5.67
N VAL A 61 2.04 -9.33 -6.00
CA VAL A 61 2.76 -9.31 -7.30
C VAL A 61 3.65 -8.07 -7.36
N LYS A 62 4.81 -8.18 -7.93
CA LYS A 62 5.68 -6.99 -7.99
C LYS A 62 5.12 -5.99 -9.00
N LYS A 63 3.82 -5.84 -9.01
CA LYS A 63 3.21 -4.85 -9.95
C LYS A 63 3.41 -3.46 -9.37
N ASP A 64 3.45 -2.46 -10.19
CA ASP A 64 3.64 -1.07 -9.68
C ASP A 64 2.30 -0.54 -9.24
N TRP A 65 1.99 -0.73 -7.99
CA TRP A 65 0.70 -0.25 -7.47
C TRP A 65 0.81 1.25 -7.15
N SER A 66 1.90 1.61 -6.55
CA SER A 66 2.13 3.03 -6.14
C SER A 66 1.64 3.99 -7.23
N ASP A 67 2.12 3.84 -8.42
CA ASP A 67 1.68 4.75 -9.51
C ASP A 67 0.15 4.78 -9.57
N HIS A 68 -0.50 3.93 -8.81
CA HIS A 68 -2.00 3.88 -8.83
C HIS A 68 -2.57 4.67 -7.65
N ALA A 69 -3.86 4.80 -7.65
CA ALA A 69 -4.56 5.50 -6.54
C ALA A 69 -6.06 5.21 -6.71
N LEU A 70 -6.84 5.42 -5.68
CA LEU A 70 -8.30 5.14 -5.79
C LEU A 70 -9.04 6.43 -6.16
N TRP A 71 -10.09 6.30 -6.93
CA TRP A 71 -10.88 7.51 -7.36
C TRP A 71 -12.36 7.26 -7.03
N TRP A 72 -13.10 8.31 -6.74
CA TRP A 72 -14.56 8.14 -6.38
C TRP A 72 -15.40 8.63 -7.56
N GLU A 73 -15.75 7.77 -8.48
CA GLU A 73 -16.55 8.22 -9.65
C GLU A 73 -17.83 8.92 -9.21
N LYS A 74 -18.31 8.68 -8.02
CA LYS A 74 -19.54 9.40 -7.60
C LYS A 74 -19.14 10.86 -7.51
N LYS A 75 -17.85 11.10 -7.44
CA LYS A 75 -17.28 12.47 -7.31
C LYS A 75 -16.27 12.72 -8.42
N ARG A 76 -15.87 11.69 -9.14
CA ARG A 76 -14.84 11.86 -10.19
C ARG A 76 -13.64 12.55 -9.55
N THR A 77 -13.24 12.07 -8.40
CA THR A 77 -12.09 12.68 -7.68
C THR A 77 -10.92 11.72 -7.64
N TRP A 78 -9.90 12.06 -6.89
CA TRP A 78 -8.72 11.18 -6.73
C TRP A 78 -8.49 11.02 -5.24
N LEU A 79 -8.93 9.94 -4.69
CA LEU A 79 -8.80 9.74 -3.23
C LEU A 79 -7.34 9.76 -2.80
N LEU A 80 -6.84 10.95 -2.64
CA LEU A 80 -5.42 11.15 -2.19
C LEU A 80 -5.45 11.88 -0.86
N LYS A 81 -6.63 12.09 -0.33
CA LYS A 81 -6.75 12.81 0.97
C LYS A 81 -6.47 11.83 2.10
N THR A 82 -5.33 11.19 2.07
CA THR A 82 -4.97 10.22 3.15
C THR A 82 -5.27 10.86 4.52
N HIS A 83 -5.23 12.16 4.57
CA HIS A 83 -5.50 12.85 5.86
C HIS A 83 -6.91 12.51 6.33
N TRP A 84 -7.16 12.65 7.61
CA TRP A 84 -8.50 12.36 8.16
C TRP A 84 -8.89 10.92 7.85
N THR A 85 -10.13 10.70 7.47
CA THR A 85 -10.53 9.29 7.18
C THR A 85 -11.73 9.23 6.22
N LEU A 86 -12.37 8.10 6.17
CA LEU A 86 -13.57 7.93 5.31
C LEU A 86 -14.69 8.70 5.95
N ASP A 87 -14.96 8.38 7.18
CA ASP A 87 -16.03 9.04 7.95
C ASP A 87 -16.02 10.54 7.73
N LYS A 88 -14.89 11.16 7.86
CA LYS A 88 -14.84 12.62 7.69
C LYS A 88 -15.40 12.96 6.31
N TYR A 89 -15.23 12.09 5.36
CA TYR A 89 -15.75 12.37 4.00
C TYR A 89 -17.23 12.01 3.95
N GLY A 90 -17.57 10.84 4.42
CA GLY A 90 -19.00 10.38 4.41
C GLY A 90 -19.10 9.14 3.54
N ILE A 91 -17.97 8.62 3.13
CA ILE A 91 -17.96 7.41 2.29
C ILE A 91 -18.61 6.26 3.07
N GLN A 92 -19.03 5.22 2.41
CA GLN A 92 -19.66 4.09 3.15
C GLN A 92 -19.51 2.79 2.33
N ALA A 93 -20.29 1.80 2.66
CA ALA A 93 -20.24 0.50 1.92
C ALA A 93 -20.88 0.63 0.55
N ASP A 94 -21.76 1.56 0.39
CA ASP A 94 -22.45 1.73 -0.92
C ASP A 94 -21.60 2.58 -1.84
N ALA A 95 -20.44 2.94 -1.40
CA ALA A 95 -19.54 3.77 -2.26
C ALA A 95 -18.61 2.85 -3.07
N LYS A 96 -18.76 2.81 -4.37
CA LYS A 96 -17.88 1.93 -5.20
C LYS A 96 -16.74 2.75 -5.80
N LEU A 97 -15.54 2.41 -5.43
CA LEU A 97 -14.33 3.12 -5.94
C LEU A 97 -13.67 2.26 -7.00
N GLN A 98 -12.61 2.75 -7.58
CA GLN A 98 -11.89 1.99 -8.63
C GLN A 98 -10.40 2.03 -8.28
N PHE A 99 -9.63 1.09 -8.79
CA PHE A 99 -8.16 1.07 -8.52
C PHE A 99 -7.47 1.09 -9.88
N THR A 100 -7.14 2.28 -10.34
CA THR A 100 -6.48 2.43 -11.69
C THR A 100 -5.04 2.93 -11.52
N PRO A 101 -4.15 2.56 -12.43
CA PRO A 101 -2.72 2.99 -12.38
C PRO A 101 -2.57 4.50 -12.65
N TYR B 8 45.95 -8.59 -8.46
CA TYR B 8 45.65 -8.47 -9.90
C TYR B 8 44.13 -8.65 -10.11
N HIS B 9 43.38 -8.67 -9.04
CA HIS B 9 41.91 -8.84 -9.17
C HIS B 9 41.33 -7.67 -9.97
N GLU B 10 40.18 -7.19 -9.58
CA GLU B 10 39.56 -6.05 -10.33
C GLU B 10 38.31 -5.56 -9.59
N ARG B 11 37.68 -6.41 -8.82
CA ARG B 11 36.46 -6.01 -8.06
C ARG B 11 35.57 -5.11 -8.93
N ARG B 12 34.69 -5.71 -9.69
CA ARG B 12 33.80 -4.92 -10.58
C ARG B 12 32.97 -3.94 -9.75
N GLY B 13 31.95 -4.43 -9.10
CA GLY B 13 31.05 -3.54 -8.29
C GLY B 13 31.04 -4.00 -6.82
N SER B 14 30.12 -4.85 -6.46
CA SER B 14 30.03 -5.31 -5.05
C SER B 14 28.98 -6.41 -4.98
N LEU B 15 29.32 -7.58 -4.51
CA LEU B 15 28.29 -8.66 -4.45
C LEU B 15 27.13 -8.25 -3.57
N CYS B 16 25.92 -8.50 -4.00
CA CYS B 16 24.74 -8.16 -3.18
C CYS B 16 24.58 -9.34 -2.22
N SER B 17 24.98 -9.15 -0.99
CA SER B 17 24.92 -10.26 0.00
C SER B 17 23.55 -10.89 0.04
N GLY B 18 23.50 -12.18 -0.08
CA GLY B 18 22.22 -12.92 -0.10
C GLY B 18 21.93 -13.23 -1.55
N CYS B 19 22.48 -12.43 -2.41
CA CYS B 19 22.30 -12.60 -3.87
C CYS B 19 23.68 -12.99 -4.42
N GLN B 20 24.71 -12.51 -3.77
CA GLN B 20 26.12 -12.80 -4.16
C GLN B 20 26.36 -12.65 -5.65
N LYS B 21 26.09 -11.48 -6.12
CA LYS B 21 26.34 -11.11 -7.54
C LYS B 21 26.83 -9.65 -7.56
N PRO B 22 27.97 -9.33 -8.15
CA PRO B 22 28.45 -7.92 -8.14
C PRO B 22 27.37 -6.87 -8.45
N ILE B 23 27.37 -5.83 -7.66
CA ILE B 23 26.41 -4.73 -7.85
C ILE B 23 27.08 -3.66 -8.71
N THR B 24 26.81 -3.65 -9.99
CA THR B 24 27.46 -2.65 -10.89
C THR B 24 26.53 -1.48 -11.21
N GLY B 25 26.60 -0.46 -10.40
CA GLY B 25 25.75 0.75 -10.60
C GLY B 25 25.60 1.43 -9.26
N ARG B 26 24.52 1.16 -8.57
CA ARG B 26 24.29 1.73 -7.23
C ARG B 26 24.39 0.59 -6.23
N CYS B 27 24.80 0.87 -5.02
CA CYS B 27 24.91 -0.23 -4.02
C CYS B 27 24.54 0.24 -2.63
N ILE B 28 23.63 -0.46 -2.02
CA ILE B 28 23.20 -0.13 -0.64
C ILE B 28 24.07 -0.94 0.30
N THR B 29 24.34 -0.37 1.43
CA THR B 29 25.18 -1.08 2.44
C THR B 29 24.39 -1.24 3.72
N ALA B 30 24.63 -2.32 4.39
CA ALA B 30 23.89 -2.61 5.64
C ALA B 30 24.87 -2.78 6.79
N MET B 31 24.76 -3.86 7.51
CA MET B 31 25.67 -4.11 8.66
C MET B 31 27.09 -4.34 8.12
N ALA B 32 27.34 -3.76 6.99
CA ALA B 32 28.64 -3.89 6.26
C ALA B 32 28.38 -4.73 5.03
N LYS B 33 27.22 -5.31 4.96
CA LYS B 33 26.88 -6.14 3.76
C LYS B 33 26.43 -5.20 2.65
N LYS B 34 26.44 -5.66 1.43
CA LYS B 34 25.99 -4.82 0.29
C LYS B 34 24.61 -5.30 -0.11
N PHE B 35 23.95 -4.64 -1.02
CA PHE B 35 22.58 -5.11 -1.39
C PHE B 35 22.19 -4.57 -2.75
N HIS B 36 21.64 -5.40 -3.58
CA HIS B 36 21.18 -4.91 -4.89
C HIS B 36 20.21 -3.75 -4.59
N PRO B 37 20.50 -2.53 -4.94
CA PRO B 37 19.56 -1.43 -4.61
C PRO B 37 18.12 -1.83 -4.97
N GLU B 38 17.97 -2.90 -5.73
CA GLU B 38 16.61 -3.35 -6.14
C GLU B 38 16.10 -4.42 -5.17
N HIS B 39 16.87 -5.43 -4.94
CA HIS B 39 16.41 -6.53 -4.03
C HIS B 39 16.16 -5.95 -2.63
N PHE B 40 16.44 -4.68 -2.44
CA PHE B 40 16.17 -4.03 -1.12
C PHE B 40 15.37 -2.75 -1.39
N VAL B 41 14.25 -2.89 -2.05
CA VAL B 41 13.40 -1.72 -2.40
C VAL B 41 12.30 -1.49 -1.35
N CYS B 42 11.52 -0.47 -1.54
CA CYS B 42 10.39 -0.16 -0.60
C CYS B 42 9.19 -1.00 -1.01
N ALA B 43 8.41 -1.50 -0.08
CA ALA B 43 7.24 -2.29 -0.54
C ALA B 43 6.00 -1.35 -0.65
N PHE B 44 6.01 -0.56 -1.69
CA PHE B 44 4.87 0.35 -2.08
C PHE B 44 5.07 0.49 -3.58
N CYS B 45 6.29 0.85 -3.89
CA CYS B 45 6.79 1.01 -5.27
C CYS B 45 8.09 0.20 -5.33
N LEU B 46 7.98 -1.08 -5.49
CA LEU B 46 9.17 -1.98 -5.49
C LEU B 46 10.25 -1.55 -6.48
N LYS B 47 10.27 -0.35 -7.01
CA LYS B 47 11.36 -0.04 -7.99
C LYS B 47 12.62 0.51 -7.30
N GLN B 48 12.52 1.31 -6.25
CA GLN B 48 13.79 1.78 -5.62
C GLN B 48 13.65 2.29 -4.18
N LEU B 49 14.60 1.94 -3.36
CA LEU B 49 14.65 2.44 -1.96
C LEU B 49 16.08 2.87 -1.62
N ASN B 50 16.27 3.53 -0.52
CA ASN B 50 17.64 3.98 -0.12
C ASN B 50 17.78 3.84 1.39
N LYS B 51 18.95 3.46 1.85
CA LYS B 51 19.17 3.31 3.31
C LYS B 51 19.01 4.66 4.00
N GLY B 52 19.08 5.72 3.25
CA GLY B 52 18.96 7.07 3.84
C GLY B 52 17.50 7.49 3.86
N THR B 53 16.70 6.80 3.10
CA THR B 53 15.24 7.12 3.05
C THR B 53 14.43 5.84 3.16
N PHE B 54 14.98 4.84 3.79
CA PHE B 54 14.22 3.56 3.93
C PHE B 54 13.37 3.61 5.19
N LYS B 55 12.09 3.68 4.99
CA LYS B 55 11.11 3.71 6.10
C LYS B 55 10.49 2.31 6.21
N GLU B 56 9.76 2.03 7.25
CA GLU B 56 9.18 0.66 7.37
C GLU B 56 7.89 0.69 8.17
N GLN B 57 7.10 -0.31 7.96
CA GLN B 57 5.82 -0.46 8.66
C GLN B 57 5.45 -1.93 8.57
N ASN B 58 4.81 -2.48 9.56
CA ASN B 58 4.45 -3.91 9.51
C ASN B 58 5.68 -4.75 9.09
N ASP B 59 6.87 -4.22 9.28
CA ASP B 59 8.13 -4.96 8.93
C ASP B 59 8.41 -4.89 7.43
N LYS B 60 7.53 -4.29 6.68
CA LYS B 60 7.73 -4.20 5.22
C LYS B 60 8.48 -2.89 4.88
N PRO B 61 9.60 -2.93 4.18
CA PRO B 61 10.32 -1.67 3.84
C PRO B 61 9.38 -0.60 3.28
N TYR B 62 9.81 0.63 3.21
CA TYR B 62 8.89 1.69 2.67
C TYR B 62 9.64 3.01 2.46
N CYS B 63 9.41 3.68 1.37
CA CYS B 63 10.04 5.03 1.23
C CYS B 63 9.25 5.90 2.18
N GLN B 64 9.81 6.95 2.68
CA GLN B 64 9.00 7.79 3.59
C GLN B 64 7.78 8.24 2.78
N ASN B 65 8.02 8.92 1.70
CA ASN B 65 6.90 9.40 0.85
C ASN B 65 5.88 8.29 0.65
N CYS B 66 6.31 7.06 0.73
CA CYS B 66 5.36 5.93 0.55
C CYS B 66 4.68 5.62 1.88
N PHE B 67 5.43 5.19 2.87
CA PHE B 67 4.82 4.87 4.19
C PHE B 67 3.97 6.06 4.63
N LEU B 68 4.53 7.23 4.66
CA LEU B 68 3.75 8.42 5.09
C LEU B 68 2.45 8.43 4.30
N LYS B 69 2.52 8.15 3.02
CA LYS B 69 1.29 8.15 2.20
C LYS B 69 0.24 7.24 2.86
N LEU B 70 0.68 6.29 3.65
CA LEU B 70 -0.28 5.33 4.29
C LEU B 70 -0.68 5.80 5.70
N PHE B 71 0.27 6.01 6.58
CA PHE B 71 -0.07 6.44 7.98
C PHE B 71 0.23 7.93 8.20
N CYS B 72 1.19 8.47 7.48
CA CYS B 72 1.54 9.92 7.66
C CYS B 72 1.60 10.26 9.14
N MET A 8 -27.84 2.62 15.28
CA MET A 8 -28.82 2.07 16.25
C MET A 8 -28.68 0.55 16.33
N ALA A 9 -29.73 -0.17 16.08
CA ALA A 9 -29.64 -1.66 16.15
C ALA A 9 -30.78 -2.26 15.33
N LEU A 10 -31.98 -1.80 15.55
CA LEU A 10 -33.15 -2.31 14.80
C LEU A 10 -32.80 -2.44 13.32
N ASP A 11 -32.82 -1.33 12.65
CA ASP A 11 -32.52 -1.28 11.20
C ASP A 11 -33.54 -2.12 10.45
N GLY A 12 -34.39 -2.83 11.16
CA GLY A 12 -35.43 -3.67 10.51
C GLY A 12 -35.17 -5.12 10.87
N ILE A 13 -34.01 -5.35 11.42
CA ILE A 13 -33.59 -6.71 11.82
C ILE A 13 -33.36 -6.73 13.34
N ARG A 14 -32.14 -6.83 13.81
CA ARG A 14 -31.90 -6.86 15.28
C ARG A 14 -30.47 -6.41 15.60
N MET A 15 -29.53 -7.34 15.75
CA MET A 15 -28.12 -6.94 16.10
C MET A 15 -27.09 -7.64 15.18
N PRO A 16 -27.07 -8.95 15.05
CA PRO A 16 -26.08 -9.63 14.16
C PRO A 16 -26.17 -9.06 12.74
N ASP A 17 -27.36 -8.69 12.36
CA ASP A 17 -27.59 -8.09 11.02
C ASP A 17 -28.03 -6.65 11.23
N GLY A 18 -28.62 -6.39 12.36
CA GLY A 18 -29.07 -5.00 12.65
C GLY A 18 -27.90 -4.17 13.19
N CYS A 19 -26.72 -4.73 13.21
CA CYS A 19 -25.54 -3.98 13.71
C CYS A 19 -24.25 -4.66 13.26
N TYR A 20 -24.20 -5.96 13.37
CA TYR A 20 -22.98 -6.75 12.97
C TYR A 20 -22.05 -6.84 14.17
N ALA A 21 -21.28 -5.81 14.43
CA ALA A 21 -20.35 -5.83 15.60
C ALA A 21 -19.35 -4.69 15.45
N ASP A 22 -18.93 -4.42 14.23
CA ASP A 22 -17.94 -3.32 14.00
C ASP A 22 -18.40 -2.50 12.80
N GLY A 23 -19.51 -2.85 12.21
CA GLY A 23 -20.00 -2.09 11.03
C GLY A 23 -18.98 -2.22 9.91
N THR A 24 -18.48 -3.40 9.68
CA THR A 24 -17.47 -3.58 8.61
C THR A 24 -18.15 -3.58 7.24
N TRP A 25 -17.66 -2.75 6.37
CA TRP A 25 -18.19 -2.68 4.99
C TRP A 25 -16.99 -2.72 4.05
N GLU A 26 -16.92 -3.70 3.19
CA GLU A 26 -15.76 -3.78 2.27
C GLU A 26 -15.89 -2.71 1.20
N LEU A 27 -14.89 -1.91 1.02
CA LEU A 27 -14.97 -0.86 -0.02
C LEU A 27 -14.59 -1.49 -1.36
N SER A 28 -15.35 -1.23 -2.38
CA SER A 28 -15.03 -1.83 -3.69
C SER A 28 -13.88 -1.08 -4.34
N VAL A 29 -13.06 -1.78 -5.06
CA VAL A 29 -11.91 -1.11 -5.74
C VAL A 29 -11.78 -1.66 -7.16
N HIS A 30 -12.17 -0.87 -8.11
CA HIS A 30 -12.05 -1.28 -9.52
C HIS A 30 -10.61 -1.08 -9.93
N VAL A 31 -9.83 -2.12 -10.03
CA VAL A 31 -8.41 -1.91 -10.41
C VAL A 31 -8.37 -1.55 -11.89
N THR A 32 -7.98 -0.36 -12.22
CA THR A 32 -7.96 0.07 -13.64
C THR A 32 -6.69 -0.45 -14.31
N ASP A 33 -5.59 -0.48 -13.61
CA ASP A 33 -4.33 -0.99 -14.23
C ASP A 33 -4.45 -2.51 -14.40
N LEU A 34 -5.62 -3.03 -14.16
CA LEU A 34 -5.84 -4.51 -14.27
C LEU A 34 -7.26 -4.78 -14.78
N ASN A 35 -8.17 -3.90 -14.48
CA ASN A 35 -9.60 -4.06 -14.91
C ASN A 35 -10.32 -5.01 -13.96
N ARG A 36 -9.73 -5.33 -12.84
CA ARG A 36 -10.38 -6.25 -11.88
C ARG A 36 -11.15 -5.44 -10.85
N ASP A 37 -11.75 -6.13 -9.93
CA ASP A 37 -12.50 -5.45 -8.85
C ASP A 37 -12.15 -6.13 -7.53
N VAL A 38 -11.54 -5.40 -6.65
CA VAL A 38 -11.14 -5.98 -5.33
C VAL A 38 -11.95 -5.30 -4.23
N THR A 39 -12.08 -5.94 -3.12
CA THR A 39 -12.86 -5.36 -1.98
C THR A 39 -12.03 -5.50 -0.70
N LEU A 40 -11.93 -4.46 0.08
CA LEU A 40 -11.13 -4.49 1.33
C LEU A 40 -12.06 -4.37 2.55
N ARG A 41 -12.15 -5.40 3.33
CA ARG A 41 -13.02 -5.35 4.53
C ARG A 41 -12.49 -4.24 5.43
N VAL A 42 -13.15 -3.11 5.43
CA VAL A 42 -12.68 -1.96 6.26
C VAL A 42 -13.82 -1.35 7.05
N THR A 43 -13.58 -0.20 7.64
CA THR A 43 -14.62 0.49 8.43
C THR A 43 -14.41 2.00 8.25
N GLY A 44 -15.27 2.79 8.79
CA GLY A 44 -15.12 4.26 8.65
C GLY A 44 -14.06 4.74 9.65
N GLU A 45 -12.96 4.06 9.70
CA GLU A 45 -11.86 4.48 10.62
C GLU A 45 -10.53 4.14 9.98
N VAL A 46 -10.54 3.57 8.79
CA VAL A 46 -9.25 3.23 8.13
C VAL A 46 -8.77 4.41 7.28
N HIS A 47 -7.57 4.82 7.46
CA HIS A 47 -7.07 5.97 6.65
C HIS A 47 -6.97 5.53 5.19
N ILE A 48 -7.25 6.41 4.26
CA ILE A 48 -7.17 6.03 2.82
C ILE A 48 -5.88 5.29 2.55
N GLY A 49 -4.79 5.89 2.89
CA GLY A 49 -3.48 5.26 2.66
C GLY A 49 -3.46 3.92 3.38
N GLY A 50 -4.40 3.72 4.26
CA GLY A 50 -4.47 2.45 5.01
C GLY A 50 -5.08 1.37 4.10
N VAL A 51 -5.74 1.78 3.06
CA VAL A 51 -6.36 0.79 2.13
C VAL A 51 -5.31 0.33 1.13
N MET A 52 -4.60 1.23 0.49
CA MET A 52 -3.57 0.78 -0.48
C MET A 52 -2.67 -0.26 0.20
N LEU A 53 -2.36 -0.04 1.44
CA LEU A 53 -1.51 -1.01 2.18
C LEU A 53 -2.17 -2.38 2.14
N LYS A 54 -3.40 -2.48 2.54
CA LYS A 54 -4.10 -3.80 2.51
C LYS A 54 -4.31 -4.27 1.07
N LEU A 55 -4.91 -3.45 0.24
CA LEU A 55 -5.17 -3.86 -1.18
C LEU A 55 -3.93 -4.53 -1.77
N VAL A 56 -2.76 -4.03 -1.49
CA VAL A 56 -1.53 -4.67 -2.06
C VAL A 56 -1.17 -5.93 -1.27
N GLU A 57 -1.21 -5.86 0.03
CA GLU A 57 -0.87 -7.05 0.86
C GLU A 57 -1.55 -8.29 0.29
N LYS A 58 -2.75 -8.13 -0.19
CA LYS A 58 -3.49 -9.30 -0.75
C LYS A 58 -2.95 -9.67 -2.13
N LEU A 59 -2.61 -8.71 -2.94
CA LEU A 59 -2.09 -9.00 -4.30
C LEU A 59 -0.79 -9.79 -4.17
N ASP A 60 0.23 -9.14 -3.66
CA ASP A 60 1.55 -9.82 -3.48
C ASP A 60 2.26 -9.96 -4.81
N VAL A 61 2.88 -8.91 -5.24
CA VAL A 61 3.60 -8.95 -6.54
C VAL A 61 4.39 -7.65 -6.71
N LYS A 62 5.57 -7.73 -7.27
CA LYS A 62 6.39 -6.51 -7.44
C LYS A 62 5.77 -5.58 -8.47
N LYS A 63 4.46 -5.55 -8.56
CA LYS A 63 3.83 -4.61 -9.54
C LYS A 63 3.81 -3.21 -8.91
N ASP A 64 4.02 -2.21 -9.70
CA ASP A 64 4.03 -0.82 -9.17
C ASP A 64 2.67 -0.49 -8.56
N TRP A 65 2.64 -0.25 -7.27
CA TRP A 65 1.36 0.08 -6.58
C TRP A 65 1.46 1.48 -5.93
N SER A 66 2.55 1.77 -5.30
CA SER A 66 2.70 3.10 -4.62
C SER A 66 2.30 4.22 -5.58
N ASP A 67 2.91 4.28 -6.73
CA ASP A 67 2.57 5.35 -7.70
C ASP A 67 1.05 5.35 -7.91
N HIS A 68 0.45 4.19 -7.92
CA HIS A 68 -1.01 4.11 -8.13
C HIS A 68 -1.76 4.60 -6.88
N ALA A 69 -2.67 5.51 -7.09
CA ALA A 69 -3.50 6.06 -5.97
C ALA A 69 -4.96 5.84 -6.34
N LEU A 70 -5.85 5.87 -5.38
CA LEU A 70 -7.30 5.62 -5.70
C LEU A 70 -8.05 6.96 -5.80
N TRP A 71 -9.06 6.98 -6.63
CA TRP A 71 -9.86 8.22 -6.88
C TRP A 71 -11.36 7.90 -6.68
N TRP A 72 -12.15 8.87 -6.29
CA TRP A 72 -13.61 8.62 -6.06
C TRP A 72 -14.39 9.11 -7.28
N GLU A 73 -14.61 8.26 -8.25
CA GLU A 73 -15.35 8.71 -9.47
C GLU A 73 -16.70 9.32 -9.10
N LYS A 74 -17.25 8.99 -7.96
CA LYS A 74 -18.55 9.63 -7.61
C LYS A 74 -18.26 11.10 -7.39
N LYS A 75 -16.99 11.41 -7.33
CA LYS A 75 -16.53 12.81 -7.09
C LYS A 75 -15.42 13.15 -8.08
N ARG A 76 -14.90 12.17 -8.78
CA ARG A 76 -13.80 12.44 -9.73
C ARG A 76 -12.71 13.17 -8.94
N THR A 77 -12.40 12.69 -7.76
CA THR A 77 -11.37 13.35 -6.90
C THR A 77 -10.14 12.47 -6.78
N TRP A 78 -9.26 12.83 -5.90
CA TRP A 78 -8.03 12.02 -5.65
C TRP A 78 -7.99 11.79 -4.15
N LEU A 79 -8.34 10.63 -3.73
CA LEU A 79 -8.40 10.37 -2.27
C LEU A 79 -7.01 10.54 -1.65
N LEU A 80 -6.65 11.76 -1.36
CA LEU A 80 -5.33 12.06 -0.73
C LEU A 80 -5.58 12.60 0.68
N LYS A 81 -6.78 12.44 1.18
CA LYS A 81 -7.11 12.93 2.55
C LYS A 81 -6.67 11.88 3.57
N THR A 82 -5.41 11.58 3.62
CA THR A 82 -4.91 10.57 4.59
C THR A 82 -4.89 11.18 6.01
N HIS A 83 -5.17 12.45 6.11
CA HIS A 83 -5.14 13.11 7.45
C HIS A 83 -6.30 12.60 8.33
N TRP A 84 -7.51 12.67 7.83
CA TRP A 84 -8.69 12.20 8.64
C TRP A 84 -9.06 10.77 8.26
N THR A 85 -10.31 10.48 7.95
CA THR A 85 -10.67 9.08 7.58
C THR A 85 -11.88 9.11 6.66
N LEU A 86 -11.99 8.14 5.81
CA LEU A 86 -13.14 8.08 4.86
C LEU A 86 -14.44 8.52 5.54
N ASP A 87 -14.73 7.97 6.68
CA ASP A 87 -15.96 8.38 7.41
C ASP A 87 -16.06 9.90 7.44
N LYS A 88 -14.94 10.54 7.53
CA LYS A 88 -14.96 12.04 7.58
C LYS A 88 -15.45 12.51 6.22
N TYR A 89 -15.17 11.77 5.20
CA TYR A 89 -15.66 12.14 3.85
C TYR A 89 -17.12 11.72 3.77
N GLY A 90 -17.42 10.48 4.10
CA GLY A 90 -18.86 10.00 4.05
C GLY A 90 -18.94 8.78 3.13
N ILE A 91 -17.81 8.29 2.76
CA ILE A 91 -17.73 7.09 1.89
C ILE A 91 -18.39 5.90 2.58
N GLN A 92 -18.73 4.88 1.84
CA GLN A 92 -19.36 3.70 2.46
C GLN A 92 -19.26 2.51 1.49
N ALA A 93 -20.11 1.52 1.65
CA ALA A 93 -20.07 0.34 0.75
C ALA A 93 -20.65 0.71 -0.61
N ASP A 94 -21.51 1.69 -0.64
CA ASP A 94 -22.11 2.10 -1.93
C ASP A 94 -21.13 2.97 -2.70
N ALA A 95 -19.99 3.23 -2.12
CA ALA A 95 -18.98 4.08 -2.78
C ALA A 95 -17.92 3.18 -3.41
N LYS A 96 -17.83 3.16 -4.72
CA LYS A 96 -16.81 2.29 -5.39
C LYS A 96 -15.57 3.10 -5.75
N LEU A 97 -14.47 2.77 -5.14
CA LEU A 97 -13.19 3.47 -5.43
C LEU A 97 -12.47 2.71 -6.54
N GLN A 98 -11.35 3.22 -6.99
CA GLN A 98 -10.59 2.51 -8.08
C GLN A 98 -9.13 2.68 -7.75
N PHE A 99 -8.28 1.74 -8.09
CA PHE A 99 -6.82 1.91 -7.81
C PHE A 99 -6.10 2.07 -9.15
N THR A 100 -5.98 3.30 -9.57
CA THR A 100 -5.33 3.62 -10.89
C THR A 100 -3.94 4.25 -10.65
N PRO A 101 -3.25 4.65 -11.70
CA PRO A 101 -1.89 5.26 -11.58
C PRO A 101 -1.90 6.52 -10.72
N TYR B 8 38.76 -10.82 -22.04
CA TYR B 8 37.50 -10.90 -21.25
C TYR B 8 37.46 -9.76 -20.24
N HIS B 9 36.32 -9.12 -20.08
CA HIS B 9 36.22 -8.00 -19.12
C HIS B 9 36.01 -8.55 -17.71
N GLU B 10 35.55 -7.72 -16.81
CA GLU B 10 35.28 -8.13 -15.43
C GLU B 10 34.68 -6.92 -14.71
N ARG B 11 33.40 -6.83 -14.71
CA ARG B 11 32.71 -5.68 -14.06
C ARG B 11 32.22 -6.06 -12.65
N ARG B 12 33.12 -6.33 -11.74
CA ARG B 12 32.67 -6.69 -10.37
C ARG B 12 31.95 -5.50 -9.73
N GLY B 13 32.16 -5.28 -8.47
CA GLY B 13 31.49 -4.14 -7.79
C GLY B 13 31.46 -4.36 -6.27
N SER B 14 30.46 -5.06 -5.80
CA SER B 14 30.35 -5.31 -4.34
C SER B 14 29.32 -6.42 -4.13
N LEU B 15 29.69 -7.52 -3.56
CA LEU B 15 28.71 -8.62 -3.38
C LEU B 15 27.55 -8.15 -2.51
N CYS B 16 26.34 -8.48 -2.90
CA CYS B 16 25.17 -8.09 -2.07
C CYS B 16 25.05 -9.15 -0.99
N SER B 17 25.48 -8.81 0.19
CA SER B 17 25.48 -9.77 1.32
C SER B 17 24.13 -10.45 1.45
N GLY B 18 24.17 -11.76 1.47
CA GLY B 18 22.91 -12.55 1.55
C GLY B 18 22.61 -13.05 0.16
N CYS B 19 23.10 -12.32 -0.81
CA CYS B 19 22.91 -12.66 -2.23
C CYS B 19 24.28 -13.07 -2.75
N GLN B 20 25.30 -12.48 -2.19
CA GLN B 20 26.71 -12.77 -2.57
C GLN B 20 26.91 -12.78 -4.07
N LYS B 21 26.58 -11.67 -4.65
CA LYS B 21 26.76 -11.45 -6.11
C LYS B 21 27.18 -9.98 -6.30
N PRO B 22 28.28 -9.69 -6.96
CA PRO B 22 28.72 -8.26 -7.12
C PRO B 22 27.60 -7.29 -7.49
N ILE B 23 27.61 -6.17 -6.84
CA ILE B 23 26.59 -5.12 -7.09
C ILE B 23 27.17 -4.13 -8.11
N THR B 24 26.82 -4.27 -9.35
CA THR B 24 27.39 -3.37 -10.40
C THR B 24 26.40 -2.25 -10.76
N GLY B 25 26.50 -1.15 -10.08
CA GLY B 25 25.61 0.01 -10.35
C GLY B 25 25.54 0.84 -9.07
N ARG B 26 24.51 0.63 -8.29
CA ARG B 26 24.37 1.34 -6.99
C ARG B 26 24.51 0.31 -5.89
N CYS B 27 24.94 0.69 -4.73
CA CYS B 27 25.09 -0.31 -3.63
C CYS B 27 24.73 0.27 -2.28
N ILE B 28 23.85 -0.39 -1.60
CA ILE B 28 23.44 0.05 -0.26
C ILE B 28 24.37 -0.60 0.74
N THR B 29 24.66 0.09 1.78
CA THR B 29 25.57 -0.46 2.83
C THR B 29 24.85 -0.46 4.15
N ALA B 30 25.15 -1.44 4.96
CA ALA B 30 24.50 -1.58 6.28
C ALA B 30 25.57 -1.60 7.36
N MET B 31 25.53 -2.58 8.22
CA MET B 31 26.54 -2.71 9.30
C MET B 31 27.91 -2.97 8.69
N ALA B 32 28.06 -2.53 7.47
CA ALA B 32 29.31 -2.72 6.66
C ALA B 32 28.98 -3.73 5.58
N LYS B 33 27.82 -4.33 5.68
CA LYS B 33 27.39 -5.31 4.67
C LYS B 33 26.83 -4.55 3.47
N LYS B 34 26.97 -5.08 2.29
CA LYS B 34 26.44 -4.39 1.09
C LYS B 34 25.05 -4.94 0.78
N PHE B 35 24.36 -4.39 -0.17
CA PHE B 35 22.99 -4.92 -0.45
C PHE B 35 22.56 -4.51 -1.85
N HIS B 36 22.06 -5.44 -2.60
CA HIS B 36 21.57 -5.10 -3.95
C HIS B 36 20.55 -3.97 -3.73
N PRO B 37 20.75 -2.79 -4.25
CA PRO B 37 19.76 -1.73 -4.01
C PRO B 37 18.34 -2.25 -4.32
N GLU B 38 18.25 -3.43 -4.89
CA GLU B 38 16.93 -4.03 -5.22
C GLU B 38 16.50 -5.02 -4.13
N HIS B 39 17.34 -5.97 -3.81
CA HIS B 39 16.94 -6.96 -2.77
C HIS B 39 16.65 -6.25 -1.44
N PHE B 40 16.83 -4.95 -1.41
CA PHE B 40 16.53 -4.17 -0.17
C PHE B 40 15.60 -3.00 -0.57
N VAL B 41 14.49 -3.32 -1.18
CA VAL B 41 13.54 -2.28 -1.65
C VAL B 41 12.42 -2.01 -0.61
N CYS B 42 11.54 -1.08 -0.91
CA CYS B 42 10.41 -0.75 0.01
C CYS B 42 9.30 -1.76 -0.22
N ALA B 43 8.54 -2.14 0.80
CA ALA B 43 7.45 -3.11 0.50
C ALA B 43 6.12 -2.36 0.29
N PHE B 44 6.01 -1.77 -0.87
CA PHE B 44 4.76 -1.10 -1.37
C PHE B 44 4.94 -1.25 -2.87
N CYS B 45 6.03 -0.64 -3.29
CA CYS B 45 6.49 -0.65 -4.68
C CYS B 45 7.89 -1.27 -4.62
N LEU B 46 7.94 -2.57 -4.56
CA LEU B 46 9.24 -3.29 -4.42
C LEU B 46 10.28 -2.90 -5.49
N LYS B 47 10.13 -1.80 -6.21
CA LYS B 47 11.18 -1.51 -7.25
C LYS B 47 12.40 -0.77 -6.67
N GLN B 48 12.26 0.15 -5.74
CA GLN B 48 13.51 0.81 -5.22
C GLN B 48 13.37 1.48 -3.85
N LEU B 49 14.39 1.32 -3.04
CA LEU B 49 14.47 1.97 -1.71
C LEU B 49 15.90 2.47 -1.50
N ASN B 50 16.14 3.24 -0.46
CA ASN B 50 17.52 3.75 -0.20
C ASN B 50 17.71 3.93 1.30
N LYS B 51 18.83 3.48 1.82
CA LYS B 51 19.10 3.62 3.28
C LYS B 51 18.89 5.08 3.69
N GLY B 52 18.92 5.97 2.75
CA GLY B 52 18.75 7.41 3.07
C GLY B 52 17.27 7.74 3.05
N THR B 53 16.49 6.91 2.43
CA THR B 53 15.02 7.14 2.34
C THR B 53 14.30 5.84 2.67
N PHE B 54 14.92 4.97 3.41
CA PHE B 54 14.26 3.68 3.77
C PHE B 54 13.47 3.82 5.07
N LYS B 55 12.16 3.82 4.95
CA LYS B 55 11.28 3.95 6.14
C LYS B 55 10.70 2.56 6.42
N GLU B 56 10.05 2.37 7.54
CA GLU B 56 9.51 1.01 7.85
C GLU B 56 8.29 1.10 8.76
N GLN B 57 7.49 0.09 8.71
CA GLN B 57 6.28 0.00 9.55
C GLN B 57 5.96 -1.48 9.72
N ASN B 58 5.43 -1.87 10.84
CA ASN B 58 5.11 -3.31 11.05
C ASN B 58 6.30 -4.19 10.59
N ASP B 59 7.50 -3.63 10.57
CA ASP B 59 8.72 -4.40 10.17
C ASP B 59 8.85 -4.46 8.64
N LYS B 60 7.89 -3.97 7.94
CA LYS B 60 7.93 -4.01 6.46
C LYS B 60 8.60 -2.72 5.93
N PRO B 61 9.72 -2.81 5.22
CA PRO B 61 10.37 -1.57 4.70
C PRO B 61 9.37 -0.66 3.97
N TYR B 62 9.73 0.57 3.73
CA TYR B 62 8.79 1.50 3.03
C TYR B 62 9.53 2.79 2.66
N CYS B 63 9.28 3.34 1.50
CA CYS B 63 9.90 4.65 1.19
C CYS B 63 9.19 5.64 2.10
N GLN B 64 9.78 6.74 2.44
CA GLN B 64 9.04 7.67 3.31
C GLN B 64 7.75 8.03 2.55
N ASN B 65 7.89 8.51 1.35
CA ASN B 65 6.70 8.87 0.54
C ASN B 65 5.72 7.69 0.57
N CYS B 66 6.22 6.50 0.72
CA CYS B 66 5.33 5.31 0.77
C CYS B 66 4.75 5.19 2.17
N PHE B 67 5.58 5.07 3.16
CA PHE B 67 5.11 4.95 4.57
C PHE B 67 4.29 6.18 4.97
N LEU B 68 4.88 7.34 4.91
CA LEU B 68 4.16 8.57 5.31
C LEU B 68 2.76 8.58 4.68
N LYS B 69 2.68 8.13 3.46
CA LYS B 69 1.37 8.12 2.76
C LYS B 69 0.38 7.18 3.47
N LEU B 70 0.85 6.26 4.27
CA LEU B 70 -0.09 5.31 4.96
C LEU B 70 -0.50 5.83 6.35
N PHE B 71 0.46 6.09 7.20
CA PHE B 71 0.12 6.58 8.58
C PHE B 71 0.21 8.11 8.62
N CYS B 72 0.32 8.75 7.49
CA CYS B 72 0.39 10.24 7.47
C CYS B 72 0.00 10.74 6.07
N MET A 8 -30.76 5.90 20.35
CA MET A 8 -30.14 6.67 19.22
C MET A 8 -30.70 6.14 17.91
N ALA A 9 -30.20 5.00 17.52
CA ALA A 9 -30.66 4.39 16.24
C ALA A 9 -29.89 3.10 16.02
N LEU A 10 -28.90 2.85 16.82
CA LEU A 10 -28.10 1.59 16.67
C LEU A 10 -29.03 0.43 16.41
N ASP A 11 -29.81 0.12 17.38
CA ASP A 11 -30.76 -1.00 17.27
C ASP A 11 -31.94 -0.56 16.41
N GLY A 12 -31.80 0.56 15.75
CA GLY A 12 -32.90 1.04 14.88
C GLY A 12 -33.16 -0.03 13.83
N ILE A 13 -32.24 -0.93 13.74
CA ILE A 13 -32.32 -2.05 12.77
C ILE A 13 -32.46 -3.35 13.56
N ARG A 14 -31.47 -4.21 13.59
CA ARG A 14 -31.57 -5.45 14.35
C ARG A 14 -30.26 -6.21 14.35
N MET A 15 -30.06 -7.03 13.38
CA MET A 15 -28.83 -7.89 13.34
C MET A 15 -27.94 -7.60 12.11
N PRO A 16 -28.46 -7.59 10.90
CA PRO A 16 -27.63 -7.33 9.69
C PRO A 16 -26.92 -5.97 9.78
N ASP A 17 -27.61 -5.03 10.33
CA ASP A 17 -27.05 -3.65 10.49
C ASP A 17 -27.11 -3.27 11.96
N GLY A 18 -27.95 -3.93 12.69
CA GLY A 18 -28.09 -3.62 14.15
C GLY A 18 -27.02 -4.43 14.91
N CYS A 19 -26.22 -5.17 14.19
CA CYS A 19 -25.15 -5.98 14.85
C CYS A 19 -24.00 -6.19 13.88
N TYR A 20 -24.29 -6.69 12.69
CA TYR A 20 -23.22 -6.95 11.70
C TYR A 20 -22.27 -7.99 12.29
N ALA A 21 -21.46 -7.58 13.23
CA ALA A 21 -20.51 -8.53 13.88
C ALA A 21 -19.46 -7.72 14.62
N ASP A 22 -19.05 -6.62 14.07
CA ASP A 22 -18.02 -5.78 14.75
C ASP A 22 -18.13 -4.33 14.25
N GLY A 23 -19.13 -4.04 13.47
CA GLY A 23 -19.28 -2.65 12.94
C GLY A 23 -18.39 -2.52 11.71
N THR A 24 -17.98 -3.63 11.18
CA THR A 24 -17.08 -3.62 9.99
C THR A 24 -17.90 -3.63 8.71
N TRP A 25 -17.67 -2.65 7.88
CA TRP A 25 -18.37 -2.57 6.56
C TRP A 25 -17.28 -2.63 5.48
N GLU A 26 -17.36 -3.59 4.60
CA GLU A 26 -16.30 -3.69 3.55
C GLU A 26 -16.58 -2.68 2.43
N LEU A 27 -15.58 -1.91 2.09
CA LEU A 27 -15.75 -0.91 1.00
C LEU A 27 -15.50 -1.64 -0.32
N SER A 28 -16.34 -1.44 -1.29
CA SER A 28 -16.15 -2.15 -2.58
C SER A 28 -15.06 -1.46 -3.41
N VAL A 29 -14.31 -2.23 -4.15
CA VAL A 29 -13.24 -1.65 -5.02
C VAL A 29 -13.30 -2.30 -6.40
N HIS A 30 -13.76 -1.57 -7.36
CA HIS A 30 -13.85 -2.10 -8.74
C HIS A 30 -12.47 -2.05 -9.36
N VAL A 31 -11.79 -3.16 -9.46
CA VAL A 31 -10.44 -3.13 -10.07
C VAL A 31 -10.63 -2.90 -11.56
N THR A 32 -10.46 -1.67 -11.98
CA THR A 32 -10.67 -1.31 -13.41
C THR A 32 -9.59 -1.94 -14.30
N ASP A 33 -8.35 -1.81 -13.95
CA ASP A 33 -7.28 -2.40 -14.81
C ASP A 33 -7.33 -3.93 -14.72
N LEU A 34 -8.39 -4.46 -14.16
CA LEU A 34 -8.53 -5.95 -14.03
C LEU A 34 -9.99 -6.32 -14.28
N ASN A 35 -10.90 -5.40 -14.06
CA ASN A 35 -12.35 -5.66 -14.27
C ASN A 35 -12.92 -6.48 -13.12
N ARG A 36 -12.19 -6.60 -12.03
CA ARG A 36 -12.71 -7.39 -10.89
C ARG A 36 -13.34 -6.46 -9.87
N ASP A 37 -13.78 -7.04 -8.80
CA ASP A 37 -14.39 -6.23 -7.70
C ASP A 37 -13.88 -6.78 -6.39
N VAL A 38 -13.13 -5.99 -5.68
CA VAL A 38 -12.56 -6.44 -4.38
C VAL A 38 -13.23 -5.67 -3.25
N THR A 39 -13.22 -6.20 -2.07
CA THR A 39 -13.85 -5.52 -0.91
C THR A 39 -12.87 -5.52 0.27
N LEU A 40 -12.75 -4.40 0.94
CA LEU A 40 -11.80 -4.30 2.08
C LEU A 40 -12.59 -4.20 3.37
N ARG A 41 -12.54 -5.22 4.17
CA ARG A 41 -13.25 -5.18 5.46
C ARG A 41 -12.66 -4.03 6.27
N VAL A 42 -13.36 -2.92 6.32
CA VAL A 42 -12.84 -1.73 7.05
C VAL A 42 -13.92 -1.12 7.93
N THR A 43 -13.65 0.04 8.44
CA THR A 43 -14.62 0.74 9.30
C THR A 43 -14.50 2.23 8.97
N GLY A 44 -15.34 3.06 9.52
CA GLY A 44 -15.23 4.51 9.20
C GLY A 44 -14.12 5.14 10.03
N GLU A 45 -13.00 4.48 10.09
CA GLU A 45 -11.86 5.03 10.87
C GLU A 45 -10.55 4.64 10.18
N VAL A 46 -10.62 4.02 9.02
CA VAL A 46 -9.38 3.61 8.31
C VAL A 46 -8.91 4.73 7.38
N HIS A 47 -7.64 4.98 7.34
CA HIS A 47 -7.13 6.04 6.43
C HIS A 47 -6.98 5.46 5.03
N ILE A 48 -7.21 6.25 4.01
CA ILE A 48 -7.10 5.72 2.62
C ILE A 48 -5.80 4.93 2.47
N GLY A 49 -4.69 5.55 2.75
CA GLY A 49 -3.39 4.83 2.63
C GLY A 49 -3.48 3.55 3.44
N GLY A 50 -4.46 3.46 4.29
CA GLY A 50 -4.63 2.24 5.13
C GLY A 50 -5.27 1.15 4.26
N VAL A 51 -6.02 1.57 3.28
CA VAL A 51 -6.67 0.59 2.36
C VAL A 51 -5.62 0.13 1.35
N MET A 52 -4.79 1.03 0.88
CA MET A 52 -3.75 0.63 -0.09
C MET A 52 -3.00 -0.57 0.47
N LEU A 53 -2.74 -0.55 1.75
CA LEU A 53 -2.02 -1.69 2.40
C LEU A 53 -2.85 -2.96 2.27
N LYS A 54 -4.04 -2.96 2.78
CA LYS A 54 -4.89 -4.18 2.74
C LYS A 54 -5.05 -4.68 1.30
N LEU A 55 -5.60 -3.88 0.42
CA LEU A 55 -5.80 -4.34 -1.00
C LEU A 55 -4.52 -5.03 -1.50
N VAL A 56 -3.38 -4.54 -1.13
CA VAL A 56 -2.11 -5.19 -1.58
C VAL A 56 -1.98 -6.53 -0.82
N GLU A 57 -2.06 -6.46 0.48
CA GLU A 57 -1.94 -7.69 1.31
C GLU A 57 -2.77 -8.84 0.73
N LYS A 58 -4.00 -8.57 0.39
CA LYS A 58 -4.86 -9.66 -0.14
C LYS A 58 -4.27 -10.25 -1.42
N LEU A 59 -4.05 -9.45 -2.43
CA LEU A 59 -3.47 -9.99 -3.67
C LEU A 59 -2.15 -10.67 -3.32
N ASP A 60 -1.33 -9.98 -2.58
CA ASP A 60 -0.02 -10.54 -2.14
C ASP A 60 0.87 -10.77 -3.33
N VAL A 61 1.41 -9.71 -3.86
CA VAL A 61 2.29 -9.83 -5.04
C VAL A 61 2.94 -8.49 -5.34
N LYS A 62 4.16 -8.52 -5.79
CA LYS A 62 4.86 -7.27 -6.13
C LYS A 62 4.24 -6.71 -7.42
N LYS A 63 2.94 -6.69 -7.49
CA LYS A 63 2.27 -6.19 -8.73
C LYS A 63 2.32 -4.66 -8.78
N ASP A 64 1.93 -4.10 -9.89
CA ASP A 64 1.96 -2.61 -10.04
C ASP A 64 1.26 -1.95 -8.85
N TRP A 65 1.99 -1.64 -7.82
CA TRP A 65 1.42 -0.98 -6.61
C TRP A 65 1.97 0.45 -6.49
N SER A 66 2.99 0.71 -7.24
CA SER A 66 3.62 2.07 -7.19
C SER A 66 2.57 3.13 -7.52
N ASP A 67 1.93 2.98 -8.64
CA ASP A 67 0.92 3.97 -9.10
C ASP A 67 -0.48 3.58 -8.60
N HIS A 68 -0.55 2.66 -7.69
CA HIS A 68 -1.89 2.22 -7.18
C HIS A 68 -2.51 3.33 -6.32
N ALA A 69 -3.77 3.60 -6.54
CA ALA A 69 -4.48 4.64 -5.76
C ALA A 69 -5.98 4.51 -6.05
N LEU A 70 -6.83 4.82 -5.11
CA LEU A 70 -8.31 4.68 -5.34
C LEU A 70 -8.91 6.02 -5.80
N TRP A 71 -9.94 5.96 -6.62
CA TRP A 71 -10.61 7.21 -7.12
C TRP A 71 -12.13 7.07 -6.91
N TRP A 72 -12.76 8.13 -6.44
CA TRP A 72 -14.23 8.10 -6.17
C TRP A 72 -14.97 8.75 -7.35
N GLU A 73 -15.37 7.99 -8.34
CA GLU A 73 -16.08 8.60 -9.51
C GLU A 73 -17.32 9.35 -9.06
N LYS A 74 -17.87 9.04 -7.91
CA LYS A 74 -19.04 9.83 -7.47
C LYS A 74 -18.53 11.26 -7.31
N LYS A 75 -17.22 11.38 -7.32
CA LYS A 75 -16.55 12.69 -7.14
C LYS A 75 -15.48 12.86 -8.23
N ARG A 76 -15.16 11.82 -8.94
CA ARG A 76 -14.10 11.92 -9.98
C ARG A 76 -12.86 12.49 -9.30
N THR A 77 -12.53 11.95 -8.15
CA THR A 77 -11.35 12.46 -7.38
C THR A 77 -10.29 11.39 -7.33
N TRP A 78 -9.24 11.68 -6.61
CA TRP A 78 -8.14 10.71 -6.42
C TRP A 78 -7.97 10.58 -4.91
N LEU A 79 -8.46 9.52 -4.35
CA LEU A 79 -8.41 9.39 -2.88
C LEU A 79 -6.95 9.36 -2.41
N LEU A 80 -6.42 10.53 -2.19
CA LEU A 80 -5.00 10.67 -1.69
C LEU A 80 -5.01 11.49 -0.41
N LYS A 81 -6.17 11.74 0.15
CA LYS A 81 -6.24 12.55 1.41
C LYS A 81 -5.95 11.64 2.61
N THR A 82 -4.70 11.42 2.90
CA THR A 82 -4.34 10.53 4.04
C THR A 82 -4.56 11.28 5.37
N HIS A 83 -4.77 12.56 5.33
CA HIS A 83 -4.99 13.33 6.61
C HIS A 83 -6.50 13.37 6.93
N TRP A 84 -7.16 12.27 6.78
CA TRP A 84 -8.61 12.20 7.09
C TRP A 84 -9.04 10.73 6.98
N THR A 85 -10.33 10.44 7.01
CA THR A 85 -10.77 9.03 6.92
C THR A 85 -12.03 8.94 6.03
N LEU A 86 -12.65 7.80 6.04
CA LEU A 86 -13.88 7.60 5.23
C LEU A 86 -14.95 8.52 5.78
N ASP A 87 -15.27 8.32 7.04
CA ASP A 87 -16.30 9.16 7.70
C ASP A 87 -16.06 10.62 7.38
N LYS A 88 -14.86 11.08 7.61
CA LYS A 88 -14.52 12.49 7.35
C LYS A 88 -15.08 12.92 5.99
N TYR A 89 -14.71 12.20 4.97
CA TYR A 89 -15.19 12.56 3.61
C TYR A 89 -16.69 12.21 3.50
N GLY A 90 -17.08 11.07 4.03
CA GLY A 90 -18.53 10.66 3.97
C GLY A 90 -18.63 9.33 3.23
N ILE A 91 -17.51 8.70 3.00
CA ILE A 91 -17.52 7.40 2.28
C ILE A 91 -18.11 6.32 3.17
N GLN A 92 -18.54 5.24 2.60
CA GLN A 92 -19.12 4.13 3.40
C GLN A 92 -19.33 2.92 2.48
N ALA A 93 -20.09 1.96 2.92
CA ALA A 93 -20.34 0.75 2.09
C ALA A 93 -21.21 1.11 0.88
N ASP A 94 -21.96 2.17 0.97
CA ASP A 94 -22.84 2.55 -0.17
C ASP A 94 -21.99 3.26 -1.23
N ALA A 95 -20.78 3.58 -0.88
CA ALA A 95 -19.87 4.27 -1.83
C ALA A 95 -18.92 3.24 -2.44
N LYS A 96 -19.04 2.96 -3.72
CA LYS A 96 -18.14 1.96 -4.35
C LYS A 96 -16.93 2.65 -4.96
N LEU A 97 -15.78 2.35 -4.43
CA LEU A 97 -14.52 2.95 -4.96
C LEU A 97 -13.98 2.03 -6.04
N GLN A 98 -12.91 2.42 -6.68
CA GLN A 98 -12.32 1.56 -7.76
C GLN A 98 -10.79 1.62 -7.64
N PHE A 99 -10.11 0.57 -8.00
CA PHE A 99 -8.62 0.57 -7.92
C PHE A 99 -8.08 0.93 -9.32
N THR A 100 -7.01 1.69 -9.37
CA THR A 100 -6.43 2.05 -10.70
C THR A 100 -4.93 2.38 -10.52
N PRO A 101 -4.09 2.02 -11.48
CA PRO A 101 -2.63 2.31 -11.39
C PRO A 101 -2.33 3.77 -11.76
N TYR B 8 42.74 -4.79 -12.50
CA TYR B 8 41.31 -5.05 -12.83
C TYR B 8 40.66 -5.82 -11.68
N HIS B 9 41.15 -5.64 -10.48
CA HIS B 9 40.56 -6.37 -9.33
C HIS B 9 39.14 -5.84 -9.06
N GLU B 10 38.78 -5.69 -7.81
CA GLU B 10 37.41 -5.19 -7.49
C GLU B 10 37.22 -3.81 -8.09
N ARG B 11 38.23 -3.28 -8.73
CA ARG B 11 38.11 -1.92 -9.33
C ARG B 11 36.85 -1.87 -10.20
N ARG B 12 36.26 -3.00 -10.49
CA ARG B 12 35.04 -3.01 -11.34
C ARG B 12 33.89 -2.35 -10.59
N GLY B 13 33.25 -3.07 -9.71
CA GLY B 13 32.10 -2.49 -8.95
C GLY B 13 32.01 -3.12 -7.56
N SER B 14 31.01 -3.93 -7.33
CA SER B 14 30.84 -4.58 -6.01
C SER B 14 29.80 -5.70 -6.15
N LEU B 15 30.17 -6.92 -5.91
CA LEU B 15 29.19 -8.02 -6.07
C LEU B 15 27.99 -7.82 -5.16
N CYS B 16 26.81 -8.02 -5.67
CA CYS B 16 25.60 -7.88 -4.82
C CYS B 16 25.43 -9.20 -4.10
N SER B 17 25.78 -9.23 -2.84
CA SER B 17 25.71 -10.49 -2.08
C SER B 17 24.33 -11.10 -2.23
N GLY B 18 24.30 -12.34 -2.62
CA GLY B 18 23.02 -13.05 -2.88
C GLY B 18 22.94 -13.25 -4.38
N CYS B 19 23.45 -12.28 -5.09
CA CYS B 19 23.47 -12.35 -6.57
C CYS B 19 24.91 -12.64 -6.98
N GLN B 20 25.83 -12.08 -6.26
CA GLN B 20 27.27 -12.25 -6.56
C GLN B 20 27.55 -11.82 -7.99
N LYS B 21 27.19 -10.61 -8.26
CA LYS B 21 27.42 -9.98 -9.60
C LYS B 21 27.84 -8.52 -9.35
N PRO B 22 28.98 -8.06 -9.83
CA PRO B 22 29.41 -6.65 -9.55
C PRO B 22 28.31 -5.60 -9.70
N ILE B 23 28.25 -4.72 -8.74
CA ILE B 23 27.26 -3.62 -8.75
C ILE B 23 27.92 -2.40 -9.39
N THR B 24 27.65 -2.15 -10.65
CA THR B 24 28.30 -1.00 -11.35
C THR B 24 27.34 0.19 -11.45
N GLY B 25 27.41 1.06 -10.49
CA GLY B 25 26.54 2.27 -10.46
C GLY B 25 26.39 2.70 -9.01
N ARG B 26 25.32 2.29 -8.39
CA ARG B 26 25.09 2.62 -6.96
C ARG B 26 25.18 1.31 -6.19
N CYS B 27 25.54 1.36 -4.94
CA CYS B 27 25.63 0.08 -4.16
C CYS B 27 25.22 0.28 -2.71
N ILE B 28 24.29 -0.51 -2.27
CA ILE B 28 23.83 -0.44 -0.87
C ILE B 28 24.69 -1.40 -0.08
N THR B 29 24.95 -1.05 1.14
CA THR B 29 25.79 -1.92 2.02
C THR B 29 24.99 -2.32 3.23
N ALA B 30 25.24 -3.49 3.71
CA ALA B 30 24.52 -4.04 4.88
C ALA B 30 25.51 -4.41 5.97
N MET B 31 25.39 -5.60 6.47
CA MET B 31 26.32 -6.08 7.54
C MET B 31 27.73 -6.19 6.97
N ALA B 32 27.98 -5.40 5.97
CA ALA B 32 29.28 -5.36 5.23
C ALA B 32 29.02 -5.96 3.87
N LYS B 33 27.86 -6.53 3.69
CA LYS B 33 27.51 -7.13 2.37
C LYS B 33 27.07 -6.00 1.45
N LYS B 34 27.09 -6.22 0.17
CA LYS B 34 26.65 -5.18 -0.80
C LYS B 34 25.27 -5.59 -1.31
N PHE B 35 24.62 -4.78 -2.08
CA PHE B 35 23.27 -5.18 -2.56
C PHE B 35 22.89 -4.39 -3.80
N HIS B 36 22.39 -5.05 -4.81
CA HIS B 36 21.95 -4.32 -6.02
C HIS B 36 20.96 -3.25 -5.51
N PRO B 37 21.26 -1.98 -5.62
CA PRO B 37 20.32 -0.96 -5.11
C PRO B 37 18.88 -1.24 -5.56
N GLU B 38 18.70 -2.18 -6.46
CA GLU B 38 17.34 -2.52 -6.96
C GLU B 38 16.82 -3.76 -6.23
N HIS B 39 17.58 -4.82 -6.23
CA HIS B 39 17.11 -6.06 -5.56
C HIS B 39 16.80 -5.78 -4.09
N PHE B 40 17.07 -4.57 -3.65
CA PHE B 40 16.76 -4.19 -2.24
C PHE B 40 15.89 -2.93 -2.28
N VAL B 41 14.80 -2.99 -3.01
CA VAL B 41 13.91 -1.81 -3.13
C VAL B 41 12.79 -1.87 -2.09
N CYS B 42 11.97 -0.87 -2.08
CA CYS B 42 10.84 -0.79 -1.12
C CYS B 42 9.68 -1.64 -1.62
N ALA B 43 8.86 -2.18 -0.75
CA ALA B 43 7.72 -2.98 -1.29
C ALA B 43 6.45 -2.11 -1.37
N PHE B 44 6.42 -1.27 -2.36
CA PHE B 44 5.24 -0.43 -2.70
C PHE B 44 5.41 -0.21 -4.18
N CYS B 45 6.64 0.09 -4.49
CA CYS B 45 7.11 0.34 -5.87
C CYS B 45 8.45 -0.38 -6.01
N LEU B 46 8.59 -1.22 -6.98
CA LEU B 46 9.86 -2.00 -7.14
C LEU B 46 10.99 -1.12 -7.72
N LYS B 47 10.90 0.19 -7.77
CA LYS B 47 12.02 0.94 -8.45
C LYS B 47 13.16 1.39 -7.53
N GLN B 48 12.94 1.87 -6.32
CA GLN B 48 14.15 2.27 -5.52
C GLN B 48 13.94 2.44 -4.02
N LEU B 49 14.92 2.01 -3.28
CA LEU B 49 14.95 2.20 -1.80
C LEU B 49 16.38 2.56 -1.41
N ASN B 50 16.60 3.00 -0.19
CA ASN B 50 17.98 3.37 0.24
C ASN B 50 18.13 3.06 1.72
N LYS B 51 19.23 2.45 2.10
CA LYS B 51 19.45 2.12 3.52
C LYS B 51 19.34 3.40 4.36
N GLY B 52 19.36 4.52 3.71
CA GLY B 52 19.27 5.82 4.44
C GLY B 52 17.83 6.28 4.45
N THR B 53 17.03 5.69 3.61
CA THR B 53 15.59 6.06 3.53
C THR B 53 14.76 4.79 3.45
N PHE B 54 15.25 3.70 3.96
CA PHE B 54 14.46 2.43 3.91
C PHE B 54 13.55 2.35 5.13
N LYS B 55 12.28 2.51 4.90
CA LYS B 55 11.28 2.46 6.01
C LYS B 55 10.65 1.07 6.01
N GLU B 56 10.07 0.65 7.10
CA GLU B 56 9.47 -0.71 7.15
C GLU B 56 8.36 -0.79 8.20
N GLN B 57 7.51 -1.74 8.00
CA GLN B 57 6.41 -2.02 8.94
C GLN B 57 5.94 -3.44 8.64
N ASN B 58 5.53 -4.15 9.64
CA ASN B 58 5.09 -5.55 9.42
C ASN B 58 6.19 -6.32 8.65
N ASP B 59 7.42 -5.84 8.72
CA ASP B 59 8.58 -6.53 8.04
C ASP B 59 8.66 -6.17 6.55
N LYS B 60 7.70 -5.48 6.03
CA LYS B 60 7.71 -5.13 4.60
C LYS B 60 8.48 -3.82 4.36
N PRO B 61 9.60 -3.83 3.64
CA PRO B 61 10.33 -2.56 3.38
C PRO B 61 9.43 -1.47 2.78
N TYR B 62 9.86 -0.24 2.81
CA TYR B 62 9.01 0.85 2.24
C TYR B 62 9.82 2.16 2.18
N CYS B 63 9.67 2.92 1.12
CA CYS B 63 10.34 4.25 1.13
C CYS B 63 9.58 5.03 2.17
N GLN B 64 10.14 6.02 2.79
CA GLN B 64 9.33 6.76 3.77
C GLN B 64 8.12 7.30 3.01
N ASN B 65 8.38 8.04 1.96
CA ASN B 65 7.27 8.59 1.14
C ASN B 65 6.24 7.50 0.85
N CYS B 66 6.67 6.26 0.84
CA CYS B 66 5.72 5.14 0.59
C CYS B 66 5.06 4.76 1.90
N PHE B 67 5.83 4.35 2.88
CA PHE B 67 5.24 3.95 4.19
C PHE B 67 4.41 5.12 4.74
N LEU B 68 4.99 6.27 4.86
CA LEU B 68 4.23 7.44 5.40
C LEU B 68 2.89 7.52 4.66
N LYS B 69 2.90 7.32 3.37
CA LYS B 69 1.63 7.38 2.61
C LYS B 69 0.60 6.45 3.27
N LEU B 70 1.06 5.43 3.94
CA LEU B 70 0.13 4.45 4.57
C LEU B 70 -0.17 4.83 6.03
N PHE B 71 0.85 4.95 6.84
CA PHE B 71 0.62 5.28 8.29
C PHE B 71 0.94 6.77 8.53
N CYS B 72 0.69 7.61 7.57
CA CYS B 72 0.98 9.08 7.75
C CYS B 72 0.48 9.53 9.12
N MET A 8 -25.57 5.09 22.87
CA MET A 8 -26.88 5.58 22.37
C MET A 8 -27.96 5.33 23.42
N ALA A 9 -29.14 4.95 23.00
CA ALA A 9 -30.23 4.68 23.98
C ALA A 9 -31.44 4.09 23.26
N LEU A 10 -31.66 4.51 22.04
CA LEU A 10 -32.82 3.99 21.24
C LEU A 10 -32.97 2.50 21.49
N ASP A 11 -32.19 1.74 20.80
CA ASP A 11 -32.25 0.26 20.94
C ASP A 11 -33.70 -0.19 20.99
N GLY A 12 -34.57 0.60 20.45
CA GLY A 12 -36.02 0.25 20.45
C GLY A 12 -36.21 -0.97 19.58
N ILE A 13 -35.20 -1.31 18.84
CA ILE A 13 -35.25 -2.48 17.93
C ILE A 13 -34.30 -3.57 18.47
N ARG A 14 -33.15 -3.74 17.87
CA ARG A 14 -32.22 -4.79 18.35
C ARG A 14 -30.81 -4.51 17.84
N MET A 15 -30.37 -5.23 16.84
CA MET A 15 -29.00 -5.01 16.31
C MET A 15 -28.96 -5.24 14.78
N PRO A 16 -29.21 -6.44 14.26
CA PRO A 16 -29.21 -6.64 12.79
C PRO A 16 -30.00 -5.53 12.11
N ASP A 17 -31.03 -5.09 12.79
CA ASP A 17 -31.90 -3.99 12.26
C ASP A 17 -31.59 -2.73 13.06
N GLY A 18 -31.20 -2.89 14.29
CA GLY A 18 -30.87 -1.72 15.15
C GLY A 18 -29.44 -1.30 14.88
N CYS A 19 -28.81 -1.93 13.94
CA CYS A 19 -27.40 -1.60 13.61
C CYS A 19 -26.92 -2.54 12.49
N TYR A 20 -26.32 -3.64 12.85
CA TYR A 20 -25.81 -4.61 11.84
C TYR A 20 -24.91 -5.62 12.58
N ALA A 21 -23.98 -5.12 13.34
CA ALA A 21 -23.06 -5.99 14.11
C ALA A 21 -21.85 -5.14 14.50
N ASP A 22 -21.36 -4.38 13.56
CA ASP A 22 -20.20 -3.51 13.85
C ASP A 22 -20.11 -2.39 12.80
N GLY A 23 -21.06 -2.34 11.89
CA GLY A 23 -21.03 -1.29 10.84
C GLY A 23 -20.01 -1.70 9.77
N THR A 24 -19.94 -2.97 9.48
CA THR A 24 -18.97 -3.46 8.47
C THR A 24 -19.58 -3.37 7.07
N TRP A 25 -18.90 -2.66 6.20
CA TRP A 25 -19.38 -2.52 4.80
C TRP A 25 -18.16 -2.65 3.88
N GLU A 26 -18.18 -3.58 2.97
CA GLU A 26 -17.02 -3.76 2.06
C GLU A 26 -17.08 -2.66 0.99
N LEU A 27 -16.00 -1.98 0.78
CA LEU A 27 -16.00 -0.91 -0.27
C LEU A 27 -15.72 -1.59 -1.61
N SER A 28 -16.47 -1.27 -2.61
CA SER A 28 -16.24 -1.93 -3.93
C SER A 28 -15.05 -1.29 -4.62
N VAL A 29 -14.30 -2.08 -5.35
CA VAL A 29 -13.11 -1.53 -6.07
C VAL A 29 -13.05 -2.13 -7.47
N HIS A 30 -13.38 -1.34 -8.45
CA HIS A 30 -13.32 -1.81 -9.85
C HIS A 30 -11.88 -1.73 -10.32
N VAL A 31 -11.20 -2.84 -10.39
CA VAL A 31 -9.79 -2.80 -10.86
C VAL A 31 -9.81 -2.52 -12.35
N THR A 32 -9.52 -1.32 -12.74
CA THR A 32 -9.55 -0.95 -14.18
C THR A 32 -8.44 -1.65 -14.96
N ASP A 33 -7.20 -1.32 -14.68
CA ASP A 33 -6.07 -1.97 -15.41
C ASP A 33 -6.23 -3.48 -15.43
N LEU A 34 -7.18 -4.00 -14.68
CA LEU A 34 -7.39 -5.49 -14.64
C LEU A 34 -8.83 -5.81 -15.09
N ASN A 35 -9.70 -4.85 -14.95
CA ASN A 35 -11.13 -5.04 -15.36
C ASN A 35 -11.86 -5.91 -14.36
N ARG A 36 -11.29 -6.13 -13.20
CA ARG A 36 -11.97 -6.98 -12.18
C ARG A 36 -12.71 -6.11 -11.19
N ASP A 37 -13.32 -6.73 -10.23
CA ASP A 37 -14.04 -6.00 -9.17
C ASP A 37 -13.75 -6.67 -7.85
N VAL A 38 -13.14 -5.95 -6.95
CA VAL A 38 -12.80 -6.53 -5.62
C VAL A 38 -13.48 -5.73 -4.52
N THR A 39 -13.65 -6.34 -3.37
CA THR A 39 -14.31 -5.65 -2.22
C THR A 39 -13.46 -5.89 -0.96
N LEU A 40 -13.26 -4.87 -0.18
CA LEU A 40 -12.45 -5.01 1.07
C LEU A 40 -13.36 -4.78 2.28
N ARG A 41 -13.58 -5.79 3.05
CA ARG A 41 -14.44 -5.65 4.25
C ARG A 41 -13.80 -4.60 5.17
N VAL A 42 -14.34 -3.41 5.15
CA VAL A 42 -13.77 -2.31 5.97
C VAL A 42 -14.88 -1.59 6.73
N THR A 43 -14.52 -0.54 7.41
CA THR A 43 -15.51 0.25 8.18
C THR A 43 -15.15 1.72 8.03
N GLY A 44 -15.95 2.59 8.55
CA GLY A 44 -15.62 4.04 8.44
C GLY A 44 -14.56 4.36 9.49
N GLU A 45 -13.52 3.57 9.52
CA GLU A 45 -12.45 3.80 10.51
C GLU A 45 -11.10 3.40 9.87
N VAL A 46 -11.13 2.86 8.67
CA VAL A 46 -9.86 2.44 8.03
C VAL A 46 -9.25 3.59 7.26
N HIS A 47 -7.95 3.61 7.15
CA HIS A 47 -7.28 4.71 6.37
C HIS A 47 -7.17 4.23 4.92
N ILE A 48 -7.40 5.10 3.97
CA ILE A 48 -7.30 4.67 2.54
C ILE A 48 -5.96 3.99 2.35
N GLY A 49 -4.92 4.63 2.81
CA GLY A 49 -3.57 4.04 2.67
C GLY A 49 -3.59 2.63 3.23
N GLY A 50 -4.62 2.32 3.95
CA GLY A 50 -4.75 0.97 4.53
C GLY A 50 -5.25 0.02 3.45
N VAL A 51 -6.14 0.50 2.62
CA VAL A 51 -6.66 -0.34 1.52
C VAL A 51 -5.50 -0.62 0.55
N MET A 52 -4.70 0.38 0.23
CA MET A 52 -3.55 0.12 -0.68
C MET A 52 -2.79 -1.09 -0.12
N LEU A 53 -2.80 -1.22 1.17
CA LEU A 53 -2.09 -2.36 1.82
C LEU A 53 -2.93 -3.64 1.70
N LYS A 54 -4.10 -3.66 2.30
CA LYS A 54 -4.96 -4.88 2.25
C LYS A 54 -5.16 -5.34 0.80
N LEU A 55 -5.71 -4.50 -0.03
CA LEU A 55 -5.96 -4.90 -1.46
C LEU A 55 -4.70 -5.62 -1.98
N VAL A 56 -3.59 -4.96 -1.90
CA VAL A 56 -2.31 -5.56 -2.36
C VAL A 56 -2.08 -6.89 -1.63
N GLU A 57 -2.13 -6.89 -0.33
CA GLU A 57 -1.88 -8.14 0.45
C GLU A 57 -2.63 -9.31 -0.19
N LYS A 58 -3.83 -9.09 -0.64
CA LYS A 58 -4.61 -10.18 -1.26
C LYS A 58 -4.03 -10.54 -2.64
N LEU A 59 -3.42 -9.60 -3.30
CA LEU A 59 -2.83 -9.87 -4.63
C LEU A 59 -1.68 -10.87 -4.47
N ASP A 60 -0.71 -10.51 -3.68
CA ASP A 60 0.46 -11.41 -3.42
C ASP A 60 1.32 -11.54 -4.67
N VAL A 61 2.01 -10.50 -5.00
CA VAL A 61 2.88 -10.51 -6.20
C VAL A 61 3.67 -9.19 -6.27
N LYS A 62 4.92 -9.25 -6.61
CA LYS A 62 5.75 -8.01 -6.70
C LYS A 62 5.24 -7.13 -7.86
N LYS A 63 3.96 -7.13 -8.10
CA LYS A 63 3.42 -6.30 -9.21
C LYS A 63 3.33 -4.85 -8.76
N ASP A 64 3.10 -3.96 -9.68
CA ASP A 64 3.00 -2.51 -9.31
C ASP A 64 2.04 -2.35 -8.14
N TRP A 65 2.56 -2.03 -6.99
CA TRP A 65 1.70 -1.84 -5.78
C TRP A 65 1.55 -0.34 -5.52
N SER A 66 2.45 0.23 -4.75
CA SER A 66 2.35 1.69 -4.43
C SER A 66 2.04 2.49 -5.70
N ASP A 67 2.74 2.23 -6.77
CA ASP A 67 2.48 2.97 -8.04
C ASP A 67 0.97 3.07 -8.27
N HIS A 68 0.22 2.22 -7.62
CA HIS A 68 -1.25 2.24 -7.76
C HIS A 68 -1.85 3.20 -6.74
N ALA A 69 -3.10 3.50 -6.91
CA ALA A 69 -3.81 4.41 -5.97
C ALA A 69 -5.29 4.35 -6.30
N LEU A 70 -6.16 4.60 -5.36
CA LEU A 70 -7.62 4.54 -5.65
C LEU A 70 -8.12 5.94 -6.00
N TRP A 71 -9.08 6.03 -6.88
CA TRP A 71 -9.64 7.36 -7.29
C TRP A 71 -11.17 7.26 -7.25
N TRP A 72 -11.81 8.28 -6.74
CA TRP A 72 -13.29 8.29 -6.63
C TRP A 72 -13.88 9.05 -7.82
N GLU A 73 -14.20 8.37 -8.91
CA GLU A 73 -14.75 9.09 -10.09
C GLU A 73 -16.01 9.86 -9.71
N LYS A 74 -16.68 9.49 -8.65
CA LYS A 74 -17.87 10.29 -8.26
C LYS A 74 -17.34 11.68 -7.96
N LYS A 75 -16.04 11.75 -7.78
CA LYS A 75 -15.35 13.02 -7.43
C LYS A 75 -14.17 13.24 -8.39
N ARG A 76 -13.78 12.24 -9.13
CA ARG A 76 -12.60 12.39 -10.03
C ARG A 76 -11.43 12.86 -9.16
N THR A 77 -11.26 12.22 -8.04
CA THR A 77 -10.16 12.62 -7.09
C THR A 77 -9.14 11.51 -6.98
N TRP A 78 -8.21 11.68 -6.09
CA TRP A 78 -7.17 10.65 -5.83
C TRP A 78 -7.27 10.33 -4.35
N LEU A 79 -7.86 9.25 -4.00
CA LEU A 79 -8.04 8.95 -2.56
C LEU A 79 -6.70 8.79 -1.88
N LEU A 80 -6.17 9.89 -1.41
CA LEU A 80 -4.87 9.90 -0.68
C LEU A 80 -5.09 10.46 0.73
N LYS A 81 -6.33 10.64 1.13
CA LYS A 81 -6.61 11.20 2.49
C LYS A 81 -6.29 10.15 3.59
N THR A 82 -5.24 9.38 3.46
CA THR A 82 -4.95 8.39 4.53
C THR A 82 -4.84 9.13 5.87
N HIS A 83 -4.87 10.43 5.83
CA HIS A 83 -4.76 11.23 7.09
C HIS A 83 -5.91 10.86 8.04
N TRP A 84 -7.08 11.37 7.79
CA TRP A 84 -8.23 11.05 8.69
C TRP A 84 -8.83 9.69 8.30
N THR A 85 -10.08 9.64 7.90
CA THR A 85 -10.66 8.32 7.54
C THR A 85 -11.80 8.51 6.54
N LEU A 86 -12.02 7.55 5.69
CA LEU A 86 -13.12 7.66 4.70
C LEU A 86 -14.37 8.22 5.37
N ASP A 87 -14.73 7.68 6.50
CA ASP A 87 -15.91 8.20 7.24
C ASP A 87 -15.82 9.72 7.33
N LYS A 88 -14.63 10.24 7.43
CA LYS A 88 -14.50 11.71 7.53
C LYS A 88 -14.93 12.28 6.19
N TYR A 89 -14.75 11.55 5.14
CA TYR A 89 -15.17 12.03 3.81
C TYR A 89 -16.68 11.76 3.68
N GLY A 90 -17.10 10.55 3.97
CA GLY A 90 -18.58 10.21 3.87
C GLY A 90 -18.77 9.04 2.91
N ILE A 91 -17.69 8.44 2.53
CA ILE A 91 -17.74 7.28 1.61
C ILE A 91 -18.53 6.15 2.26
N GLN A 92 -18.98 5.20 1.49
CA GLN A 92 -19.75 4.06 2.07
C GLN A 92 -19.82 2.91 1.06
N ALA A 93 -20.64 1.95 1.32
CA ALA A 93 -20.78 0.80 0.37
C ALA A 93 -21.40 1.28 -0.93
N ASP A 94 -22.15 2.32 -0.89
CA ASP A 94 -22.79 2.84 -2.11
C ASP A 94 -21.74 3.58 -2.93
N ALA A 95 -20.60 3.79 -2.35
CA ALA A 95 -19.52 4.51 -3.07
C ALA A 95 -18.60 3.49 -3.71
N LYS A 96 -18.57 3.41 -5.02
CA LYS A 96 -17.68 2.41 -5.70
C LYS A 96 -16.38 3.08 -6.13
N LEU A 97 -15.30 2.62 -5.58
CA LEU A 97 -13.96 3.18 -5.92
C LEU A 97 -13.33 2.31 -7.00
N GLN A 98 -12.18 2.71 -7.48
CA GLN A 98 -11.49 1.91 -8.54
C GLN A 98 -10.01 1.78 -8.15
N PHE A 99 -9.34 0.84 -8.74
CA PHE A 99 -7.88 0.65 -8.46
C PHE A 99 -7.13 0.74 -9.78
N THR A 100 -6.15 1.61 -9.85
CA THR A 100 -5.37 1.77 -11.13
C THR A 100 -3.89 1.96 -10.79
N PRO A 101 -2.99 1.50 -11.64
CA PRO A 101 -1.52 1.63 -11.38
C PRO A 101 -1.08 3.10 -11.34
N TYR B 8 39.80 -5.79 -13.07
CA TYR B 8 39.04 -7.02 -12.72
C TYR B 8 38.95 -7.14 -11.19
N HIS B 9 38.61 -6.08 -10.52
CA HIS B 9 38.51 -6.13 -9.03
C HIS B 9 37.54 -5.05 -8.55
N GLU B 10 37.97 -3.81 -8.59
CA GLU B 10 37.09 -2.69 -8.14
C GLU B 10 36.88 -1.71 -9.29
N ARG B 11 37.59 -1.89 -10.38
CA ARG B 11 37.43 -0.97 -11.53
C ARG B 11 35.94 -0.83 -11.87
N ARG B 12 35.23 -1.92 -11.94
CA ARG B 12 33.79 -1.87 -12.26
C ARG B 12 33.06 -0.98 -11.25
N GLY B 13 32.23 -1.56 -10.42
CA GLY B 13 31.45 -0.75 -9.41
C GLY B 13 31.59 -1.35 -8.01
N SER B 14 30.80 -2.34 -7.69
CA SER B 14 30.87 -2.95 -6.33
C SER B 14 29.99 -4.20 -6.31
N LEU B 15 30.54 -5.34 -6.02
CA LEU B 15 29.72 -6.57 -6.03
C LEU B 15 28.56 -6.45 -5.04
N CYS B 16 27.39 -6.86 -5.45
CA CYS B 16 26.22 -6.82 -4.52
C CYS B 16 26.30 -8.10 -3.70
N SER B 17 26.73 -7.98 -2.49
CA SER B 17 26.87 -9.19 -1.63
C SER B 17 25.59 -9.98 -1.64
N GLY B 18 25.71 -11.23 -1.95
CA GLY B 18 24.51 -12.12 -2.06
C GLY B 18 24.36 -12.45 -3.53
N CYS B 19 24.70 -11.49 -4.35
CA CYS B 19 24.64 -11.67 -5.81
C CYS B 19 26.07 -11.78 -6.32
N GLN B 20 26.95 -11.06 -5.69
CA GLN B 20 28.37 -11.05 -6.10
C GLN B 20 28.49 -10.69 -7.57
N LYS B 21 27.95 -9.57 -7.90
CA LYS B 21 28.02 -9.02 -9.28
C LYS B 21 28.24 -7.49 -9.15
N PRO B 22 29.27 -6.92 -9.75
CA PRO B 22 29.51 -5.45 -9.59
C PRO B 22 28.27 -4.57 -9.72
N ILE B 23 28.17 -3.62 -8.83
CA ILE B 23 27.03 -2.66 -8.83
C ILE B 23 27.48 -1.41 -9.58
N THR B 24 27.13 -1.30 -10.84
CA THR B 24 27.57 -0.12 -11.65
C THR B 24 26.46 0.93 -11.76
N GLY B 25 26.44 1.85 -10.85
CA GLY B 25 25.41 2.92 -10.86
C GLY B 25 25.29 3.45 -9.44
N ARG B 26 24.34 2.93 -8.71
CA ARG B 26 24.15 3.34 -7.29
C ARG B 26 24.47 2.12 -6.44
N CYS B 27 24.89 2.30 -5.22
CA CYS B 27 25.20 1.11 -4.37
C CYS B 27 24.85 1.36 -2.91
N ILE B 28 24.07 0.46 -2.37
CA ILE B 28 23.68 0.57 -0.95
C ILE B 28 24.70 -0.20 -0.14
N THR B 29 24.97 0.27 1.03
CA THR B 29 25.96 -0.41 1.92
C THR B 29 25.27 -0.88 3.18
N ALA B 30 25.72 -1.97 3.71
CA ALA B 30 25.11 -2.55 4.92
C ALA B 30 26.19 -2.72 6.01
N MET B 31 26.28 -3.88 6.56
CA MET B 31 27.30 -4.15 7.61
C MET B 31 28.70 -4.06 7.01
N ALA B 32 28.79 -3.29 5.96
CA ALA B 32 30.04 -3.08 5.18
C ALA B 32 29.84 -3.79 3.86
N LYS B 33 28.79 -4.54 3.75
CA LYS B 33 28.49 -5.25 2.48
C LYS B 33 27.83 -4.28 1.52
N LYS B 34 27.80 -4.60 0.27
CA LYS B 34 27.16 -3.69 -0.74
C LYS B 34 25.82 -4.33 -1.12
N PHE B 35 25.02 -3.68 -1.91
CA PHE B 35 23.71 -4.29 -2.25
C PHE B 35 23.15 -3.66 -3.52
N HIS B 36 22.71 -4.47 -4.45
CA HIS B 36 22.09 -3.89 -5.67
C HIS B 36 21.00 -2.94 -5.17
N PRO B 37 21.11 -1.65 -5.37
CA PRO B 37 20.05 -0.74 -4.86
C PRO B 37 18.65 -1.27 -5.24
N GLU B 38 18.61 -2.22 -6.13
CA GLU B 38 17.30 -2.79 -6.57
C GLU B 38 16.95 -4.01 -5.72
N HIS B 39 17.83 -4.94 -5.62
CA HIS B 39 17.55 -6.17 -4.83
C HIS B 39 17.25 -5.79 -3.38
N PHE B 40 17.40 -4.54 -3.03
CA PHE B 40 17.08 -4.09 -1.64
C PHE B 40 16.14 -2.90 -1.73
N VAL B 41 15.03 -3.09 -2.39
CA VAL B 41 14.04 -1.99 -2.59
C VAL B 41 12.93 -2.04 -1.52
N CYS B 42 12.04 -1.07 -1.57
CA CYS B 42 10.90 -1.03 -0.60
C CYS B 42 9.83 -1.97 -1.11
N ALA B 43 9.13 -2.67 -0.25
CA ALA B 43 8.08 -3.56 -0.84
C ALA B 43 6.75 -2.77 -0.90
N PHE B 44 6.71 -1.84 -1.82
CA PHE B 44 5.47 -1.05 -2.14
C PHE B 44 5.69 -0.56 -3.56
N CYS B 45 6.92 -0.23 -3.81
CA CYS B 45 7.37 0.26 -5.14
C CYS B 45 8.69 -0.46 -5.42
N LEU B 46 8.60 -1.66 -5.89
CA LEU B 46 9.80 -2.50 -6.13
C LEU B 46 10.88 -1.78 -6.98
N LYS B 47 10.83 -0.48 -7.17
CA LYS B 47 11.91 0.14 -8.03
C LYS B 47 13.07 0.72 -7.20
N GLN B 48 12.84 1.35 -6.07
CA GLN B 48 14.04 1.88 -5.34
C GLN B 48 13.83 2.18 -3.85
N LEU B 49 14.83 1.85 -3.08
CA LEU B 49 14.83 2.17 -1.61
C LEU B 49 16.21 2.73 -1.26
N ASN B 50 16.37 3.26 -0.07
CA ASN B 50 17.70 3.83 0.33
C ASN B 50 17.93 3.56 1.82
N LYS B 51 19.06 3.02 2.16
CA LYS B 51 19.35 2.74 3.60
C LYS B 51 19.17 4.01 4.41
N GLY B 52 19.14 5.14 3.75
CA GLY B 52 18.98 6.42 4.46
C GLY B 52 17.50 6.73 4.59
N THR B 53 16.71 6.09 3.79
CA THR B 53 15.24 6.29 3.83
C THR B 53 14.55 4.94 3.77
N PHE B 54 15.20 3.92 4.28
CA PHE B 54 14.56 2.57 4.25
C PHE B 54 13.71 2.36 5.51
N LYS B 55 12.44 2.42 5.32
CA LYS B 55 11.47 2.23 6.44
C LYS B 55 10.99 0.78 6.39
N GLU B 56 10.33 0.31 7.41
CA GLU B 56 9.86 -1.10 7.40
C GLU B 56 8.61 -1.27 8.24
N GLN B 57 7.88 -2.30 7.94
CA GLN B 57 6.64 -2.62 8.67
C GLN B 57 6.38 -4.10 8.42
N ASN B 58 5.82 -4.78 9.37
CA ASN B 58 5.55 -6.24 9.19
C ASN B 58 6.80 -6.93 8.60
N ASP B 59 7.97 -6.35 8.77
CA ASP B 59 9.25 -6.97 8.28
C ASP B 59 9.45 -6.70 6.79
N LYS B 60 8.51 -6.08 6.16
CA LYS B 60 8.64 -5.80 4.70
C LYS B 60 9.33 -4.44 4.52
N PRO B 61 10.44 -4.35 3.81
CA PRO B 61 11.08 -3.01 3.62
C PRO B 61 10.05 -1.97 3.18
N TYR B 62 10.38 -0.71 3.25
CA TYR B 62 9.37 0.32 2.87
C TYR B 62 10.00 1.71 2.77
N CYS B 63 9.61 2.50 1.81
CA CYS B 63 10.12 3.90 1.80
C CYS B 63 9.28 4.62 2.82
N GLN B 64 9.76 5.67 3.40
CA GLN B 64 8.91 6.37 4.38
C GLN B 64 7.68 6.84 3.62
N ASN B 65 7.89 7.60 2.58
CA ASN B 65 6.77 8.11 1.76
C ASN B 65 5.76 6.98 1.49
N CYS B 66 6.25 5.79 1.35
CA CYS B 66 5.35 4.64 1.08
C CYS B 66 4.68 4.19 2.38
N PHE B 67 5.46 3.74 3.33
CA PHE B 67 4.90 3.24 4.63
C PHE B 67 4.06 4.31 5.33
N LEU B 68 4.54 5.50 5.45
CA LEU B 68 3.77 6.52 6.17
C LEU B 68 2.38 6.64 5.52
N LYS B 69 2.35 6.80 4.23
CA LYS B 69 1.04 6.93 3.54
C LYS B 69 0.08 5.85 4.04
N LEU B 70 0.60 4.76 4.53
CA LEU B 70 -0.29 3.65 5.02
C LEU B 70 -0.52 3.74 6.53
N PHE B 71 0.54 3.74 7.32
CA PHE B 71 0.37 3.81 8.80
C PHE B 71 0.57 5.24 9.29
N CYS B 72 0.39 6.22 8.44
CA CYS B 72 0.55 7.64 8.88
C CYS B 72 -0.30 8.54 7.96
#